data_2FRV
#
_entry.id   2FRV
#
_cell.length_a   112.780
_cell.length_b   113.160
_cell.length_c   133.910
_cell.angle_alpha   90.03
_cell.angle_beta   90.02
_cell.angle_gamma   119.99
#
_symmetry.space_group_name_H-M   'P 1'
#
loop_
_entity.id
_entity.type
_entity.pdbx_description
1 polymer 'PERIPLASMIC HYDROGENASE'
2 polymer 'PERIPLASMIC HYDROGENASE'
3 non-polymer 'IRON/SULFUR CLUSTER'
4 non-polymer 'FE3-S4 CLUSTER'
5 non-polymer 'NICKEL (II) ION'
6 non-polymer 'MAGNESIUM ION'
7 non-polymer 'CARBONMONOXIDE-(DICYANO) IRON'
8 non-polymer 'OXYGEN ATOM'
9 water water
#
loop_
_entity_poly.entity_id
_entity_poly.type
_entity_poly.pdbx_seq_one_letter_code
_entity_poly.pdbx_strand_id
1 'polypeptide(L)'
;LTAKKRPSVVYLHNAECTGCSESVLRTVDPYVDELILDVISMDYHETLMAGAGHAVEEALHEAIKGDFVCVIEGGIPMGD
GGYWGKVGGRNMYDICAEVAPKAKAVIAIGTCATYGGVQAAKPNPTGTVGVNEALGKLGVKAINIAGCPPNPMNFVGTVV
HLLTKGMPELDKQGRPVMFFGETVHDNCPRLKHFEAGEFATSFGSPEAKKGYCLYELGCKGPDTYNNCPKQLFNQVNWPV
QAGHPCIACSEPNFWDLYSPFYSA
;
S,A,C,E,G,I
2 'polypeptide(L)'
;MSEMQGNKIVVDPITRIEGHLRIEVEVEGGKIKNAWSMSTLFRGLEMILKGRDPRDAQHFTQRACGVCTYVHALASVRAV
DNCVGVKIPENATLMRNLTMGAQYMHDHLVHFYHLHALDWVNVANALNADPAKAARLANDLSPKKTTTESLKAVQAKVKA
LVESGQLGIFTNAYFLGGHPAYVLPAEVDLIATAHYLEALRVQVKAARAMAIFGAKNPHTQFTVVGGCTNYDSLRPERIA
EFRKLYKEVREFIEQVYITDLLAVAGFYKNWAGIGKTSNFLTCGEFPTDEYDLNSRYTPQGVIWGNDLSKVDDFNPDLIE
EHVKYSWYEGAGAHHPYKGVTKPKWTEFHGEDRYSWMKAPRYKGEAFEVGPLASVLVAYAKKHEPTVKAVDLVLKTLGVG
PEALFSTLGRTAARGIQCLTAAQEVEVWLDKLEANVKAGKDDLYTDWQYPTESQGVGFVNAPRGMLSHWIVQRGGKIENF
QLVVPSTWNLGPRCAEGKLSAVEQALIGTPIADPKRPVEILRTVHSYDPCIACGVH
;
L,B,D,F,H,J
#
loop_
_chem_comp.id
_chem_comp.type
_chem_comp.name
_chem_comp.formula
F3S non-polymer 'FE3-S4 CLUSTER' 'Fe3 S4'
FCO non-polymer 'CARBONMONOXIDE-(DICYANO) IRON' 'C3 Fe N2 O'
MG non-polymer 'MAGNESIUM ION' 'Mg 2'
NI non-polymer 'NICKEL (II) ION' 'Ni 2'
O non-polymer 'OXYGEN ATOM' O
SF4 non-polymer 'IRON/SULFUR CLUSTER' 'Fe4 S4'
#
# COMPACT_ATOMS: atom_id res chain seq x y z
N LYS A 4 -4.77 -26.35 -20.20
CA LYS A 4 -4.00 -26.07 -21.42
C LYS A 4 -4.32 -26.99 -22.58
N LYS A 5 -3.41 -26.97 -23.55
CA LYS A 5 -3.56 -27.72 -24.79
C LYS A 5 -3.99 -29.17 -24.68
N ARG A 6 -3.04 -30.03 -24.39
CA ARG A 6 -3.30 -31.46 -24.33
C ARG A 6 -4.09 -31.90 -23.09
N PRO A 7 -4.98 -32.84 -23.32
CA PRO A 7 -5.84 -33.44 -22.28
C PRO A 7 -4.91 -34.11 -21.27
N SER A 8 -5.35 -33.90 -20.06
CA SER A 8 -4.72 -34.28 -18.81
C SER A 8 -5.14 -35.65 -18.32
N VAL A 9 -4.06 -36.36 -17.96
CA VAL A 9 -4.17 -37.73 -17.45
C VAL A 9 -3.46 -37.82 -16.10
N VAL A 10 -4.17 -38.41 -15.17
CA VAL A 10 -3.61 -38.65 -13.80
C VAL A 10 -3.63 -40.18 -13.65
N TYR A 11 -2.48 -40.78 -13.46
CA TYR A 11 -2.22 -42.25 -13.41
C TYR A 11 -1.90 -42.73 -12.02
N LEU A 12 -2.87 -43.51 -11.44
CA LEU A 12 -2.72 -44.03 -10.07
C LEU A 12 -2.21 -45.48 -9.97
N HIS A 13 -1.30 -45.74 -9.07
CA HIS A 13 -0.74 -47.09 -8.86
C HIS A 13 -1.21 -47.63 -7.50
N ASN A 14 -1.99 -48.69 -7.47
CA ASN A 14 -2.54 -49.36 -6.32
C ASN A 14 -1.86 -50.71 -5.99
N ALA A 15 -2.61 -51.76 -5.78
CA ALA A 15 -2.04 -53.12 -5.52
C ALA A 15 -1.76 -53.74 -6.91
N GLU A 16 -0.57 -53.48 -7.39
CA GLU A 16 -0.06 -53.83 -8.68
C GLU A 16 1.37 -54.35 -8.68
N CYS A 17 1.76 -54.82 -9.83
CA CYS A 17 3.09 -55.38 -10.10
C CYS A 17 3.88 -54.45 -11.02
N THR A 18 3.20 -53.48 -11.60
CA THR A 18 3.74 -52.47 -12.48
C THR A 18 3.92 -53.01 -13.86
N GLY A 19 3.42 -54.17 -14.15
CA GLY A 19 3.54 -54.73 -15.51
C GLY A 19 2.52 -54.00 -16.38
N CYS A 20 1.55 -53.33 -15.80
CA CYS A 20 0.51 -52.59 -16.58
C CYS A 20 1.17 -51.32 -17.10
N SER A 21 1.96 -50.65 -16.25
CA SER A 21 2.72 -49.48 -16.79
C SER A 21 3.80 -49.94 -17.77
N GLU A 22 4.62 -50.96 -17.59
CA GLU A 22 5.59 -51.33 -18.62
C GLU A 22 4.91 -51.69 -19.90
N SER A 23 3.72 -52.27 -19.92
CA SER A 23 3.03 -52.57 -21.20
C SER A 23 2.79 -51.29 -21.98
N VAL A 24 2.58 -50.26 -21.30
CA VAL A 24 2.29 -48.96 -21.86
C VAL A 24 3.45 -48.40 -22.67
N LEU A 25 4.68 -48.45 -22.12
CA LEU A 25 5.97 -48.06 -22.69
C LEU A 25 6.25 -48.83 -23.98
N ARG A 26 5.52 -49.91 -24.22
CA ARG A 26 5.68 -50.76 -25.41
C ARG A 26 4.85 -50.32 -26.59
N THR A 27 3.95 -49.40 -26.40
CA THR A 27 3.13 -48.80 -27.46
C THR A 27 4.04 -48.38 -28.63
N VAL A 28 3.47 -48.53 -29.82
CA VAL A 28 4.13 -48.26 -31.12
C VAL A 28 3.07 -47.54 -31.95
N ASP A 29 3.45 -46.49 -32.71
CA ASP A 29 2.44 -45.75 -33.49
C ASP A 29 1.15 -45.49 -32.71
N PRO A 30 1.17 -44.60 -31.72
CA PRO A 30 2.31 -43.79 -31.33
C PRO A 30 3.23 -44.39 -30.30
N TYR A 31 4.47 -43.95 -30.38
CA TYR A 31 5.47 -44.39 -29.39
C TYR A 31 5.13 -43.60 -28.15
N VAL A 32 5.59 -43.94 -27.00
CA VAL A 32 5.30 -43.30 -25.73
C VAL A 32 5.72 -41.84 -25.69
N ASP A 33 6.72 -41.45 -26.41
CA ASP A 33 7.26 -40.08 -26.54
C ASP A 33 6.21 -39.19 -27.25
N GLU A 34 5.65 -39.67 -28.34
CA GLU A 34 4.60 -39.00 -29.10
C GLU A 34 3.34 -38.87 -28.22
N LEU A 35 3.04 -39.90 -27.47
CA LEU A 35 1.91 -39.98 -26.56
C LEU A 35 2.02 -38.86 -25.50
N ILE A 36 3.01 -38.92 -24.71
CA ILE A 36 3.40 -38.04 -23.59
C ILE A 36 3.73 -36.62 -24.00
N LEU A 37 4.21 -36.35 -25.18
CA LEU A 37 4.55 -35.02 -25.63
C LEU A 37 3.59 -34.51 -26.69
N ASP A 38 2.72 -35.27 -27.28
CA ASP A 38 1.87 -34.69 -28.34
C ASP A 38 0.41 -35.06 -28.15
N VAL A 39 0.13 -36.21 -27.53
CA VAL A 39 -1.30 -36.58 -27.45
C VAL A 39 -1.96 -36.22 -26.11
N ILE A 40 -1.26 -36.45 -25.02
CA ILE A 40 -1.90 -36.19 -23.74
C ILE A 40 -0.88 -35.45 -22.86
N SER A 41 -1.39 -35.10 -21.71
CA SER A 41 -0.48 -34.51 -20.73
C SER A 41 -0.45 -35.49 -19.54
N MET A 42 0.68 -36.15 -19.37
CA MET A 42 0.85 -37.11 -18.24
C MET A 42 1.16 -36.28 -17.01
N ASP A 43 0.17 -35.86 -16.27
CA ASP A 43 0.37 -35.02 -15.10
C ASP A 43 0.84 -35.66 -13.84
N TYR A 44 0.46 -36.90 -13.60
CA TYR A 44 0.85 -37.67 -12.41
C TYR A 44 1.13 -39.11 -12.81
N HIS A 45 2.35 -39.56 -12.56
CA HIS A 45 2.73 -40.96 -12.88
C HIS A 45 3.96 -41.31 -12.06
N GLU A 46 3.83 -41.94 -10.95
CA GLU A 46 4.85 -42.28 -9.99
C GLU A 46 6.09 -42.89 -10.54
N THR A 47 5.97 -43.67 -11.58
CA THR A 47 7.09 -44.36 -12.19
C THR A 47 8.05 -43.54 -13.01
N LEU A 48 7.57 -42.44 -13.56
CA LEU A 48 8.39 -41.63 -14.47
C LEU A 48 8.71 -40.24 -13.96
N MET A 49 8.15 -39.89 -12.83
CA MET A 49 8.34 -38.52 -12.34
C MET A 49 9.69 -38.05 -11.94
N ALA A 50 9.99 -36.78 -12.28
CA ALA A 50 11.28 -36.18 -11.91
C ALA A 50 11.38 -35.87 -10.41
N GLY A 51 10.37 -35.17 -9.90
CA GLY A 51 10.37 -34.77 -8.47
C GLY A 51 9.94 -35.97 -7.64
N ALA A 52 10.00 -35.99 -6.34
CA ALA A 52 9.58 -37.10 -5.48
C ALA A 52 8.95 -36.49 -4.22
N GLY A 53 8.44 -37.29 -3.35
CA GLY A 53 7.84 -36.92 -2.05
C GLY A 53 6.77 -35.91 -2.25
N HIS A 54 6.68 -34.90 -1.45
CA HIS A 54 5.66 -33.84 -1.51
C HIS A 54 5.68 -33.06 -2.82
N ALA A 55 6.73 -32.96 -3.63
CA ALA A 55 6.60 -32.21 -4.91
C ALA A 55 5.56 -32.82 -5.86
N VAL A 56 5.51 -34.15 -5.87
CA VAL A 56 4.60 -34.98 -6.64
C VAL A 56 3.19 -34.97 -6.05
N GLU A 57 3.03 -34.97 -4.75
CA GLU A 57 1.69 -34.91 -4.16
C GLU A 57 1.01 -33.58 -4.36
N GLU A 58 1.74 -32.50 -4.51
CA GLU A 58 1.23 -31.17 -4.77
C GLU A 58 0.77 -31.14 -6.21
N ALA A 59 1.47 -31.84 -7.07
CA ALA A 59 1.12 -32.02 -8.49
C ALA A 59 -0.16 -32.81 -8.69
N LEU A 60 -0.24 -33.93 -7.98
CA LEU A 60 -1.49 -34.71 -8.13
C LEU A 60 -2.59 -33.75 -7.67
N HIS A 61 -2.42 -33.13 -6.52
CA HIS A 61 -3.43 -32.22 -5.92
C HIS A 61 -3.96 -31.10 -6.80
N GLU A 62 -3.11 -30.47 -7.59
CA GLU A 62 -3.53 -29.44 -8.52
C GLU A 62 -4.07 -30.03 -9.78
N ALA A 63 -3.53 -31.14 -10.23
CA ALA A 63 -4.07 -31.70 -11.49
C ALA A 63 -5.55 -32.08 -11.33
N ILE A 64 -5.94 -32.58 -10.17
CA ILE A 64 -7.32 -33.03 -9.95
C ILE A 64 -8.35 -31.92 -9.83
N LYS A 65 -7.84 -30.68 -9.80
CA LYS A 65 -8.70 -29.49 -9.75
C LYS A 65 -9.27 -29.23 -11.12
N GLY A 66 -8.71 -29.75 -12.20
CA GLY A 66 -9.15 -29.58 -13.55
C GLY A 66 -9.94 -30.73 -14.14
N ASP A 67 -9.84 -30.67 -15.47
CA ASP A 67 -10.49 -31.60 -16.40
C ASP A 67 -9.50 -32.71 -16.75
N PHE A 68 -9.78 -33.90 -16.20
CA PHE A 68 -8.83 -35.00 -16.51
C PHE A 68 -9.52 -36.36 -16.59
N VAL A 69 -8.71 -37.23 -17.17
CA VAL A 69 -9.07 -38.63 -17.29
C VAL A 69 -8.19 -39.32 -16.22
N CYS A 70 -8.83 -40.23 -15.50
CA CYS A 70 -8.14 -40.98 -14.42
C CYS A 70 -7.86 -42.43 -14.90
N VAL A 71 -6.60 -42.82 -14.77
CA VAL A 71 -6.11 -44.14 -15.13
C VAL A 71 -5.75 -44.79 -13.79
N ILE A 72 -6.39 -45.88 -13.47
CA ILE A 72 -6.09 -46.59 -12.24
C ILE A 72 -5.44 -47.95 -12.56
N GLU A 73 -4.25 -48.26 -12.15
CA GLU A 73 -3.57 -49.55 -12.31
C GLU A 73 -3.56 -50.24 -10.95
N GLY A 74 -3.86 -51.51 -10.84
CA GLY A 74 -3.82 -52.28 -9.59
C GLY A 74 -5.17 -52.42 -8.94
N GLY A 75 -5.32 -53.37 -8.02
CA GLY A 75 -6.62 -53.59 -7.36
C GLY A 75 -6.56 -52.69 -6.15
N ILE A 76 -7.71 -52.49 -5.50
CA ILE A 76 -7.78 -51.67 -4.27
C ILE A 76 -8.00 -52.52 -3.03
N PRO A 77 -7.04 -52.53 -2.11
CA PRO A 77 -7.13 -53.29 -0.87
C PRO A 77 -8.17 -52.62 0.03
N MET A 78 -9.02 -53.53 0.50
CA MET A 78 -10.11 -53.07 1.38
C MET A 78 -10.33 -53.82 2.65
N GLY A 79 -9.56 -54.86 2.90
CA GLY A 79 -9.77 -55.59 4.12
C GLY A 79 -9.02 -54.81 5.22
N ASP A 80 -9.67 -55.03 6.35
CA ASP A 80 -9.34 -54.55 7.69
C ASP A 80 -9.21 -53.04 7.60
N GLY A 81 -9.84 -52.43 6.64
CA GLY A 81 -9.71 -50.98 6.54
C GLY A 81 -8.83 -50.52 5.38
N GLY A 82 -8.15 -51.43 4.70
CA GLY A 82 -7.32 -51.06 3.56
C GLY A 82 -5.95 -50.52 3.91
N TYR A 83 -5.44 -50.81 5.09
CA TYR A 83 -4.09 -50.28 5.39
C TYR A 83 -2.97 -51.03 4.72
N TRP A 84 -3.21 -52.11 4.04
CA TRP A 84 -2.33 -53.03 3.29
C TRP A 84 -1.59 -52.37 2.13
N GLY A 85 -2.23 -51.32 1.66
CA GLY A 85 -1.73 -50.51 0.51
C GLY A 85 -1.79 -49.03 0.88
N LYS A 86 -0.65 -48.40 1.00
CA LYS A 86 -0.48 -47.00 1.31
C LYS A 86 0.51 -46.29 0.35
N VAL A 87 0.15 -45.04 0.10
CA VAL A 87 0.97 -44.11 -0.66
C VAL A 87 1.04 -42.83 0.20
N GLY A 88 2.14 -42.39 0.72
CA GLY A 88 2.08 -41.14 1.52
C GLY A 88 1.53 -41.27 2.93
N GLY A 89 1.14 -42.48 3.28
CA GLY A 89 0.56 -42.77 4.60
C GLY A 89 -0.95 -42.90 4.40
N ARG A 90 -1.44 -42.55 3.24
CA ARG A 90 -2.87 -42.65 2.97
C ARG A 90 -3.25 -43.97 2.33
N ASN A 91 -4.27 -44.68 2.73
CA ASN A 91 -4.70 -45.92 2.13
C ASN A 91 -5.07 -45.64 0.69
N MET A 92 -4.77 -46.58 -0.17
CA MET A 92 -5.07 -46.57 -1.61
C MET A 92 -6.57 -46.32 -1.82
N TYR A 93 -7.42 -46.95 -1.05
CA TYR A 93 -8.86 -46.70 -1.26
C TYR A 93 -9.14 -45.23 -1.01
N ASP A 94 -8.54 -44.57 -0.03
CA ASP A 94 -8.78 -43.13 0.26
C ASP A 94 -8.32 -42.28 -0.91
N ILE A 95 -7.12 -42.48 -1.41
CA ILE A 95 -6.67 -41.72 -2.58
C ILE A 95 -7.61 -41.86 -3.76
N CYS A 96 -8.04 -43.03 -4.14
CA CYS A 96 -8.94 -43.32 -5.24
C CYS A 96 -10.34 -42.76 -5.04
N ALA A 97 -10.78 -42.87 -3.82
CA ALA A 97 -12.16 -42.36 -3.50
C ALA A 97 -12.19 -40.82 -3.74
N GLU A 98 -11.06 -40.17 -3.49
CA GLU A 98 -10.87 -38.76 -3.67
C GLU A 98 -10.65 -38.41 -5.12
N VAL A 99 -9.76 -39.07 -5.82
CA VAL A 99 -9.45 -38.77 -7.19
C VAL A 99 -10.43 -39.19 -8.25
N ALA A 100 -10.76 -40.45 -8.26
CA ALA A 100 -11.60 -41.06 -9.29
C ALA A 100 -12.87 -40.33 -9.59
N PRO A 101 -13.69 -40.01 -8.62
CA PRO A 101 -14.96 -39.32 -8.81
C PRO A 101 -14.81 -37.93 -9.40
N LYS A 102 -13.65 -37.27 -9.29
CA LYS A 102 -13.54 -35.95 -9.93
C LYS A 102 -13.12 -36.02 -11.39
N ALA A 103 -12.77 -37.17 -11.95
CA ALA A 103 -12.31 -37.34 -13.35
C ALA A 103 -13.40 -37.30 -14.39
N LYS A 104 -13.11 -36.97 -15.64
CA LYS A 104 -14.15 -36.98 -16.66
C LYS A 104 -14.52 -38.39 -17.14
N ALA A 105 -13.60 -39.31 -16.98
CA ALA A 105 -13.63 -40.69 -17.32
C ALA A 105 -12.57 -41.38 -16.45
N VAL A 106 -12.83 -42.60 -16.13
CA VAL A 106 -11.89 -43.44 -15.36
C VAL A 106 -11.63 -44.68 -16.24
N ILE A 107 -10.38 -45.02 -16.33
CA ILE A 107 -9.98 -46.20 -17.11
C ILE A 107 -9.30 -47.21 -16.17
N ALA A 108 -9.82 -48.41 -15.99
CA ALA A 108 -9.22 -49.45 -15.13
C ALA A 108 -8.25 -50.24 -16.02
N ILE A 109 -6.93 -50.20 -15.81
CA ILE A 109 -5.94 -50.89 -16.67
C ILE A 109 -5.43 -52.16 -16.03
N GLY A 110 -5.59 -53.31 -16.70
CA GLY A 110 -5.06 -54.58 -16.11
C GLY A 110 -6.16 -55.28 -15.34
N THR A 111 -6.14 -56.60 -15.38
CA THR A 111 -7.15 -57.43 -14.69
C THR A 111 -7.20 -57.14 -13.22
N CYS A 112 -6.13 -56.61 -12.67
CA CYS A 112 -6.17 -56.27 -11.23
C CYS A 112 -7.08 -55.06 -10.98
N ALA A 113 -6.93 -54.00 -11.76
CA ALA A 113 -7.77 -52.80 -11.58
C ALA A 113 -9.19 -53.10 -11.98
N THR A 114 -9.37 -53.86 -13.05
CA THR A 114 -10.70 -54.21 -13.56
C THR A 114 -11.45 -55.13 -12.66
N TYR A 115 -10.83 -56.27 -12.26
CA TYR A 115 -11.47 -57.27 -11.41
C TYR A 115 -10.82 -57.62 -10.09
N GLY A 116 -9.63 -57.34 -9.68
CA GLY A 116 -9.11 -57.79 -8.36
C GLY A 116 -7.68 -58.31 -8.51
N GLY A 117 -7.51 -59.11 -9.55
CA GLY A 117 -6.28 -59.68 -10.00
C GLY A 117 -5.65 -60.68 -9.08
N VAL A 118 -4.35 -60.84 -9.32
CA VAL A 118 -3.53 -61.81 -8.56
C VAL A 118 -3.69 -61.73 -7.08
N GLN A 119 -3.59 -60.57 -6.43
CA GLN A 119 -3.74 -60.48 -4.98
C GLN A 119 -5.15 -60.77 -4.47
N ALA A 120 -6.09 -60.84 -5.39
CA ALA A 120 -7.50 -61.14 -5.07
C ALA A 120 -7.74 -62.67 -5.20
N ALA A 121 -6.80 -63.48 -5.69
CA ALA A 121 -6.99 -64.93 -5.77
C ALA A 121 -7.12 -65.40 -4.32
N LYS A 122 -7.73 -66.57 -4.13
CA LYS A 122 -7.95 -67.15 -2.77
C LYS A 122 -6.62 -67.30 -2.01
N PRO A 123 -6.57 -67.00 -0.76
CA PRO A 123 -7.69 -66.51 0.05
C PRO A 123 -7.84 -64.99 0.17
N ASN A 124 -7.24 -64.22 -0.75
CA ASN A 124 -7.33 -62.74 -0.74
C ASN A 124 -7.00 -62.16 0.62
N PRO A 125 -5.76 -62.33 1.05
CA PRO A 125 -5.35 -61.83 2.37
C PRO A 125 -5.72 -60.36 2.68
N THR A 126 -5.59 -59.48 1.67
CA THR A 126 -5.80 -58.05 1.76
C THR A 126 -7.16 -57.51 1.41
N GLY A 127 -8.09 -58.34 1.02
CA GLY A 127 -9.42 -57.87 0.65
C GLY A 127 -9.40 -57.02 -0.61
N THR A 128 -8.51 -57.23 -1.56
CA THR A 128 -8.47 -56.45 -2.78
C THR A 128 -9.64 -56.69 -3.71
N VAL A 129 -10.07 -55.63 -4.40
CA VAL A 129 -11.18 -55.64 -5.32
C VAL A 129 -10.85 -54.71 -6.48
N GLY A 130 -11.62 -54.83 -7.54
CA GLY A 130 -11.37 -53.96 -8.71
C GLY A 130 -12.05 -52.63 -8.39
N VAL A 131 -11.83 -51.72 -9.26
CA VAL A 131 -12.28 -50.33 -9.29
C VAL A 131 -13.75 -50.20 -9.22
N ASN A 132 -14.48 -50.67 -10.21
CA ASN A 132 -15.97 -50.58 -10.13
C ASN A 132 -16.49 -51.29 -8.88
N GLU A 133 -15.89 -52.32 -8.32
CA GLU A 133 -16.46 -52.95 -7.12
C GLU A 133 -16.20 -52.06 -5.92
N ALA A 134 -15.05 -51.41 -5.87
CA ALA A 134 -14.74 -50.54 -4.73
C ALA A 134 -15.37 -49.18 -4.76
N LEU A 135 -15.37 -48.52 -5.88
CA LEU A 135 -15.88 -47.18 -6.06
C LEU A 135 -17.20 -46.97 -6.78
N GLY A 136 -17.87 -48.02 -7.18
CA GLY A 136 -19.13 -48.02 -7.92
C GLY A 136 -20.10 -47.17 -7.13
N LYS A 137 -20.14 -47.29 -5.84
CA LYS A 137 -21.01 -46.51 -4.96
C LYS A 137 -20.63 -45.03 -4.85
N LEU A 138 -19.58 -44.49 -5.38
CA LEU A 138 -19.12 -43.12 -5.37
C LEU A 138 -19.43 -42.62 -6.78
N GLY A 139 -20.08 -43.50 -7.50
CA GLY A 139 -20.50 -43.21 -8.88
C GLY A 139 -19.45 -43.57 -9.91
N VAL A 140 -18.35 -44.23 -9.61
CA VAL A 140 -17.34 -44.59 -10.62
C VAL A 140 -17.84 -45.83 -11.38
N LYS A 141 -17.81 -45.66 -12.68
CA LYS A 141 -18.13 -46.59 -13.73
C LYS A 141 -16.90 -46.56 -14.65
N ALA A 142 -15.83 -47.28 -14.38
CA ALA A 142 -14.62 -47.35 -15.16
C ALA A 142 -14.70 -48.19 -16.41
N ILE A 143 -13.95 -47.87 -17.42
CA ILE A 143 -13.84 -48.63 -18.68
C ILE A 143 -12.85 -49.75 -18.29
N ASN A 144 -13.19 -51.02 -18.51
CA ASN A 144 -12.22 -52.05 -18.06
C ASN A 144 -11.28 -52.53 -19.16
N ILE A 145 -10.00 -52.29 -19.15
CA ILE A 145 -9.09 -52.81 -20.16
C ILE A 145 -8.44 -54.03 -19.49
N ALA A 146 -8.98 -55.18 -19.81
CA ALA A 146 -8.53 -56.48 -19.23
C ALA A 146 -7.30 -57.08 -19.92
N GLY A 147 -6.66 -57.93 -19.11
CA GLY A 147 -5.42 -58.56 -19.56
C GLY A 147 -4.45 -58.35 -18.38
N CYS A 148 -3.42 -59.19 -18.45
CA CYS A 148 -2.41 -59.27 -17.39
C CYS A 148 -1.00 -59.39 -17.92
N PRO A 149 -0.48 -58.36 -18.56
CA PRO A 149 -1.15 -57.06 -18.81
C PRO A 149 -1.88 -57.07 -20.16
N PRO A 150 -2.67 -56.00 -20.45
CA PRO A 150 -3.44 -55.88 -21.68
C PRO A 150 -2.49 -55.58 -22.82
N ASN A 151 -2.93 -55.70 -24.03
CA ASN A 151 -2.12 -55.36 -25.24
C ASN A 151 -1.94 -53.85 -25.21
N PRO A 152 -0.78 -53.24 -25.40
CA PRO A 152 -0.62 -51.77 -25.38
C PRO A 152 -1.67 -51.10 -26.24
N MET A 153 -1.99 -51.67 -27.35
CA MET A 153 -2.99 -51.22 -28.31
C MET A 153 -4.36 -50.98 -27.71
N ASN A 154 -4.77 -51.85 -26.81
CA ASN A 154 -6.12 -51.75 -26.23
C ASN A 154 -6.24 -50.62 -25.23
N PHE A 155 -5.13 -50.23 -24.65
CA PHE A 155 -5.23 -49.16 -23.63
C PHE A 155 -5.09 -47.82 -24.36
N VAL A 156 -4.06 -47.65 -25.14
CA VAL A 156 -3.78 -46.43 -25.91
C VAL A 156 -4.87 -46.19 -26.93
N GLY A 157 -5.42 -47.18 -27.53
CA GLY A 157 -6.46 -47.11 -28.56
C GLY A 157 -7.76 -46.71 -27.90
N THR A 158 -7.88 -46.97 -26.62
CA THR A 158 -9.08 -46.55 -25.90
C THR A 158 -8.92 -45.09 -25.44
N VAL A 159 -7.75 -44.67 -25.03
CA VAL A 159 -7.49 -43.29 -24.62
C VAL A 159 -7.76 -42.45 -25.86
N VAL A 160 -7.06 -42.77 -26.94
CA VAL A 160 -7.25 -41.96 -28.17
C VAL A 160 -8.69 -41.98 -28.63
N HIS A 161 -9.44 -43.07 -28.44
CA HIS A 161 -10.85 -43.17 -28.89
C HIS A 161 -11.69 -42.18 -28.10
N LEU A 162 -11.47 -42.31 -26.80
CA LEU A 162 -12.14 -41.50 -25.81
C LEU A 162 -11.95 -40.03 -26.13
N LEU A 163 -10.77 -39.68 -26.60
CA LEU A 163 -10.34 -38.33 -26.90
C LEU A 163 -10.80 -37.92 -28.29
N THR A 164 -11.04 -38.86 -29.16
CA THR A 164 -11.43 -38.48 -30.53
C THR A 164 -12.89 -38.72 -30.78
N LYS A 165 -13.34 -39.95 -30.62
CA LYS A 165 -14.73 -40.31 -30.84
C LYS A 165 -15.60 -40.39 -29.64
N GLY A 166 -15.21 -40.50 -28.40
CA GLY A 166 -16.20 -40.57 -27.29
C GLY A 166 -16.08 -41.91 -26.61
N MET A 167 -17.08 -42.20 -25.82
CA MET A 167 -17.13 -43.44 -25.00
C MET A 167 -17.36 -44.72 -25.81
N PRO A 168 -16.44 -45.68 -25.72
CA PRO A 168 -16.62 -46.91 -26.51
C PRO A 168 -17.73 -47.74 -25.93
N GLU A 169 -18.32 -48.57 -26.79
CA GLU A 169 -19.38 -49.50 -26.34
C GLU A 169 -18.65 -50.57 -25.51
N LEU A 170 -19.27 -50.92 -24.41
CA LEU A 170 -18.68 -51.92 -23.52
C LEU A 170 -19.43 -53.24 -23.49
N ASP A 171 -18.85 -54.31 -23.02
CA ASP A 171 -19.51 -55.63 -22.89
C ASP A 171 -19.99 -55.61 -21.46
N LYS A 172 -20.64 -56.63 -20.97
CA LYS A 172 -21.15 -56.59 -19.59
C LYS A 172 -20.04 -56.66 -18.55
N GLN A 173 -18.86 -56.92 -19.05
CA GLN A 173 -17.71 -57.09 -18.13
C GLN A 173 -16.96 -55.79 -18.10
N GLY A 174 -17.50 -54.79 -18.76
CA GLY A 174 -16.93 -53.45 -18.82
C GLY A 174 -15.88 -53.28 -19.87
N ARG A 175 -15.62 -54.22 -20.77
CA ARG A 175 -14.54 -54.04 -21.73
C ARG A 175 -15.02 -53.52 -23.04
N PRO A 176 -14.28 -52.63 -23.69
CA PRO A 176 -14.65 -52.10 -24.97
C PRO A 176 -14.84 -53.22 -25.98
N VAL A 177 -16.06 -53.46 -26.44
CA VAL A 177 -16.29 -54.48 -27.46
C VAL A 177 -15.36 -54.36 -28.67
N MET A 178 -14.79 -53.22 -29.00
CA MET A 178 -13.97 -53.12 -30.21
C MET A 178 -12.69 -53.96 -30.10
N PHE A 179 -12.29 -54.27 -28.88
CA PHE A 179 -11.05 -55.00 -28.63
C PHE A 179 -11.31 -56.39 -28.00
N PHE A 180 -12.27 -56.54 -27.12
CA PHE A 180 -12.67 -57.71 -26.42
C PHE A 180 -13.96 -58.30 -26.94
N GLY A 181 -14.36 -58.08 -28.17
CA GLY A 181 -15.62 -58.67 -28.66
C GLY A 181 -15.57 -60.08 -29.17
N GLU A 182 -14.41 -60.64 -29.45
CA GLU A 182 -14.30 -62.06 -29.91
C GLU A 182 -13.32 -62.83 -29.05
N THR A 183 -13.49 -64.14 -29.01
CA THR A 183 -12.60 -64.94 -28.14
C THR A 183 -11.28 -65.14 -28.84
N VAL A 184 -10.26 -65.46 -28.11
CA VAL A 184 -8.91 -65.75 -28.71
C VAL A 184 -9.02 -66.95 -29.66
N HIS A 185 -9.86 -67.91 -29.33
CA HIS A 185 -10.03 -69.16 -30.10
C HIS A 185 -10.52 -68.90 -31.50
N ASP A 186 -11.47 -67.97 -31.60
CA ASP A 186 -12.10 -67.60 -32.84
C ASP A 186 -11.10 -67.02 -33.78
N ASN A 187 -10.00 -66.50 -33.32
CA ASN A 187 -8.96 -65.96 -34.22
C ASN A 187 -7.69 -66.75 -34.16
N CYS A 188 -7.67 -67.81 -33.37
CA CYS A 188 -6.44 -68.61 -33.26
C CYS A 188 -6.08 -69.31 -34.56
N PRO A 189 -4.87 -69.23 -35.03
CA PRO A 189 -4.39 -69.97 -36.20
C PRO A 189 -4.28 -71.49 -35.98
N ARG A 190 -4.27 -72.01 -34.77
CA ARG A 190 -4.17 -73.46 -34.53
C ARG A 190 -5.61 -73.99 -34.65
N LEU A 191 -6.54 -73.11 -35.02
CA LEU A 191 -7.97 -73.47 -35.21
C LEU A 191 -8.14 -74.53 -36.32
N LYS A 192 -7.20 -74.48 -37.26
CA LYS A 192 -7.17 -75.44 -38.37
C LYS A 192 -6.92 -76.82 -37.74
N HIS A 193 -5.94 -76.95 -36.87
CA HIS A 193 -5.65 -78.20 -36.18
C HIS A 193 -6.83 -78.70 -35.35
N PHE A 194 -7.49 -77.81 -34.72
CA PHE A 194 -8.63 -78.03 -33.84
C PHE A 194 -9.81 -78.61 -34.59
N GLU A 195 -10.03 -77.91 -35.68
CA GLU A 195 -11.14 -78.31 -36.54
C GLU A 195 -10.83 -79.70 -37.10
N ALA A 196 -9.60 -80.02 -37.39
CA ALA A 196 -9.12 -81.28 -37.91
C ALA A 196 -9.03 -82.36 -36.82
N GLY A 197 -9.30 -82.02 -35.59
CA GLY A 197 -9.24 -83.04 -34.53
C GLY A 197 -7.84 -83.45 -34.26
N GLU A 198 -6.91 -82.48 -34.26
CA GLU A 198 -5.48 -82.66 -33.98
C GLU A 198 -5.00 -81.85 -32.78
N PHE A 199 -4.74 -82.51 -31.68
CA PHE A 199 -4.42 -82.08 -30.35
C PHE A 199 -3.10 -82.60 -29.78
N ALA A 200 -2.45 -81.72 -29.00
CA ALA A 200 -1.21 -82.10 -28.33
C ALA A 200 -1.67 -82.51 -26.93
N THR A 201 -1.12 -83.64 -26.44
CA THR A 201 -1.46 -84.13 -25.10
C THR A 201 -0.21 -84.07 -24.23
N SER A 202 0.90 -83.62 -24.82
CA SER A 202 2.11 -83.40 -24.02
C SER A 202 2.97 -82.41 -24.83
N PHE A 203 3.73 -81.69 -24.03
CA PHE A 203 4.64 -80.65 -24.50
C PHE A 203 5.80 -81.23 -25.25
N GLY A 204 6.31 -82.41 -24.97
CA GLY A 204 7.44 -82.92 -25.71
C GLY A 204 7.11 -83.86 -26.87
N SER A 205 5.88 -84.08 -27.18
CA SER A 205 5.40 -84.95 -28.23
C SER A 205 5.45 -84.37 -29.63
N PRO A 206 5.41 -85.25 -30.63
CA PRO A 206 5.45 -84.84 -32.01
C PRO A 206 4.33 -83.90 -32.39
N GLU A 207 3.22 -84.04 -31.69
CA GLU A 207 2.03 -83.17 -32.01
C GLU A 207 2.27 -81.71 -31.57
N ALA A 208 2.95 -81.52 -30.44
CA ALA A 208 3.41 -80.31 -29.78
C ALA A 208 4.39 -79.62 -30.73
N LYS A 209 5.34 -80.48 -31.20
CA LYS A 209 6.32 -79.98 -32.18
C LYS A 209 5.64 -79.58 -33.48
N LYS A 210 4.51 -80.14 -33.82
CA LYS A 210 3.81 -79.85 -35.09
C LYS A 210 2.86 -78.66 -34.90
N GLY A 211 2.73 -78.15 -33.67
CA GLY A 211 1.90 -77.00 -33.45
C GLY A 211 0.43 -77.35 -33.45
N TYR A 212 0.13 -78.51 -32.88
CA TYR A 212 -1.31 -78.88 -32.84
C TYR A 212 -2.02 -78.05 -31.78
N CYS A 213 -3.33 -78.15 -31.67
CA CYS A 213 -4.16 -77.43 -30.68
C CYS A 213 -3.77 -77.82 -29.28
N LEU A 214 -3.74 -76.89 -28.33
CA LEU A 214 -3.36 -77.02 -26.93
C LEU A 214 -4.54 -77.19 -26.03
N TYR A 215 -5.72 -77.38 -26.56
CA TYR A 215 -6.92 -77.52 -25.79
C TYR A 215 -6.77 -78.52 -24.66
N GLU A 216 -6.21 -79.70 -24.99
CA GLU A 216 -6.04 -80.80 -24.02
C GLU A 216 -5.03 -80.45 -22.99
N LEU A 217 -4.12 -79.54 -23.31
CA LEU A 217 -3.05 -78.99 -22.47
C LEU A 217 -3.54 -77.73 -21.75
N GLY A 218 -4.82 -77.50 -21.60
CA GLY A 218 -5.47 -76.46 -20.88
C GLY A 218 -5.66 -75.11 -21.51
N CYS A 219 -5.56 -74.96 -22.79
CA CYS A 219 -5.77 -73.70 -23.47
C CYS A 219 -7.17 -73.23 -23.13
N LYS A 220 -7.26 -72.00 -22.62
CA LYS A 220 -8.54 -71.40 -22.17
C LYS A 220 -9.05 -70.45 -23.24
N GLY A 221 -8.42 -70.50 -24.40
CA GLY A 221 -8.75 -69.76 -25.56
C GLY A 221 -10.23 -69.71 -25.86
N PRO A 222 -10.99 -70.80 -25.89
CA PRO A 222 -12.41 -70.79 -26.22
C PRO A 222 -13.23 -69.93 -25.27
N ASP A 223 -12.71 -69.65 -24.11
CA ASP A 223 -13.40 -68.87 -23.11
C ASP A 223 -12.87 -67.45 -22.94
N THR A 224 -11.81 -67.04 -23.57
CA THR A 224 -11.21 -65.75 -23.30
C THR A 224 -11.46 -64.73 -24.39
N TYR A 225 -11.90 -63.56 -23.93
CA TYR A 225 -12.12 -62.46 -24.86
C TYR A 225 -10.90 -61.57 -24.91
N ASN A 226 -10.27 -61.56 -26.07
CA ASN A 226 -9.05 -60.71 -26.15
C ASN A 226 -8.70 -60.74 -27.62
N ASN A 227 -7.79 -59.96 -28.09
CA ASN A 227 -7.39 -59.91 -29.50
C ASN A 227 -5.93 -60.25 -29.79
N CYS A 228 -5.40 -61.08 -28.94
CA CYS A 228 -4.03 -61.58 -28.94
C CYS A 228 -3.59 -62.13 -30.27
N PRO A 229 -4.32 -63.07 -30.83
CA PRO A 229 -3.94 -63.69 -32.12
C PRO A 229 -3.82 -62.70 -33.26
N LYS A 230 -4.76 -61.75 -33.35
CA LYS A 230 -4.74 -60.77 -34.44
C LYS A 230 -3.79 -59.61 -34.16
N GLN A 231 -3.64 -59.09 -32.94
CA GLN A 231 -2.72 -57.98 -32.74
C GLN A 231 -1.30 -58.39 -32.43
N LEU A 232 -1.13 -59.56 -31.81
CA LEU A 232 0.22 -59.98 -31.42
C LEU A 232 0.60 -59.05 -30.25
N PHE A 233 1.74 -59.33 -29.68
CA PHE A 233 2.40 -58.64 -28.61
C PHE A 233 3.79 -58.30 -29.16
N ASN A 234 4.27 -57.10 -28.88
CA ASN A 234 5.63 -56.68 -29.31
C ASN A 234 5.76 -56.74 -30.83
N GLN A 235 4.58 -56.70 -31.41
CA GLN A 235 4.43 -56.75 -32.88
C GLN A 235 5.03 -58.12 -33.30
N VAL A 236 5.16 -59.11 -32.42
CA VAL A 236 5.85 -60.35 -32.81
C VAL A 236 5.35 -61.70 -32.38
N ASN A 237 4.67 -61.93 -31.29
CA ASN A 237 4.28 -63.23 -30.81
C ASN A 237 3.10 -63.17 -29.84
N TRP A 238 2.54 -64.29 -29.47
CA TRP A 238 1.48 -64.44 -28.49
C TRP A 238 1.65 -65.87 -27.92
N PRO A 239 1.16 -66.05 -26.72
CA PRO A 239 1.32 -67.31 -26.00
C PRO A 239 1.19 -68.57 -26.83
N VAL A 240 0.15 -68.81 -27.57
CA VAL A 240 -0.19 -69.99 -28.34
C VAL A 240 0.77 -70.24 -29.47
N GLN A 241 1.24 -69.17 -30.04
CA GLN A 241 2.26 -69.20 -31.10
C GLN A 241 3.58 -69.71 -30.45
N ALA A 242 3.85 -69.38 -29.20
CA ALA A 242 5.06 -69.81 -28.48
C ALA A 242 4.82 -71.18 -27.82
N GLY A 243 3.76 -71.80 -28.31
CA GLY A 243 3.26 -73.10 -27.92
C GLY A 243 2.78 -73.24 -26.53
N HIS A 244 2.38 -72.16 -25.89
CA HIS A 244 1.87 -72.27 -24.49
C HIS A 244 0.37 -71.95 -24.57
N PRO A 245 -0.42 -72.72 -23.84
CA PRO A 245 -1.87 -72.46 -23.87
C PRO A 245 -2.18 -71.08 -23.25
N CYS A 246 -3.32 -70.54 -23.63
CA CYS A 246 -3.88 -69.29 -23.13
C CYS A 246 -4.36 -69.56 -21.70
N ILE A 247 -4.04 -68.69 -20.74
CA ILE A 247 -4.45 -68.84 -19.35
C ILE A 247 -5.69 -68.00 -19.02
N ALA A 248 -6.44 -67.48 -19.94
CA ALA A 248 -7.64 -66.66 -19.71
C ALA A 248 -7.31 -65.43 -18.89
N CYS A 249 -6.22 -64.74 -19.19
CA CYS A 249 -5.73 -63.58 -18.39
C CYS A 249 -6.55 -62.31 -18.48
N SER A 250 -7.55 -62.20 -19.31
CA SER A 250 -8.39 -61.04 -19.48
C SER A 250 -9.76 -61.32 -18.93
N GLU A 251 -9.95 -62.38 -18.15
CA GLU A 251 -11.26 -62.71 -17.61
C GLU A 251 -11.34 -62.57 -16.11
N PRO A 252 -12.52 -62.14 -15.69
CA PRO A 252 -12.80 -62.05 -14.26
C PRO A 252 -12.50 -63.40 -13.62
N ASN A 253 -11.81 -63.37 -12.52
CA ASN A 253 -11.40 -64.45 -11.66
C ASN A 253 -10.58 -65.54 -12.31
N PHE A 254 -9.91 -65.25 -13.39
CA PHE A 254 -9.15 -66.32 -14.07
C PHE A 254 -8.28 -67.12 -13.13
N TRP A 255 -7.67 -66.51 -12.16
CA TRP A 255 -6.71 -67.07 -11.21
C TRP A 255 -7.26 -68.27 -10.49
N ASP A 256 -8.53 -68.23 -10.22
CA ASP A 256 -9.25 -69.28 -9.47
C ASP A 256 -10.16 -70.08 -10.43
N LEU A 257 -10.84 -69.32 -11.28
CA LEU A 257 -11.74 -69.94 -12.23
C LEU A 257 -11.06 -70.81 -13.29
N TYR A 258 -9.86 -70.45 -13.72
CA TYR A 258 -9.18 -71.12 -14.82
C TYR A 258 -7.92 -71.85 -14.50
N SER A 259 -7.62 -71.95 -13.23
CA SER A 259 -6.42 -72.73 -12.78
C SER A 259 -7.09 -73.99 -12.22
N PRO A 260 -6.47 -75.15 -12.24
CA PRO A 260 -5.15 -75.51 -12.74
C PRO A 260 -5.10 -75.33 -14.25
N PHE A 261 -4.12 -74.55 -14.61
CA PHE A 261 -3.88 -74.10 -15.95
C PHE A 261 -3.61 -75.12 -17.01
N TYR A 262 -3.02 -76.25 -16.74
CA TYR A 262 -2.66 -77.22 -17.75
C TYR A 262 -3.63 -78.36 -17.89
N SER A 263 -4.84 -78.07 -17.50
CA SER A 263 -5.88 -79.11 -17.64
C SER A 263 -7.16 -78.41 -18.08
N ALA A 264 -7.83 -79.01 -19.03
CA ALA A 264 -9.09 -78.53 -19.59
C ALA A 264 -10.14 -78.64 -18.45
N ASN B 7 16.44 -33.49 13.12
CA ASN B 7 15.20 -33.42 12.33
C ASN B 7 15.25 -34.47 11.20
N LYS B 8 14.04 -34.79 10.82
CA LYS B 8 13.69 -35.78 9.84
C LYS B 8 13.35 -35.20 8.47
N ILE B 9 13.57 -36.05 7.49
CA ILE B 9 13.25 -35.78 6.10
C ILE B 9 12.50 -37.05 5.69
N VAL B 10 11.33 -36.90 5.16
CA VAL B 10 10.60 -38.06 4.67
C VAL B 10 10.37 -37.91 3.16
N VAL B 11 10.66 -38.98 2.42
CA VAL B 11 10.40 -38.92 0.95
C VAL B 11 9.37 -40.05 0.67
N ASP B 12 8.13 -39.64 0.41
CA ASP B 12 7.00 -40.51 0.14
C ASP B 12 5.94 -39.88 -0.77
N PRO B 13 5.73 -40.38 -2.00
CA PRO B 13 6.47 -41.51 -2.56
C PRO B 13 7.84 -41.22 -3.10
N ILE B 14 8.64 -42.29 -3.12
CA ILE B 14 9.93 -42.21 -3.82
C ILE B 14 9.45 -42.52 -5.26
N THR B 15 9.70 -41.75 -6.28
CA THR B 15 9.29 -41.94 -7.66
C THR B 15 10.41 -42.57 -8.43
N ARG B 16 10.22 -42.93 -9.68
CA ARG B 16 11.28 -43.55 -10.49
C ARG B 16 11.87 -44.83 -9.96
N ILE B 17 11.08 -45.66 -9.33
CA ILE B 17 11.30 -46.99 -8.80
C ILE B 17 10.00 -47.75 -9.15
N GLU B 18 9.95 -49.02 -8.78
CA GLU B 18 8.80 -49.92 -8.91
C GLU B 18 8.17 -50.09 -7.51
N GLY B 19 6.88 -49.90 -7.37
CA GLY B 19 6.22 -50.12 -6.08
C GLY B 19 6.22 -48.99 -5.12
N HIS B 20 5.70 -49.28 -3.93
CA HIS B 20 5.54 -48.25 -2.89
C HIS B 20 6.58 -48.22 -1.84
N LEU B 21 7.46 -47.23 -1.87
CA LEU B 21 8.50 -47.08 -0.85
C LEU B 21 8.43 -45.70 -0.18
N ARG B 22 8.70 -45.67 1.11
CA ARG B 22 8.73 -44.39 1.85
C ARG B 22 10.09 -44.32 2.52
N ILE B 23 10.84 -43.26 2.44
CA ILE B 23 12.15 -43.18 3.10
C ILE B 23 12.10 -42.09 4.18
N GLU B 24 12.52 -42.44 5.36
CA GLU B 24 12.55 -41.44 6.44
C GLU B 24 14.00 -41.41 6.93
N VAL B 25 14.56 -40.22 7.03
CA VAL B 25 15.91 -40.01 7.53
C VAL B 25 15.98 -38.90 8.59
N GLU B 26 17.01 -39.04 9.39
CA GLU B 26 17.39 -38.13 10.44
C GLU B 26 18.65 -37.40 9.93
N VAL B 27 18.59 -36.09 9.89
CA VAL B 27 19.75 -35.26 9.45
C VAL B 27 20.34 -34.63 10.71
N GLU B 28 21.60 -34.31 10.66
CA GLU B 28 22.41 -33.73 11.75
C GLU B 28 23.65 -33.18 11.08
N GLY B 29 23.78 -31.85 11.05
CA GLY B 29 24.96 -31.26 10.42
C GLY B 29 25.06 -31.47 8.92
N GLY B 30 23.88 -31.49 8.29
CA GLY B 30 23.72 -31.64 6.83
C GLY B 30 23.97 -33.03 6.29
N LYS B 31 24.11 -33.95 7.25
CA LYS B 31 24.39 -35.34 6.84
C LYS B 31 23.39 -36.32 7.40
N ILE B 32 23.07 -37.31 6.60
CA ILE B 32 22.11 -38.34 7.07
C ILE B 32 22.80 -38.99 8.25
N LYS B 33 22.18 -39.10 9.37
CA LYS B 33 22.66 -39.72 10.59
C LYS B 33 21.95 -41.03 10.94
N ASN B 34 20.75 -41.30 10.52
CA ASN B 34 19.95 -42.51 10.67
C ASN B 34 18.97 -42.69 9.49
N ALA B 35 18.53 -43.92 9.29
CA ALA B 35 17.61 -44.11 8.12
C ALA B 35 16.72 -45.33 8.28
N TRP B 36 15.53 -45.28 7.69
CA TRP B 36 14.51 -46.33 7.75
C TRP B 36 13.93 -46.51 6.34
N SER B 37 13.92 -47.74 5.87
CA SER B 37 13.39 -48.06 4.50
C SER B 37 12.00 -48.64 4.70
N MET B 38 10.95 -47.91 4.30
CA MET B 38 9.58 -48.37 4.61
C MET B 38 8.81 -48.84 3.39
N SER B 39 8.56 -50.13 3.24
CA SER B 39 7.83 -50.68 2.10
C SER B 39 6.37 -50.67 2.52
N THR B 40 5.51 -49.98 1.78
CA THR B 40 4.11 -49.75 2.09
C THR B 40 2.98 -50.44 1.38
N LEU B 41 3.21 -51.51 0.62
CA LEU B 41 2.13 -52.27 0.00
C LEU B 41 2.40 -53.78 0.27
N PHE B 42 1.43 -54.56 0.64
CA PHE B 42 1.58 -56.00 0.86
C PHE B 42 0.56 -56.69 -0.06
N ARG B 43 0.91 -57.69 -0.82
CA ARG B 43 -0.06 -58.39 -1.70
C ARG B 43 -0.32 -59.79 -1.16
N GLY B 44 0.70 -60.46 -0.62
CA GLY B 44 0.70 -61.78 0.01
C GLY B 44 0.67 -62.97 -0.91
N LEU B 45 1.56 -63.09 -1.85
CA LEU B 45 1.63 -64.11 -2.89
C LEU B 45 1.92 -65.48 -2.30
N GLU B 46 2.81 -65.55 -1.34
CA GLU B 46 3.11 -66.84 -0.69
C GLU B 46 1.86 -67.38 0.01
N MET B 47 0.96 -66.58 0.58
CA MET B 47 -0.26 -67.06 1.23
C MET B 47 -1.26 -67.64 0.23
N ILE B 48 -1.32 -67.13 -0.97
CA ILE B 48 -2.19 -67.48 -2.07
C ILE B 48 -1.81 -68.78 -2.74
N LEU B 49 -0.53 -69.04 -2.77
CA LEU B 49 0.10 -70.25 -3.32
C LEU B 49 -0.24 -71.48 -2.48
N LYS B 50 -0.27 -71.41 -1.17
CA LYS B 50 -0.55 -72.44 -0.20
C LYS B 50 -1.62 -73.39 -0.76
N GLY B 51 -1.30 -74.66 -0.82
CA GLY B 51 -2.17 -75.70 -1.29
C GLY B 51 -2.43 -75.79 -2.75
N ARG B 52 -1.82 -75.02 -3.61
CA ARG B 52 -2.09 -75.06 -5.07
C ARG B 52 -1.21 -76.08 -5.73
N ASP B 53 -1.36 -76.31 -6.99
CA ASP B 53 -0.61 -77.15 -7.86
C ASP B 53 0.72 -76.50 -8.23
N PRO B 54 1.84 -77.16 -7.90
CA PRO B 54 3.15 -76.59 -8.21
C PRO B 54 3.21 -76.17 -9.65
N ARG B 55 2.50 -76.73 -10.60
CA ARG B 55 2.56 -76.31 -12.01
C ARG B 55 1.97 -74.92 -12.31
N ASP B 56 1.16 -74.39 -11.43
CA ASP B 56 0.51 -73.08 -11.45
C ASP B 56 1.45 -72.04 -10.80
N ALA B 57 2.27 -72.40 -9.84
CA ALA B 57 3.17 -71.46 -9.19
C ALA B 57 3.77 -70.42 -10.12
N GLN B 58 4.40 -70.86 -11.20
CA GLN B 58 5.10 -69.97 -12.12
C GLN B 58 4.23 -68.83 -12.63
N HIS B 59 2.94 -69.07 -12.83
CA HIS B 59 2.08 -68.01 -13.37
C HIS B 59 1.73 -66.98 -12.30
N PHE B 60 1.57 -67.42 -11.07
CA PHE B 60 1.26 -66.56 -9.95
C PHE B 60 2.52 -65.75 -9.61
N THR B 61 3.66 -66.41 -9.44
CA THR B 61 4.88 -65.80 -9.02
C THR B 61 5.42 -64.78 -9.99
N GLN B 62 5.19 -65.11 -11.26
CA GLN B 62 5.67 -64.12 -12.24
C GLN B 62 5.12 -62.73 -11.96
N ARG B 63 3.92 -62.63 -11.43
CA ARG B 63 3.18 -61.40 -11.15
C ARG B 63 3.66 -60.71 -9.88
N ALA B 64 4.73 -61.21 -9.31
CA ALA B 64 5.25 -60.50 -8.11
C ALA B 64 5.80 -59.15 -8.61
N CYS B 65 6.17 -59.11 -9.88
CA CYS B 65 6.71 -57.96 -10.58
C CYS B 65 6.73 -58.01 -12.09
N GLY B 66 6.28 -56.97 -12.74
CA GLY B 66 6.24 -56.79 -14.18
C GLY B 66 7.36 -56.00 -14.81
N VAL B 67 8.28 -55.51 -14.04
CA VAL B 67 9.50 -54.78 -14.43
C VAL B 67 10.59 -55.86 -14.64
N CYS B 68 10.83 -56.65 -13.62
CA CYS B 68 11.73 -57.80 -13.70
C CYS B 68 10.80 -59.03 -13.96
N THR B 69 10.12 -58.93 -15.07
CA THR B 69 9.16 -59.85 -15.66
C THR B 69 9.94 -61.08 -16.09
N TYR B 70 9.36 -62.29 -16.09
CA TYR B 70 10.16 -63.47 -16.48
C TYR B 70 11.03 -64.04 -15.38
N VAL B 71 11.95 -63.38 -14.70
CA VAL B 71 12.85 -63.89 -13.65
C VAL B 71 12.18 -64.75 -12.58
N HIS B 72 10.97 -64.45 -12.15
CA HIS B 72 10.19 -65.21 -11.17
C HIS B 72 9.58 -66.42 -11.89
N ALA B 73 9.24 -66.34 -13.15
CA ALA B 73 8.71 -67.52 -13.85
C ALA B 73 9.85 -68.56 -13.81
N LEU B 74 11.06 -68.15 -14.17
CA LEU B 74 12.27 -68.94 -14.15
C LEU B 74 12.61 -69.53 -12.79
N ALA B 75 12.69 -68.74 -11.73
CA ALA B 75 13.05 -69.23 -10.39
C ALA B 75 11.98 -70.27 -9.97
N SER B 76 10.73 -70.10 -10.34
CA SER B 76 9.66 -71.02 -10.00
C SER B 76 9.78 -72.35 -10.73
N VAL B 77 9.97 -72.30 -12.05
CA VAL B 77 10.15 -73.48 -12.84
C VAL B 77 11.48 -74.11 -12.39
N ARG B 78 12.47 -73.35 -11.96
CA ARG B 78 13.73 -73.99 -11.53
C ARG B 78 13.53 -74.67 -10.20
N ALA B 79 12.72 -74.16 -9.31
CA ALA B 79 12.45 -74.71 -7.98
C ALA B 79 11.60 -75.97 -8.13
N VAL B 80 10.68 -76.05 -9.06
CA VAL B 80 9.85 -77.24 -9.23
C VAL B 80 10.63 -78.26 -10.04
N ASP B 81 11.51 -77.84 -10.96
CA ASP B 81 12.35 -78.74 -11.78
C ASP B 81 13.19 -79.51 -10.72
N ASN B 82 13.88 -78.81 -9.87
CA ASN B 82 14.73 -79.29 -8.80
C ASN B 82 13.96 -80.18 -7.82
N CYS B 83 12.76 -79.77 -7.43
CA CYS B 83 12.13 -80.63 -6.42
C CYS B 83 11.56 -81.93 -6.96
N VAL B 84 11.52 -82.14 -8.24
CA VAL B 84 10.97 -83.26 -9.02
C VAL B 84 12.05 -84.06 -9.76
N GLY B 85 13.28 -83.63 -9.62
CA GLY B 85 14.51 -84.07 -10.13
C GLY B 85 14.69 -84.05 -11.63
N VAL B 86 13.95 -83.27 -12.38
CA VAL B 86 14.01 -83.20 -13.84
C VAL B 86 15.19 -82.39 -14.33
N LYS B 87 15.68 -82.95 -15.40
CA LYS B 87 16.84 -82.58 -16.22
C LYS B 87 16.30 -82.10 -17.58
N ILE B 88 16.22 -80.76 -17.72
CA ILE B 88 15.66 -80.21 -18.95
C ILE B 88 16.72 -80.30 -20.05
N PRO B 89 16.26 -80.37 -21.29
CA PRO B 89 17.15 -80.44 -22.43
C PRO B 89 17.98 -79.19 -22.63
N GLU B 90 19.13 -79.40 -23.26
CA GLU B 90 20.08 -78.33 -23.55
C GLU B 90 19.43 -77.15 -24.26
N ASN B 91 18.60 -77.34 -25.22
CA ASN B 91 17.95 -76.25 -25.93
C ASN B 91 17.03 -75.55 -24.93
N ALA B 92 16.52 -76.21 -23.89
CA ALA B 92 15.59 -75.37 -23.04
C ALA B 92 16.48 -74.52 -22.15
N THR B 93 17.68 -75.06 -21.86
CA THR B 93 18.62 -74.32 -21.03
C THR B 93 19.07 -73.12 -21.84
N LEU B 94 19.52 -73.26 -23.05
CA LEU B 94 19.96 -72.15 -23.91
C LEU B 94 18.89 -71.08 -24.09
N MET B 95 17.66 -71.47 -24.39
CA MET B 95 16.51 -70.57 -24.62
C MET B 95 16.12 -69.79 -23.36
N ARG B 96 16.24 -70.37 -22.17
CA ARG B 96 15.96 -69.77 -20.89
C ARG B 96 17.02 -68.73 -20.60
N ASN B 97 18.23 -68.95 -21.01
CA ASN B 97 19.39 -68.09 -20.87
C ASN B 97 19.34 -66.90 -21.85
N LEU B 98 18.91 -67.16 -23.04
CA LEU B 98 18.80 -66.05 -23.98
C LEU B 98 17.74 -65.06 -23.54
N THR B 99 16.66 -65.53 -23.00
CA THR B 99 15.52 -64.75 -22.55
C THR B 99 15.98 -63.93 -21.34
N MET B 100 16.85 -64.44 -20.52
CA MET B 100 17.31 -63.73 -19.33
C MET B 100 18.33 -62.69 -19.77
N GLY B 101 19.10 -63.01 -20.79
CA GLY B 101 20.13 -62.11 -21.31
C GLY B 101 19.38 -60.87 -21.85
N ALA B 102 18.38 -61.14 -22.66
CA ALA B 102 17.56 -60.07 -23.20
C ALA B 102 16.89 -59.25 -22.08
N GLN B 103 16.53 -59.83 -20.96
CA GLN B 103 15.89 -59.17 -19.81
C GLN B 103 16.94 -58.23 -19.17
N TYR B 104 18.21 -58.62 -19.13
CA TYR B 104 19.21 -57.74 -18.54
C TYR B 104 19.41 -56.56 -19.50
N MET B 105 19.54 -56.88 -20.77
CA MET B 105 19.73 -55.81 -21.78
C MET B 105 18.72 -54.69 -21.62
N HIS B 106 17.46 -54.95 -21.55
CA HIS B 106 16.31 -54.11 -21.43
C HIS B 106 16.21 -53.40 -20.09
N ASP B 107 16.20 -54.18 -19.04
CA ASP B 107 16.06 -53.74 -17.64
C ASP B 107 17.04 -52.60 -17.36
N HIS B 108 18.30 -52.86 -17.51
CA HIS B 108 19.45 -51.99 -17.30
C HIS B 108 19.43 -50.66 -18.05
N LEU B 109 19.12 -50.71 -19.30
CA LEU B 109 18.96 -49.59 -20.19
C LEU B 109 17.79 -48.72 -19.66
N VAL B 110 16.65 -49.36 -19.38
CA VAL B 110 15.51 -48.56 -18.88
C VAL B 110 15.90 -47.99 -17.52
N HIS B 111 16.55 -48.68 -16.62
CA HIS B 111 16.89 -48.11 -15.35
C HIS B 111 17.75 -46.87 -15.56
N PHE B 112 18.85 -47.03 -16.30
CA PHE B 112 19.78 -45.91 -16.45
C PHE B 112 19.12 -44.63 -16.92
N TYR B 113 18.43 -44.66 -18.03
CA TYR B 113 17.81 -43.51 -18.63
C TYR B 113 16.50 -42.99 -18.10
N HIS B 114 15.50 -43.78 -17.85
CA HIS B 114 14.17 -43.30 -17.41
C HIS B 114 13.99 -43.32 -15.94
N LEU B 115 14.75 -44.12 -15.23
CA LEU B 115 14.60 -44.24 -13.78
C LEU B 115 15.65 -43.46 -13.05
N HIS B 116 16.91 -43.49 -13.36
CA HIS B 116 18.04 -42.84 -12.75
C HIS B 116 18.58 -41.57 -13.35
N ALA B 117 18.75 -41.39 -14.63
CA ALA B 117 19.35 -40.21 -15.22
C ALA B 117 18.88 -38.90 -14.60
N LEU B 118 17.59 -38.73 -14.45
CA LEU B 118 17.01 -37.52 -13.87
C LEU B 118 17.45 -37.13 -12.48
N ASP B 119 18.40 -37.67 -11.79
CA ASP B 119 18.87 -37.31 -10.46
C ASP B 119 20.27 -36.63 -10.66
N TRP B 120 20.76 -36.79 -11.89
CA TRP B 120 22.06 -36.26 -12.22
C TRP B 120 21.97 -35.22 -13.34
N VAL B 121 20.95 -35.30 -14.14
CA VAL B 121 20.71 -34.45 -15.27
C VAL B 121 19.60 -33.42 -15.06
N ASN B 122 19.95 -32.18 -15.40
CA ASN B 122 18.96 -31.07 -15.32
C ASN B 122 18.41 -30.92 -16.75
N VAL B 123 17.30 -31.55 -17.05
CA VAL B 123 16.72 -31.49 -18.37
C VAL B 123 16.48 -30.05 -18.84
N ALA B 124 16.11 -29.12 -17.96
CA ALA B 124 15.84 -27.73 -18.28
C ALA B 124 17.01 -26.92 -18.84
N ASN B 125 18.19 -27.30 -18.45
CA ASN B 125 19.47 -26.69 -18.80
C ASN B 125 19.92 -27.01 -20.20
N ALA B 126 19.36 -28.09 -20.67
CA ALA B 126 19.63 -28.58 -22.03
C ALA B 126 19.31 -27.46 -23.00
N LEU B 127 18.38 -26.62 -22.63
CA LEU B 127 17.85 -25.49 -23.37
C LEU B 127 18.88 -24.36 -23.53
N ASN B 128 19.87 -24.37 -22.67
CA ASN B 128 21.00 -23.47 -22.61
C ASN B 128 22.20 -24.08 -23.33
N ALA B 129 22.11 -25.27 -23.91
CA ALA B 129 23.34 -25.83 -24.54
C ALA B 129 23.48 -25.29 -25.94
N ASP B 130 24.70 -25.28 -26.45
CA ASP B 130 25.00 -24.86 -27.87
C ASP B 130 25.03 -26.24 -28.54
N PRO B 131 24.07 -26.53 -29.36
CA PRO B 131 23.90 -27.83 -30.00
C PRO B 131 25.10 -28.30 -30.79
N ALA B 132 25.80 -27.34 -31.37
CA ALA B 132 26.99 -27.67 -32.19
C ALA B 132 28.10 -28.07 -31.25
N LYS B 133 28.08 -27.40 -30.12
CA LYS B 133 29.18 -27.75 -29.13
C LYS B 133 28.77 -29.04 -28.46
N ALA B 134 27.49 -29.32 -28.30
CA ALA B 134 27.03 -30.57 -27.72
C ALA B 134 27.34 -31.70 -28.71
N ALA B 135 27.06 -31.51 -29.99
CA ALA B 135 27.34 -32.53 -31.00
C ALA B 135 28.83 -32.82 -31.11
N ARG B 136 29.69 -31.82 -30.93
CA ARG B 136 31.13 -32.11 -31.05
C ARG B 136 31.59 -33.00 -29.94
N LEU B 137 31.09 -32.72 -28.77
CA LEU B 137 31.48 -33.49 -27.57
C LEU B 137 31.04 -34.94 -27.66
N ALA B 138 29.79 -35.08 -28.11
CA ALA B 138 29.10 -36.36 -28.26
C ALA B 138 29.94 -37.22 -29.17
N ASN B 139 30.42 -36.56 -30.21
CA ASN B 139 31.25 -37.19 -31.27
C ASN B 139 32.62 -37.52 -30.67
N ASP B 140 33.02 -36.90 -29.57
CA ASP B 140 34.39 -37.24 -29.06
C ASP B 140 34.21 -38.34 -28.03
N LEU B 141 32.96 -38.66 -27.72
CA LEU B 141 32.70 -39.70 -26.74
C LEU B 141 32.45 -41.09 -27.31
N SER B 142 31.86 -41.25 -28.46
CA SER B 142 31.61 -42.56 -29.08
C SER B 142 31.86 -42.48 -30.59
N PRO B 143 31.80 -43.67 -31.17
CA PRO B 143 32.01 -43.84 -32.61
C PRO B 143 30.75 -43.58 -33.41
N LYS B 144 29.70 -43.22 -32.72
CA LYS B 144 28.41 -43.00 -33.46
C LYS B 144 28.36 -41.52 -33.75
N LYS B 145 28.20 -41.18 -35.02
CA LYS B 145 28.15 -39.79 -35.47
C LYS B 145 26.81 -39.13 -35.11
N THR B 146 26.86 -38.00 -34.43
CA THR B 146 25.81 -37.10 -34.01
C THR B 146 25.85 -35.80 -34.84
N THR B 147 24.72 -35.25 -35.17
CA THR B 147 24.64 -33.99 -35.91
C THR B 147 23.99 -32.91 -35.05
N THR B 148 24.30 -31.67 -35.31
CA THR B 148 23.79 -30.53 -34.57
C THR B 148 22.25 -30.49 -34.61
N GLU B 149 21.87 -30.67 -35.87
CA GLU B 149 20.47 -30.63 -36.22
C GLU B 149 19.66 -31.61 -35.42
N SER B 150 20.13 -32.83 -35.27
CA SER B 150 19.33 -33.78 -34.46
C SER B 150 19.26 -33.20 -33.04
N LEU B 151 20.38 -32.62 -32.58
CA LEU B 151 20.45 -32.04 -31.22
C LEU B 151 19.59 -30.80 -31.13
N LYS B 152 19.64 -29.93 -32.13
CA LYS B 152 18.81 -28.72 -32.17
C LYS B 152 17.34 -29.15 -32.08
N ALA B 153 17.03 -30.27 -32.70
CA ALA B 153 15.67 -30.80 -32.75
C ALA B 153 15.18 -31.22 -31.39
N VAL B 154 16.00 -31.83 -30.56
CA VAL B 154 15.60 -32.23 -29.22
C VAL B 154 15.37 -31.01 -28.35
N GLN B 155 16.16 -29.99 -28.63
CA GLN B 155 16.07 -28.72 -27.87
C GLN B 155 14.75 -28.03 -28.18
N ALA B 156 14.28 -28.24 -29.39
CA ALA B 156 13.01 -27.64 -29.85
C ALA B 156 11.81 -28.37 -29.25
N LYS B 157 12.09 -29.64 -28.93
CA LYS B 157 11.08 -30.50 -28.30
C LYS B 157 10.86 -30.03 -26.86
N VAL B 158 11.98 -29.85 -26.20
CA VAL B 158 11.96 -29.39 -24.80
C VAL B 158 11.32 -28.00 -24.74
N LYS B 159 11.66 -27.17 -25.69
CA LYS B 159 11.13 -25.79 -25.73
C LYS B 159 9.63 -25.83 -25.98
N ALA B 160 9.25 -26.66 -26.93
CA ALA B 160 7.84 -26.80 -27.26
C ALA B 160 7.11 -27.24 -26.02
N LEU B 161 7.74 -28.09 -25.22
CA LEU B 161 7.03 -28.57 -24.03
C LEU B 161 6.91 -27.56 -22.90
N VAL B 162 7.96 -26.86 -22.59
CA VAL B 162 8.07 -25.86 -21.55
C VAL B 162 7.16 -24.66 -21.77
N GLU B 163 7.13 -24.31 -23.03
CA GLU B 163 6.33 -23.25 -23.59
C GLU B 163 4.84 -23.58 -23.54
N SER B 164 4.39 -24.80 -23.30
CA SER B 164 2.94 -25.15 -23.28
C SER B 164 2.41 -24.97 -21.84
N GLY B 165 3.38 -24.99 -20.95
CA GLY B 165 3.10 -24.87 -19.53
C GLY B 165 2.73 -26.22 -18.95
N GLN B 166 2.53 -27.25 -19.79
CA GLN B 166 2.17 -28.58 -19.19
C GLN B 166 3.45 -29.40 -19.19
N LEU B 167 4.14 -29.33 -18.08
CA LEU B 167 5.41 -30.01 -17.91
C LEU B 167 5.30 -31.51 -17.72
N GLY B 168 4.13 -31.99 -17.39
CA GLY B 168 3.84 -33.40 -17.16
C GLY B 168 4.68 -33.96 -16.05
N ILE B 169 5.49 -34.93 -16.39
CA ILE B 169 6.37 -35.63 -15.45
C ILE B 169 7.49 -34.71 -15.02
N PHE B 170 7.63 -33.48 -15.53
CA PHE B 170 8.70 -32.60 -14.99
C PHE B 170 8.14 -31.63 -13.94
N THR B 171 6.82 -31.68 -13.79
CA THR B 171 6.19 -30.84 -12.78
C THR B 171 6.87 -30.99 -11.41
N ASN B 172 7.34 -29.90 -10.87
CA ASN B 172 8.03 -29.80 -9.57
C ASN B 172 9.34 -30.56 -9.63
N ALA B 173 9.94 -30.83 -10.78
CA ALA B 173 11.24 -31.56 -10.70
C ALA B 173 12.16 -30.76 -9.79
N TYR B 174 13.03 -31.47 -9.11
CA TYR B 174 14.03 -30.91 -8.17
C TYR B 174 15.04 -30.01 -8.85
N PHE B 175 15.29 -30.07 -10.12
CA PHE B 175 16.27 -29.23 -10.81
C PHE B 175 15.61 -27.96 -11.31
N LEU B 176 14.29 -27.87 -11.09
CA LEU B 176 13.57 -26.68 -11.56
C LEU B 176 14.17 -25.49 -10.76
N GLY B 177 14.65 -24.61 -11.65
CA GLY B 177 15.29 -23.35 -11.26
C GLY B 177 16.64 -23.61 -10.61
N GLY B 178 17.36 -24.62 -11.05
CA GLY B 178 18.68 -24.88 -10.48
C GLY B 178 18.60 -25.52 -9.13
N HIS B 179 19.70 -26.24 -8.94
CA HIS B 179 19.89 -27.02 -7.71
C HIS B 179 21.39 -27.24 -7.57
N PRO B 180 21.89 -26.94 -6.39
CA PRO B 180 23.32 -27.09 -6.11
C PRO B 180 23.92 -28.46 -6.33
N ALA B 181 23.15 -29.52 -6.32
CA ALA B 181 23.71 -30.88 -6.44
C ALA B 181 23.76 -31.29 -7.88
N TYR B 182 23.22 -30.49 -8.76
CA TYR B 182 23.19 -30.76 -10.19
C TYR B 182 24.31 -29.94 -10.83
N VAL B 183 25.39 -30.62 -11.14
CA VAL B 183 26.49 -29.87 -11.77
C VAL B 183 26.85 -30.17 -13.19
N LEU B 184 26.22 -30.87 -14.11
CA LEU B 184 26.79 -31.03 -15.44
C LEU B 184 26.68 -29.78 -16.33
N PRO B 185 27.58 -29.64 -17.28
CA PRO B 185 27.53 -28.58 -18.30
C PRO B 185 26.23 -28.75 -19.10
N ALA B 186 25.57 -27.73 -19.60
CA ALA B 186 24.32 -27.76 -20.33
C ALA B 186 24.36 -28.61 -21.60
N GLU B 187 25.58 -28.77 -22.09
CA GLU B 187 25.91 -29.51 -23.31
C GLU B 187 25.87 -31.02 -23.01
N VAL B 188 26.26 -31.44 -21.81
CA VAL B 188 26.14 -32.85 -21.43
C VAL B 188 24.64 -33.02 -21.13
N ASP B 189 23.96 -32.03 -20.53
CA ASP B 189 22.53 -32.20 -20.27
C ASP B 189 21.80 -32.40 -21.59
N LEU B 190 22.31 -31.93 -22.69
CA LEU B 190 21.50 -32.09 -23.94
C LEU B 190 21.80 -33.40 -24.62
N ILE B 191 22.99 -33.91 -24.51
CA ILE B 191 23.36 -35.19 -25.11
C ILE B 191 22.52 -36.24 -24.38
N ALA B 192 22.55 -36.13 -23.05
CA ALA B 192 21.77 -37.04 -22.21
C ALA B 192 20.27 -36.97 -22.46
N THR B 193 19.73 -35.83 -22.83
CA THR B 193 18.29 -35.73 -23.09
C THR B 193 17.99 -36.34 -24.44
N ALA B 194 18.94 -36.14 -25.35
CA ALA B 194 18.71 -36.72 -26.70
C ALA B 194 18.77 -38.25 -26.56
N HIS B 195 19.58 -38.76 -25.64
CA HIS B 195 19.74 -40.23 -25.47
C HIS B 195 18.56 -40.86 -24.75
N TYR B 196 18.00 -40.12 -23.80
CA TYR B 196 16.80 -40.55 -23.04
C TYR B 196 15.63 -40.76 -24.00
N LEU B 197 15.45 -39.89 -24.96
CA LEU B 197 14.34 -40.09 -25.88
C LEU B 197 14.67 -41.30 -26.75
N GLU B 198 15.91 -41.44 -27.14
CA GLU B 198 16.42 -42.52 -27.98
C GLU B 198 16.30 -43.87 -27.26
N ALA B 199 16.65 -43.93 -26.00
CA ALA B 199 16.49 -45.14 -25.22
C ALA B 199 15.02 -45.56 -25.16
N LEU B 200 14.06 -44.68 -25.29
CA LEU B 200 12.63 -45.01 -25.21
C LEU B 200 12.28 -45.90 -26.41
N ARG B 201 12.94 -45.71 -27.54
CA ARG B 201 12.73 -46.47 -28.76
C ARG B 201 13.57 -47.76 -28.79
N VAL B 202 14.76 -47.74 -28.26
CA VAL B 202 15.55 -48.94 -28.19
C VAL B 202 14.82 -49.86 -27.22
N GLN B 203 14.37 -49.38 -26.08
CA GLN B 203 13.73 -50.33 -25.14
C GLN B 203 12.65 -51.12 -25.84
N VAL B 204 11.97 -50.65 -26.84
CA VAL B 204 10.90 -51.30 -27.57
C VAL B 204 11.46 -52.48 -28.33
N LYS B 205 12.64 -52.33 -28.89
CA LYS B 205 13.32 -53.41 -29.61
C LYS B 205 13.85 -54.53 -28.74
N ALA B 206 14.32 -54.29 -27.55
CA ALA B 206 14.87 -55.17 -26.53
C ALA B 206 13.76 -56.05 -25.97
N ALA B 207 12.58 -55.47 -25.88
CA ALA B 207 11.39 -56.12 -25.38
C ALA B 207 10.86 -57.08 -26.46
N ARG B 208 10.92 -56.67 -27.72
CA ARG B 208 10.44 -57.44 -28.87
C ARG B 208 11.30 -58.67 -29.09
N ALA B 209 12.60 -58.57 -28.86
CA ALA B 209 13.59 -59.61 -28.98
C ALA B 209 13.26 -60.67 -27.92
N MET B 210 12.95 -60.15 -26.73
CA MET B 210 12.63 -61.07 -25.62
C MET B 210 11.35 -61.85 -25.93
N ALA B 211 10.41 -61.21 -26.63
CA ALA B 211 9.14 -61.72 -27.00
C ALA B 211 9.30 -62.77 -28.08
N ILE B 212 10.45 -62.82 -28.75
CA ILE B 212 10.66 -63.81 -29.82
C ILE B 212 10.74 -65.17 -29.10
N PHE B 213 11.51 -65.26 -28.02
CA PHE B 213 11.53 -66.50 -27.24
C PHE B 213 10.41 -66.58 -26.23
N GLY B 214 10.08 -65.46 -25.57
CA GLY B 214 9.10 -65.35 -24.50
C GLY B 214 7.63 -65.28 -24.77
N ALA B 215 7.14 -65.24 -25.99
CA ALA B 215 5.72 -65.11 -26.34
C ALA B 215 5.34 -63.62 -26.26
N LYS B 216 5.57 -62.98 -25.14
CA LYS B 216 5.24 -61.57 -24.94
C LYS B 216 6.04 -60.95 -23.81
N ASN B 217 6.05 -59.62 -23.86
CA ASN B 217 6.73 -58.79 -22.87
C ASN B 217 5.87 -57.54 -22.61
N PRO B 218 5.42 -57.30 -21.38
CA PRO B 218 5.64 -58.05 -20.15
C PRO B 218 4.91 -59.38 -19.96
N HIS B 219 5.46 -60.15 -19.02
CA HIS B 219 4.98 -61.43 -18.55
C HIS B 219 5.00 -62.57 -19.56
N THR B 220 6.19 -63.13 -19.75
CA THR B 220 6.43 -64.26 -20.69
C THR B 220 5.51 -65.42 -20.41
N GLN B 221 5.34 -66.28 -21.38
CA GLN B 221 4.43 -67.49 -21.35
C GLN B 221 4.92 -68.52 -22.38
N PHE B 222 6.05 -69.17 -22.12
CA PHE B 222 6.77 -70.15 -22.91
C PHE B 222 7.51 -71.20 -22.08
N THR B 223 7.59 -71.10 -20.79
CA THR B 223 8.26 -71.93 -19.85
C THR B 223 7.21 -72.85 -19.16
N VAL B 224 7.68 -74.03 -18.81
CA VAL B 224 7.03 -75.11 -18.10
C VAL B 224 8.10 -75.83 -17.25
N VAL B 225 7.63 -76.59 -16.29
CA VAL B 225 8.49 -77.49 -15.48
C VAL B 225 8.88 -78.59 -16.49
N GLY B 226 10.14 -78.84 -16.76
CA GLY B 226 10.53 -79.83 -17.75
C GLY B 226 11.21 -79.23 -18.95
N GLY B 227 11.13 -77.94 -19.15
CA GLY B 227 11.71 -77.20 -20.25
C GLY B 227 10.93 -75.92 -20.65
N CYS B 228 10.74 -75.81 -21.98
CA CYS B 228 10.12 -74.77 -22.74
C CYS B 228 9.16 -75.37 -23.76
N THR B 229 8.30 -74.48 -24.27
CA THR B 229 7.25 -74.79 -25.21
C THR B 229 7.41 -74.21 -26.61
N ASN B 230 8.28 -73.23 -26.74
CA ASN B 230 8.43 -72.53 -28.01
C ASN B 230 9.16 -73.22 -29.11
N TYR B 231 8.54 -74.11 -29.88
CA TYR B 231 9.16 -74.79 -31.02
C TYR B 231 9.18 -73.85 -32.22
N ASP B 232 8.24 -72.91 -32.23
CA ASP B 232 8.14 -71.98 -33.38
C ASP B 232 9.38 -71.12 -33.63
N SER B 233 9.96 -70.67 -32.51
CA SER B 233 11.12 -69.81 -32.48
C SER B 233 12.40 -70.55 -32.81
N LEU B 234 12.31 -71.86 -32.89
CA LEU B 234 13.48 -72.69 -33.23
C LEU B 234 13.68 -72.54 -34.75
N ARG B 235 12.92 -71.78 -35.49
CA ARG B 235 13.09 -71.63 -36.95
C ARG B 235 14.16 -70.59 -37.26
N PRO B 236 14.92 -70.84 -38.31
CA PRO B 236 16.01 -69.96 -38.73
C PRO B 236 15.46 -68.55 -38.90
N GLU B 237 14.28 -68.42 -39.45
CA GLU B 237 13.74 -67.06 -39.63
C GLU B 237 13.62 -66.35 -38.27
N ARG B 238 13.01 -66.97 -37.29
CA ARG B 238 12.87 -66.39 -35.97
C ARG B 238 14.18 -66.16 -35.23
N ILE B 239 15.26 -66.85 -35.53
CA ILE B 239 16.55 -66.67 -34.85
C ILE B 239 17.29 -65.51 -35.50
N ALA B 240 17.08 -65.35 -36.79
CA ALA B 240 17.61 -64.28 -37.60
C ALA B 240 17.00 -62.95 -37.12
N GLU B 241 15.71 -62.92 -36.92
CA GLU B 241 14.91 -61.80 -36.46
C GLU B 241 15.43 -61.26 -35.12
N PHE B 242 15.59 -62.13 -34.20
CA PHE B 242 16.07 -61.95 -32.84
C PHE B 242 17.49 -61.41 -32.92
N ARG B 243 18.29 -62.07 -33.73
CA ARG B 243 19.68 -61.72 -33.97
C ARG B 243 19.73 -60.29 -34.48
N LYS B 244 19.00 -59.80 -35.40
CA LYS B 244 18.94 -58.43 -35.91
C LYS B 244 18.62 -57.38 -34.80
N LEU B 245 17.56 -57.58 -34.03
CA LEU B 245 17.16 -56.69 -32.94
C LEU B 245 18.26 -56.68 -31.87
N TYR B 246 18.76 -57.82 -31.53
CA TYR B 246 19.86 -58.02 -30.57
C TYR B 246 21.05 -57.15 -30.93
N LYS B 247 21.49 -57.18 -32.17
CA LYS B 247 22.62 -56.38 -32.62
C LYS B 247 22.25 -54.92 -32.51
N GLU B 248 21.13 -54.45 -32.98
CA GLU B 248 20.78 -53.02 -32.81
C GLU B 248 20.88 -52.64 -31.33
N VAL B 249 20.32 -53.42 -30.44
CA VAL B 249 20.35 -53.07 -29.00
C VAL B 249 21.76 -53.15 -28.45
N ARG B 250 22.49 -54.19 -28.84
CA ARG B 250 23.86 -54.37 -28.29
C ARG B 250 24.68 -53.14 -28.58
N GLU B 251 24.63 -52.68 -29.80
CA GLU B 251 25.38 -51.55 -30.31
C GLU B 251 25.12 -50.28 -29.54
N PHE B 252 23.85 -50.05 -29.27
CA PHE B 252 23.37 -48.93 -28.49
C PHE B 252 23.91 -49.01 -27.07
N ILE B 253 24.04 -50.16 -26.42
CA ILE B 253 24.57 -50.22 -25.04
C ILE B 253 26.06 -49.92 -25.02
N GLU B 254 26.74 -50.37 -26.04
CA GLU B 254 28.19 -50.23 -26.19
C GLU B 254 28.57 -48.84 -26.61
N GLN B 255 27.78 -48.29 -27.52
CA GLN B 255 28.05 -46.95 -28.07
C GLN B 255 27.38 -45.75 -27.42
N VAL B 256 26.29 -45.83 -26.77
CA VAL B 256 25.51 -44.79 -26.14
C VAL B 256 25.35 -45.06 -24.66
N TYR B 257 24.71 -46.08 -24.17
CA TYR B 257 24.58 -46.28 -22.72
C TYR B 257 25.92 -46.23 -22.01
N ILE B 258 26.88 -47.03 -22.40
CA ILE B 258 28.14 -47.07 -21.64
C ILE B 258 28.92 -45.78 -21.61
N THR B 259 28.99 -45.20 -22.80
CA THR B 259 29.71 -43.92 -23.01
C THR B 259 29.06 -42.80 -22.20
N ASP B 260 27.74 -42.72 -22.13
CA ASP B 260 27.02 -41.70 -21.38
C ASP B 260 27.24 -41.97 -19.91
N LEU B 261 27.26 -43.24 -19.59
CA LEU B 261 27.42 -43.56 -18.16
C LEU B 261 28.74 -43.00 -17.69
N LEU B 262 29.84 -43.28 -18.40
CA LEU B 262 31.17 -42.86 -17.92
C LEU B 262 31.29 -41.34 -17.92
N ALA B 263 30.65 -40.71 -18.89
CA ALA B 263 30.68 -39.23 -19.02
C ALA B 263 29.99 -38.53 -17.85
N VAL B 264 28.77 -38.93 -17.52
CA VAL B 264 28.11 -38.31 -16.39
C VAL B 264 28.90 -38.66 -15.13
N ALA B 265 29.30 -39.91 -14.95
CA ALA B 265 30.00 -40.33 -13.72
C ALA B 265 31.24 -39.46 -13.57
N GLY B 266 31.84 -39.12 -14.68
CA GLY B 266 33.03 -38.28 -14.70
C GLY B 266 32.78 -36.94 -14.04
N PHE B 267 31.59 -36.34 -13.99
CA PHE B 267 31.40 -35.05 -13.30
C PHE B 267 30.92 -35.25 -11.88
N TYR B 268 30.92 -36.48 -11.39
CA TYR B 268 30.35 -36.73 -10.05
C TYR B 268 31.21 -37.70 -9.30
N LYS B 269 32.49 -37.59 -9.50
CA LYS B 269 33.50 -38.43 -8.88
C LYS B 269 33.46 -38.39 -7.38
N ASN B 270 32.85 -37.38 -6.79
CA ASN B 270 32.78 -37.34 -5.30
C ASN B 270 31.77 -38.38 -4.85
N TRP B 271 30.97 -38.92 -5.76
CA TRP B 271 29.98 -39.93 -5.39
C TRP B 271 30.61 -41.31 -5.29
N ALA B 272 31.87 -41.36 -5.61
CA ALA B 272 32.65 -42.59 -5.58
C ALA B 272 33.06 -42.77 -4.15
N GLY B 273 32.60 -41.80 -3.37
CA GLY B 273 32.99 -41.97 -1.91
C GLY B 273 31.72 -41.86 -1.09
N ILE B 274 30.57 -41.95 -1.75
CA ILE B 274 29.30 -41.82 -1.02
C ILE B 274 28.46 -43.09 -1.22
N GLY B 275 27.86 -43.54 -0.12
CA GLY B 275 26.98 -44.67 -0.05
C GLY B 275 27.57 -46.07 -0.08
N LYS B 276 28.70 -46.19 0.61
CA LYS B 276 29.49 -47.39 0.77
C LYS B 276 28.96 -48.42 1.77
N THR B 277 29.17 -49.64 1.34
CA THR B 277 28.86 -50.95 1.83
C THR B 277 29.99 -52.00 1.75
N SER B 278 29.81 -53.01 2.57
CA SER B 278 30.55 -54.22 2.84
C SER B 278 29.67 -55.48 2.66
N ASN B 279 30.25 -56.63 2.36
CA ASN B 279 29.38 -57.84 2.24
C ASN B 279 28.56 -57.81 0.95
N PHE B 280 28.91 -58.66 0.03
CA PHE B 280 28.29 -58.81 -1.27
C PHE B 280 28.02 -60.28 -1.56
N LEU B 281 26.91 -60.63 -2.21
CA LEU B 281 26.69 -62.06 -2.56
C LEU B 281 25.94 -62.23 -3.88
N THR B 282 26.19 -63.38 -4.49
CA THR B 282 25.55 -63.79 -5.77
C THR B 282 25.51 -65.31 -5.90
N CYS B 283 24.55 -65.84 -6.63
CA CYS B 283 24.36 -67.26 -6.94
C CYS B 283 24.84 -67.56 -8.39
N GLY B 284 25.16 -66.53 -9.15
CA GLY B 284 25.63 -66.50 -10.53
C GLY B 284 24.48 -66.70 -11.46
N GLU B 285 24.64 -66.55 -12.74
CA GLU B 285 23.49 -66.81 -13.62
C GLU B 285 24.00 -67.50 -14.90
N PHE B 286 23.09 -68.06 -15.67
CA PHE B 286 23.39 -68.67 -16.97
C PHE B 286 24.13 -70.00 -16.87
N PRO B 287 23.48 -71.01 -16.33
CA PRO B 287 24.11 -72.31 -16.19
C PRO B 287 24.22 -73.12 -17.47
N THR B 288 25.14 -74.08 -17.33
CA THR B 288 25.24 -75.11 -18.41
C THR B 288 24.61 -76.34 -17.70
N ASP B 289 24.90 -76.43 -16.42
CA ASP B 289 24.33 -77.48 -15.57
C ASP B 289 23.40 -76.79 -14.55
N GLU B 290 22.14 -77.11 -14.75
CA GLU B 290 21.02 -76.60 -13.95
C GLU B 290 21.12 -77.13 -12.55
N TYR B 291 22.07 -78.03 -12.27
CA TYR B 291 22.16 -78.56 -10.88
C TYR B 291 23.52 -78.17 -10.32
N ASP B 292 24.22 -77.24 -10.97
CA ASP B 292 25.56 -76.83 -10.52
C ASP B 292 25.75 -75.30 -10.63
N LEU B 293 25.81 -74.67 -9.48
CA LEU B 293 25.96 -73.21 -9.36
C LEU B 293 27.31 -72.86 -9.99
N ASN B 294 28.16 -73.85 -9.94
CA ASN B 294 29.48 -73.55 -10.57
C ASN B 294 29.42 -73.80 -12.07
N SER B 295 28.30 -74.12 -12.72
CA SER B 295 28.44 -74.27 -14.21
C SER B 295 27.97 -72.95 -14.82
N ARG B 296 27.70 -71.96 -13.98
CA ARG B 296 27.16 -70.65 -14.43
C ARG B 296 28.15 -69.69 -15.02
N TYR B 297 27.82 -69.01 -16.11
CA TYR B 297 28.70 -68.06 -16.81
C TYR B 297 29.29 -67.03 -15.85
N THR B 298 28.38 -66.37 -15.19
CA THR B 298 28.83 -65.34 -14.18
C THR B 298 28.83 -66.17 -12.91
N PRO B 299 29.91 -66.10 -12.16
CA PRO B 299 30.09 -66.90 -10.97
C PRO B 299 29.34 -66.51 -9.73
N GLN B 300 29.26 -67.46 -8.84
CA GLN B 300 28.67 -67.40 -7.51
C GLN B 300 29.76 -67.16 -6.47
N GLY B 301 29.44 -66.57 -5.33
CA GLY B 301 30.53 -66.34 -4.33
C GLY B 301 29.98 -65.36 -3.30
N VAL B 302 30.74 -65.17 -2.25
CA VAL B 302 30.44 -64.29 -1.13
C VAL B 302 31.68 -63.50 -0.70
N ILE B 303 31.63 -62.20 -0.77
CA ILE B 303 32.68 -61.24 -0.37
C ILE B 303 32.31 -60.75 1.03
N TRP B 304 33.27 -60.78 1.93
CA TRP B 304 33.01 -60.31 3.31
C TRP B 304 33.67 -58.95 3.43
N GLY B 305 33.05 -58.03 4.12
CA GLY B 305 33.62 -56.67 4.22
C GLY B 305 33.71 -56.23 2.74
N ASN B 306 34.92 -55.76 2.45
CA ASN B 306 35.28 -55.22 1.14
C ASN B 306 36.59 -55.88 0.66
N ASP B 307 36.78 -57.13 1.02
CA ASP B 307 37.96 -57.95 0.75
C ASP B 307 37.77 -58.82 -0.49
N LEU B 308 38.32 -58.32 -1.58
CA LEU B 308 38.20 -58.97 -2.87
C LEU B 308 39.23 -60.08 -3.08
N SER B 309 40.05 -60.33 -2.11
CA SER B 309 41.11 -61.35 -2.23
C SER B 309 40.59 -62.71 -1.80
N LYS B 310 39.54 -62.72 -1.01
CA LYS B 310 38.95 -63.99 -0.53
C LYS B 310 37.43 -63.95 -0.84
N VAL B 311 37.09 -64.81 -1.82
CA VAL B 311 35.72 -65.00 -2.24
C VAL B 311 35.26 -66.37 -1.72
N ASP B 312 34.34 -66.47 -0.80
CA ASP B 312 33.83 -67.71 -0.30
C ASP B 312 32.73 -68.25 -1.25
N ASP B 313 32.38 -69.45 -0.85
CA ASP B 313 31.34 -70.24 -1.52
C ASP B 313 30.00 -69.84 -0.92
N PHE B 314 29.07 -69.69 -1.84
CA PHE B 314 27.69 -69.29 -1.51
C PHE B 314 27.00 -70.53 -0.90
N ASN B 315 26.54 -70.38 0.34
CA ASN B 315 25.85 -71.44 1.09
C ASN B 315 24.46 -70.97 1.50
N PRO B 316 23.46 -71.49 0.79
CA PRO B 316 22.05 -71.13 0.99
C PRO B 316 21.54 -71.60 2.33
N ASP B 317 22.35 -72.46 2.97
CA ASP B 317 21.84 -72.91 4.31
C ASP B 317 22.00 -71.78 5.33
N LEU B 318 22.80 -70.79 5.01
CA LEU B 318 23.08 -69.64 5.84
C LEU B 318 22.04 -68.52 5.73
N ILE B 319 20.96 -68.63 4.98
CA ILE B 319 19.95 -67.63 4.84
C ILE B 319 18.81 -67.80 5.83
N GLU B 320 18.47 -66.73 6.48
CA GLU B 320 17.38 -66.60 7.44
C GLU B 320 16.74 -65.25 7.17
N GLU B 321 15.46 -65.18 7.18
CA GLU B 321 14.66 -63.97 7.01
C GLU B 321 14.07 -63.51 8.35
N HIS B 322 14.36 -62.26 8.71
CA HIS B 322 13.83 -61.75 10.00
C HIS B 322 12.50 -61.02 9.96
N VAL B 323 11.79 -60.92 11.11
CA VAL B 323 10.53 -60.16 11.04
C VAL B 323 10.46 -59.26 12.26
N LYS B 324 11.58 -59.13 12.94
CA LYS B 324 11.50 -58.30 14.14
C LYS B 324 11.02 -56.88 13.88
N TYR B 325 11.36 -56.22 12.80
CA TYR B 325 10.93 -54.88 12.47
C TYR B 325 10.02 -54.78 11.23
N SER B 326 9.24 -55.79 10.94
CA SER B 326 8.38 -55.87 9.75
C SER B 326 6.99 -56.15 10.30
N TRP B 327 6.01 -56.01 9.44
CA TRP B 327 4.64 -56.24 9.87
C TRP B 327 4.23 -57.69 9.78
N TYR B 328 4.91 -58.54 10.54
CA TYR B 328 4.56 -59.98 10.62
C TYR B 328 4.60 -60.41 12.09
N GLU B 329 3.88 -61.46 12.41
CA GLU B 329 3.87 -61.93 13.80
C GLU B 329 5.25 -62.30 14.31
N GLY B 330 5.51 -61.87 15.55
CA GLY B 330 6.65 -62.07 16.38
C GLY B 330 8.01 -61.62 15.94
N ALA B 331 9.02 -62.33 16.46
CA ALA B 331 10.38 -61.93 16.12
C ALA B 331 11.28 -63.07 15.67
N GLY B 332 10.72 -64.18 15.18
CA GLY B 332 11.49 -65.30 14.66
C GLY B 332 12.02 -65.05 13.24
N ALA B 333 13.24 -65.54 13.01
CA ALA B 333 13.96 -65.56 11.74
C ALA B 333 13.88 -67.06 11.34
N HIS B 334 13.59 -67.39 10.10
CA HIS B 334 13.49 -68.71 9.57
C HIS B 334 14.23 -68.96 8.27
N HIS B 335 14.80 -70.15 8.11
CA HIS B 335 15.41 -70.45 6.79
C HIS B 335 14.18 -70.52 5.88
N PRO B 336 14.28 -70.22 4.60
CA PRO B 336 13.14 -70.23 3.69
C PRO B 336 12.32 -71.49 3.57
N TYR B 337 12.84 -72.67 3.76
CA TYR B 337 12.06 -73.93 3.69
C TYR B 337 11.11 -73.98 4.89
N LYS B 338 11.46 -73.21 5.91
CA LYS B 338 10.65 -73.13 7.13
C LYS B 338 10.05 -71.75 7.35
N GLY B 339 9.92 -71.00 6.26
CA GLY B 339 9.39 -69.65 6.29
C GLY B 339 7.93 -69.63 6.70
N VAL B 340 7.52 -68.50 7.26
CA VAL B 340 6.13 -68.25 7.65
C VAL B 340 5.84 -66.81 7.16
N THR B 341 4.61 -66.61 6.75
CA THR B 341 4.05 -65.37 6.27
C THR B 341 2.75 -65.10 7.00
N LYS B 342 2.81 -64.51 8.20
CA LYS B 342 1.59 -64.15 8.93
C LYS B 342 1.73 -62.62 9.18
N PRO B 343 1.13 -61.91 8.25
CA PRO B 343 1.14 -60.44 8.30
C PRO B 343 0.46 -59.97 9.57
N LYS B 344 1.08 -59.03 10.26
CA LYS B 344 0.46 -58.49 11.49
C LYS B 344 0.76 -56.98 11.55
N TRP B 345 -0.15 -56.19 10.99
CA TRP B 345 0.09 -54.71 10.97
C TRP B 345 0.08 -54.02 12.32
N THR B 346 1.02 -53.13 12.61
CA THR B 346 1.01 -52.43 13.89
C THR B 346 1.19 -50.92 13.72
N GLU B 347 1.04 -50.49 12.51
CA GLU B 347 1.17 -49.10 12.08
C GLU B 347 2.60 -48.63 11.96
N PHE B 348 2.77 -47.48 11.29
CA PHE B 348 4.12 -46.95 11.10
C PHE B 348 4.87 -46.87 12.43
N HIS B 349 5.96 -47.62 12.56
CA HIS B 349 6.81 -47.65 13.75
C HIS B 349 5.98 -48.20 14.88
N GLY B 350 4.91 -48.91 14.59
CA GLY B 350 4.12 -49.52 15.72
C GLY B 350 5.02 -50.70 16.16
N GLU B 351 5.46 -50.67 17.38
CA GLU B 351 6.35 -51.60 18.04
C GLU B 351 7.69 -51.54 17.32
N ASP B 352 7.98 -50.42 16.73
CA ASP B 352 9.19 -50.16 15.97
C ASP B 352 9.20 -50.91 14.62
N ARG B 353 8.10 -51.51 14.32
CA ARG B 353 8.06 -52.23 13.03
C ARG B 353 7.80 -51.12 12.03
N TYR B 354 8.48 -51.20 10.91
CA TYR B 354 8.35 -50.21 9.84
C TYR B 354 8.38 -50.73 8.40
N SER B 355 8.12 -52.00 8.11
CA SER B 355 8.14 -52.50 6.72
C SER B 355 7.35 -53.80 6.57
N TRP B 356 6.81 -53.90 5.34
CA TRP B 356 6.07 -55.07 4.83
C TRP B 356 7.10 -56.10 4.24
N MET B 357 8.37 -55.72 4.16
CA MET B 357 9.45 -56.52 3.68
C MET B 357 10.07 -57.27 4.86
N LYS B 358 10.41 -58.53 4.62
CA LYS B 358 11.11 -59.29 5.69
C LYS B 358 12.58 -58.83 5.56
N ALA B 359 13.45 -59.16 6.48
CA ALA B 359 14.86 -58.81 6.48
C ALA B 359 15.77 -60.03 6.33
N PRO B 360 16.16 -60.39 5.12
CA PRO B 360 17.08 -61.53 4.91
C PRO B 360 18.45 -61.19 5.42
N ARG B 361 19.01 -62.09 6.21
CA ARG B 361 20.36 -61.93 6.79
C ARG B 361 21.15 -63.16 6.31
N TYR B 362 22.42 -63.03 5.98
CA TYR B 362 23.29 -64.16 5.58
C TYR B 362 24.32 -64.45 6.71
N LYS B 363 24.16 -65.62 7.27
CA LYS B 363 24.99 -66.08 8.39
C LYS B 363 24.91 -64.94 9.42
N GLY B 364 23.74 -64.41 9.56
CA GLY B 364 23.43 -63.34 10.48
C GLY B 364 23.88 -61.96 10.13
N GLU B 365 24.50 -61.77 8.96
CA GLU B 365 24.95 -60.45 8.55
C GLU B 365 24.11 -59.90 7.40
N ALA B 366 24.10 -58.59 7.31
CA ALA B 366 23.34 -57.86 6.27
C ALA B 366 24.16 -57.90 5.01
N PHE B 367 23.53 -58.10 3.87
CA PHE B 367 24.32 -58.19 2.61
C PHE B 367 23.69 -57.30 1.54
N GLU B 368 24.46 -57.06 0.50
CA GLU B 368 24.10 -56.33 -0.66
C GLU B 368 24.19 -57.36 -1.82
N VAL B 369 23.19 -57.36 -2.67
CA VAL B 369 23.05 -58.25 -3.82
C VAL B 369 22.88 -57.32 -5.02
N GLY B 370 23.12 -57.71 -6.24
CA GLY B 370 22.88 -56.88 -7.42
C GLY B 370 24.08 -56.86 -8.30
N PRO B 371 24.05 -55.95 -9.28
CA PRO B 371 25.18 -55.78 -10.20
C PRO B 371 26.51 -55.56 -9.50
N LEU B 372 26.59 -54.68 -8.51
CA LEU B 372 27.84 -54.45 -7.81
C LEU B 372 28.33 -55.78 -7.21
N ALA B 373 27.43 -56.45 -6.49
CA ALA B 373 27.83 -57.69 -5.81
C ALA B 373 28.30 -58.71 -6.80
N SER B 374 27.58 -58.83 -7.89
CA SER B 374 27.85 -59.79 -8.97
C SER B 374 29.19 -59.53 -9.64
N VAL B 375 29.39 -58.26 -10.00
CA VAL B 375 30.61 -57.79 -10.65
C VAL B 375 31.80 -57.92 -9.73
N LEU B 376 31.63 -57.69 -8.44
CA LEU B 376 32.78 -57.82 -7.51
C LEU B 376 33.20 -59.29 -7.39
N VAL B 377 32.23 -60.20 -7.36
CA VAL B 377 32.54 -61.64 -7.27
C VAL B 377 33.25 -62.10 -8.55
N ALA B 378 32.68 -61.81 -9.70
CA ALA B 378 33.24 -62.18 -10.98
C ALA B 378 34.67 -61.67 -11.11
N TYR B 379 34.83 -60.40 -10.81
CA TYR B 379 36.12 -59.68 -10.94
C TYR B 379 37.17 -60.28 -10.01
N ALA B 380 36.77 -60.49 -8.75
CA ALA B 380 37.67 -61.11 -7.78
C ALA B 380 38.04 -62.54 -8.23
N LYS B 381 37.13 -63.25 -8.84
CA LYS B 381 37.33 -64.62 -9.29
C LYS B 381 37.95 -64.57 -10.67
N LYS B 382 38.30 -63.39 -11.11
CA LYS B 382 38.94 -63.25 -12.44
C LYS B 382 38.18 -63.67 -13.66
N HIS B 383 36.94 -63.19 -13.79
CA HIS B 383 36.09 -63.54 -14.98
C HIS B 383 36.58 -62.55 -16.04
N GLU B 384 37.25 -63.01 -17.09
CA GLU B 384 37.83 -62.16 -18.10
C GLU B 384 37.00 -61.04 -18.68
N PRO B 385 35.76 -61.35 -19.04
CA PRO B 385 34.84 -60.34 -19.63
C PRO B 385 34.67 -59.18 -18.65
N THR B 386 34.45 -59.54 -17.40
CA THR B 386 34.28 -58.69 -16.27
C THR B 386 35.52 -57.87 -15.97
N VAL B 387 36.61 -58.60 -15.84
CA VAL B 387 37.94 -58.00 -15.61
C VAL B 387 38.27 -57.06 -16.77
N LYS B 388 38.07 -57.42 -18.03
CA LYS B 388 38.38 -56.45 -19.09
C LYS B 388 37.48 -55.23 -18.94
N ALA B 389 36.22 -55.35 -18.57
CA ALA B 389 35.22 -54.28 -18.41
C ALA B 389 35.41 -53.34 -17.22
N VAL B 390 35.78 -53.82 -16.08
CA VAL B 390 36.00 -53.07 -14.87
C VAL B 390 37.19 -52.15 -15.18
N ASP B 391 38.23 -52.76 -15.74
CA ASP B 391 39.44 -51.96 -16.09
C ASP B 391 39.12 -50.78 -17.02
N LEU B 392 38.33 -51.00 -18.04
CA LEU B 392 37.97 -49.96 -18.97
C LEU B 392 37.45 -48.70 -18.27
N VAL B 393 36.51 -48.96 -17.40
CA VAL B 393 35.76 -48.06 -16.53
C VAL B 393 36.70 -47.34 -15.58
N LEU B 394 37.42 -47.99 -14.70
CA LEU B 394 38.32 -47.35 -13.74
C LEU B 394 39.37 -46.48 -14.43
N LYS B 395 39.67 -47.04 -15.59
CA LYS B 395 40.70 -46.44 -16.46
C LYS B 395 40.08 -45.16 -17.04
N THR B 396 38.81 -45.28 -17.37
CA THR B 396 38.10 -44.13 -17.91
C THR B 396 37.80 -43.14 -16.82
N LEU B 397 37.50 -43.50 -15.59
CA LEU B 397 37.24 -42.51 -14.55
C LEU B 397 38.51 -42.13 -13.78
N GLY B 398 39.58 -42.85 -14.11
CA GLY B 398 40.85 -42.63 -13.43
C GLY B 398 40.68 -42.81 -11.94
N VAL B 399 40.14 -43.93 -11.55
CA VAL B 399 39.97 -44.22 -10.09
C VAL B 399 40.41 -45.69 -10.03
N GLY B 400 40.48 -46.26 -8.85
CA GLY B 400 40.85 -47.66 -8.61
C GLY B 400 39.57 -48.42 -8.23
N PRO B 401 39.69 -49.70 -7.93
CA PRO B 401 38.59 -50.59 -7.58
C PRO B 401 37.91 -50.23 -6.26
N GLU B 402 38.60 -49.42 -5.49
CA GLU B 402 38.06 -48.99 -4.19
C GLU B 402 36.94 -47.97 -4.37
N ALA B 403 36.86 -47.44 -5.57
CA ALA B 403 35.85 -46.52 -6.05
C ALA B 403 34.60 -47.35 -6.35
N LEU B 404 34.78 -48.63 -6.56
CA LEU B 404 33.60 -49.51 -6.80
C LEU B 404 32.78 -49.62 -5.56
N PHE B 405 33.26 -49.53 -4.34
CA PHE B 405 32.41 -49.66 -3.12
C PHE B 405 31.62 -48.40 -2.83
N SER B 406 30.80 -47.87 -3.69
CA SER B 406 30.16 -46.58 -3.47
C SER B 406 28.92 -46.45 -4.31
N THR B 407 28.19 -45.35 -4.25
CA THR B 407 26.98 -45.19 -5.07
C THR B 407 27.33 -45.04 -6.54
N LEU B 408 28.51 -44.46 -6.70
CA LEU B 408 28.98 -44.32 -8.10
C LEU B 408 29.27 -45.73 -8.66
N GLY B 409 29.96 -46.53 -7.84
CA GLY B 409 30.33 -47.90 -8.22
C GLY B 409 29.15 -48.83 -8.49
N ARG B 410 28.13 -48.60 -7.71
CA ARG B 410 26.88 -49.36 -7.77
C ARG B 410 26.19 -49.10 -9.10
N THR B 411 26.42 -47.92 -9.62
CA THR B 411 25.90 -47.47 -10.89
C THR B 411 26.74 -47.86 -12.08
N ALA B 412 28.06 -47.82 -11.97
CA ALA B 412 28.91 -48.27 -13.11
C ALA B 412 28.78 -49.79 -13.22
N ALA B 413 28.74 -50.55 -12.12
CA ALA B 413 28.56 -52.02 -12.15
C ALA B 413 27.33 -52.48 -12.89
N ARG B 414 26.26 -51.76 -12.91
CA ARG B 414 25.03 -52.11 -13.63
C ARG B 414 25.34 -52.00 -15.12
N GLY B 415 26.25 -51.11 -15.44
CA GLY B 415 26.60 -50.85 -16.86
C GLY B 415 27.43 -52.02 -17.34
N ILE B 416 28.30 -52.48 -16.42
CA ILE B 416 29.18 -53.61 -16.63
C ILE B 416 28.36 -54.89 -16.71
N GLN B 417 27.46 -55.15 -15.78
CA GLN B 417 26.64 -56.35 -15.82
C GLN B 417 25.80 -56.38 -17.07
N CYS B 418 25.39 -55.24 -17.54
CA CYS B 418 24.52 -55.17 -18.73
C CYS B 418 25.31 -55.52 -19.95
N LEU B 419 26.59 -55.29 -20.01
CA LEU B 419 27.37 -55.57 -21.24
C LEU B 419 27.91 -56.98 -21.39
N THR B 420 28.24 -57.57 -20.24
CA THR B 420 28.79 -58.94 -20.16
C THR B 420 27.70 -59.93 -20.54
N ALA B 421 26.51 -59.64 -20.06
CA ALA B 421 25.30 -60.41 -20.42
C ALA B 421 25.13 -60.27 -21.95
N ALA B 422 25.13 -59.04 -22.42
CA ALA B 422 24.99 -58.71 -23.83
C ALA B 422 26.05 -59.44 -24.66
N GLN B 423 27.25 -59.59 -24.11
CA GLN B 423 28.30 -60.21 -24.93
C GLN B 423 27.99 -61.67 -25.07
N GLU B 424 27.54 -62.29 -24.00
CA GLU B 424 27.25 -63.72 -24.07
C GLU B 424 26.05 -64.15 -24.83
N VAL B 425 25.10 -63.30 -25.14
CA VAL B 425 23.89 -63.68 -25.86
C VAL B 425 24.25 -64.29 -27.21
N GLU B 426 25.31 -63.80 -27.82
CA GLU B 426 25.82 -64.24 -29.11
C GLU B 426 26.20 -65.71 -29.02
N VAL B 427 26.84 -66.14 -27.96
CA VAL B 427 27.28 -67.52 -27.70
C VAL B 427 26.11 -68.51 -27.68
N TRP B 428 25.12 -68.26 -26.84
CA TRP B 428 23.94 -69.12 -26.70
C TRP B 428 23.13 -69.21 -27.96
N LEU B 429 23.09 -68.12 -28.68
CA LEU B 429 22.27 -68.07 -29.92
C LEU B 429 22.79 -69.06 -30.96
N ASP B 430 24.10 -68.85 -31.09
CA ASP B 430 24.98 -69.60 -31.99
C ASP B 430 24.79 -71.09 -31.75
N LYS B 431 24.89 -71.54 -30.52
CA LYS B 431 24.68 -72.90 -30.11
C LYS B 431 23.24 -73.36 -30.38
N LEU B 432 22.32 -72.51 -29.89
CA LEU B 432 20.92 -72.89 -30.10
C LEU B 432 20.77 -73.26 -31.60
N GLU B 433 21.28 -72.37 -32.40
CA GLU B 433 21.17 -72.48 -33.85
C GLU B 433 21.84 -73.66 -34.51
N ALA B 434 23.00 -74.07 -34.02
CA ALA B 434 23.79 -75.18 -34.50
C ALA B 434 23.09 -76.51 -34.11
N ASN B 435 22.50 -76.47 -32.93
CA ASN B 435 21.78 -77.64 -32.47
C ASN B 435 20.56 -77.82 -33.39
N VAL B 436 19.93 -76.73 -33.74
CA VAL B 436 18.72 -76.95 -34.53
C VAL B 436 19.12 -77.40 -35.91
N LYS B 437 20.24 -76.88 -36.41
CA LYS B 437 20.75 -77.26 -37.75
C LYS B 437 21.10 -78.75 -37.78
N ALA B 438 21.68 -79.28 -36.73
CA ALA B 438 22.04 -80.69 -36.59
C ALA B 438 20.78 -81.54 -36.36
N GLY B 439 19.61 -80.93 -36.35
CA GLY B 439 18.35 -81.63 -36.10
C GLY B 439 18.03 -81.79 -34.62
N LYS B 440 18.89 -81.45 -33.68
CA LYS B 440 18.59 -81.54 -32.24
C LYS B 440 17.68 -80.38 -31.79
N ASP B 441 16.42 -80.70 -31.73
CA ASP B 441 15.31 -79.82 -31.44
C ASP B 441 14.47 -80.09 -30.20
N ASP B 442 14.90 -80.74 -29.19
CA ASP B 442 14.06 -81.00 -28.01
C ASP B 442 14.10 -79.82 -27.04
N LEU B 443 13.00 -79.48 -26.42
CA LEU B 443 12.79 -78.40 -25.48
C LEU B 443 12.17 -78.91 -24.20
N TYR B 444 11.68 -80.15 -24.17
CA TYR B 444 11.00 -80.64 -22.95
C TYR B 444 11.25 -82.03 -22.40
N THR B 445 11.34 -82.23 -21.08
CA THR B 445 11.54 -83.49 -20.43
C THR B 445 10.41 -83.82 -19.45
N ASP B 446 9.92 -85.05 -19.63
CA ASP B 446 8.81 -85.59 -18.85
C ASP B 446 9.29 -85.75 -17.42
N TRP B 447 8.35 -85.69 -16.50
CA TRP B 447 8.68 -85.73 -15.06
C TRP B 447 7.48 -86.21 -14.26
N GLN B 448 7.74 -86.55 -13.01
CA GLN B 448 6.59 -87.03 -12.20
C GLN B 448 6.83 -86.50 -10.81
N TYR B 449 5.78 -86.33 -10.00
CA TYR B 449 6.13 -85.78 -8.68
C TYR B 449 6.58 -86.81 -7.68
N PRO B 450 7.61 -86.59 -6.87
CA PRO B 450 7.84 -87.49 -5.74
C PRO B 450 6.61 -87.31 -4.79
N THR B 451 6.55 -88.28 -3.87
CA THR B 451 5.48 -88.28 -2.84
C THR B 451 5.50 -86.98 -2.04
N GLU B 452 6.63 -86.61 -1.51
CA GLU B 452 6.94 -85.45 -0.71
C GLU B 452 8.31 -84.96 -1.22
N SER B 453 8.60 -83.73 -1.51
CA SER B 453 9.89 -83.23 -1.97
C SER B 453 9.96 -81.71 -1.65
N GLN B 454 11.12 -81.15 -1.75
CA GLN B 454 11.47 -79.74 -1.51
C GLN B 454 12.46 -79.31 -2.59
N GLY B 455 12.44 -78.05 -3.03
CA GLY B 455 13.37 -77.68 -4.15
C GLY B 455 13.67 -76.21 -4.05
N VAL B 456 14.79 -75.78 -4.63
CA VAL B 456 15.10 -74.33 -4.61
C VAL B 456 15.54 -73.92 -6.02
N GLY B 457 15.16 -72.74 -6.45
CA GLY B 457 15.48 -72.12 -7.76
C GLY B 457 16.30 -70.87 -7.47
N PHE B 458 17.49 -70.76 -7.97
CA PHE B 458 18.39 -69.65 -7.75
C PHE B 458 18.49 -68.88 -9.07
N VAL B 459 18.11 -67.62 -9.00
CA VAL B 459 18.20 -66.79 -10.22
C VAL B 459 19.01 -65.55 -9.85
N ASN B 460 19.82 -65.04 -10.73
CA ASN B 460 20.55 -63.78 -10.46
C ASN B 460 19.76 -62.80 -11.40
N ALA B 461 18.71 -62.20 -10.85
CA ALA B 461 17.85 -61.27 -11.58
C ALA B 461 18.66 -60.01 -11.82
N PRO B 462 18.20 -59.10 -12.68
CA PRO B 462 18.91 -57.82 -12.85
C PRO B 462 19.19 -57.14 -11.53
N ARG B 463 18.42 -57.32 -10.46
CA ARG B 463 18.65 -56.67 -9.17
C ARG B 463 19.35 -57.48 -8.11
N GLY B 464 19.78 -58.66 -8.54
CA GLY B 464 20.52 -59.56 -7.66
C GLY B 464 19.90 -60.92 -7.44
N MET B 465 20.30 -61.53 -6.33
CA MET B 465 19.93 -62.87 -5.94
C MET B 465 18.52 -63.18 -5.54
N LEU B 466 17.88 -63.93 -6.45
CA LEU B 466 16.50 -64.40 -6.29
C LEU B 466 16.46 -65.92 -6.06
N SER B 467 15.63 -66.33 -5.10
CA SER B 467 15.46 -67.74 -4.79
C SER B 467 14.02 -68.02 -4.38
N HIS B 468 13.46 -69.03 -5.04
CA HIS B 468 12.09 -69.54 -4.80
C HIS B 468 12.23 -70.89 -4.14
N TRP B 469 11.57 -71.05 -3.01
CA TRP B 469 11.67 -72.32 -2.23
C TRP B 469 10.34 -73.04 -2.16
N ILE B 470 10.31 -74.31 -2.53
CA ILE B 470 9.04 -75.05 -2.47
C ILE B 470 9.17 -76.33 -1.66
N VAL B 471 8.08 -76.69 -1.04
CA VAL B 471 7.89 -77.90 -0.27
C VAL B 471 6.55 -78.46 -0.75
N GLN B 472 6.61 -79.57 -1.43
CA GLN B 472 5.41 -80.22 -1.96
C GLN B 472 5.15 -81.60 -1.35
N ARG B 473 3.91 -82.00 -1.37
CA ARG B 473 3.44 -83.33 -0.90
C ARG B 473 2.24 -83.69 -1.77
N GLY B 474 2.23 -84.69 -2.64
CA GLY B 474 1.10 -85.07 -3.45
C GLY B 474 0.82 -84.18 -4.64
N GLY B 475 1.82 -83.41 -5.09
CA GLY B 475 1.57 -82.49 -6.22
C GLY B 475 0.73 -81.28 -5.75
N LYS B 476 0.80 -80.92 -4.50
CA LYS B 476 0.16 -79.80 -3.84
C LYS B 476 1.23 -79.03 -3.03
N ILE B 477 1.24 -77.73 -3.06
CA ILE B 477 2.19 -76.90 -2.34
C ILE B 477 1.84 -76.84 -0.87
N GLU B 478 2.80 -77.17 -0.06
CA GLU B 478 2.73 -77.15 1.40
C GLU B 478 3.31 -75.81 1.85
N ASN B 479 4.40 -75.37 1.22
CA ASN B 479 5.13 -74.13 1.46
C ASN B 479 5.78 -73.66 0.14
N PHE B 480 5.69 -72.36 -0.10
CA PHE B 480 6.26 -71.62 -1.23
C PHE B 480 6.73 -70.26 -0.67
N GLN B 481 8.03 -70.04 -0.54
CA GLN B 481 8.68 -68.84 -0.06
C GLN B 481 9.55 -68.26 -1.20
N LEU B 482 9.46 -66.96 -1.40
CA LEU B 482 10.26 -66.15 -2.30
C LEU B 482 11.21 -65.23 -1.43
N VAL B 483 12.47 -65.19 -1.79
CA VAL B 483 13.41 -64.30 -1.09
C VAL B 483 14.02 -63.51 -2.27
N VAL B 484 13.64 -62.27 -2.41
CA VAL B 484 13.98 -61.39 -3.54
C VAL B 484 15.12 -60.45 -3.24
N PRO B 485 15.87 -60.09 -4.29
CA PRO B 485 17.03 -59.21 -4.16
C PRO B 485 16.62 -57.92 -3.46
N SER B 486 15.54 -57.25 -3.86
CA SER B 486 15.18 -56.01 -3.17
C SER B 486 14.83 -56.30 -1.73
N THR B 487 14.57 -57.52 -1.31
CA THR B 487 14.23 -57.81 0.12
C THR B 487 15.57 -57.69 0.88
N TRP B 488 16.66 -58.12 0.24
CA TRP B 488 18.00 -58.05 0.77
C TRP B 488 18.41 -56.57 0.94
N ASN B 489 18.51 -55.83 -0.17
CA ASN B 489 18.91 -54.45 -0.26
C ASN B 489 18.04 -53.44 0.52
N LEU B 490 16.75 -53.49 0.39
CA LEU B 490 15.82 -52.56 1.00
C LEU B 490 14.98 -52.99 2.19
N GLY B 491 15.21 -54.08 2.85
CA GLY B 491 14.43 -54.56 3.97
C GLY B 491 14.84 -53.74 5.19
N PRO B 492 14.03 -53.86 6.24
CA PRO B 492 14.27 -53.17 7.50
C PRO B 492 15.41 -53.85 8.23
N ARG B 493 15.63 -53.51 9.49
CA ARG B 493 16.67 -54.08 10.31
C ARG B 493 16.15 -55.47 10.72
N CYS B 494 17.14 -56.22 11.19
CA CYS B 494 16.91 -57.59 11.65
C CYS B 494 16.74 -57.46 13.16
N ALA B 495 16.64 -58.63 13.75
CA ALA B 495 16.45 -58.78 15.21
C ALA B 495 17.69 -58.26 15.91
N GLU B 496 18.84 -58.43 15.29
CA GLU B 496 20.08 -57.98 15.91
C GLU B 496 20.21 -56.50 15.65
N GLY B 497 19.13 -55.91 15.14
CA GLY B 497 19.12 -54.48 14.82
C GLY B 497 20.11 -54.03 13.78
N LYS B 498 20.61 -54.84 12.87
CA LYS B 498 21.51 -54.39 11.82
C LYS B 498 20.72 -53.74 10.66
N LEU B 499 21.29 -52.69 10.09
CA LEU B 499 20.78 -51.86 9.04
C LEU B 499 20.91 -52.61 7.72
N SER B 500 19.87 -52.55 6.89
CA SER B 500 19.92 -53.24 5.59
C SER B 500 20.88 -52.44 4.72
N ALA B 501 21.30 -52.93 3.57
CA ALA B 501 22.23 -52.21 2.72
C ALA B 501 21.79 -50.82 2.33
N VAL B 502 20.51 -50.57 2.07
CA VAL B 502 20.10 -49.19 1.67
C VAL B 502 20.20 -48.23 2.87
N GLU B 503 19.70 -48.68 4.01
CA GLU B 503 19.74 -47.86 5.21
C GLU B 503 21.18 -47.48 5.46
N GLN B 504 22.09 -48.41 5.43
CA GLN B 504 23.53 -48.19 5.71
C GLN B 504 24.16 -47.34 4.63
N ALA B 505 23.78 -47.51 3.38
CA ALA B 505 24.37 -46.67 2.34
C ALA B 505 23.96 -45.22 2.58
N LEU B 506 22.83 -44.97 3.23
CA LEU B 506 22.32 -43.61 3.41
C LEU B 506 23.13 -42.78 4.38
N ILE B 507 23.55 -43.41 5.47
CA ILE B 507 24.26 -42.75 6.54
C ILE B 507 25.48 -42.00 5.98
N GLY B 508 25.64 -40.73 6.32
CA GLY B 508 26.74 -39.92 5.83
C GLY B 508 26.38 -39.12 4.61
N THR B 509 25.37 -39.45 3.84
CA THR B 509 25.03 -38.65 2.66
C THR B 509 24.79 -37.18 3.09
N PRO B 510 25.41 -36.31 2.33
CA PRO B 510 25.28 -34.85 2.51
C PRO B 510 24.01 -34.38 1.80
N ILE B 511 23.23 -33.49 2.39
CA ILE B 511 22.00 -32.94 1.79
C ILE B 511 22.13 -31.41 1.64
N ALA B 512 22.18 -30.95 0.39
CA ALA B 512 22.30 -29.52 0.02
C ALA B 512 21.04 -28.75 0.44
N ASP B 513 19.93 -29.03 -0.22
CA ASP B 513 18.61 -28.49 0.01
C ASP B 513 17.70 -29.63 0.52
N PRO B 514 17.36 -29.55 1.78
CA PRO B 514 16.50 -30.55 2.43
C PRO B 514 15.09 -30.53 1.88
N LYS B 515 14.73 -29.45 1.22
CA LYS B 515 13.40 -29.29 0.62
C LYS B 515 13.34 -29.97 -0.75
N ARG B 516 14.51 -30.31 -1.27
CA ARG B 516 14.64 -31.00 -2.57
C ARG B 516 15.87 -31.91 -2.45
N PRO B 517 15.72 -32.99 -1.71
CA PRO B 517 16.81 -33.91 -1.37
C PRO B 517 17.05 -35.07 -2.31
N VAL B 518 17.61 -34.67 -3.46
CA VAL B 518 17.98 -35.56 -4.53
C VAL B 518 19.15 -36.44 -4.07
N GLU B 519 19.88 -36.00 -3.06
CA GLU B 519 21.00 -36.91 -2.66
C GLU B 519 20.45 -38.18 -2.10
N ILE B 520 19.24 -38.21 -1.55
CA ILE B 520 18.67 -39.46 -1.06
C ILE B 520 18.24 -40.35 -2.26
N LEU B 521 17.72 -39.79 -3.31
CA LEU B 521 17.29 -40.44 -4.51
C LEU B 521 18.47 -41.08 -5.25
N ARG B 522 19.59 -40.39 -5.25
CA ARG B 522 20.74 -40.91 -5.99
C ARG B 522 21.15 -42.22 -5.38
N THR B 523 21.15 -42.28 -4.07
CA THR B 523 21.53 -43.44 -3.32
C THR B 523 20.44 -44.51 -3.43
N VAL B 524 19.22 -44.19 -3.14
CA VAL B 524 18.11 -45.13 -3.21
C VAL B 524 18.01 -45.70 -4.62
N HIS B 525 18.08 -44.87 -5.62
CA HIS B 525 17.98 -45.34 -7.01
C HIS B 525 19.12 -46.20 -7.51
N SER B 526 20.31 -46.05 -6.94
CA SER B 526 21.47 -46.82 -7.41
C SER B 526 21.24 -48.31 -7.17
N TYR B 527 20.37 -48.62 -6.20
CA TYR B 527 19.98 -49.95 -5.84
C TYR B 527 18.87 -50.49 -6.75
N ASP B 528 18.33 -49.67 -7.60
CA ASP B 528 17.20 -50.16 -8.46
C ASP B 528 16.12 -50.83 -7.63
N PRO B 529 15.52 -50.18 -6.61
CA PRO B 529 14.51 -50.80 -5.81
C PRO B 529 13.34 -51.30 -6.61
N CYS B 530 12.78 -52.40 -6.12
CA CYS B 530 11.58 -53.02 -6.70
C CYS B 530 10.78 -53.47 -5.47
N ILE B 531 9.84 -52.64 -5.09
CA ILE B 531 9.04 -52.90 -3.88
C ILE B 531 8.06 -54.01 -4.11
N ALA B 532 7.53 -54.22 -5.29
CA ALA B 532 6.58 -55.27 -5.63
C ALA B 532 7.29 -56.64 -5.41
N CYS B 533 8.53 -56.77 -5.85
CA CYS B 533 9.38 -57.90 -5.72
C CYS B 533 9.82 -58.04 -4.25
N GLY B 534 10.26 -56.98 -3.60
CA GLY B 534 10.72 -57.16 -2.26
C GLY B 534 9.71 -57.66 -1.29
N VAL B 535 8.43 -57.36 -1.43
CA VAL B 535 7.40 -57.78 -0.50
C VAL B 535 6.50 -58.94 -0.95
N HIS B 536 6.20 -58.94 -2.24
CA HIS B 536 5.32 -59.93 -2.86
C HIS B 536 4.11 -60.10 -1.93
N LYS C 4 -48.63 80.19 42.81
CA LYS C 4 -49.33 80.40 41.53
C LYS C 4 -50.43 79.40 41.24
N LYS C 5 -50.82 79.38 39.97
CA LYS C 5 -51.90 78.53 39.48
C LYS C 5 -51.90 77.09 39.93
N ARG C 6 -51.11 76.28 39.25
CA ARG C 6 -51.08 74.85 39.53
C ARG C 6 -50.37 74.48 40.83
N PRO C 7 -50.94 73.49 41.50
CA PRO C 7 -50.42 72.95 42.75
C PRO C 7 -49.04 72.38 42.46
N SER C 8 -48.22 72.65 43.44
CA SER C 8 -46.80 72.40 43.53
C SER C 8 -46.48 71.05 44.14
N VAL C 9 -45.58 70.39 43.40
CA VAL C 9 -45.09 69.07 43.76
C VAL C 9 -43.56 69.09 43.82
N VAL C 10 -43.06 68.54 44.89
CA VAL C 10 -41.58 68.42 45.10
C VAL C 10 -41.35 66.90 45.20
N TYR C 11 -40.56 66.36 44.30
CA TYR C 11 -40.27 64.90 44.11
C TYR C 11 -38.88 64.53 44.53
N LEU C 12 -38.80 63.77 45.67
CA LEU C 12 -37.49 63.36 46.23
C LEU C 12 -37.05 61.94 45.85
N HIS C 13 -35.81 61.76 45.51
CA HIS C 13 -35.24 60.44 45.14
C HIS C 13 -34.25 60.00 46.24
N ASN C 14 -34.53 58.91 46.93
CA ASN C 14 -33.75 58.31 47.99
C ASN C 14 -33.04 57.02 47.57
N ALA C 15 -33.15 55.95 48.33
CA ALA C 15 -32.53 54.64 47.99
C ALA C 15 -33.55 53.92 47.05
N GLU C 16 -33.38 54.19 45.78
CA GLU C 16 -34.22 53.76 44.69
C GLU C 16 -33.46 53.29 43.46
N CYS C 17 -34.23 52.75 42.55
CA CYS C 17 -33.76 52.22 41.28
C CYS C 17 -34.23 53.09 40.12
N THR C 18 -35.15 54.01 40.43
CA THR C 18 -35.72 54.97 39.50
C THR C 18 -36.79 54.33 38.65
N GLY C 19 -37.19 53.14 38.96
CA GLY C 19 -38.26 52.49 38.18
C GLY C 19 -39.59 53.12 38.62
N CYS C 20 -39.62 53.80 39.76
CA CYS C 20 -40.86 54.45 40.27
C CYS C 20 -41.08 55.70 39.42
N SER C 21 -40.01 56.46 39.14
CA SER C 21 -40.18 57.61 38.21
C SER C 21 -40.46 57.11 36.79
N GLU C 22 -39.82 56.13 36.18
CA GLU C 22 -40.20 55.71 34.83
C GLU C 22 -41.62 55.25 34.79
N SER C 23 -42.18 54.64 35.81
CA SER C 23 -43.61 54.22 35.78
C SER C 23 -44.49 55.42 35.60
N VAL C 24 -44.10 56.51 36.11
CA VAL C 24 -44.83 57.75 36.06
C VAL C 24 -44.98 58.29 34.65
N LEU C 25 -43.90 58.31 33.85
CA LEU C 25 -43.78 58.70 32.45
C LEU C 25 -44.70 57.86 31.57
N ARG C 26 -45.19 56.73 32.09
CA ARG C 26 -46.07 55.80 31.37
C ARG C 26 -47.54 56.13 31.50
N THR C 27 -47.90 57.04 32.37
CA THR C 27 -49.26 57.54 32.54
C THR C 27 -49.86 57.90 31.17
N VAL C 28 -51.15 57.64 31.07
CA VAL C 28 -51.97 57.84 29.85
C VAL C 28 -53.26 58.47 30.36
N ASP C 29 -53.81 59.47 29.64
CA ASP C 29 -55.06 60.12 30.11
C ASP C 29 -55.04 60.40 31.63
N PRO C 30 -54.24 61.36 32.08
CA PRO C 30 -53.40 62.23 31.28
C PRO C 30 -52.02 61.74 31.01
N TYR C 31 -51.49 62.20 29.89
CA TYR C 31 -50.11 61.86 29.52
C TYR C 31 -49.26 62.74 30.42
N VAL C 32 -48.01 62.49 30.60
CA VAL C 32 -47.12 63.21 31.47
C VAL C 32 -46.97 64.68 31.12
N ASP C 33 -47.14 65.04 29.89
CA ASP C 33 -47.09 66.43 29.34
C ASP C 33 -48.30 67.23 29.90
N GLU C 34 -49.48 66.64 29.83
CA GLU C 34 -50.71 67.23 30.37
C GLU C 34 -50.57 67.39 31.89
N LEU C 35 -49.99 66.40 32.53
CA LEU C 35 -49.76 66.35 33.98
C LEU C 35 -48.89 67.55 34.39
N ILE C 36 -47.69 67.58 33.93
CA ILE C 36 -46.61 68.55 34.13
C ILE C 36 -46.91 69.95 33.64
N LEU C 37 -47.70 70.14 32.63
CA LEU C 37 -48.03 71.45 32.10
C LEU C 37 -49.47 71.85 32.40
N ASP C 38 -50.36 71.02 32.86
CA ASP C 38 -51.72 71.51 33.07
C ASP C 38 -52.27 71.10 34.44
N VAL C 39 -51.78 70.00 35.00
CA VAL C 39 -52.39 69.59 36.28
C VAL C 39 -51.60 70.02 37.51
N ILE C 40 -50.28 69.88 37.46
CA ILE C 40 -49.51 70.22 38.64
C ILE C 40 -48.30 71.05 38.19
N SER C 41 -47.58 71.47 39.21
CA SER C 41 -46.34 72.15 38.90
C SER C 41 -45.22 71.27 39.46
N MET C 42 -44.46 70.65 38.58
CA MET C 42 -43.32 69.78 39.01
C MET C 42 -42.16 70.69 39.34
N ASP C 43 -42.06 71.13 40.56
CA ASP C 43 -41.01 72.07 40.97
C ASP C 43 -39.63 71.54 41.18
N TYR C 44 -39.52 70.31 41.65
CA TYR C 44 -38.24 69.63 41.91
C TYR C 44 -38.34 68.17 41.48
N HIS C 45 -37.47 67.79 40.55
CA HIS C 45 -37.46 66.38 40.07
C HIS C 45 -36.11 66.13 39.42
N GLU C 46 -35.16 65.57 40.09
CA GLU C 46 -33.81 65.33 39.69
C GLU C 46 -33.61 64.73 38.33
N THR C 47 -34.51 63.88 37.93
CA THR C 47 -34.43 63.17 36.67
C THR C 47 -34.74 63.96 35.42
N LEU C 48 -35.52 65.01 35.55
CA LEU C 48 -35.96 65.77 34.39
C LEU C 48 -35.48 67.19 34.35
N MET C 49 -34.80 67.62 35.39
CA MET C 49 -34.39 69.02 35.46
C MET C 49 -33.41 69.57 34.48
N ALA C 50 -33.65 70.81 34.04
CA ALA C 50 -32.75 71.48 33.09
C ALA C 50 -31.42 71.90 33.75
N GLY C 51 -31.54 72.60 34.88
CA GLY C 51 -30.31 73.10 35.59
C GLY C 51 -29.72 71.96 36.39
N ALA C 52 -28.58 72.02 36.98
CA ALA C 52 -27.96 70.97 37.78
C ALA C 52 -27.23 71.64 38.95
N GLY C 53 -26.66 70.88 39.83
CA GLY C 53 -25.87 71.34 41.00
C GLY C 53 -26.65 72.30 41.82
N HIS C 54 -26.09 73.36 42.28
CA HIS C 54 -26.72 74.38 43.12
C HIS C 54 -27.91 75.05 42.45
N ALA C 55 -28.09 75.14 41.13
CA ALA C 55 -29.32 75.79 40.59
C ALA C 55 -30.60 75.09 41.04
N VAL C 56 -30.54 73.75 41.10
CA VAL C 56 -31.60 72.84 41.50
C VAL C 56 -31.79 72.85 43.03
N GLU C 57 -30.74 72.94 43.81
CA GLU C 57 -30.89 73.00 45.26
C GLU C 57 -31.52 74.30 45.75
N GLU C 58 -31.36 75.38 45.03
CA GLU C 58 -31.95 76.68 45.33
C GLU C 58 -33.42 76.58 45.00
N ALA C 59 -33.77 75.85 43.97
CA ALA C 59 -35.15 75.57 43.57
C ALA C 59 -35.91 74.72 44.58
N LEU C 60 -35.24 73.66 45.03
CA LEU C 60 -35.92 72.82 46.03
C LEU C 60 -36.15 73.77 47.21
N HIS C 61 -35.12 74.48 47.64
CA HIS C 61 -35.16 75.41 48.80
C HIS C 61 -36.28 76.44 48.81
N GLU C 62 -36.59 77.03 47.67
CA GLU C 62 -37.68 77.99 47.57
C GLU C 62 -39.00 77.29 47.41
N ALA C 63 -39.02 76.16 46.73
CA ALA C 63 -40.35 75.50 46.59
C ALA C 63 -40.92 75.09 47.94
N ILE C 64 -40.06 74.65 48.88
CA ILE C 64 -40.52 74.19 50.19
C ILE C 64 -41.02 75.27 51.12
N LYS C 65 -40.84 76.52 50.68
CA LYS C 65 -41.31 77.69 51.45
C LYS C 65 -42.80 77.83 51.25
N GLY C 66 -43.42 77.26 50.23
CA GLY C 66 -44.81 77.31 49.94
C GLY C 66 -45.63 76.10 50.34
N ASP C 67 -46.74 76.06 49.60
CA ASP C 67 -47.78 75.05 49.71
C ASP C 67 -47.52 73.96 48.69
N PHE C 68 -47.09 72.80 49.22
CA PHE C 68 -46.79 71.72 48.25
C PHE C 68 -47.11 70.34 48.81
N VAL C 69 -47.15 69.44 47.82
CA VAL C 69 -47.31 68.02 48.09
C VAL C 69 -45.88 67.44 47.87
N CYS C 70 -45.52 66.57 48.79
CA CYS C 70 -44.19 65.91 48.73
C CYS C 70 -44.35 64.45 48.26
N VAL C 71 -43.59 64.11 47.24
CA VAL C 71 -43.55 62.78 46.64
C VAL C 71 -42.17 62.23 47.01
N ILE C 72 -42.13 61.16 47.74
CA ILE C 72 -40.85 60.55 48.09
C ILE C 72 -40.70 59.19 47.39
N GLU C 73 -39.74 58.95 46.56
CA GLU C 73 -39.44 57.67 45.90
C GLU C 73 -38.20 57.08 46.58
N GLY C 74 -38.15 55.80 46.89
CA GLY C 74 -37.00 55.12 47.50
C GLY C 74 -37.10 55.00 49.00
N GLY C 75 -36.31 54.11 49.59
CA GLY C 75 -36.36 53.90 51.04
C GLY C 75 -35.34 54.88 51.59
N ILE C 76 -35.37 55.08 52.91
CA ILE C 76 -34.41 56.00 53.57
C ILE C 76 -33.38 55.22 54.38
N PRO C 77 -32.11 55.31 54.01
CA PRO C 77 -31.03 54.64 54.72
C PRO C 77 -30.81 55.34 56.05
N MET C 78 -30.75 54.44 57.04
CA MET C 78 -30.57 54.94 58.41
C MET C 78 -29.53 54.26 59.24
N GLY C 79 -28.85 53.27 58.71
CA GLY C 79 -27.84 52.63 59.51
C GLY C 79 -26.58 53.51 59.39
N ASP C 80 -25.91 53.34 60.51
CA ASP C 80 -24.63 53.93 60.90
C ASP C 80 -24.75 55.44 60.73
N GLY C 81 -25.94 55.95 60.80
CA GLY C 81 -26.08 57.39 60.62
C GLY C 81 -26.67 57.79 59.27
N GLY C 82 -26.85 56.86 58.35
CA GLY C 82 -27.46 57.18 57.06
C GLY C 82 -26.52 57.79 56.05
N TYR C 83 -25.22 57.58 56.19
CA TYR C 83 -24.34 58.18 55.16
C TYR C 83 -24.30 57.42 53.86
N TRP C 84 -24.92 56.28 53.74
CA TRP C 84 -25.06 55.34 52.62
C TRP C 84 -25.75 55.94 51.39
N GLY C 85 -26.56 56.94 51.71
CA GLY C 85 -27.36 57.68 50.69
C GLY C 85 -27.18 59.18 50.92
N LYS C 86 -26.57 59.85 49.98
CA LYS C 86 -26.31 61.27 49.97
C LYS C 86 -26.71 61.95 48.63
N VAL C 87 -27.20 63.16 48.80
CA VAL C 87 -27.53 64.06 47.71
C VAL C 87 -26.84 65.40 48.07
N GLY C 88 -25.89 65.91 47.36
CA GLY C 88 -25.32 67.21 47.80
C GLY C 88 -24.36 67.16 48.98
N GLY C 89 -24.15 65.96 49.51
CA GLY C 89 -23.28 65.75 50.67
C GLY C 89 -24.20 65.55 51.88
N ARG C 90 -25.47 65.82 51.72
CA ARG C 90 -26.41 65.66 52.83
C ARG C 90 -27.05 64.28 52.86
N ASN C 91 -27.15 63.57 53.95
CA ASN C 91 -27.79 62.29 54.04
C ASN C 91 -29.24 62.45 53.64
N MET C 92 -29.76 61.45 52.95
CA MET C 92 -31.15 61.35 52.50
C MET C 92 -32.09 61.54 53.69
N TYR C 93 -31.81 60.95 54.82
CA TYR C 93 -32.73 61.13 55.96
C TYR C 93 -32.76 62.61 56.32
N ASP C 94 -31.67 63.35 56.27
CA ASP C 94 -31.66 64.80 56.63
C ASP C 94 -32.50 65.59 55.62
N ILE C 95 -32.32 65.37 54.33
CA ILE C 95 -33.16 66.08 53.35
C ILE C 95 -34.64 65.82 53.59
N CYS C 96 -35.10 64.62 53.77
CA CYS C 96 -36.46 64.21 54.03
C CYS C 96 -37.03 64.75 55.32
N ALA C 97 -36.19 64.71 56.32
CA ALA C 97 -36.64 65.21 57.67
C ALA C 97 -36.97 66.71 57.57
N GLU C 98 -36.25 67.42 56.69
CA GLU C 98 -36.42 68.82 56.43
C GLU C 98 -37.60 69.07 55.52
N VAL C 99 -37.70 68.38 54.40
CA VAL C 99 -38.76 68.60 53.45
C VAL C 99 -40.12 68.08 53.78
N ALA C 100 -40.20 66.80 54.07
CA ALA C 100 -41.46 66.09 54.29
C ALA C 100 -42.41 66.76 55.23
N PRO C 101 -42.00 67.12 56.43
CA PRO C 101 -42.85 67.76 57.43
C PRO C 101 -43.39 69.11 56.99
N LYS C 102 -42.77 69.82 56.04
CA LYS C 102 -43.38 71.09 55.61
C LYS C 102 -44.42 70.93 54.52
N ALA C 103 -44.64 69.76 53.95
CA ALA C 103 -45.61 69.49 52.86
C ALA C 103 -47.06 69.43 53.28
N LYS C 104 -48.01 69.67 52.41
CA LYS C 104 -49.41 69.56 52.80
C LYS C 104 -49.91 68.11 52.91
N ALA C 105 -49.23 67.23 52.19
CA ALA C 105 -49.45 65.83 52.06
C ALA C 105 -48.12 65.24 51.57
N VAL C 106 -47.88 64.03 51.97
CA VAL C 106 -46.67 63.28 51.55
C VAL C 106 -47.21 62.00 50.88
N ILE C 107 -46.64 61.68 49.77
CA ILE C 107 -47.03 60.46 49.04
C ILE C 107 -45.79 59.55 48.93
N ALA C 108 -45.81 58.34 49.49
CA ALA C 108 -44.68 57.39 49.40
C ALA C 108 -44.91 56.58 48.12
N ILE C 109 -44.08 56.66 47.08
CA ILE C 109 -44.27 55.94 45.80
C ILE C 109 -43.37 54.73 45.69
N GLY C 110 -43.94 53.54 45.50
CA GLY C 110 -43.07 52.34 45.35
C GLY C 110 -42.90 51.66 46.69
N THR C 111 -42.83 50.34 46.67
CA THR C 111 -42.65 49.53 47.89
C THR C 111 -41.44 49.92 48.67
N CYS C 112 -40.47 50.52 48.01
CA CYS C 112 -39.27 50.96 48.76
C CYS C 112 -39.60 52.15 49.65
N ALA C 113 -40.28 53.17 49.13
CA ALA C 113 -40.64 54.35 49.93
C ALA C 113 -41.67 53.98 50.97
N THR C 114 -42.62 53.14 50.61
CA THR C 114 -43.69 52.72 51.51
C THR C 114 -43.22 51.83 52.61
N TYR C 115 -42.48 50.74 52.29
CA TYR C 115 -41.98 49.79 53.27
C TYR C 115 -40.49 49.55 53.35
N GLY C 116 -39.57 49.90 52.53
CA GLY C 116 -38.14 49.57 52.75
C GLY C 116 -37.52 49.08 51.44
N GLY C 117 -38.27 48.22 50.77
CA GLY C 117 -38.00 47.64 49.49
C GLY C 117 -36.81 46.73 49.40
N VAL C 118 -36.37 46.60 48.17
CA VAL C 118 -35.23 45.71 47.84
C VAL C 118 -34.03 45.89 48.71
N GLN C 119 -33.51 47.09 48.94
CA GLN C 119 -32.33 47.29 49.79
C GLN C 119 -32.57 46.98 51.27
N ALA C 120 -33.84 46.83 51.63
CA ALA C 120 -34.22 46.50 53.01
C ALA C 120 -34.34 44.96 53.16
N ALA C 121 -34.24 44.15 52.13
CA ALA C 121 -34.29 42.69 52.26
C ALA C 121 -33.07 42.33 53.10
N LYS C 122 -33.11 41.16 53.73
CA LYS C 122 -32.00 40.66 54.60
C LYS C 122 -30.68 40.61 53.83
N PRO C 123 -29.59 41.01 54.41
CA PRO C 123 -29.49 41.52 55.77
C PRO C 123 -29.58 43.04 55.95
N ASN C 124 -30.14 43.76 54.97
CA ASN C 124 -30.29 45.23 55.03
C ASN C 124 -28.98 45.92 55.42
N PRO C 125 -27.99 45.81 54.56
CA PRO C 125 -26.68 46.41 54.86
C PRO C 125 -26.71 47.88 55.32
N THR C 126 -27.59 48.70 54.70
CA THR C 126 -27.71 50.13 54.91
C THR C 126 -28.75 50.60 55.91
N GLY C 127 -29.48 49.73 56.52
CA GLY C 127 -30.50 50.11 57.50
C GLY C 127 -31.65 50.88 56.85
N THR C 128 -32.01 50.62 55.60
CA THR C 128 -33.09 51.31 54.95
C THR C 128 -34.45 50.97 55.51
N VAL C 129 -35.35 51.97 55.53
CA VAL C 129 -36.69 51.85 56.04
C VAL C 129 -37.61 52.71 55.16
N GLY C 130 -38.91 52.49 55.30
CA GLY C 130 -39.85 53.29 54.50
C GLY C 130 -40.01 54.62 55.23
N VAL C 131 -40.74 55.47 54.60
CA VAL C 131 -41.09 56.83 54.96
C VAL C 131 -41.76 56.93 56.28
N ASN C 132 -42.96 56.36 56.42
CA ASN C 132 -43.63 56.41 57.75
C ASN C 132 -42.75 55.78 58.84
N GLU C 133 -41.88 54.81 58.60
CA GLU C 133 -41.08 54.25 59.69
C GLU C 133 -39.99 55.23 60.05
N ALA C 134 -39.42 55.92 59.08
CA ALA C 134 -38.35 56.87 59.36
C ALA C 134 -38.80 58.21 59.89
N LEU C 135 -39.81 58.79 59.32
CA LEU C 135 -40.33 60.10 59.67
C LEU C 135 -41.63 60.22 60.45
N GLY C 136 -42.23 59.12 60.84
CA GLY C 136 -43.48 59.03 61.57
C GLY C 136 -43.35 59.91 62.80
N LYS C 137 -42.24 59.88 63.48
CA LYS C 137 -41.97 60.68 64.66
C LYS C 137 -41.81 62.18 64.37
N LEU C 138 -41.79 62.72 63.18
CA LEU C 138 -41.65 64.10 62.78
C LEU C 138 -43.06 64.48 62.34
N GLY C 139 -43.95 63.54 62.56
CA GLY C 139 -45.36 63.71 62.24
C GLY C 139 -45.71 63.30 60.82
N VAL C 140 -44.84 62.71 60.02
CA VAL C 140 -45.19 62.30 58.63
C VAL C 140 -46.01 61.00 58.70
N LYS C 141 -47.12 61.08 58.03
CA LYS C 141 -48.12 60.07 57.80
C LYS C 141 -48.31 60.07 56.27
N ALA C 142 -47.48 59.40 55.49
CA ALA C 142 -47.56 59.32 54.05
C ALA C 142 -48.61 58.40 53.50
N ILE C 143 -49.13 58.67 52.35
CA ILE C 143 -50.12 57.80 51.63
C ILE C 143 -49.19 56.76 50.98
N ASN C 144 -49.46 55.46 51.17
CA ASN C 144 -48.51 54.50 50.57
C ASN C 144 -48.96 53.97 49.22
N ILE C 145 -48.33 54.25 48.10
CA ILE C 145 -48.72 53.68 46.80
C ILE C 145 -47.72 52.53 46.59
N ALA C 146 -48.17 51.35 46.92
CA ALA C 146 -47.35 50.11 46.82
C ALA C 146 -47.29 49.50 45.42
N GLY C 147 -46.20 48.74 45.27
CA GLY C 147 -45.92 48.10 43.98
C GLY C 147 -44.43 48.44 43.73
N CYS C 148 -43.92 47.61 42.80
CA CYS C 148 -42.50 47.64 42.45
C CYS C 148 -42.25 47.53 40.97
N PRO C 149 -42.62 48.53 40.19
CA PRO C 149 -43.28 49.78 40.64
C PRO C 149 -44.81 49.67 40.60
N PRO C 150 -45.53 50.68 41.13
CA PRO C 150 -46.98 50.70 41.18
C PRO C 150 -47.51 50.93 39.79
N ASN C 151 -48.77 50.71 39.56
CA ASN C 151 -49.44 51.00 38.26
C ASN C 151 -49.44 52.50 38.10
N PRO C 152 -49.08 53.14 37.00
CA PRO C 152 -49.09 54.61 36.86
C PRO C 152 -50.41 55.18 37.33
N MET C 153 -51.49 54.53 37.06
CA MET C 153 -52.85 54.88 37.44
C MET C 153 -53.04 55.12 38.93
N ASN C 154 -52.39 54.31 39.75
CA ASN C 154 -52.57 54.40 41.20
C ASN C 154 -51.86 55.59 41.80
N PHE C 155 -50.82 56.05 41.13
CA PHE C 155 -50.08 57.20 41.70
C PHE C 155 -50.74 58.49 41.21
N VAL C 156 -50.92 58.63 39.92
CA VAL C 156 -51.53 59.80 39.30
C VAL C 156 -52.98 59.93 39.73
N GLY C 157 -53.70 58.89 39.91
CA GLY C 157 -55.11 58.85 40.30
C GLY C 157 -55.20 59.26 41.75
N THR C 158 -54.14 59.08 42.50
CA THR C 158 -54.15 59.53 43.89
C THR C 158 -53.79 61.01 43.97
N VAL C 159 -52.87 61.49 43.15
CA VAL C 159 -52.51 62.90 43.11
C VAL C 159 -53.78 63.64 42.73
N VAL C 160 -54.33 63.28 41.59
CA VAL C 160 -55.56 63.98 41.14
C VAL C 160 -56.67 63.90 42.16
N HIS C 161 -56.80 62.80 42.90
CA HIS C 161 -57.87 62.63 43.91
C HIS C 161 -57.68 63.64 45.02
N LEU C 162 -56.44 63.61 45.47
CA LEU C 162 -55.98 64.46 46.55
C LEU C 162 -56.27 65.91 46.21
N LEU C 163 -56.12 66.26 44.96
CA LEU C 163 -56.28 67.61 44.42
C LEU C 163 -57.72 67.90 44.12
N THR C 164 -58.53 66.89 43.90
CA THR C 164 -59.94 67.16 43.55
C THR C 164 -60.86 66.87 44.70
N LYS C 165 -60.86 65.64 45.18
CA LYS C 165 -61.70 65.21 46.28
C LYS C 165 -61.09 65.20 47.63
N GLY C 166 -59.81 65.18 47.91
CA GLY C 166 -59.35 65.16 49.32
C GLY C 166 -58.60 63.88 49.57
N MET C 167 -58.37 63.61 50.83
CA MET C 167 -57.61 62.44 51.29
C MET C 167 -58.32 61.09 51.11
N PRO C 168 -57.71 60.18 50.36
CA PRO C 168 -58.38 58.89 50.13
C PRO C 168 -58.38 58.07 51.40
N GLU C 169 -59.35 57.15 51.48
CA GLU C 169 -59.43 56.23 52.63
C GLU C 169 -58.25 55.24 52.42
N LEU C 170 -57.58 54.95 53.51
CA LEU C 170 -56.45 54.04 53.46
C LEU C 170 -56.70 52.69 54.13
N ASP C 171 -55.91 51.69 53.87
CA ASP C 171 -56.03 50.37 54.51
C ASP C 171 -55.03 50.48 55.65
N LYS C 172 -54.86 49.47 56.47
CA LYS C 172 -53.91 49.59 57.59
C LYS C 172 -52.46 49.63 57.14
N GLN C 173 -52.28 49.37 55.88
CA GLN C 173 -50.91 49.30 55.33
C GLN C 173 -50.61 50.63 54.69
N GLY C 174 -51.52 51.55 54.82
CA GLY C 174 -51.39 52.90 54.29
C GLY C 174 -51.80 53.03 52.85
N ARG C 175 -52.38 52.04 52.18
CA ARG C 175 -52.67 52.19 50.77
C ARG C 175 -54.09 52.58 50.53
N PRO C 176 -54.35 53.45 49.56
CA PRO C 176 -55.69 53.88 49.23
C PRO C 176 -56.56 52.68 48.91
N VAL C 177 -57.55 52.38 49.74
CA VAL C 177 -58.47 51.28 49.44
C VAL C 177 -59.06 51.34 48.03
N MET C 178 -59.16 52.48 47.36
CA MET C 178 -59.79 52.51 46.04
C MET C 178 -59.00 51.72 45.00
N PHE C 179 -57.73 51.52 45.27
CA PHE C 179 -56.83 50.84 44.33
C PHE C 179 -56.31 49.49 44.87
N PHE C 180 -56.03 49.37 46.14
CA PHE C 180 -55.51 48.25 46.84
C PHE C 180 -56.57 47.57 47.71
N GLY C 181 -57.85 47.69 47.44
CA GLY C 181 -58.86 47.04 48.29
C GLY C 181 -59.15 45.59 48.02
N GLU C 182 -58.77 45.05 46.88
CA GLU C 182 -59.02 43.60 46.57
C GLU C 182 -57.73 42.93 46.16
N THR C 183 -57.68 41.62 46.33
CA THR C 183 -56.42 40.92 45.99
C THR C 183 -56.36 40.69 44.50
N VAL C 184 -55.19 40.47 43.99
CA VAL C 184 -55.00 40.18 42.53
C VAL C 184 -55.80 38.92 42.15
N HIS C 185 -55.86 37.95 43.05
CA HIS C 185 -56.51 36.65 42.83
C HIS C 185 -57.98 36.78 42.55
N ASP C 186 -58.61 37.68 43.33
CA ASP C 186 -60.03 37.94 43.25
C ASP C 186 -60.38 38.49 41.90
N ASN C 187 -59.48 39.07 41.17
CA ASN C 187 -59.79 39.57 39.83
C ASN C 187 -59.05 38.82 38.76
N CYS C 188 -58.26 37.83 39.14
CA CYS C 188 -57.51 37.08 38.14
C CYS C 188 -58.39 36.30 37.19
N PRO C 189 -58.21 36.39 35.89
CA PRO C 189 -58.93 35.58 34.91
C PRO C 189 -58.57 34.08 34.94
N ARG C 190 -57.47 33.65 35.54
CA ARG C 190 -57.11 32.23 35.59
C ARG C 190 -57.87 31.65 36.77
N LEU C 191 -58.73 32.47 37.39
CA LEU C 191 -59.57 32.05 38.55
C LEU C 191 -60.53 30.91 38.14
N LYS C 192 -60.89 30.92 36.86
CA LYS C 192 -61.75 29.88 36.29
C LYS C 192 -60.98 28.55 36.40
N HIS C 193 -59.74 28.52 35.99
CA HIS C 193 -58.89 27.33 36.09
C HIS C 193 -58.73 26.86 37.52
N PHE C 194 -58.58 27.77 38.40
CA PHE C 194 -58.36 27.59 39.84
C PHE C 194 -59.56 26.90 40.49
N GLU C 195 -60.66 27.52 40.13
CA GLU C 195 -61.93 27.03 40.67
C GLU C 195 -62.15 25.61 40.14
N ALA C 196 -61.76 25.31 38.92
CA ALA C 196 -61.87 24.04 38.26
C ALA C 196 -60.80 23.04 38.73
N GLY C 197 -59.90 23.45 39.58
CA GLY C 197 -58.88 22.52 40.07
C GLY C 197 -57.92 22.18 38.99
N GLU C 198 -57.53 23.16 38.18
CA GLU C 198 -56.57 23.05 37.08
C GLU C 198 -55.36 23.96 37.25
N PHE C 199 -54.21 23.39 37.58
CA PHE C 199 -52.95 23.92 37.95
C PHE C 199 -51.76 23.49 37.10
N ALA C 200 -50.83 24.43 36.91
CA ALA C 200 -49.61 24.15 36.18
C ALA C 200 -48.59 23.81 37.27
N THR C 201 -47.80 22.74 37.05
CA THR C 201 -46.78 22.33 38.01
C THR C 201 -45.41 22.51 37.36
N SER C 202 -45.41 22.94 36.10
CA SER C 202 -44.13 23.25 35.46
C SER C 202 -44.48 24.20 34.29
N PHE C 203 -43.47 25.01 34.03
CA PHE C 203 -43.50 26.04 32.99
C PHE C 203 -43.52 25.44 31.62
N GLY C 204 -42.94 24.30 31.34
CA GLY C 204 -42.98 23.77 29.98
C GLY C 204 -44.07 22.74 29.71
N SER C 205 -44.93 22.47 30.62
CA SER C 205 -46.02 21.51 30.52
C SER C 205 -47.24 21.99 29.77
N PRO C 206 -48.05 21.05 29.31
CA PRO C 206 -49.27 21.36 28.59
C PRO C 206 -50.23 22.22 29.37
N GLU C 207 -50.16 22.11 30.68
CA GLU C 207 -51.09 22.92 31.54
C GLU C 207 -50.70 24.40 31.54
N ALA C 208 -49.41 24.70 31.51
CA ALA C 208 -48.69 25.97 31.43
C ALA C 208 -49.09 26.62 30.10
N LYS C 209 -48.96 25.76 29.06
CA LYS C 209 -49.36 26.20 27.71
C LYS C 209 -50.84 26.50 27.64
N LYS C 210 -51.66 25.89 28.47
CA LYS C 210 -53.13 26.06 28.44
C LYS C 210 -53.52 27.22 29.35
N GLY C 211 -52.57 27.82 30.06
CA GLY C 211 -52.87 28.96 30.89
C GLY C 211 -53.58 28.56 32.15
N TYR C 212 -53.15 27.44 32.72
CA TYR C 212 -53.80 27.02 33.99
C TYR C 212 -53.29 27.91 35.12
N CYS C 213 -53.85 27.78 36.31
CA CYS C 213 -53.46 28.54 37.52
C CYS C 213 -52.02 28.26 37.89
N LEU C 214 -51.26 29.25 38.32
CA LEU C 214 -49.84 29.23 38.69
C LEU C 214 -49.64 29.10 40.17
N TYR C 215 -50.68 28.83 40.93
CA TYR C 215 -50.60 28.72 42.36
C TYR C 215 -49.47 27.81 42.79
N GLU C 216 -49.39 26.62 42.15
CA GLU C 216 -48.38 25.61 42.49
C GLU C 216 -47.00 26.05 42.13
N LEU C 217 -46.91 26.95 41.17
CA LEU C 217 -45.70 27.60 40.67
C LEU C 217 -45.41 28.90 41.44
N GLY C 218 -45.94 29.10 42.61
CA GLY C 218 -45.71 30.17 43.53
C GLY C 218 -46.46 31.46 43.36
N CYS C 219 -47.53 31.52 42.64
CA CYS C 219 -48.31 32.73 42.47
C CYS C 219 -48.75 33.18 43.85
N LYS C 220 -48.45 34.43 44.17
CA LYS C 220 -48.75 35.02 45.49
C LYS C 220 -49.99 35.88 45.40
N GLY C 221 -50.67 35.77 44.28
CA GLY C 221 -51.90 36.41 43.99
C GLY C 221 -52.90 36.39 45.12
N PRO C 222 -53.22 35.28 45.77
CA PRO C 222 -54.22 35.23 46.84
C PRO C 222 -53.87 36.11 48.02
N ASP C 223 -52.62 36.51 48.14
CA ASP C 223 -52.16 37.34 49.23
C ASP C 223 -51.86 38.77 48.84
N THR C 224 -51.92 39.18 47.60
CA THR C 224 -51.49 40.49 47.20
C THR C 224 -52.63 41.43 46.87
N TYR C 225 -52.54 42.61 47.48
CA TYR C 225 -53.55 43.63 47.18
C TYR C 225 -53.05 44.56 46.11
N ASN C 226 -53.73 44.50 44.98
CA ASN C 226 -53.27 45.39 43.87
C ASN C 226 -54.36 45.26 42.83
N ASN C 227 -54.37 46.02 41.80
CA ASN C 227 -55.40 45.99 40.75
C ASN C 227 -54.89 45.67 39.35
N CYS C 228 -53.83 44.93 39.31
CA CYS C 228 -53.12 44.47 38.14
C CYS C 228 -54.00 43.84 37.09
N PRO C 229 -54.78 42.84 37.45
CA PRO C 229 -55.65 42.14 36.49
C PRO C 229 -56.66 43.06 35.82
N LYS C 230 -57.28 43.96 36.57
CA LYS C 230 -58.28 44.87 36.00
C LYS C 230 -57.66 46.07 35.32
N GLN C 231 -56.57 46.68 35.79
CA GLN C 231 -56.02 47.83 35.07
C GLN C 231 -55.02 47.49 34.00
N LEU C 232 -54.31 46.38 34.17
CA LEU C 232 -53.26 46.01 33.19
C LEU C 232 -52.14 47.04 33.43
N PHE C 233 -51.07 46.83 32.74
CA PHE C 233 -49.86 47.62 32.70
C PHE C 233 -49.67 47.96 31.20
N ASN C 234 -49.28 49.20 30.92
CA ASN C 234 -49.01 49.63 29.52
C ASN C 234 -50.26 49.46 28.66
N GLN C 235 -51.34 49.42 29.39
CA GLN C 235 -52.69 49.26 28.80
C GLN C 235 -52.65 47.88 28.07
N VAL C 236 -51.75 46.97 28.41
CA VAL C 236 -51.66 45.72 27.63
C VAL C 236 -51.42 44.40 28.28
N ASN C 237 -50.80 44.23 29.42
CA ASN C 237 -50.48 42.94 30.02
C ASN C 237 -50.23 43.04 31.51
N TRP C 238 -50.09 41.92 32.19
CA TRP C 238 -49.76 41.82 33.61
C TRP C 238 -49.08 40.44 33.75
N PRO C 239 -48.27 40.33 34.78
CA PRO C 239 -47.47 39.12 35.01
C PRO C 239 -48.15 37.82 34.72
N VAL C 240 -49.29 37.49 35.25
CA VAL C 240 -50.02 36.24 35.17
C VAL C 240 -50.52 35.94 33.79
N GLN C 241 -50.86 36.99 33.09
CA GLN C 241 -51.26 36.90 31.66
C GLN C 241 -50.01 36.49 30.85
N ALA C 242 -48.82 36.92 31.24
CA ALA C 242 -47.57 36.57 30.55
C ALA C 242 -47.01 35.25 31.10
N GLY C 243 -47.91 34.57 31.78
CA GLY C 243 -47.72 33.28 32.41
C GLY C 243 -46.74 33.23 33.52
N HIS C 244 -46.48 34.34 34.18
CA HIS C 244 -45.52 34.31 35.33
C HIS C 244 -46.35 34.57 36.57
N PRO C 245 -46.05 33.84 37.63
CA PRO C 245 -46.81 34.05 38.89
C PRO C 245 -46.54 35.46 39.44
N CYS C 246 -47.48 35.94 40.23
CA CYS C 246 -47.42 37.20 40.96
C CYS C 246 -46.40 37.03 42.09
N ILE C 247 -45.47 37.96 42.28
CA ILE C 247 -44.47 37.90 43.34
C ILE C 247 -44.86 38.73 44.56
N ALA C 248 -46.07 39.16 44.75
CA ALA C 248 -46.53 39.96 45.90
C ALA C 248 -45.75 41.25 46.01
N CYS C 249 -45.53 41.94 44.92
CA CYS C 249 -44.69 43.17 44.87
C CYS C 249 -45.27 44.41 45.53
N SER C 250 -46.49 44.44 45.98
CA SER C 250 -47.15 45.55 46.61
C SER C 250 -47.32 45.27 48.08
N GLU C 251 -46.65 44.25 48.64
CA GLU C 251 -46.82 43.93 50.04
C GLU C 251 -45.57 44.17 50.86
N PRO C 252 -45.84 44.60 52.10
CA PRO C 252 -44.74 44.79 53.06
C PRO C 252 -43.94 43.49 53.12
N ASN C 253 -42.64 43.63 53.06
CA ASN C 253 -41.61 42.61 53.14
C ASN C 253 -41.69 41.51 52.13
N PHE C 254 -42.30 41.74 51.00
CA PHE C 254 -42.43 40.65 50.01
C PHE C 254 -41.13 39.94 49.74
N TRP C 255 -40.03 40.64 49.68
CA TRP C 255 -38.69 40.17 49.33
C TRP C 255 -38.25 39.02 50.18
N ASP C 256 -38.65 39.04 51.42
CA ASP C 256 -38.28 38.01 52.41
C ASP C 256 -39.50 37.13 52.72
N LEU C 257 -40.62 37.81 52.89
CA LEU C 257 -41.85 37.08 53.22
C LEU C 257 -42.35 36.17 52.10
N TYR C 258 -42.17 36.53 50.85
CA TYR C 258 -42.72 35.81 49.72
C TYR C 258 -41.76 35.14 48.79
N SER C 259 -40.52 35.14 49.16
CA SER C 259 -39.47 34.44 48.35
C SER C 259 -39.22 33.20 49.21
N PRO C 260 -38.83 32.05 48.68
CA PRO C 260 -38.59 31.70 47.29
C PRO C 260 -39.88 31.77 46.49
N PHE C 261 -39.76 32.56 45.47
CA PHE C 261 -40.84 32.93 44.58
C PHE C 261 -41.55 31.83 43.83
N TYR C 262 -40.93 30.74 43.47
CA TYR C 262 -41.56 29.72 42.65
C TYR C 262 -42.07 28.54 43.43
N SER C 263 -42.36 28.82 44.68
CA SER C 263 -42.92 27.74 45.52
C SER C 263 -43.98 28.37 46.40
N ALA C 264 -45.09 27.68 46.52
CA ALA C 264 -46.24 28.08 47.33
C ALA C 264 -45.76 28.02 48.81
N ASN D 7 -8.75 76.09 41.05
CA ASN D 7 -10.05 76.08 41.73
C ASN D 7 -10.92 74.95 41.13
N LYS D 8 -11.83 74.57 42.00
CA LYS D 8 -12.77 73.49 41.81
C LYS D 8 -14.16 73.97 41.44
N ILE D 9 -14.85 73.06 40.76
CA ILE D 9 -16.21 73.22 40.35
C ILE D 9 -16.85 71.89 40.80
N VAL D 10 -17.91 71.97 41.55
CA VAL D 10 -18.60 70.75 41.95
C VAL D 10 -20.03 70.80 41.40
N VAL D 11 -20.45 69.68 40.79
CA VAL D 11 -21.85 69.63 40.28
C VAL D 11 -22.52 68.46 41.05
N ASP D 12 -23.39 68.80 41.99
CA ASP D 12 -24.11 67.89 42.84
C ASP D 12 -25.48 68.42 43.30
N PRO D 13 -26.60 67.83 42.88
CA PRO D 13 -26.64 66.68 41.98
C PRO D 13 -26.44 66.96 40.51
N ILE D 14 -25.98 65.93 39.82
CA ILE D 14 -25.95 66.00 38.34
C ILE D 14 -27.42 65.57 38.05
N THR D 15 -28.23 66.28 37.32
CA THR D 15 -29.61 65.98 36.99
C THR D 15 -29.67 65.32 35.63
N ARG D 16 -30.82 64.87 35.19
CA ARG D 16 -30.94 64.22 33.87
C ARG D 16 -30.09 63.01 33.63
N ILE D 17 -29.88 62.20 34.63
CA ILE D 17 -29.20 60.92 34.72
C ILE D 17 -30.10 60.09 35.69
N GLU D 18 -29.71 58.86 35.93
CA GLU D 18 -30.32 57.91 36.86
C GLU D 18 -29.40 57.83 38.11
N GLY D 19 -29.95 57.99 39.30
CA GLY D 19 -29.15 57.84 40.51
C GLY D 19 -28.40 59.04 40.98
N HIS D 20 -27.61 58.82 42.02
CA HIS D 20 -26.87 59.91 42.67
C HIS D 20 -25.45 60.04 42.29
N LEU D 21 -25.10 61.05 41.50
CA LEU D 21 -23.72 61.31 41.10
C LEU D 21 -23.27 62.73 41.50
N ARG D 22 -22.04 62.86 41.90
CA ARG D 22 -21.48 64.19 42.22
C ARG D 22 -20.23 64.35 41.38
N ILE D 23 -20.02 65.43 40.67
CA ILE D 23 -18.79 65.60 39.87
C ILE D 23 -17.97 66.75 40.45
N GLU D 24 -16.72 66.50 40.67
CA GLU D 24 -15.84 67.57 41.17
C GLU D 24 -14.70 67.68 40.15
N VAL D 25 -14.43 68.89 39.71
CA VAL D 25 -13.34 69.19 38.78
C VAL D 25 -12.48 70.37 39.24
N GLU D 26 -11.26 70.31 38.75
CA GLU D 26 -10.23 71.31 38.93
C GLU D 26 -10.10 72.04 37.58
N VAL D 27 -10.28 73.34 37.60
CA VAL D 27 -10.14 74.17 36.37
C VAL D 27 -8.80 74.91 36.48
N GLU D 28 -8.26 75.27 35.35
CA GLU D 28 -6.95 75.94 35.19
C GLU D 28 -6.95 76.48 33.77
N GLY D 29 -7.02 77.81 33.64
CA GLY D 29 -7.02 78.40 32.30
C GLY D 29 -8.26 78.08 31.47
N GLY D 30 -9.38 77.97 32.17
CA GLY D 30 -10.71 77.72 31.59
C GLY D 30 -10.94 76.29 31.12
N LYS D 31 -9.99 75.45 31.49
CA LYS D 31 -10.09 74.06 31.03
C LYS D 31 -10.03 73.09 32.21
N ILE D 32 -10.80 72.02 32.09
CA ILE D 32 -10.78 71.01 33.16
C ILE D 32 -9.37 70.46 33.15
N LYS D 33 -8.70 70.42 34.25
CA LYS D 33 -7.37 69.90 34.46
C LYS D 33 -7.32 68.60 35.25
N ASN D 34 -8.26 68.26 36.10
CA ASN D 34 -8.42 67.04 36.87
C ASN D 34 -9.91 66.74 37.13
N ALA D 35 -10.21 65.49 37.42
CA ALA D 35 -11.68 65.19 37.64
C ALA D 35 -11.89 63.96 38.52
N TRP D 36 -12.99 63.93 39.24
CA TRP D 36 -13.35 62.86 40.16
C TRP D 36 -14.85 62.56 39.97
N SER D 37 -15.17 61.30 39.77
CA SER D 37 -16.59 60.87 39.54
C SER D 37 -17.06 60.26 40.85
N MET D 38 -17.99 60.93 41.55
CA MET D 38 -18.37 60.45 42.90
C MET D 38 -19.77 59.86 42.96
N SER D 39 -19.93 58.56 43.11
CA SER D 39 -21.23 57.91 43.20
C SER D 39 -21.60 57.92 44.67
N THR D 40 -22.71 58.52 45.04
CA THR D 40 -23.15 58.73 46.41
C THR D 40 -24.28 57.95 47.03
N LEU D 41 -24.73 56.84 46.47
CA LEU D 41 -25.75 56.00 47.10
C LEU D 41 -25.26 54.53 47.02
N PHE D 42 -25.37 53.74 48.05
CA PHE D 42 -24.98 52.32 48.05
C PHE D 42 -26.24 51.54 48.47
N ARG D 43 -26.64 50.50 47.80
CA ARG D 43 -27.83 49.72 48.21
C ARG D 43 -27.39 48.34 48.72
N GLY D 44 -26.37 47.75 48.11
CA GLY D 44 -25.72 46.47 48.43
C GLY D 44 -26.44 45.22 48.01
N LEU D 45 -26.79 45.07 46.77
CA LEU D 45 -27.59 43.97 46.21
C LEU D 45 -26.83 42.67 46.26
N GLU D 46 -25.55 42.69 45.97
CA GLU D 46 -24.74 41.46 46.05
C GLU D 46 -24.70 40.94 47.48
N MET D 47 -24.72 41.74 48.53
CA MET D 47 -24.73 41.27 49.93
C MET D 47 -26.06 40.60 50.29
N ILE D 48 -27.16 41.02 49.74
CA ILE D 48 -28.51 40.57 49.97
C ILE D 48 -28.81 39.23 49.31
N LEU D 49 -28.18 39.00 48.19
CA LEU D 49 -28.24 37.79 47.37
C LEU D 49 -27.59 36.59 48.10
N LYS D 50 -26.47 36.77 48.78
CA LYS D 50 -25.71 35.80 49.51
C LYS D 50 -26.64 34.77 50.16
N GLY D 51 -26.44 33.52 49.88
CA GLY D 51 -27.20 32.42 50.39
C GLY D 51 -28.58 32.22 49.91
N ARG D 52 -29.08 32.95 48.94
CA ARG D 52 -30.47 32.79 48.44
C ARG D 52 -30.52 31.75 47.36
N ASP D 53 -31.67 31.43 46.87
CA ASP D 53 -31.99 30.55 45.80
C ASP D 53 -31.69 31.22 44.45
N PRO D 54 -30.81 30.62 43.65
CA PRO D 54 -30.46 31.19 42.36
C PRO D 54 -31.71 31.53 41.58
N ARG D 55 -32.84 30.88 41.73
CA ARG D 55 -34.08 31.20 40.98
C ARG D 55 -34.74 32.53 41.32
N ASP D 56 -34.41 33.10 42.45
CA ASP D 56 -34.85 34.39 43.00
C ASP D 56 -33.90 35.50 42.50
N ALA D 57 -32.64 35.24 42.26
CA ALA D 57 -31.71 36.25 41.80
C ALA D 57 -32.29 37.24 40.82
N GLN D 58 -32.87 36.73 39.72
CA GLN D 58 -33.40 37.59 38.66
C GLN D 58 -34.35 38.66 39.16
N HIS D 59 -35.15 38.36 40.17
CA HIS D 59 -36.12 39.35 40.63
C HIS D 59 -35.46 40.44 41.46
N PHE D 60 -34.43 40.10 42.22
CA PHE D 60 -33.68 41.01 43.04
C PHE D 60 -32.82 41.89 42.10
N THR D 61 -32.06 41.29 41.19
CA THR D 61 -31.14 41.96 40.35
C THR D 61 -31.79 42.92 39.40
N GLN D 62 -32.97 42.49 38.96
CA GLN D 62 -33.65 43.42 38.05
C GLN D 62 -33.80 44.81 38.65
N ARG D 63 -33.95 44.91 39.96
CA ARG D 63 -34.16 46.13 40.73
C ARG D 63 -32.89 46.93 40.94
N ALA D 64 -31.82 46.51 40.30
CA ALA D 64 -30.58 47.32 40.43
C ALA D 64 -30.84 48.64 39.70
N CYS D 65 -31.76 48.60 38.75
CA CYS D 65 -32.18 49.71 37.93
C CYS D 65 -33.47 49.55 37.15
N GLY D 66 -34.34 50.53 37.21
CA GLY D 66 -35.62 50.61 36.52
C GLY D 66 -35.67 51.39 35.23
N VAL D 67 -34.57 51.96 34.81
CA VAL D 67 -34.37 52.70 33.55
C VAL D 67 -33.93 51.64 32.52
N CYS D 68 -32.87 50.93 32.81
CA CYS D 68 -32.39 49.80 32.02
C CYS D 68 -32.99 48.53 32.70
N THR D 69 -34.30 48.54 32.74
CA THR D 69 -35.22 47.55 33.29
C THR D 69 -35.10 46.32 32.40
N TYR D 70 -35.30 45.10 32.92
CA TYR D 70 -35.14 43.91 32.04
C TYR D 70 -33.71 43.44 31.84
N VAL D 71 -32.73 44.18 31.37
CA VAL D 71 -31.33 43.77 31.12
C VAL D 71 -30.68 42.97 32.24
N HIS D 72 -30.93 43.26 33.51
CA HIS D 72 -30.41 42.54 34.66
C HIS D 72 -31.23 41.27 34.86
N ALA D 73 -32.50 41.26 34.52
CA ALA D 73 -33.28 40.01 34.64
C ALA D 73 -32.60 39.01 33.69
N LEU D 74 -32.35 39.43 32.45
CA LEU D 74 -31.67 38.68 31.41
C LEU D 74 -30.27 38.20 31.81
N ALA D 75 -29.38 39.07 32.26
CA ALA D 75 -28.00 38.69 32.62
C ALA D 75 -28.08 37.66 33.75
N SER D 76 -29.04 37.75 34.66
CA SER D 76 -29.20 36.84 35.77
C SER D 76 -29.69 35.45 35.31
N VAL D 77 -30.73 35.41 34.49
CA VAL D 77 -31.24 34.18 33.95
C VAL D 77 -30.14 33.63 33.02
N ARG D 78 -29.33 34.44 32.37
CA ARG D 78 -28.28 33.88 31.50
C ARG D 78 -27.18 33.29 32.35
N ALA D 79 -26.85 33.83 33.49
CA ALA D 79 -25.80 33.38 34.39
C ALA D 79 -26.25 32.08 35.06
N VAL D 80 -27.50 31.91 35.39
CA VAL D 80 -27.97 30.69 36.04
C VAL D 80 -28.20 29.63 34.98
N ASP D 81 -28.60 30.02 33.74
CA ASP D 81 -28.82 29.08 32.62
C ASP D 81 -27.43 28.43 32.42
N ASN D 82 -26.40 29.20 32.24
CA ASN D 82 -25.02 28.83 32.04
C ASN D 82 -24.48 27.99 33.21
N CYS D 83 -24.78 28.39 34.44
CA CYS D 83 -24.14 27.57 35.50
C CYS D 83 -24.81 26.22 35.73
N VAL D 84 -25.91 25.91 35.13
CA VAL D 84 -26.77 24.73 35.23
C VAL D 84 -26.81 23.92 33.94
N GLY D 85 -26.12 24.39 32.94
CA GLY D 85 -25.91 23.95 31.61
C GLY D 85 -27.12 23.88 30.71
N VAL D 86 -28.19 24.57 30.97
CA VAL D 86 -29.44 24.55 30.19
C VAL D 86 -29.33 25.35 28.92
N LYS D 87 -29.97 24.73 27.97
CA LYS D 87 -30.13 25.08 26.55
C LYS D 87 -31.61 25.44 26.34
N ILE D 88 -31.88 26.76 26.32
CA ILE D 88 -33.26 27.21 26.19
C ILE D 88 -33.69 27.07 24.74
N PRO D 89 -34.97 26.90 24.50
CA PRO D 89 -35.51 26.77 23.17
C PRO D 89 -35.37 28.03 22.34
N GLU D 90 -35.32 27.81 21.04
CA GLU D 90 -35.18 28.89 20.05
C GLU D 90 -36.21 30.00 20.26
N ASN D 91 -37.44 29.72 20.50
CA ASN D 91 -38.46 30.74 20.70
C ASN D 91 -38.10 31.47 21.98
N ALA D 92 -37.42 30.88 22.95
CA ALA D 92 -37.21 31.74 24.16
C ALA D 92 -36.06 32.68 23.83
N THR D 93 -35.17 32.20 22.95
CA THR D 93 -34.04 33.02 22.53
C THR D 93 -34.61 34.18 21.73
N LEU D 94 -35.43 33.97 20.74
CA LEU D 94 -36.03 35.01 19.93
C LEU D 94 -36.81 36.06 20.75
N MET D 95 -37.64 35.60 21.66
CA MET D 95 -38.49 36.45 22.55
C MET D 95 -37.65 37.30 23.50
N ARG D 96 -36.51 36.81 24.00
CA ARG D 96 -35.60 37.49 24.87
C ARG D 96 -34.89 38.58 24.09
N ASN D 97 -34.64 38.37 22.83
CA ASN D 97 -34.00 39.28 21.89
C ASN D 97 -34.97 40.39 21.44
N LEU D 98 -36.19 40.02 21.22
CA LEU D 98 -37.13 41.06 20.83
C LEU D 98 -37.35 42.05 21.97
N THR D 99 -37.39 41.59 23.19
CA THR D 99 -37.63 42.36 24.38
C THR D 99 -36.43 43.28 24.57
N MET D 100 -35.25 42.85 24.23
CA MET D 100 -34.04 43.67 24.43
C MET D 100 -34.00 44.70 23.31
N GLY D 101 -34.47 44.34 22.15
CA GLY D 101 -34.48 45.23 20.98
C GLY D 101 -35.41 46.40 21.34
N ALA D 102 -36.57 46.04 21.81
CA ALA D 102 -37.55 47.04 22.25
C ALA D 102 -36.97 47.92 23.39
N GLN D 103 -36.13 47.41 24.25
CA GLN D 103 -35.51 48.13 25.38
C GLN D 103 -34.50 49.14 24.77
N TYR D 104 -33.81 48.80 23.70
CA TYR D 104 -32.87 49.75 23.11
C TYR D 104 -33.71 50.87 22.45
N MET D 105 -34.71 50.47 21.71
CA MET D 105 -35.57 51.45 21.03
C MET D 105 -36.01 52.56 21.98
N HIS D 106 -36.57 52.26 23.11
CA HIS D 106 -37.10 53.08 24.17
C HIS D 106 -36.04 53.88 24.91
N ASP D 107 -35.07 53.17 25.45
CA ASP D 107 -33.98 53.70 26.26
C ASP D 107 -33.33 54.89 25.53
N HIS D 108 -32.81 54.66 24.36
CA HIS D 108 -32.13 55.58 23.48
C HIS D 108 -32.90 56.85 23.11
N LEU D 109 -34.12 56.70 22.75
CA LEU D 109 -35.05 57.75 22.44
C LEU D 109 -35.24 58.61 23.71
N VAL D 110 -35.52 57.98 24.84
CA VAL D 110 -35.71 58.77 26.08
C VAL D 110 -34.39 59.44 26.40
N HIS D 111 -33.24 58.83 26.29
CA HIS D 111 -32.01 59.51 26.62
C HIS D 111 -31.86 60.76 25.76
N PHE D 112 -31.94 60.58 24.45
CA PHE D 112 -31.69 61.71 23.55
C PHE D 112 -32.53 62.93 23.88
N TYR D 113 -33.84 62.81 23.93
CA TYR D 113 -34.75 63.89 24.16
C TYR D 113 -34.97 64.41 25.55
N HIS D 114 -35.20 63.61 26.56
CA HIS D 114 -35.51 64.08 27.91
C HIS D 114 -34.33 64.15 28.80
N LEU D 115 -33.28 63.43 28.51
CA LEU D 115 -32.09 63.40 29.36
C LEU D 115 -31.00 64.27 28.80
N HIS D 116 -30.64 64.26 27.57
CA HIS D 116 -29.60 64.97 26.88
C HIS D 116 -29.95 66.22 26.10
N ALA D 117 -30.98 66.30 25.32
CA ALA D 117 -31.29 67.47 24.48
C ALA D 117 -31.08 68.80 25.19
N LEU D 118 -31.61 68.95 26.39
CA LEU D 118 -31.48 70.18 27.18
C LEU D 118 -30.10 70.67 27.48
N ASP D 119 -28.99 70.21 26.99
CA ASP D 119 -27.63 70.68 27.24
C ASP D 119 -27.16 71.39 25.93
N TRP D 120 -27.98 71.15 24.90
CA TRP D 120 -27.65 71.70 23.59
C TRP D 120 -28.74 72.65 23.10
N VAL D 121 -29.93 72.49 23.59
CA VAL D 121 -31.10 73.25 23.23
C VAL D 121 -31.54 74.25 24.29
N ASN D 122 -31.76 75.48 23.81
CA ASN D 122 -32.28 76.57 24.69
C ASN D 122 -33.79 76.59 24.45
N VAL D 123 -34.55 75.92 25.29
CA VAL D 123 -36.00 75.85 25.12
C VAL D 123 -36.62 77.25 25.08
N ALA D 124 -36.12 78.23 25.83
CA ALA D 124 -36.63 79.59 25.90
C ALA D 124 -36.60 80.39 24.60
N ASN D 125 -35.65 80.07 23.77
CA ASN D 125 -35.35 80.70 22.49
C ASN D 125 -36.33 80.29 21.40
N ALA D 126 -36.93 79.16 21.66
CA ALA D 126 -37.92 78.58 20.74
C ALA D 126 -39.03 79.62 20.54
N LEU D 127 -39.21 80.46 21.52
CA LEU D 127 -40.20 81.53 21.61
C LEU D 127 -39.92 82.66 20.62
N ASN D 128 -38.69 82.74 20.18
CA ASN D 128 -38.15 83.68 19.23
C ASN D 128 -38.12 83.06 17.83
N ALA D 129 -38.57 81.83 17.64
CA ALA D 129 -38.47 81.26 16.26
C ALA D 129 -39.64 81.71 15.43
N ASP D 130 -39.48 81.72 14.12
CA ASP D 130 -40.60 82.05 13.15
C ASP D 130 -41.05 80.62 12.80
N PRO D 131 -42.22 80.25 13.23
CA PRO D 131 -42.76 78.90 13.08
C PRO D 131 -42.80 78.41 11.65
N ALA D 132 -43.04 79.34 10.74
CA ALA D 132 -43.13 79.00 9.30
C ALA D 132 -41.74 78.69 8.80
N LYS D 133 -40.82 79.44 9.39
CA LYS D 133 -39.39 79.20 8.93
C LYS D 133 -38.91 77.95 9.62
N ALA D 134 -39.39 77.65 10.83
CA ALA D 134 -39.02 76.42 11.53
C ALA D 134 -39.64 75.24 10.77
N ALA D 135 -40.89 75.32 10.37
CA ALA D 135 -41.55 74.23 9.63
C ALA D 135 -40.89 73.99 8.29
N ARG D 136 -40.38 75.03 7.63
CA ARG D 136 -39.75 74.78 6.31
C ARG D 136 -38.49 73.98 6.49
N LEU D 137 -37.74 74.33 7.49
CA LEU D 137 -36.46 73.66 7.76
C LEU D 137 -36.64 72.20 8.11
N ALA D 138 -37.63 71.98 8.97
CA ALA D 138 -38.01 70.68 9.51
C ALA D 138 -38.33 69.77 8.33
N ASN D 139 -39.03 70.37 7.39
CA ASN D 139 -39.48 69.69 6.15
C ASN D 139 -38.26 69.45 5.27
N ASP D 140 -37.16 70.16 5.46
CA ASP D 140 -36.01 69.90 4.54
C ASP D 140 -35.12 68.88 5.20
N LEU D 141 -35.45 68.55 6.44
CA LEU D 141 -34.65 67.56 7.18
C LEU D 141 -35.15 66.12 7.12
N SER D 142 -36.43 65.86 7.05
CA SER D 142 -36.99 64.51 6.98
C SER D 142 -38.19 64.49 6.01
N PRO D 143 -38.62 63.26 5.79
CA PRO D 143 -39.75 63.00 4.88
C PRO D 143 -41.09 63.16 5.58
N LYS D 144 -41.04 63.53 6.84
CA LYS D 144 -42.35 63.66 7.57
C LYS D 144 -42.74 65.12 7.46
N LYS D 145 -43.94 65.36 6.98
CA LYS D 145 -44.46 66.71 6.78
C LYS D 145 -44.85 67.35 8.11
N THR D 146 -44.34 68.52 8.39
CA THR D 146 -44.57 69.42 9.51
C THR D 146 -45.35 70.67 9.05
N THR D 147 -46.25 71.16 9.86
CA THR D 147 -47.03 72.35 9.55
C THR D 147 -46.69 73.48 10.53
N THR D 148 -46.86 74.70 10.12
CA THR D 148 -46.56 75.87 10.92
C THR D 148 -47.36 75.86 12.23
N GLU D 149 -48.61 75.59 11.94
CA GLU D 149 -49.62 75.56 12.98
C GLU D 149 -49.26 74.61 14.09
N SER D 150 -48.80 73.42 13.77
CA SER D 150 -48.42 72.51 14.87
C SER D 150 -47.27 73.18 15.63
N LEU D 151 -46.37 73.83 14.89
CA LEU D 151 -45.20 74.51 15.50
C LEU D 151 -45.64 75.73 16.28
N LYS D 152 -46.55 76.52 15.74
CA LYS D 152 -47.09 77.70 16.42
C LYS D 152 -47.71 77.24 17.75
N ALA D 153 -48.31 76.07 17.70
CA ALA D 153 -48.99 75.48 18.87
C ALA D 153 -48.02 75.15 19.99
N VAL D 154 -46.86 74.62 19.68
CA VAL D 154 -45.87 74.32 20.70
C VAL D 154 -45.32 75.59 21.33
N GLN D 155 -45.25 76.60 20.49
CA GLN D 155 -44.73 77.92 20.94
C GLN D 155 -45.71 78.55 21.92
N ALA D 156 -46.97 78.23 21.72
CA ALA D 156 -48.05 78.76 22.58
C ALA D 156 -48.07 78.03 23.94
N LYS D 157 -47.56 76.81 23.88
CA LYS D 157 -47.44 75.95 25.07
C LYS D 157 -46.35 76.52 25.97
N VAL D 158 -45.23 76.78 25.33
CA VAL D 158 -44.07 77.35 26.03
C VAL D 158 -44.44 78.71 26.61
N LYS D 159 -45.16 79.49 25.83
CA LYS D 159 -45.56 80.85 26.26
C LYS D 159 -46.52 80.73 27.43
N ALA D 160 -47.47 79.84 27.30
CA ALA D 160 -48.46 79.63 28.36
C ALA D 160 -47.70 79.26 29.62
N LEU D 161 -46.63 78.49 29.48
CA LEU D 161 -45.91 78.07 30.68
C LEU D 161 -45.08 79.15 31.34
N VAL D 162 -44.34 79.90 30.57
CA VAL D 162 -43.46 80.98 30.99
C VAL D 162 -44.19 82.13 31.67
N GLU D 163 -45.33 82.40 31.06
CA GLU D 163 -46.29 83.39 31.47
C GLU D 163 -46.97 83.00 32.78
N SER D 164 -46.89 81.79 33.30
CA SER D 164 -47.57 81.40 34.58
C SER D 164 -46.60 81.66 35.76
N GLY D 165 -45.35 81.75 35.36
CA GLY D 165 -44.27 81.95 36.31
C GLY D 165 -43.85 80.63 36.93
N GLN D 166 -44.59 79.55 36.68
CA GLN D 166 -44.15 78.26 37.31
C GLN D 166 -43.44 77.48 36.21
N LEU D 167 -42.15 77.65 36.16
CA LEU D 167 -41.32 77.03 35.14
C LEU D 167 -41.09 75.54 35.36
N GLY D 168 -41.36 75.04 36.54
CA GLY D 168 -41.20 73.65 36.91
C GLY D 168 -39.77 73.19 36.74
N ILE D 169 -39.59 72.23 35.88
CA ILE D 169 -38.29 71.63 35.58
C ILE D 169 -37.43 72.60 34.82
N PHE D 170 -37.89 73.79 34.44
CA PHE D 170 -36.96 74.75 33.77
C PHE D 170 -36.41 75.77 34.76
N THR D 171 -36.93 75.69 36.00
CA THR D 171 -36.43 76.59 37.04
C THR D 171 -34.90 76.56 37.13
N ASN D 172 -34.28 77.69 36.97
CA ASN D 172 -32.83 77.90 37.02
C ASN D 172 -32.16 77.18 35.86
N ALA D 173 -32.84 76.84 34.78
CA ALA D 173 -32.07 76.17 33.70
C ALA D 173 -30.89 77.05 33.34
N TYR D 174 -29.81 76.43 32.93
CA TYR D 174 -28.55 77.08 32.52
C TYR D 174 -28.71 77.95 31.30
N PHE D 175 -29.67 77.81 30.46
CA PHE D 175 -29.84 78.63 29.25
C PHE D 175 -30.71 79.85 29.57
N LEU D 176 -31.17 79.91 30.82
CA LEU D 176 -32.04 81.05 31.20
C LEU D 176 -31.13 82.30 31.07
N GLY D 177 -31.74 83.13 30.20
CA GLY D 177 -31.18 84.44 29.83
C GLY D 177 -29.92 84.27 28.97
N GLY D 178 -29.87 83.25 28.14
CA GLY D 178 -28.70 83.07 27.28
C GLY D 178 -27.53 82.53 28.03
N HIS D 179 -26.76 81.84 27.19
CA HIS D 179 -25.54 81.16 27.63
C HIS D 179 -24.66 81.00 26.40
N PRO D 180 -23.42 81.40 26.56
CA PRO D 180 -22.44 81.32 25.46
C PRO D 180 -22.23 79.95 24.84
N ALA D 181 -22.53 78.88 25.53
CA ALA D 181 -22.24 77.53 25.00
C ALA D 181 -23.44 77.03 24.23
N TYR D 182 -24.54 77.74 24.26
CA TYR D 182 -25.75 77.37 23.57
C TYR D 182 -25.82 78.17 22.28
N VAL D 183 -25.50 77.50 21.20
CA VAL D 183 -25.55 78.24 19.91
C VAL D 183 -26.57 77.84 18.90
N LEU D 184 -27.63 77.07 19.00
CA LEU D 184 -28.48 76.83 17.83
C LEU D 184 -29.40 78.01 17.49
N PRO D 185 -29.79 78.11 16.22
CA PRO D 185 -30.78 79.09 15.75
C PRO D 185 -32.10 78.83 16.49
N ALA D 186 -32.94 79.79 16.80
CA ALA D 186 -34.19 79.67 17.52
C ALA D 186 -35.20 78.73 16.86
N GLU D 187 -35.01 78.57 15.57
CA GLU D 187 -35.84 77.75 14.67
C GLU D 187 -35.48 76.27 14.88
N VAL D 188 -34.23 75.95 15.13
CA VAL D 188 -33.85 74.57 15.44
C VAL D 188 -34.31 74.38 16.90
N ASP D 189 -34.21 75.39 17.77
CA ASP D 189 -34.69 75.20 19.14
C ASP D 189 -36.18 74.88 19.13
N LEU D 190 -36.91 75.27 18.13
CA LEU D 190 -38.38 75.01 18.21
C LEU D 190 -38.72 73.66 17.62
N ILE D 191 -37.99 73.20 16.65
CA ILE D 191 -38.23 71.88 16.04
C ILE D 191 -37.93 70.86 17.15
N ALA D 192 -36.77 71.08 17.78
CA ALA D 192 -36.36 70.21 18.89
C ALA D 192 -37.34 70.20 20.05
N THR D 193 -38.01 71.30 20.32
CA THR D 193 -38.96 71.34 21.46
C THR D 193 -40.23 70.63 21.04
N ALA D 194 -40.56 70.79 19.76
CA ALA D 194 -41.79 70.11 19.30
C ALA D 194 -41.53 68.59 19.33
N HIS D 195 -40.29 68.17 19.09
CA HIS D 195 -39.95 66.72 19.05
C HIS D 195 -39.86 66.12 20.44
N TYR D 196 -39.38 66.91 21.39
CA TYR D 196 -39.29 66.49 22.82
C TYR D 196 -40.67 66.17 23.36
N LEU D 197 -41.67 66.98 23.02
CA LEU D 197 -43.00 66.67 23.53
C LEU D 197 -43.49 65.42 22.81
N GLU D 198 -43.20 65.29 21.54
CA GLU D 198 -43.60 64.16 20.70
C GLU D 198 -42.92 62.87 21.18
N ALA D 199 -41.67 62.90 21.50
CA ALA D 199 -40.97 61.75 22.04
C ALA D 199 -41.61 61.29 23.35
N LEU D 200 -42.28 62.13 24.11
CA LEU D 200 -42.89 61.76 25.39
C LEU D 200 -44.03 60.77 25.10
N ARG D 201 -44.71 60.90 23.96
CA ARG D 201 -45.80 60.06 23.55
C ARG D 201 -45.30 58.79 22.82
N VAL D 202 -44.26 58.89 22.06
CA VAL D 202 -43.71 57.73 21.41
C VAL D 202 -43.17 56.85 22.53
N GLN D 203 -42.44 57.40 23.49
CA GLN D 203 -41.87 56.49 24.52
C GLN D 203 -42.95 55.62 25.11
N VAL D 204 -44.19 56.01 25.20
CA VAL D 204 -45.30 55.26 25.78
C VAL D 204 -45.59 54.07 24.91
N LYS D 205 -45.49 54.20 23.62
CA LYS D 205 -45.70 53.09 22.68
C LYS D 205 -44.60 52.06 22.67
N ALA D 206 -43.36 52.40 22.85
CA ALA D 206 -42.13 51.61 22.88
C ALA D 206 -42.14 50.73 24.12
N ALA D 207 -42.68 51.29 25.19
CA ALA D 207 -42.79 50.63 26.48
C ALA D 207 -43.92 49.58 26.41
N ARG D 208 -45.01 49.91 25.72
CA ARG D 208 -46.19 49.04 25.58
C ARG D 208 -45.84 47.83 24.73
N ALA D 209 -45.02 47.99 23.73
CA ALA D 209 -44.55 46.97 22.81
C ALA D 209 -43.71 45.98 23.63
N MET D 210 -42.87 46.57 24.49
CA MET D 210 -42.00 45.73 25.33
C MET D 210 -42.85 44.89 26.29
N ALA D 211 -43.97 45.44 26.75
CA ALA D 211 -44.89 44.87 27.68
C ALA D 211 -45.66 43.75 27.01
N ILE D 212 -45.66 43.69 25.69
CA ILE D 212 -46.41 42.63 24.97
C ILE D 212 -45.64 41.33 25.27
N PHE D 213 -44.32 41.35 25.14
CA PHE D 213 -43.54 40.17 25.53
C PHE D 213 -43.21 40.12 27.01
N GLY D 214 -42.89 41.27 27.61
CA GLY D 214 -42.47 41.42 28.99
C GLY D 214 -43.43 41.44 30.12
N ALA D 215 -44.74 41.37 29.95
CA ALA D 215 -45.75 41.43 31.01
C ALA D 215 -45.99 42.92 31.36
N LYS D 216 -44.95 43.64 31.70
CA LYS D 216 -45.05 45.05 32.09
C LYS D 216 -43.72 45.77 31.95
N ASN D 217 -43.87 47.09 31.90
CA ASN D 217 -42.72 48.01 31.79
C ASN D 217 -43.03 49.26 32.66
N PRO D 218 -42.22 49.56 33.66
CA PRO D 218 -40.98 48.90 34.10
C PRO D 218 -41.08 47.58 34.83
N HIS D 219 -39.94 46.90 34.82
CA HIS D 219 -39.67 45.64 35.48
C HIS D 219 -40.43 44.42 34.97
N THR D 220 -39.97 43.88 33.85
CA THR D 220 -40.58 42.70 33.19
C THR D 220 -40.70 41.53 34.13
N GLN D 221 -41.56 40.61 33.82
CA GLN D 221 -41.89 39.38 34.63
C GLN D 221 -42.46 38.28 33.69
N PHE D 222 -41.62 37.70 32.85
CA PHE D 222 -41.88 36.68 31.85
C PHE D 222 -40.70 35.73 31.62
N THR D 223 -39.57 35.92 32.20
CA THR D 223 -38.35 35.18 32.09
C THR D 223 -38.20 34.28 33.35
N VAL D 224 -37.57 33.14 33.14
CA VAL D 224 -37.20 32.09 34.06
C VAL D 224 -35.89 31.46 33.55
N VAL D 225 -35.22 30.77 34.44
CA VAL D 225 -34.03 29.95 34.11
C VAL D 225 -34.63 28.79 33.29
N GLY D 226 -34.21 28.57 32.06
CA GLY D 226 -34.80 27.52 31.23
C GLY D 226 -35.55 28.04 30.05
N GLY D 227 -35.86 29.32 30.00
CA GLY D 227 -36.58 30.01 28.95
C GLY D 227 -37.41 31.22 29.41
N CYS D 228 -38.66 31.23 28.92
CA CYS D 228 -39.70 32.19 29.05
C CYS D 228 -41.02 31.50 29.39
N THR D 229 -41.95 32.31 29.88
CA THR D 229 -43.27 31.91 30.33
C THR D 229 -44.44 32.40 29.48
N ASN D 230 -44.20 33.39 28.66
CA ASN D 230 -45.28 34.00 27.89
C ASN D 230 -45.81 33.25 26.71
N TYR D 231 -46.71 32.30 26.87
CA TYR D 231 -47.33 31.55 25.78
C TYR D 231 -48.43 32.40 25.16
N ASP D 232 -48.99 33.31 25.96
CA ASP D 232 -50.11 34.16 25.46
C ASP D 232 -49.77 35.04 24.26
N SER D 233 -48.55 35.57 24.30
CA SER D 233 -48.01 36.48 23.30
C SER D 233 -47.60 35.76 22.03
N LEU D 234 -47.62 34.44 22.08
CA LEU D 234 -47.27 33.62 20.92
C LEU D 234 -48.49 33.67 19.98
N ARG D 235 -49.58 34.35 20.26
CA ARG D 235 -50.76 34.41 19.39
C ARG D 235 -50.58 35.44 18.29
N PRO D 236 -51.08 35.14 17.12
CA PRO D 236 -50.98 36.02 15.95
C PRO D 236 -51.50 37.40 16.33
N GLU D 237 -52.57 37.47 17.08
CA GLU D 237 -53.11 38.79 17.46
C GLU D 237 -52.05 39.58 18.23
N ARG D 238 -51.45 39.02 19.26
CA ARG D 238 -50.42 39.70 20.02
C ARG D 238 -49.16 40.01 19.25
N ILE D 239 -48.83 39.33 18.17
CA ILE D 239 -47.60 39.60 17.39
C ILE D 239 -47.88 40.74 16.40
N ALA D 240 -49.12 40.79 15.94
CA ALA D 240 -49.65 41.82 15.08
C ALA D 240 -49.63 43.16 15.84
N GLU D 241 -50.10 43.18 17.05
CA GLU D 241 -50.19 44.29 17.97
C GLU D 241 -48.82 44.94 18.17
N PHE D 242 -47.87 44.14 18.51
CA PHE D 242 -46.47 44.45 18.76
C PHE D 242 -45.88 45.01 17.48
N ARG D 243 -46.14 44.31 16.39
CA ARG D 243 -45.68 44.70 15.06
C ARG D 243 -46.20 46.10 14.75
N LYS D 244 -47.40 46.49 14.93
CA LYS D 244 -47.96 47.82 14.72
C LYS D 244 -47.27 48.93 15.53
N LEU D 245 -47.09 48.76 16.84
CA LEU D 245 -46.41 49.70 17.72
C LEU D 245 -44.96 49.84 17.30
N TYR D 246 -44.31 48.73 17.04
CA TYR D 246 -42.93 48.63 16.57
C TYR D 246 -42.72 49.51 15.34
N LYS D 247 -43.56 49.40 14.35
CA LYS D 247 -43.46 50.21 13.14
C LYS D 247 -43.65 51.66 13.51
N GLU D 248 -44.66 52.06 14.23
CA GLU D 248 -44.80 53.49 14.62
C GLU D 248 -43.49 53.97 15.26
N VAL D 249 -42.94 53.24 16.20
CA VAL D 249 -41.71 53.71 16.87
C VAL D 249 -40.53 53.70 15.92
N ARG D 250 -40.42 52.66 15.11
CA ARG D 250 -39.26 52.55 14.21
C ARG D 250 -39.19 53.79 13.34
N GLU D 251 -40.30 54.15 12.78
CA GLU D 251 -40.46 55.28 11.85
C GLU D 251 -40.03 56.59 12.45
N PHE D 252 -40.45 56.79 13.68
CA PHE D 252 -40.09 57.95 14.49
C PHE D 252 -38.58 57.98 14.71
N ILE D 253 -37.88 56.89 14.94
CA ILE D 253 -36.42 56.94 15.17
C ILE D 253 -35.67 57.30 13.87
N GLU D 254 -36.18 56.80 12.78
CA GLU D 254 -35.61 56.96 11.46
C GLU D 254 -35.88 58.33 10.90
N GLN D 255 -37.12 58.78 11.13
CA GLN D 255 -37.55 60.09 10.61
C GLN D 255 -37.42 61.31 11.51
N VAL D 256 -37.39 61.25 12.78
CA VAL D 256 -37.30 62.32 13.76
C VAL D 256 -36.09 62.15 14.64
N TYR D 257 -35.91 61.14 15.44
CA TYR D 257 -34.70 61.04 16.27
C TYR D 257 -33.43 61.18 15.47
N ILE D 258 -33.23 60.39 14.44
CA ILE D 258 -31.93 60.44 13.73
C ILE D 258 -31.63 61.75 13.05
N THR D 259 -32.67 62.26 12.40
CA THR D 259 -32.59 63.52 11.66
C THR D 259 -32.29 64.68 12.62
N ASP D 260 -32.90 64.73 13.80
CA ASP D 260 -32.70 65.78 14.78
C ASP D 260 -31.28 65.61 15.32
N LEU D 261 -30.91 64.38 15.48
CA LEU D 261 -29.56 64.16 16.06
C LEU D 261 -28.54 64.81 15.14
N LEU D 262 -28.58 64.51 13.84
CA LEU D 262 -27.55 65.00 12.92
C LEU D 262 -27.60 66.51 12.80
N ALA D 263 -28.81 67.05 12.86
CA ALA D 263 -29.02 68.52 12.77
C ALA D 263 -28.40 69.28 13.94
N VAL D 264 -28.70 68.87 15.16
CA VAL D 264 -28.09 69.54 16.29
C VAL D 264 -26.58 69.31 16.23
N ALA D 265 -26.13 68.10 15.98
CA ALA D 265 -24.68 67.79 16.00
C ALA D 265 -24.00 68.70 14.99
N GLY D 266 -24.70 68.97 13.92
CA GLY D 266 -24.19 69.85 12.86
C GLY D 266 -23.86 71.23 13.40
N PHE D 267 -24.44 71.78 14.44
CA PHE D 267 -24.04 73.12 14.93
C PHE D 267 -23.03 73.01 16.06
N TYR D 268 -22.51 71.81 16.32
CA TYR D 268 -21.62 71.64 17.50
C TYR D 268 -20.48 70.75 17.12
N LYS D 269 -20.02 70.89 15.91
CA LYS D 269 -18.91 70.12 15.35
C LYS D 269 -17.64 70.29 16.13
N ASN D 270 -17.51 71.30 16.94
CA ASN D 270 -16.26 71.45 17.74
C ASN D 270 -16.29 70.41 18.85
N TRP D 271 -17.43 69.79 19.11
CA TRP D 271 -17.53 68.77 20.15
C TRP D 271 -17.03 67.43 19.66
N ALA D 272 -16.67 67.39 18.42
CA ALA D 272 -16.16 66.19 17.76
C ALA D 272 -14.71 66.12 18.13
N GLY D 273 -14.33 67.13 18.91
CA GLY D 273 -12.87 67.08 19.28
C GLY D 273 -12.80 67.21 20.79
N ILE D 274 -13.93 67.04 21.47
CA ILE D 274 -13.95 67.18 22.94
C ILE D 274 -14.44 65.87 23.57
N GLY D 275 -13.74 65.49 24.64
CA GLY D 275 -14.04 64.34 25.46
C GLY D 275 -13.66 62.96 24.95
N LYS D 276 -12.50 62.92 24.31
CA LYS D 276 -11.87 61.76 23.71
C LYS D 276 -11.20 60.79 24.67
N THR D 277 -11.37 59.55 24.29
CA THR D 277 -11.00 58.25 24.81
C THR D 277 -10.42 57.25 23.81
N SER D 278 -9.73 56.30 24.38
CA SER D 278 -9.04 55.12 23.89
C SER D 278 -9.53 53.83 24.57
N ASN D 279 -9.41 52.68 23.92
CA ASN D 279 -9.86 51.44 24.63
C ASN D 279 -11.37 51.36 24.71
N PHE D 280 -11.92 50.45 23.95
CA PHE D 280 -13.35 50.19 23.84
C PHE D 280 -13.62 48.70 23.95
N LEU D 281 -14.72 48.26 24.59
CA LEU D 281 -15.01 46.81 24.62
C LEU D 281 -16.50 46.52 24.61
N THR D 282 -16.83 45.34 24.10
CA THR D 282 -18.21 44.82 24.02
C THR D 282 -18.24 43.30 24.01
N CYS D 283 -19.30 42.68 24.48
CA CYS D 283 -19.56 41.25 24.51
C CYS D 283 -20.55 40.86 23.37
N GLY D 284 -21.12 41.84 22.71
CA GLY D 284 -22.09 41.78 21.60
C GLY D 284 -23.44 41.49 22.16
N GLU D 285 -24.48 41.55 21.36
CA GLU D 285 -25.79 41.19 21.93
C GLU D 285 -26.60 40.43 20.86
N PHE D 286 -27.68 39.79 21.28
CA PHE D 286 -28.61 39.09 20.36
C PHE D 286 -28.04 37.79 19.78
N PRO D 287 -27.81 36.80 20.63
CA PRO D 287 -27.29 35.54 20.16
C PRO D 287 -28.27 34.65 19.44
N THR D 288 -27.62 33.72 18.73
CA THR D 288 -28.43 32.63 18.10
C THR D 288 -28.04 31.43 19.01
N ASP D 289 -26.78 31.44 19.40
CA ASP D 289 -26.24 30.43 20.33
C ASP D 289 -25.88 31.17 21.64
N GLU D 290 -26.65 30.80 22.62
CA GLU D 290 -26.55 31.33 23.98
C GLU D 290 -25.25 30.91 24.61
N TYR D 291 -24.47 30.05 23.93
CA TYR D 291 -23.17 29.63 24.55
C TYR D 291 -22.06 30.10 23.65
N ASP D 292 -22.33 31.00 22.72
CA ASP D 292 -21.31 31.48 21.77
C ASP D 292 -21.44 33.00 21.54
N LEU D 293 -20.46 33.72 22.05
CA LEU D 293 -20.39 35.19 21.97
C LEU D 293 -20.30 35.54 20.48
N ASN D 294 -19.76 34.57 19.77
CA ASN D 294 -19.67 34.86 18.31
C ASN D 294 -20.98 34.51 17.63
N SER D 295 -22.06 34.11 18.27
CA SER D 295 -23.27 33.86 17.41
C SER D 295 -24.14 35.12 17.50
N ARG D 296 -23.63 36.17 18.14
CA ARG D 296 -24.38 37.41 18.39
C ARG D 296 -24.47 38.36 17.21
N TYR D 297 -25.63 38.95 16.96
CA TYR D 297 -25.86 39.88 15.83
C TYR D 297 -24.82 40.98 15.79
N THR D 298 -24.75 41.67 16.91
CA THR D 298 -23.74 42.77 17.01
C THR D 298 -22.57 42.04 17.64
N PRO D 299 -21.40 42.20 17.08
CA PRO D 299 -20.21 41.49 17.53
C PRO D 299 -19.55 41.95 18.79
N GLN D 300 -18.75 41.05 19.31
CA GLN D 300 -17.89 41.19 20.48
C GLN D 300 -16.48 41.54 20.05
N GLY D 301 -15.69 42.20 20.90
CA GLY D 301 -14.31 42.53 20.45
C GLY D 301 -13.76 43.57 21.42
N VAL D 302 -12.49 43.85 21.28
CA VAL D 302 -11.73 44.79 22.09
C VAL D 302 -10.81 45.65 21.22
N ILE D 303 -11.00 46.96 21.22
CA ILE D 303 -10.20 47.96 20.50
C ILE D 303 -9.22 48.55 21.51
N TRP D 304 -7.97 48.61 21.13
CA TRP D 304 -6.93 49.16 22.04
C TRP D 304 -6.60 50.56 21.51
N GLY D 305 -6.40 51.51 22.38
CA GLY D 305 -6.13 52.88 21.93
C GLY D 305 -7.38 53.21 21.11
N ASN D 306 -7.08 53.69 19.92
CA ASN D 306 -8.06 54.15 18.94
C ASN D 306 -7.79 53.50 17.58
N ASP D 307 -7.28 52.30 17.59
CA ASP D 307 -6.87 51.49 16.45
C ASP D 307 -7.98 50.52 16.00
N LEU D 308 -8.68 50.97 14.99
CA LEU D 308 -9.80 50.22 14.45
C LEU D 308 -9.39 49.13 13.46
N SER D 309 -8.12 48.98 13.23
CA SER D 309 -7.62 47.98 12.27
C SER D 309 -7.41 46.64 12.94
N LYS D 310 -7.23 46.65 14.25
CA LYS D 310 -7.02 45.41 15.02
C LYS D 310 -8.04 45.38 16.17
N VAL D 311 -8.99 44.45 15.99
CA VAL D 311 -10.02 44.18 16.97
C VAL D 311 -9.69 42.83 17.64
N ASP D 312 -9.35 42.78 18.89
CA ASP D 312 -9.07 41.55 19.59
C ASP D 312 -10.40 40.92 20.08
N ASP D 313 -10.14 39.74 20.60
CA ASP D 313 -11.17 38.87 21.17
C ASP D 313 -11.36 39.27 22.64
N PHE D 314 -12.62 39.33 22.98
CA PHE D 314 -13.05 39.70 24.34
C PHE D 314 -12.77 38.50 25.26
N ASN D 315 -11.94 38.72 26.26
CA ASN D 315 -11.55 37.70 27.24
C ASN D 315 -11.92 38.14 28.65
N PRO D 316 -12.99 37.55 29.17
CA PRO D 316 -13.54 37.87 30.49
C PRO D 316 -12.61 37.49 31.60
N ASP D 317 -11.59 36.70 31.23
CA ASP D 317 -10.65 36.34 32.32
C ASP D 317 -9.77 37.54 32.70
N LEU D 318 -9.73 38.52 31.83
CA LEU D 318 -8.96 39.74 32.00
C LEU D 318 -9.65 40.81 32.83
N ILE D 319 -10.83 40.62 33.39
CA ILE D 319 -11.53 41.58 34.18
C ILE D 319 -11.23 41.44 35.68
N GLU D 320 -10.92 42.55 36.28
CA GLU D 320 -10.64 42.72 37.70
C GLU D 320 -11.30 44.03 38.12
N GLU D 321 -11.93 44.05 39.23
CA GLU D 321 -12.57 45.22 39.83
C GLU D 321 -11.74 45.76 41.01
N HIS D 322 -11.37 47.04 40.92
CA HIS D 322 -10.57 47.62 42.01
C HIS D 322 -11.31 48.31 43.15
N VAL D 323 -10.69 48.46 44.33
CA VAL D 323 -11.44 49.18 45.39
C VAL D 323 -10.48 50.17 46.04
N LYS D 324 -9.34 50.37 45.40
CA LYS D 324 -8.40 51.29 46.07
C LYS D 324 -8.97 52.67 46.34
N TYR D 325 -9.80 53.26 45.50
CA TYR D 325 -10.40 54.56 45.70
C TYR D 325 -11.93 54.54 45.87
N SER D 326 -12.50 53.49 46.41
CA SER D 326 -13.94 53.30 46.56
C SER D 326 -14.14 53.02 48.05
N TRP D 327 -15.37 53.07 48.47
CA TRP D 327 -15.66 52.83 49.87
C TRP D 327 -15.83 51.36 50.20
N TYR D 328 -14.78 50.59 50.00
CA TYR D 328 -14.77 49.15 50.35
C TYR D 328 -13.45 48.82 51.05
N GLU D 329 -13.45 47.79 51.84
CA GLU D 329 -12.22 47.42 52.55
C GLU D 329 -11.06 47.12 51.61
N GLY D 330 -9.89 47.65 51.99
CA GLY D 330 -8.59 47.54 51.42
C GLY D 330 -8.33 48.01 50.02
N ALA D 331 -7.31 47.36 49.41
CA ALA D 331 -6.97 47.77 48.05
C ALA D 331 -6.82 46.63 47.06
N GLY D 332 -7.44 45.48 47.31
CA GLY D 332 -7.42 44.35 46.39
C GLY D 332 -8.40 44.51 45.22
N ALA D 333 -7.97 44.04 44.06
CA ALA D 333 -8.70 43.95 42.81
C ALA D 333 -8.97 42.42 42.68
N HIS D 334 -10.16 42.00 42.33
CA HIS D 334 -10.57 40.64 42.16
C HIS D 334 -11.30 40.33 40.86
N HIS D 335 -11.07 39.15 40.32
CA HIS D 335 -11.88 38.77 39.13
C HIS D 335 -13.28 38.59 39.74
N PRO D 336 -14.35 38.81 39.01
CA PRO D 336 -15.71 38.70 39.55
C PRO D 336 -16.12 37.41 40.21
N TYR D 337 -15.60 36.26 39.87
CA TYR D 337 -15.97 34.98 40.53
C TYR D 337 -15.40 34.98 41.94
N LYS D 338 -14.40 35.84 42.14
CA LYS D 338 -13.75 35.97 43.45
C LYS D 338 -13.96 37.35 44.06
N GLY D 339 -15.02 38.01 43.64
CA GLY D 339 -15.37 39.36 44.09
C GLY D 339 -15.74 39.35 45.57
N VAL D 340 -15.54 40.51 46.18
CA VAL D 340 -15.92 40.74 47.58
C VAL D 340 -16.59 42.13 47.58
N THR D 341 -17.58 42.26 48.44
CA THR D 341 -18.36 43.45 48.67
C THR D 341 -18.41 43.73 50.16
N LYS D 342 -17.38 44.41 50.70
CA LYS D 342 -17.38 44.78 52.11
C LYS D 342 -17.21 46.32 52.12
N PRO D 343 -18.37 46.95 52.16
CA PRO D 343 -18.44 48.42 52.16
C PRO D 343 -17.72 48.95 53.38
N LYS D 344 -16.88 49.96 53.17
CA LYS D 344 -16.17 50.57 54.34
C LYS D 344 -16.08 52.08 54.09
N TRP D 345 -17.08 52.81 54.58
CA TRP D 345 -17.09 54.29 54.35
C TRP D 345 -15.98 55.08 55.03
N THR D 346 -15.34 56.01 54.34
CA THR D 346 -14.28 56.79 54.98
C THR D 346 -14.46 58.30 54.73
N GLU D 347 -15.62 58.64 54.25
CA GLU D 347 -16.03 59.99 53.92
C GLU D 347 -15.46 60.50 52.62
N PHE D 348 -16.04 61.60 52.13
CA PHE D 348 -15.58 62.16 50.86
C PHE D 348 -14.06 62.35 50.85
N HIS D 349 -13.34 61.66 49.99
CA HIS D 349 -11.90 61.74 49.84
C HIS D 349 -11.28 61.24 51.13
N GLY D 350 -12.01 60.47 51.92
CA GLY D 350 -11.38 59.92 53.17
C GLY D 350 -10.46 58.81 52.62
N GLU D 351 -9.19 58.94 52.85
CA GLU D 351 -8.11 58.09 52.42
C GLU D 351 -8.08 58.14 50.89
N ASP D 352 -8.52 59.23 50.33
CA ASP D 352 -8.60 59.47 48.90
C ASP D 352 -9.70 58.62 48.23
N ARG D 353 -10.47 57.96 49.04
CA ARG D 353 -11.54 57.16 48.44
C ARG D 353 -12.62 58.18 48.16
N TYR D 354 -13.24 58.05 47.02
CA TYR D 354 -14.32 58.95 46.59
C TYR D 354 -15.50 58.33 45.84
N SER D 355 -15.78 57.04 45.94
CA SER D 355 -16.93 56.44 45.24
C SER D 355 -17.36 55.11 45.86
N TRP D 356 -18.68 54.91 45.72
CA TRP D 356 -19.40 53.68 46.12
C TRP D 356 -19.32 52.64 44.95
N MET D 357 -18.79 53.05 43.78
CA MET D 357 -18.62 52.25 42.63
C MET D 357 -17.22 51.60 42.69
N LYS D 358 -17.16 50.36 42.28
CA LYS D 358 -15.82 49.70 42.21
C LYS D 358 -15.25 50.19 40.87
N ALA D 359 -14.00 49.93 40.58
CA ALA D 359 -13.32 50.34 39.35
C ALA D 359 -12.91 49.13 38.49
N PRO D 360 -13.73 48.70 37.55
CA PRO D 360 -13.38 47.58 36.67
C PRO D 360 -12.27 47.99 35.73
N ARG D 361 -11.25 47.18 35.63
CA ARG D 361 -10.08 47.41 34.76
C ARG D 361 -10.00 46.19 33.84
N TYR D 362 -9.67 46.32 32.57
CA TYR D 362 -9.50 45.20 31.63
C TYR D 362 -7.99 45.02 31.30
N LYS D 363 -7.49 43.88 31.73
CA LYS D 363 -6.08 43.53 31.57
C LYS D 363 -5.32 44.74 32.14
N GLY D 364 -5.81 45.25 33.23
CA GLY D 364 -5.26 46.36 33.95
C GLY D 364 -5.44 47.73 33.35
N GLU D 365 -6.16 47.86 32.25
CA GLU D 365 -6.40 49.16 31.64
C GLU D 365 -7.84 49.59 31.79
N ALA D 366 -8.03 50.90 31.74
CA ALA D 366 -9.36 51.53 31.87
C ALA D 366 -10.04 51.42 30.54
N PHE D 367 -11.33 51.13 30.52
CA PHE D 367 -12.02 50.96 29.20
C PHE D 367 -13.32 51.76 29.21
N GLU D 368 -13.86 51.94 28.04
CA GLU D 368 -15.11 52.58 27.76
C GLU D 368 -15.98 51.47 27.11
N VAL D 369 -17.20 51.38 27.55
CA VAL D 369 -18.20 50.41 27.12
C VAL D 369 -19.39 51.24 26.67
N GLY D 370 -20.29 50.77 25.85
CA GLY D 370 -21.50 51.51 25.46
C GLY D 370 -21.68 51.51 23.98
N PRO D 371 -22.60 52.34 23.51
CA PRO D 371 -22.84 52.47 22.06
C PRO D 371 -21.59 52.79 21.26
N LEU D 372 -20.78 53.73 21.68
CA LEU D 372 -19.56 54.06 20.94
C LEU D 372 -18.70 52.79 20.83
N ALA D 373 -18.47 52.14 21.96
CA ALA D 373 -17.59 50.97 21.98
C ALA D 373 -18.13 49.90 21.08
N SER D 374 -19.43 49.68 21.16
CA SER D 374 -20.16 48.65 20.39
C SER D 374 -20.09 48.91 18.90
N VAL D 375 -20.40 50.15 18.54
CA VAL D 375 -20.39 50.60 17.15
C VAL D 375 -19.00 50.58 16.57
N LEU D 376 -17.97 50.90 17.36
CA LEU D 376 -16.59 50.88 16.84
C LEU D 376 -16.17 49.43 16.54
N VAL D 377 -16.55 48.49 17.40
CA VAL D 377 -16.21 47.07 17.19
C VAL D 377 -16.93 46.55 15.95
N ALA D 378 -18.23 46.74 15.87
CA ALA D 378 -19.03 46.28 14.75
C ALA D 378 -18.47 46.83 13.43
N TYR D 379 -18.22 48.13 13.43
CA TYR D 379 -17.75 48.88 12.25
C TYR D 379 -16.38 48.37 11.80
N ALA D 380 -15.48 48.24 12.79
CA ALA D 380 -14.15 47.72 12.49
C ALA D 380 -14.24 46.27 11.95
N LYS D 381 -15.18 45.49 12.45
CA LYS D 381 -15.34 44.10 12.05
C LYS D 381 -16.23 44.08 10.84
N LYS D 382 -16.54 45.23 10.31
CA LYS D 382 -17.37 45.30 9.08
C LYS D 382 -18.78 44.76 9.14
N HIS D 383 -19.54 45.19 10.15
CA HIS D 383 -20.97 44.75 10.30
C HIS D 383 -21.72 45.66 9.33
N GLU D 384 -22.26 45.15 8.23
CA GLU D 384 -22.91 45.95 7.23
C GLU D 384 -23.91 46.99 7.65
N PRO D 385 -24.81 46.62 8.54
CA PRO D 385 -25.85 47.56 9.05
C PRO D 385 -25.17 48.78 9.66
N THR D 386 -24.18 48.50 10.48
CA THR D 386 -23.35 49.43 11.19
C THR D 386 -22.53 50.30 10.24
N VAL D 387 -21.83 49.61 9.37
CA VAL D 387 -21.02 50.28 8.33
C VAL D 387 -21.93 51.14 7.45
N LYS D 388 -23.09 50.68 7.01
CA LYS D 388 -23.94 51.57 6.21
C LYS D 388 -24.34 52.78 7.05
N ALA D 389 -24.63 52.65 8.32
CA ALA D 389 -25.08 53.69 9.25
C ALA D 389 -24.03 54.71 9.68
N VAL D 390 -22.83 54.33 9.93
CA VAL D 390 -21.72 55.19 10.33
C VAL D 390 -21.46 56.11 9.13
N ASP D 391 -21.38 55.49 7.96
CA ASP D 391 -21.15 56.30 6.73
C ASP D 391 -22.21 57.40 6.54
N LEU D 392 -23.46 57.09 6.72
CA LEU D 392 -24.53 58.04 6.56
C LEU D 392 -24.28 59.34 7.34
N VAL D 393 -23.97 59.12 8.60
CA VAL D 393 -23.67 60.05 9.67
C VAL D 393 -22.43 60.87 9.33
N LEU D 394 -21.26 60.30 9.15
CA LEU D 394 -20.02 61.04 8.84
C LEU D 394 -20.17 61.88 7.57
N LYS D 395 -20.99 61.25 6.73
CA LYS D 395 -21.27 61.82 5.41
C LYS D 395 -22.18 63.04 5.65
N THR D 396 -23.09 62.85 6.58
CA THR D 396 -24.00 63.94 6.91
C THR D 396 -23.28 65.00 7.71
N LEU D 397 -22.34 64.71 8.58
CA LEU D 397 -21.65 65.77 9.32
C LEU D 397 -20.38 66.25 8.61
N GLY D 398 -20.08 65.54 7.52
CA GLY D 398 -18.87 65.84 6.75
C GLY D 398 -17.65 65.76 7.65
N VAL D 399 -17.51 64.66 8.32
CA VAL D 399 -16.31 64.47 9.19
C VAL D 399 -15.92 63.01 8.85
N GLY D 400 -14.81 62.54 9.38
CA GLY D 400 -14.33 61.17 9.19
C GLY D 400 -14.57 60.40 10.50
N PRO D 401 -14.15 59.14 10.56
CA PRO D 401 -14.32 58.25 11.70
C PRO D 401 -13.55 58.69 12.93
N GLU D 402 -12.60 59.56 12.71
CA GLU D 402 -11.77 60.07 13.82
C GLU D 402 -12.57 61.04 14.69
N ALA D 403 -13.69 61.49 14.17
CA ALA D 403 -14.67 62.33 14.80
C ALA D 403 -15.50 61.46 15.73
N LEU D 404 -15.48 60.16 15.48
CA LEU D 404 -16.22 59.23 16.39
C LEU D 404 -15.53 59.18 17.73
N PHE D 405 -14.25 59.38 17.92
CA PHE D 405 -13.60 59.31 19.26
C PHE D 405 -13.85 60.56 20.08
N SER D 406 -15.04 61.00 20.36
CA SER D 406 -15.27 62.28 21.03
C SER D 406 -16.62 62.32 21.67
N THR D 407 -17.01 63.40 22.32
CA THR D 407 -18.33 63.46 22.96
C THR D 407 -19.43 63.51 21.93
N LEU D 408 -19.05 64.12 20.81
CA LEU D 408 -20.03 64.17 19.71
C LEU D 408 -20.26 62.74 19.20
N GLY D 409 -19.15 62.02 19.01
CA GLY D 409 -19.18 60.63 18.51
C GLY D 409 -19.93 59.65 19.41
N ARG D 410 -19.79 59.92 20.69
CA ARG D 410 -20.41 59.10 21.74
C ARG D 410 -21.92 59.24 21.68
N THR D 411 -22.33 60.39 21.20
CA THR D 411 -23.72 60.74 21.02
C THR D 411 -24.30 60.29 19.71
N ALA D 412 -23.56 60.37 18.62
CA ALA D 412 -24.09 59.88 17.31
C ALA D 412 -24.14 58.35 17.39
N ALA D 413 -23.15 57.67 17.98
CA ALA D 413 -23.14 56.20 18.13
C ALA D 413 -24.37 55.65 18.83
N ARG D 414 -24.97 56.34 19.74
CA ARG D 414 -26.17 55.89 20.46
C ARG D 414 -27.32 55.91 19.45
N GLY D 415 -27.21 56.80 18.49
CA GLY D 415 -28.28 56.97 17.48
C GLY D 415 -28.19 55.78 16.52
N ILE D 416 -26.94 55.43 16.24
CA ILE D 416 -26.59 54.30 15.37
C ILE D 416 -26.97 52.99 16.07
N GLN D 417 -26.58 52.78 17.31
CA GLN D 417 -26.94 51.55 18.01
C GLN D 417 -28.44 51.41 18.12
N CYS D 418 -29.14 52.51 18.22
CA CYS D 418 -30.60 52.47 18.39
C CYS D 418 -31.24 52.05 17.10
N LEU D 419 -30.66 52.31 15.96
CA LEU D 419 -31.33 51.97 14.68
C LEU D 419 -31.08 50.57 14.14
N THR D 420 -29.88 50.07 14.44
CA THR D 420 -29.42 48.73 14.01
C THR D 420 -30.22 47.67 14.77
N ALA D 421 -30.42 47.97 16.05
CA ALA D 421 -31.28 47.14 16.92
C ALA D 421 -32.68 47.16 16.31
N ALA D 422 -33.19 48.37 16.06
CA ALA D 422 -34.51 48.58 15.48
C ALA D 422 -34.64 47.82 14.15
N GLN D 423 -33.56 47.76 13.39
CA GLN D 423 -33.69 47.11 12.08
C GLN D 423 -33.85 45.63 12.28
N GLU D 424 -33.11 45.08 13.21
CA GLU D 424 -33.19 43.64 13.43
C GLU D 424 -34.43 43.12 14.11
N VAL D 425 -35.22 43.92 14.78
CA VAL D 425 -36.42 43.44 15.47
C VAL D 425 -37.35 42.76 14.48
N GLU D 426 -37.39 43.23 13.26
CA GLU D 426 -38.22 42.72 12.19
C GLU D 426 -37.85 41.26 11.91
N VAL D 427 -36.57 40.93 11.88
CA VAL D 427 -36.03 39.59 11.64
C VAL D 427 -36.51 38.57 12.68
N TRP D 428 -36.31 38.85 13.95
CA TRP D 428 -36.70 37.96 15.04
C TRP D 428 -38.18 37.76 15.13
N LEU D 429 -38.91 38.80 14.79
CA LEU D 429 -40.39 38.74 14.88
C LEU D 429 -40.96 37.68 13.94
N ASP D 430 -40.44 37.93 12.73
CA ASP D 430 -40.73 37.14 11.51
C ASP D 430 -40.49 35.67 11.83
N LYS D 431 -39.34 35.32 12.35
CA LYS D 431 -38.99 33.97 12.75
C LYS D 431 -39.90 33.45 13.86
N LEU D 432 -40.00 34.31 14.91
CA LEU D 432 -40.85 33.87 16.01
C LEU D 432 -42.18 33.41 15.41
N GLU D 433 -42.71 34.24 14.56
CA GLU D 433 -44.00 34.02 13.93
C GLU D 433 -44.14 32.82 13.03
N ALA D 434 -43.11 32.49 12.28
CA ALA D 434 -43.05 31.36 11.36
C ALA D 434 -42.96 30.06 12.17
N ASN D 435 -42.23 30.16 13.28
CA ASN D 435 -42.11 28.99 14.14
C ASN D 435 -43.49 28.72 14.72
N VAL D 436 -44.19 29.75 15.10
CA VAL D 436 -45.46 29.44 15.75
C VAL D 436 -46.42 28.92 14.73
N LYS D 437 -46.33 29.43 13.51
CA LYS D 437 -47.21 28.96 12.40
C LYS D 437 -46.95 27.49 12.09
N ALA D 438 -45.72 27.06 12.11
CA ALA D 438 -45.31 25.67 11.88
C ALA D 438 -45.66 24.80 13.09
N GLY D 439 -46.29 25.38 14.12
CA GLY D 439 -46.64 24.66 15.33
C GLY D 439 -45.50 24.58 16.36
N LYS D 440 -44.30 25.02 16.07
CA LYS D 440 -43.19 25.02 17.04
C LYS D 440 -43.34 26.18 18.05
N ASP D 441 -43.89 25.84 19.19
CA ASP D 441 -44.27 26.69 20.28
C ASP D 441 -43.58 26.50 21.63
N ASP D 442 -42.46 25.93 21.76
CA ASP D 442 -41.82 25.73 23.09
C ASP D 442 -41.06 26.98 23.51
N LEU D 443 -41.09 27.33 24.78
CA LEU D 443 -40.47 28.45 25.41
C LEU D 443 -39.64 28.02 26.60
N TYR D 444 -39.76 26.78 27.04
CA TYR D 444 -38.99 26.35 28.24
C TYR D 444 -38.29 25.02 28.32
N THR D 445 -37.09 24.91 28.91
CA THR D 445 -36.33 23.71 29.06
C THR D 445 -36.03 23.41 30.53
N ASP D 446 -36.33 22.16 30.88
CA ASP D 446 -36.17 21.64 32.24
C ASP D 446 -34.67 21.61 32.53
N TRP D 447 -34.35 21.70 33.81
CA TRP D 447 -32.94 21.77 34.23
C TRP D 447 -32.81 21.31 35.68
N GLN D 448 -31.57 21.07 36.08
CA GLN D 448 -31.41 20.61 37.47
C GLN D 448 -30.13 21.25 37.96
N TYR D 449 -29.95 21.45 39.27
CA TYR D 449 -28.68 22.09 39.61
C TYR D 449 -27.52 21.15 39.73
N PRO D 450 -26.33 21.46 39.24
CA PRO D 450 -25.17 20.65 39.61
C PRO D 450 -24.95 20.86 41.15
N THR D 451 -24.12 19.96 41.67
CA THR D 451 -23.77 20.00 43.11
C THR D 451 -23.16 21.36 43.48
N GLU D 452 -22.17 21.79 42.76
CA GLU D 452 -21.41 23.02 42.87
C GLU D 452 -21.22 23.51 41.43
N SER D 453 -21.42 24.72 41.03
CA SER D 453 -21.21 25.24 39.67
C SER D 453 -21.02 26.77 39.76
N GLN D 454 -20.57 27.37 38.69
CA GLN D 454 -20.30 28.79 38.50
C GLN D 454 -20.78 29.18 37.11
N GLY D 455 -21.26 30.39 36.88
CA GLY D 455 -21.80 30.72 35.52
C GLY D 455 -21.68 32.20 35.30
N VAL D 456 -21.66 32.62 34.03
CA VAL D 456 -21.59 34.07 33.76
C VAL D 456 -22.63 34.40 32.67
N GLY D 457 -23.28 35.54 32.78
CA GLY D 457 -24.30 36.07 31.84
C GLY D 457 -23.74 37.37 31.27
N PHE D 458 -23.59 37.48 29.98
CA PHE D 458 -23.03 38.62 29.31
C PHE D 458 -24.18 39.29 28.56
N VAL D 459 -24.40 40.56 28.91
CA VAL D 459 -25.49 41.28 28.21
C VAL D 459 -24.85 42.58 27.69
N ASN D 460 -25.25 43.04 26.53
CA ASN D 460 -24.76 44.34 26.03
C ASN D 460 -26.04 45.23 26.23
N ALA D 461 -26.14 45.84 27.40
CA ALA D 461 -27.26 46.68 27.79
C ALA D 461 -27.17 47.96 26.96
N PRO D 462 -28.20 48.78 26.91
CA PRO D 462 -28.10 50.08 26.20
C PRO D 462 -26.87 50.85 26.62
N ARG D 463 -26.32 50.72 27.81
CA ARG D 463 -25.14 51.47 28.25
C ARG D 463 -23.81 50.76 28.18
N GLY D 464 -23.88 49.56 27.60
CA GLY D 464 -22.68 48.75 27.41
C GLY D 464 -22.70 47.38 28.07
N MET D 465 -21.49 46.87 28.28
CA MET D 465 -21.24 45.55 28.80
C MET D 465 -21.56 45.24 30.23
N LEU D 466 -22.61 44.39 30.34
CA LEU D 466 -23.12 43.90 31.62
C LEU D 466 -22.83 42.41 31.79
N SER D 467 -22.37 42.03 32.99
CA SER D 467 -22.07 40.64 33.29
C SER D 467 -22.42 40.36 34.74
N HIS D 468 -23.19 39.28 34.92
CA HIS D 468 -23.62 38.75 36.23
C HIS D 468 -22.88 37.45 36.45
N TRP D 469 -22.22 37.35 37.59
CA TRP D 469 -21.39 36.16 37.90
C TRP D 469 -21.95 35.39 39.10
N ILE D 470 -22.18 34.10 38.95
CA ILE D 470 -22.70 33.33 40.08
C ILE D 470 -21.83 32.11 40.39
N VAL D 471 -21.81 31.76 41.64
CA VAL D 471 -21.14 30.60 42.21
C VAL D 471 -22.19 29.98 43.13
N GLN D 472 -22.65 28.82 42.75
CA GLN D 472 -23.67 28.09 43.54
C GLN D 472 -23.16 26.76 44.08
N ARG D 473 -23.76 26.31 45.16
CA ARG D 473 -23.49 25.01 45.80
C ARG D 473 -24.81 24.55 46.41
N GLY D 474 -25.48 23.49 45.99
CA GLY D 474 -26.72 23.03 46.57
C GLY D 474 -27.95 23.82 46.22
N GLY D 475 -27.91 24.59 45.12
CA GLY D 475 -29.08 25.42 44.76
C GLY D 475 -29.19 26.63 45.73
N LYS D 476 -28.09 27.09 46.27
CA LYS D 476 -27.94 28.23 47.15
C LYS D 476 -26.75 29.08 46.62
N ILE D 477 -26.88 30.37 46.58
CA ILE D 477 -25.85 31.28 46.11
C ILE D 477 -24.76 31.44 47.14
N GLU D 478 -23.55 31.19 46.73
CA GLU D 478 -22.33 31.31 47.50
C GLU D 478 -21.75 32.70 47.21
N ASN D 479 -21.79 33.13 45.95
CA ASN D 479 -21.32 34.41 45.43
C ASN D 479 -22.17 34.80 44.21
N PHE D 480 -22.53 36.07 44.15
CA PHE D 480 -23.27 36.75 43.08
C PHE D 480 -22.66 38.16 42.94
N GLN D 481 -21.91 38.43 41.88
CA GLN D 481 -21.27 39.67 41.54
C GLN D 481 -21.87 40.20 40.21
N LEU D 482 -22.19 41.48 40.18
CA LEU D 482 -22.63 42.25 39.03
C LEU D 482 -21.48 43.26 38.63
N VAL D 483 -21.17 43.31 37.36
CA VAL D 483 -20.16 44.27 36.88
C VAL D 483 -20.94 45.00 35.76
N VAL D 484 -21.35 46.21 36.02
CA VAL D 484 -22.22 47.03 35.13
C VAL D 484 -21.46 48.02 34.30
N PRO D 485 -22.03 48.32 33.13
CA PRO D 485 -21.41 49.24 32.18
C PRO D 485 -21.11 50.56 32.86
N SER D 486 -22.04 51.16 33.60
CA SER D 486 -21.71 52.46 34.24
C SER D 486 -20.63 52.24 35.27
N THR D 487 -20.30 51.05 35.70
CA THR D 487 -19.22 50.86 36.71
C THR D 487 -17.89 51.08 35.93
N TRP D 488 -17.87 50.64 34.67
CA TRP D 488 -16.75 50.79 33.77
C TRP D 488 -16.53 52.29 33.48
N ASN D 489 -17.49 52.94 32.84
CA ASN D 489 -17.47 54.33 32.44
C ASN D 489 -17.31 55.36 33.57
N LEU D 490 -18.05 55.27 34.63
CA LEU D 490 -18.06 56.21 35.74
C LEU D 490 -17.43 55.83 37.06
N GLY D 491 -16.66 54.80 37.19
CA GLY D 491 -16.04 54.38 38.43
C GLY D 491 -14.82 55.30 38.67
N PRO D 492 -14.31 55.22 39.89
CA PRO D 492 -13.17 56.01 40.32
C PRO D 492 -11.92 55.41 39.69
N ARG D 493 -10.75 55.86 40.12
CA ARG D 493 -9.48 55.37 39.64
C ARG D 493 -9.27 54.00 40.30
N CYS D 494 -8.32 53.32 39.68
CA CYS D 494 -7.93 51.98 40.13
C CYS D 494 -6.73 52.21 41.03
N ALA D 495 -6.16 51.09 41.43
CA ALA D 495 -4.99 51.03 42.32
C ALA D 495 -3.80 51.63 41.58
N GLU D 496 -3.76 51.46 40.27
CA GLU D 496 -2.64 52.00 39.50
C GLU D 496 -2.91 53.45 39.24
N GLY D 497 -3.93 53.98 39.92
CA GLY D 497 -4.33 55.37 39.76
C GLY D 497 -4.78 55.78 38.38
N LYS D 498 -5.25 54.92 37.51
CA LYS D 498 -5.74 55.33 36.19
C LYS D 498 -7.19 55.86 36.29
N LEU D 499 -7.48 56.89 35.50
CA LEU D 499 -8.70 57.63 35.42
C LEU D 499 -9.72 56.79 34.66
N SER D 500 -10.96 56.76 35.15
CA SER D 500 -12.01 55.97 34.46
C SER D 500 -12.35 56.74 33.19
N ALA D 501 -13.09 56.18 32.26
CA ALA D 501 -13.42 56.87 31.01
C ALA D 501 -14.08 58.22 31.19
N VAL D 502 -14.97 58.41 32.18
CA VAL D 502 -15.61 59.75 32.32
C VAL D 502 -14.61 60.78 32.82
N GLU D 503 -13.83 60.40 33.83
CA GLU D 503 -12.85 61.31 34.38
C GLU D 503 -11.93 61.76 33.25
N GLN D 504 -11.44 60.84 32.46
CA GLN D 504 -10.51 61.14 31.35
C GLN D 504 -11.19 61.92 30.26
N ALA D 505 -12.44 61.65 29.96
CA ALA D 505 -13.11 62.44 28.93
C ALA D 505 -13.21 63.88 29.39
N LEU D 506 -13.24 64.14 30.69
CA LEU D 506 -13.44 65.49 31.21
C LEU D 506 -12.26 66.42 30.98
N ILE D 507 -11.07 65.88 31.17
CA ILE D 507 -9.84 66.64 31.08
C ILE D 507 -9.77 67.38 29.73
N GLY D 508 -9.50 68.67 29.75
CA GLY D 508 -9.44 69.48 28.54
C GLY D 508 -10.73 70.18 28.25
N THR D 509 -11.87 69.77 28.74
CA THR D 509 -13.12 70.47 28.44
C THR D 509 -12.99 71.96 28.85
N PRO D 510 -13.40 72.80 27.93
CA PRO D 510 -13.43 74.26 28.11
C PRO D 510 -14.71 74.62 28.85
N ILE D 511 -14.65 75.53 29.82
CA ILE D 511 -15.83 76.01 30.58
C ILE D 511 -16.00 77.53 30.38
N ALA D 512 -17.10 77.90 29.72
CA ALA D 512 -17.47 79.31 29.41
C ALA D 512 -17.78 80.06 30.70
N ASP D 513 -18.88 79.69 31.34
CA ASP D 513 -19.39 80.22 32.60
C ASP D 513 -19.32 79.08 33.64
N PRO D 514 -18.40 79.24 34.58
CA PRO D 514 -18.19 78.28 35.65
C PRO D 514 -19.36 78.21 36.61
N LYS D 515 -20.19 79.23 36.58
CA LYS D 515 -21.39 79.31 37.43
C LYS D 515 -22.54 78.52 36.80
N ARG D 516 -22.40 78.19 35.53
CA ARG D 516 -23.40 77.40 34.79
C ARG D 516 -22.62 76.54 33.79
N PRO D 517 -21.96 75.52 34.29
CA PRO D 517 -21.06 74.66 33.51
C PRO D 517 -21.67 73.44 32.86
N VAL D 518 -22.41 73.77 31.81
CA VAL D 518 -23.09 72.83 30.94
C VAL D 518 -22.04 72.01 30.17
N GLU D 519 -20.83 72.54 30.04
CA GLU D 519 -19.86 71.71 29.28
C GLU D 519 -19.56 70.46 30.04
N ILE D 520 -19.67 70.43 31.37
CA ILE D 520 -19.44 69.20 32.11
C ILE D 520 -20.61 68.22 31.89
N LEU D 521 -21.83 68.68 31.82
CA LEU D 521 -23.03 67.93 31.60
C LEU D 521 -23.04 67.28 30.22
N ARG D 522 -22.53 68.02 29.24
CA ARG D 522 -22.56 67.48 27.88
C ARG D 522 -21.73 66.22 27.85
N THR D 523 -20.59 66.26 28.49
CA THR D 523 -19.66 65.17 28.54
C THR D 523 -20.22 64.05 29.44
N VAL D 524 -20.59 64.36 30.65
CA VAL D 524 -21.13 63.38 31.58
C VAL D 524 -22.36 62.71 30.97
N HIS D 525 -23.26 63.47 30.40
CA HIS D 525 -24.47 62.90 29.81
C HIS D 525 -24.28 62.04 28.57
N SER D 526 -23.20 62.27 27.82
CA SER D 526 -22.97 61.50 26.59
C SER D 526 -22.76 60.03 26.93
N TYR D 527 -22.34 59.76 28.17
CA TYR D 527 -22.11 58.44 28.69
C TYR D 527 -23.41 57.82 29.21
N ASP D 528 -24.48 58.54 29.24
CA ASP D 528 -25.74 57.96 29.80
C ASP D 528 -25.50 57.33 31.16
N PRO D 529 -24.98 58.04 32.18
CA PRO D 529 -24.74 57.43 33.47
C PRO D 529 -25.98 56.84 34.09
N CYS D 530 -25.75 55.76 34.82
CA CYS D 530 -26.79 55.05 35.58
C CYS D 530 -26.10 54.69 36.89
N ILE D 531 -26.29 55.51 37.90
CA ILE D 531 -25.62 55.31 39.18
C ILE D 531 -26.22 54.15 39.95
N ALA D 532 -27.49 53.86 39.81
CA ALA D 532 -28.17 52.75 40.47
C ALA D 532 -27.53 51.42 39.97
N CYS D 533 -27.28 51.30 38.68
CA CYS D 533 -26.66 50.20 38.01
C CYS D 533 -25.17 50.18 38.37
N GLY D 534 -24.45 51.29 38.31
CA GLY D 534 -23.06 51.24 38.57
C GLY D 534 -22.69 50.76 39.94
N VAL D 535 -23.46 51.01 40.98
CA VAL D 535 -23.14 50.64 42.34
C VAL D 535 -23.89 49.43 42.91
N HIS D 536 -25.16 49.31 42.52
CA HIS D 536 -26.05 48.27 42.99
C HIS D 536 -25.83 48.11 44.51
N LYS E 4 63.35 -1.50 -13.57
CA LYS E 4 64.80 -1.26 -13.49
C LYS E 4 65.62 -2.16 -14.42
N LYS E 5 66.92 -2.19 -14.13
CA LYS E 5 67.90 -2.93 -14.92
C LYS E 5 67.53 -4.34 -15.33
N ARG E 6 67.73 -5.27 -14.42
CA ARG E 6 67.50 -6.68 -14.72
C ARG E 6 66.02 -7.06 -14.79
N PRO E 7 65.74 -7.94 -15.74
CA PRO E 7 64.40 -8.48 -15.99
C PRO E 7 63.96 -9.22 -14.73
N SER E 8 62.71 -9.00 -14.48
CA SER E 8 61.92 -9.40 -13.34
C SER E 8 61.26 -10.76 -13.53
N VAL E 9 61.45 -11.54 -12.48
CA VAL E 9 60.92 -12.90 -12.40
C VAL E 9 60.10 -13.05 -11.11
N VAL E 10 58.93 -13.59 -11.29
CA VAL E 10 58.01 -13.88 -10.14
C VAL E 10 57.83 -15.41 -10.18
N TYR E 11 58.22 -16.09 -9.12
CA TYR E 11 58.25 -17.57 -8.97
C TYR E 11 57.20 -18.08 -8.03
N LEU E 12 56.19 -18.79 -8.62
CA LEU E 12 55.07 -19.32 -7.83
C LEU E 12 55.19 -20.80 -7.45
N HIS E 13 54.87 -21.13 -6.23
CA HIS E 13 54.92 -22.52 -5.72
C HIS E 13 53.48 -23.03 -5.47
N ASN E 14 53.04 -24.04 -6.20
CA ASN E 14 51.73 -24.67 -6.14
C ASN E 14 51.76 -26.06 -5.48
N ALA E 15 51.17 -27.06 -6.08
CA ALA E 15 51.19 -28.45 -5.55
C ALA E 15 52.51 -29.09 -6.04
N GLU E 16 53.53 -28.91 -5.24
CA GLU E 16 54.90 -29.29 -5.47
C GLU E 16 55.58 -29.91 -4.27
N CYS E 17 56.77 -30.41 -4.55
CA CYS E 17 57.64 -31.06 -3.57
C CYS E 17 58.87 -30.19 -3.30
N THR E 18 59.06 -29.16 -4.11
CA THR E 18 60.12 -28.19 -4.02
C THR E 18 61.39 -28.74 -4.59
N GLY E 19 61.35 -29.86 -5.24
CA GLY E 19 62.57 -30.41 -5.86
C GLY E 19 62.85 -29.62 -7.13
N CYS E 20 61.87 -28.88 -7.63
CA CYS E 20 62.04 -28.07 -8.87
C CYS E 20 62.86 -26.83 -8.48
N SER E 21 62.55 -26.22 -7.33
CA SER E 21 63.43 -25.12 -6.87
C SER E 21 64.81 -25.65 -6.48
N GLU E 22 65.03 -26.73 -5.73
CA GLU E 22 66.39 -27.17 -5.44
C GLU E 22 67.15 -27.46 -6.70
N SER E 23 66.55 -27.95 -7.77
CA SER E 23 67.30 -28.20 -9.02
C SER E 23 67.89 -26.91 -9.55
N VAL E 24 67.23 -25.86 -9.32
CA VAL E 24 67.61 -24.54 -9.76
C VAL E 24 68.91 -24.06 -9.13
N LEU E 25 69.06 -24.20 -7.80
CA LEU E 25 70.20 -23.90 -6.95
C LEU E 25 71.44 -24.69 -7.41
N ARG E 26 71.24 -25.71 -8.23
CA ARG E 26 72.33 -26.57 -8.74
C ARG E 26 72.94 -26.06 -10.02
N THR E 27 72.36 -25.07 -10.65
CA THR E 27 72.89 -24.42 -11.85
C THR E 27 74.37 -24.06 -11.63
N VAL E 28 75.10 -24.17 -12.72
CA VAL E 28 76.57 -23.94 -12.80
C VAL E 28 76.76 -23.13 -14.07
N ASP E 29 77.65 -22.12 -14.07
CA ASP E 29 77.85 -21.30 -15.28
C ASP E 29 76.53 -20.95 -15.99
N PRO E 30 75.72 -20.07 -15.41
CA PRO E 30 75.97 -19.34 -14.18
C PRO E 30 75.52 -20.01 -12.91
N TYR E 31 76.23 -19.66 -11.85
CA TYR E 31 75.86 -20.19 -10.53
C TYR E 31 74.65 -19.37 -10.14
N VAL E 32 73.87 -19.74 -9.18
CA VAL E 32 72.66 -19.09 -8.76
C VAL E 32 72.87 -17.66 -8.27
N ASP E 33 74.02 -17.35 -7.76
CA ASP E 33 74.43 -16.01 -7.27
C ASP E 33 74.55 -15.05 -8.48
N GLU E 34 75.20 -15.50 -9.54
CA GLU E 34 75.35 -14.74 -10.79
C GLU E 34 73.95 -14.51 -11.41
N LEU E 35 73.13 -15.53 -11.36
CA LEU E 35 71.77 -15.54 -11.89
C LEU E 35 70.96 -14.43 -11.19
N ILE E 36 70.76 -14.57 -9.92
CA ILE E 36 70.02 -13.72 -8.97
C ILE E 36 70.58 -12.33 -8.81
N LEU E 37 71.85 -12.09 -8.97
CA LEU E 37 72.46 -10.78 -8.82
C LEU E 37 72.90 -10.20 -10.15
N ASP E 38 72.96 -10.90 -11.25
CA ASP E 38 73.46 -10.25 -12.47
C ASP E 38 72.55 -10.52 -13.66
N VAL E 39 71.83 -11.64 -13.66
CA VAL E 39 71.03 -11.91 -14.88
C VAL E 39 69.57 -11.51 -14.75
N ILE E 40 68.96 -11.80 -13.61
CA ILE E 40 67.54 -11.50 -13.50
C ILE E 40 67.31 -10.83 -12.14
N SER E 41 66.07 -10.46 -11.97
CA SER E 41 65.71 -9.93 -10.67
C SER E 41 64.67 -10.92 -10.10
N MET E 42 65.06 -11.66 -9.08
CA MET E 42 64.14 -12.64 -8.43
C MET E 42 63.25 -11.85 -7.48
N ASP E 43 62.14 -11.36 -7.94
CA ASP E 43 61.25 -10.53 -7.13
C ASP E 43 60.38 -11.21 -6.12
N TYR E 44 59.94 -12.42 -6.42
CA TYR E 44 59.08 -13.23 -5.53
C TYR E 44 59.52 -14.69 -5.58
N HIS E 45 59.91 -15.22 -4.44
CA HIS E 45 60.34 -16.64 -4.36
C HIS E 45 60.23 -17.07 -2.90
N GLU E 46 59.19 -17.70 -2.50
CA GLU E 46 58.85 -18.12 -1.17
C GLU E 46 59.94 -18.82 -0.41
N THR E 47 60.75 -19.57 -1.07
CA THR E 47 61.81 -20.34 -0.46
C THR E 47 63.04 -19.59 -0.01
N LEU E 48 63.30 -18.45 -0.61
CA LEU E 48 64.51 -17.71 -0.32
C LEU E 48 64.28 -16.35 0.29
N MET E 49 63.04 -15.95 0.42
CA MET E 49 62.75 -14.61 0.91
C MET E 49 63.10 -14.23 2.30
N ALA E 50 63.59 -13.00 2.47
CA ALA E 50 63.95 -12.48 3.80
C ALA E 50 62.71 -12.18 4.66
N GLY E 51 61.78 -11.41 4.09
CA GLY E 51 60.55 -11.03 4.85
C GLY E 51 59.57 -12.20 4.81
N ALA E 52 58.49 -12.23 5.52
CA ALA E 52 57.50 -13.30 5.52
C ALA E 52 56.11 -12.66 5.64
N GLY E 53 55.07 -13.43 5.59
CA GLY E 53 53.66 -13.02 5.75
C GLY E 53 53.33 -11.94 4.79
N HIS E 54 52.63 -10.92 5.18
CA HIS E 54 52.20 -9.78 4.34
C HIS E 54 53.37 -9.02 3.74
N ALA E 55 54.61 -8.99 4.25
CA ALA E 55 55.66 -8.22 3.55
C ALA E 55 55.94 -8.74 2.13
N VAL E 56 55.88 -10.08 2.01
CA VAL E 56 56.07 -10.83 0.77
C VAL E 56 54.84 -10.73 -0.15
N GLU E 57 53.65 -10.72 0.37
CA GLU E 57 52.46 -10.57 -0.48
C GLU E 57 52.34 -9.19 -1.09
N GLU E 58 52.86 -8.17 -0.46
CA GLU E 58 52.88 -6.80 -0.95
C GLU E 58 53.90 -6.74 -2.06
N ALA E 59 54.97 -7.47 -1.94
CA ALA E 59 56.02 -7.61 -2.96
C ALA E 59 55.52 -8.32 -4.22
N LEU E 60 54.83 -9.43 -4.00
CA LEU E 60 54.31 -10.13 -5.20
C LEU E 60 53.38 -9.10 -5.86
N HIS E 61 52.51 -8.49 -5.10
CA HIS E 61 51.50 -7.51 -5.60
C HIS E 61 52.03 -6.35 -6.44
N GLU E 62 53.16 -5.78 -6.06
CA GLU E 62 53.78 -4.71 -6.82
C GLU E 62 54.59 -5.26 -7.96
N ALA E 63 55.22 -6.42 -7.79
CA ALA E 63 56.00 -6.92 -8.92
C ALA E 63 55.12 -7.19 -10.14
N ILE E 64 53.90 -7.68 -9.93
CA ILE E 64 53.00 -8.02 -11.04
C ILE E 64 52.42 -6.84 -11.79
N LYS E 65 52.69 -5.64 -11.26
CA LYS E 65 52.25 -4.39 -11.90
C LYS E 65 53.17 -4.09 -13.07
N GLY E 66 54.36 -4.64 -13.16
CA GLY E 66 55.31 -4.44 -14.20
C GLY E 66 55.39 -5.52 -15.26
N ASP E 67 56.59 -5.47 -15.84
CA ASP E 67 57.03 -6.34 -16.92
C ASP E 67 57.79 -7.52 -16.32
N PHE E 68 57.15 -8.69 -16.36
CA PHE E 68 57.85 -9.84 -15.77
C PHE E 68 57.54 -11.15 -16.49
N VAL E 69 58.42 -12.08 -16.14
CA VAL E 69 58.30 -13.45 -16.60
C VAL E 69 57.78 -14.20 -15.34
N CYS E 70 56.82 -15.07 -15.60
CA CYS E 70 56.21 -15.88 -14.50
C CYS E 70 56.72 -17.33 -14.60
N VAL E 71 57.22 -17.81 -13.47
CA VAL E 71 57.74 -19.16 -13.31
C VAL E 71 56.74 -19.85 -12.37
N ILE E 72 56.11 -20.89 -12.84
CA ILE E 72 55.17 -21.62 -11.99
C ILE E 72 55.72 -23.02 -11.69
N GLU E 73 55.96 -23.42 -10.48
CA GLU E 73 56.41 -24.75 -10.05
C GLU E 73 55.20 -25.44 -9.41
N GLY E 74 54.93 -26.70 -9.69
CA GLY E 74 53.83 -27.49 -9.07
C GLY E 74 52.59 -27.51 -9.92
N GLY E 75 51.70 -28.46 -9.65
CA GLY E 75 50.46 -28.58 -10.45
C GLY E 75 49.46 -27.70 -9.73
N ILE E 76 48.34 -27.43 -10.39
CA ILE E 76 47.27 -26.60 -9.77
C ILE E 76 46.06 -27.45 -9.40
N PRO E 77 45.75 -27.53 -8.11
CA PRO E 77 44.61 -28.28 -7.61
C PRO E 77 43.32 -27.55 -8.00
N MET E 78 42.47 -28.40 -8.56
CA MET E 78 41.18 -27.86 -9.03
C MET E 78 39.95 -28.60 -8.63
N GLY E 79 40.08 -29.70 -7.91
CA GLY E 79 38.89 -30.41 -7.51
C GLY E 79 38.35 -29.69 -6.26
N ASP E 80 37.05 -29.87 -6.27
CA ASP E 80 36.06 -29.42 -5.29
C ASP E 80 36.25 -27.93 -5.12
N GLY E 81 36.78 -27.27 -6.11
CA GLY E 81 36.98 -25.84 -5.96
C GLY E 81 38.44 -25.44 -5.74
N GLY E 82 39.34 -26.38 -5.56
CA GLY E 82 40.76 -26.07 -5.39
C GLY E 82 41.16 -25.63 -4.01
N TYR E 83 40.39 -25.97 -3.00
CA TYR E 83 40.83 -25.53 -1.65
C TYR E 83 41.94 -26.36 -1.06
N TRP E 84 42.37 -27.42 -1.69
CA TRP E 84 43.43 -28.38 -1.36
C TRP E 84 44.82 -27.78 -1.27
N GLY E 85 44.93 -26.67 -1.99
CA GLY E 85 46.21 -25.91 -2.07
C GLY E 85 45.91 -24.42 -1.84
N LYS E 86 46.40 -23.88 -0.77
CA LYS E 86 46.26 -22.51 -0.37
C LYS E 86 47.61 -21.85 0.04
N VAL E 87 47.68 -20.57 -0.31
CA VAL E 87 48.79 -19.70 0.07
C VAL E 87 48.12 -18.43 0.64
N GLY E 88 48.23 -18.08 1.87
CA GLY E 88 47.55 -16.84 2.32
C GLY E 88 46.05 -16.93 2.54
N GLY E 89 45.51 -18.11 2.30
CA GLY E 89 44.07 -18.36 2.45
C GLY E 89 43.48 -18.39 1.03
N ARG E 90 44.26 -18.00 0.05
CA ARG E 90 43.76 -17.99 -1.33
C ARG E 90 44.08 -19.28 -2.06
N ASN E 91 43.21 -19.91 -2.78
CA ASN E 91 43.46 -21.11 -3.54
C ASN E 91 44.53 -20.80 -4.56
N MET E 92 45.40 -21.76 -4.79
CA MET E 92 46.49 -21.72 -5.77
C MET E 92 45.93 -21.37 -7.15
N TYR E 93 44.82 -21.93 -7.54
CA TYR E 93 44.29 -21.59 -8.88
C TYR E 93 43.97 -20.09 -8.89
N ASP E 94 43.45 -19.49 -7.84
CA ASP E 94 43.12 -18.03 -7.82
C ASP E 94 44.40 -17.21 -7.94
N ILE E 95 45.42 -17.50 -7.17
CA ILE E 95 46.69 -16.77 -7.33
C ILE E 95 47.22 -16.84 -8.74
N CYS E 96 47.31 -17.97 -9.37
CA CYS E 96 47.79 -18.20 -10.73
C CYS E 96 46.94 -17.53 -11.80
N ALA E 97 45.65 -17.62 -11.57
CA ALA E 97 44.70 -17.00 -12.56
C ALA E 97 44.94 -15.48 -12.61
N GLU E 98 45.32 -14.90 -11.47
CA GLU E 98 45.61 -13.50 -11.31
C GLU E 98 46.99 -13.17 -11.83
N VAL E 99 48.02 -13.90 -11.46
CA VAL E 99 49.36 -13.61 -11.85
C VAL E 99 49.78 -13.94 -13.25
N ALA E 100 49.58 -15.19 -13.62
CA ALA E 100 50.03 -15.73 -14.91
C ALA E 100 49.68 -14.91 -16.11
N PRO E 101 48.44 -14.54 -16.31
CA PRO E 101 47.98 -13.75 -17.45
C PRO E 101 48.61 -12.38 -17.52
N LYS E 102 49.11 -11.80 -16.44
CA LYS E 102 49.78 -10.49 -16.58
C LYS E 102 51.25 -10.59 -16.96
N ALA E 103 51.86 -11.75 -17.01
CA ALA E 103 53.30 -11.94 -17.33
C ALA E 103 53.66 -11.83 -18.78
N LYS E 104 54.88 -11.52 -19.14
CA LYS E 104 55.24 -11.45 -20.55
C LYS E 104 55.43 -12.82 -21.21
N ALA E 105 55.72 -13.81 -20.38
CA ALA E 105 55.96 -15.18 -20.69
C ALA E 105 55.72 -15.95 -19.37
N VAL E 106 55.27 -17.15 -19.51
CA VAL E 106 55.05 -18.06 -18.37
C VAL E 106 55.91 -19.30 -18.66
N ILE E 107 56.60 -19.73 -17.65
CA ILE E 107 57.44 -20.94 -17.78
C ILE E 107 56.93 -21.99 -16.77
N ALA E 108 56.48 -23.16 -17.23
CA ALA E 108 56.00 -24.24 -16.34
C ALA E 108 57.24 -25.09 -16.00
N ILE E 109 57.72 -25.15 -14.75
CA ILE E 109 58.93 -25.90 -14.37
C ILE E 109 58.59 -27.22 -13.69
N GLY E 110 59.05 -28.34 -14.24
CA GLY E 110 58.77 -29.64 -13.57
C GLY E 110 57.54 -30.27 -14.18
N THR E 111 57.54 -31.59 -14.26
CA THR E 111 56.40 -32.35 -14.83
C THR E 111 55.12 -32.06 -14.12
N CYS E 112 55.20 -31.62 -12.89
CA CYS E 112 53.94 -31.28 -12.17
C CYS E 112 53.32 -30.01 -12.75
N ALA E 113 54.09 -28.95 -12.96
CA ALA E 113 53.57 -27.70 -13.51
C ALA E 113 53.18 -27.90 -14.96
N THR E 114 53.99 -28.63 -15.69
CA THR E 114 53.74 -28.89 -17.13
C THR E 114 52.57 -29.76 -17.38
N TYR E 115 52.50 -30.95 -16.71
CA TYR E 115 51.41 -31.89 -16.90
C TYR E 115 50.59 -32.31 -15.70
N GLY E 116 50.84 -32.11 -14.44
CA GLY E 116 49.94 -32.59 -13.37
C GLY E 116 50.78 -33.21 -12.24
N GLY E 117 51.73 -34.02 -12.66
CA GLY E 117 52.73 -34.68 -11.87
C GLY E 117 52.21 -35.73 -10.93
N VAL E 118 53.07 -35.98 -9.94
CA VAL E 118 52.79 -37.00 -8.91
C VAL E 118 51.43 -36.92 -8.29
N GLN E 119 50.96 -35.78 -7.81
CA GLN E 119 49.62 -35.68 -7.20
C GLN E 119 48.47 -35.87 -8.18
N ALA E 120 48.79 -35.87 -9.47
CA ALA E 120 47.80 -36.07 -10.53
C ALA E 120 47.75 -37.58 -10.90
N ALA E 121 48.60 -38.45 -10.40
CA ALA E 121 48.54 -39.89 -10.70
C ALA E 121 47.21 -40.34 -10.11
N LYS E 122 46.69 -41.48 -10.61
CA LYS E 122 45.39 -42.04 -10.15
C LYS E 122 45.41 -42.28 -8.64
N PRO E 123 44.35 -41.99 -7.94
CA PRO E 123 43.11 -41.43 -8.47
C PRO E 123 42.98 -39.90 -8.44
N ASN E 124 44.10 -39.18 -8.35
CA ASN E 124 44.10 -37.69 -8.32
C ASN E 124 43.10 -37.14 -7.31
N PRO E 125 43.34 -37.41 -6.04
CA PRO E 125 42.43 -36.95 -4.99
C PRO E 125 42.02 -35.46 -5.06
N THR E 126 42.99 -34.57 -5.40
CA THR E 126 42.85 -33.13 -5.44
C THR E 126 42.49 -32.50 -6.75
N GLY E 127 42.33 -33.26 -7.79
CA GLY E 127 42.00 -32.71 -9.11
C GLY E 127 43.12 -31.84 -9.67
N THR E 128 44.38 -32.11 -9.40
CA THR E 128 45.49 -31.33 -9.92
C THR E 128 45.69 -31.48 -11.42
N VAL E 129 46.10 -30.39 -12.06
CA VAL E 129 46.34 -30.32 -13.49
C VAL E 129 47.54 -29.41 -13.73
N GLY E 130 48.07 -29.48 -14.93
CA GLY E 130 49.23 -28.61 -15.24
C GLY E 130 48.65 -27.23 -15.58
N VAL E 131 49.56 -26.34 -15.78
CA VAL E 131 49.40 -24.94 -16.09
C VAL E 131 48.60 -24.68 -17.31
N ASN E 132 49.08 -25.11 -18.47
CA ASN E 132 48.25 -24.91 -19.71
C ASN E 132 46.90 -25.58 -19.59
N GLU E 133 46.68 -26.66 -18.84
CA GLU E 133 45.34 -27.26 -18.77
C GLU E 133 44.46 -26.38 -17.88
N ALA E 134 45.01 -25.82 -16.82
CA ALA E 134 44.22 -24.99 -15.93
C ALA E 134 43.96 -23.59 -16.41
N LEU E 135 44.96 -22.91 -16.91
CA LEU E 135 44.89 -21.54 -17.36
C LEU E 135 44.87 -21.24 -18.86
N GLY E 136 44.85 -22.23 -19.70
CA GLY E 136 44.84 -22.14 -21.16
C GLY E 136 43.70 -21.23 -21.55
N LYS E 137 42.55 -21.35 -20.93
CA LYS E 137 41.39 -20.51 -21.19
C LYS E 137 41.53 -19.07 -20.71
N LEU E 138 42.55 -18.59 -20.03
CA LEU E 138 42.81 -17.27 -19.55
C LEU E 138 43.88 -16.74 -20.49
N GLY E 139 44.15 -17.56 -21.49
CA GLY E 139 45.14 -17.24 -22.52
C GLY E 139 46.54 -17.67 -22.15
N VAL E 140 46.82 -18.40 -21.09
CA VAL E 140 48.19 -18.84 -20.75
C VAL E 140 48.55 -20.03 -21.64
N LYS E 141 49.70 -19.85 -22.26
CA LYS E 141 50.41 -20.75 -23.12
C LYS E 141 51.83 -20.82 -22.53
N ALA E 142 52.10 -21.61 -21.52
CA ALA E 142 53.39 -21.76 -20.87
C ALA E 142 54.40 -22.58 -21.61
N ILE E 143 55.66 -22.31 -21.45
CA ILE E 143 56.78 -23.08 -22.05
C ILE E 143 56.91 -24.26 -21.07
N ASN E 144 56.88 -25.51 -21.56
CA ASN E 144 56.95 -26.60 -20.55
C ASN E 144 58.35 -27.15 -20.34
N ILE E 145 59.00 -26.99 -19.21
CA ILE E 145 60.32 -27.58 -18.97
C ILE E 145 60.02 -28.85 -18.14
N ALA E 146 59.98 -29.95 -18.85
CA ALA E 146 59.67 -31.28 -18.25
C ALA E 146 60.87 -31.97 -17.58
N GLY E 147 60.46 -32.86 -16.66
CA GLY E 147 61.44 -33.58 -15.86
C GLY E 147 60.92 -33.43 -14.41
N CYS E 148 61.47 -34.36 -13.63
CA CYS E 148 61.06 -34.51 -12.22
C CYS E 148 62.23 -34.73 -11.29
N PRO E 149 63.08 -33.73 -11.10
CA PRO E 149 63.00 -32.39 -11.72
C PRO E 149 63.79 -32.34 -13.02
N PRO E 150 63.68 -31.22 -13.78
CA PRO E 150 64.37 -31.03 -15.05
C PRO E 150 65.83 -30.80 -14.78
N ASN E 151 66.65 -30.89 -15.77
CA ASN E 151 68.12 -30.59 -15.67
C ASN E 151 68.23 -29.11 -15.41
N PRO E 152 68.99 -28.58 -14.47
CA PRO E 152 69.10 -27.12 -14.22
C PRO E 152 69.35 -26.38 -15.51
N MET E 153 70.13 -26.92 -16.39
CA MET E 153 70.48 -26.39 -17.70
C MET E 153 69.28 -26.05 -18.57
N ASN E 154 68.26 -26.89 -18.52
CA ASN E 154 67.09 -26.70 -19.39
C ASN E 154 66.20 -25.57 -18.92
N PHE E 155 66.26 -25.27 -17.64
CA PHE E 155 65.37 -24.19 -17.15
C PHE E 155 66.11 -22.87 -17.32
N VAL E 156 67.30 -22.77 -16.81
CA VAL E 156 68.15 -21.56 -16.88
C VAL E 156 68.49 -21.25 -18.31
N GLY E 157 68.71 -22.20 -19.15
CA GLY E 157 69.07 -22.04 -20.57
C GLY E 157 67.86 -21.55 -21.32
N THR E 158 66.68 -21.82 -20.80
CA THR E 158 65.48 -21.30 -21.45
C THR E 158 65.21 -19.87 -20.99
N VAL E 159 65.45 -19.54 -19.73
CA VAL E 159 65.27 -18.19 -19.22
C VAL E 159 66.24 -17.32 -20.03
N VAL E 160 67.50 -17.67 -19.98
CA VAL E 160 68.49 -16.85 -20.72
C VAL E 160 68.16 -16.77 -22.19
N HIS E 161 67.60 -17.80 -22.81
CA HIS E 161 67.28 -17.79 -24.26
C HIS E 161 66.21 -16.75 -24.52
N LEU E 162 65.20 -16.90 -23.69
CA LEU E 162 64.02 -16.05 -23.72
C LEU E 162 64.44 -14.60 -23.62
N LEU E 163 65.45 -14.34 -22.82
CA LEU E 163 65.96 -13.01 -22.51
C LEU E 163 66.94 -12.57 -23.57
N THR E 164 67.55 -13.48 -24.28
CA THR E 164 68.55 -13.07 -25.28
C THR E 164 68.03 -13.19 -26.68
N LYS E 165 67.62 -14.39 -27.07
CA LYS E 165 67.10 -14.66 -28.40
C LYS E 165 65.62 -14.68 -28.55
N GLY E 166 64.75 -14.83 -27.60
CA GLY E 166 63.30 -14.83 -27.90
C GLY E 166 62.72 -16.18 -27.54
N MET E 167 61.53 -16.40 -28.01
CA MET E 167 60.77 -17.63 -27.73
C MET E 167 61.29 -18.89 -28.41
N PRO E 168 61.64 -19.91 -27.64
CA PRO E 168 62.21 -21.12 -28.27
C PRO E 168 61.12 -21.88 -29.00
N GLU E 169 61.54 -22.66 -29.98
CA GLU E 169 60.60 -23.51 -30.73
C GLU E 169 60.20 -24.64 -29.75
N LEU E 170 58.94 -24.96 -29.75
CA LEU E 170 58.43 -25.99 -28.86
C LEU E 170 57.98 -27.26 -29.59
N ASP E 171 57.83 -28.37 -28.90
CA ASP E 171 57.36 -29.64 -29.50
C ASP E 171 55.87 -29.58 -29.19
N LYS E 172 55.09 -30.56 -29.58
CA LYS E 172 53.65 -30.49 -29.30
C LYS E 172 53.30 -30.65 -27.83
N GLN E 173 54.31 -30.99 -27.08
CA GLN E 173 54.09 -31.23 -25.64
C GLN E 173 54.49 -29.99 -24.91
N GLY E 174 54.81 -28.96 -25.64
CA GLY E 174 55.19 -27.67 -25.09
C GLY E 174 56.64 -27.56 -24.70
N ARG E 175 57.52 -28.51 -24.99
CA ARG E 175 58.90 -28.41 -24.52
C ARG E 175 59.80 -27.86 -25.58
N PRO E 176 60.76 -27.02 -25.20
CA PRO E 176 61.70 -26.45 -26.13
C PRO E 176 62.44 -27.55 -26.88
N VAL E 177 62.22 -27.70 -28.18
CA VAL E 177 62.95 -28.70 -28.95
C VAL E 177 64.47 -28.64 -28.75
N MET E 178 65.08 -27.54 -28.36
CA MET E 178 66.54 -27.50 -28.24
C MET E 178 67.05 -28.42 -27.14
N PHE E 179 66.19 -28.76 -26.20
CA PHE E 179 66.57 -29.59 -25.06
C PHE E 179 65.86 -30.96 -25.05
N PHE E 180 64.61 -31.04 -25.45
CA PHE E 180 63.77 -32.19 -25.50
C PHE E 180 63.55 -32.68 -26.92
N GLY E 181 64.43 -32.43 -27.88
CA GLY E 181 64.20 -32.91 -29.24
C GLY E 181 64.60 -34.33 -29.55
N GLU E 182 65.42 -34.96 -28.71
CA GLU E 182 65.82 -36.39 -28.95
C GLU E 182 65.55 -37.23 -27.73
N THR E 183 65.39 -38.53 -27.94
CA THR E 183 65.06 -39.39 -26.78
C THR E 183 66.33 -39.69 -26.01
N VAL E 184 66.19 -40.07 -24.78
CA VAL E 184 67.37 -40.46 -23.93
C VAL E 184 68.11 -41.64 -24.59
N HIS E 185 67.38 -42.54 -25.21
CA HIS E 185 67.90 -43.77 -25.82
C HIS E 185 68.87 -43.48 -26.93
N ASP E 186 68.51 -42.49 -27.75
CA ASP E 186 69.29 -42.06 -28.89
C ASP E 186 70.62 -41.55 -28.45
N ASN E 187 70.79 -41.11 -27.24
CA ASN E 187 72.10 -40.63 -26.76
C ASN E 187 72.67 -41.52 -25.70
N CYS E 188 71.96 -42.57 -25.35
CA CYS E 188 72.46 -43.46 -24.29
C CYS E 188 73.73 -44.19 -24.67
N PRO E 189 74.76 -44.18 -23.85
CA PRO E 189 75.99 -44.95 -24.08
C PRO E 189 75.80 -46.48 -23.98
N ARG E 190 74.74 -47.01 -23.39
CA ARG E 190 74.54 -48.45 -23.29
C ARG E 190 73.91 -48.89 -24.61
N LEU E 191 73.79 -47.94 -25.55
CA LEU E 191 73.21 -48.20 -26.88
C LEU E 191 74.07 -49.24 -27.66
N LYS E 192 75.34 -49.25 -27.33
CA LYS E 192 76.29 -50.20 -27.92
C LYS E 192 75.82 -51.60 -27.47
N HIS E 193 75.56 -51.81 -26.20
CA HIS E 193 75.07 -53.08 -25.68
C HIS E 193 73.76 -53.49 -26.32
N PHE E 194 72.90 -52.56 -26.51
CA PHE E 194 71.56 -52.70 -27.06
C PHE E 194 71.60 -53.20 -28.50
N GLU E 195 72.45 -52.48 -29.18
CA GLU E 195 72.63 -52.80 -30.61
C GLU E 195 73.21 -54.20 -30.70
N ALA E 196 74.08 -54.61 -29.81
CA ALA E 196 74.73 -55.89 -29.73
C ALA E 196 73.79 -56.98 -29.19
N GLY E 197 72.60 -56.63 -28.78
CA GLY E 197 71.68 -57.65 -28.26
C GLY E 197 72.15 -58.17 -26.94
N GLU E 198 72.64 -57.27 -26.08
CA GLU E 198 73.11 -57.55 -24.71
C GLU E 198 72.34 -56.78 -23.65
N PHE E 199 71.50 -57.46 -22.90
CA PHE E 199 70.53 -57.07 -21.93
C PHE E 199 70.67 -57.67 -20.55
N ALA E 200 70.36 -56.85 -19.54
CA ALA E 200 70.39 -57.31 -18.16
C ALA E 200 68.93 -57.70 -17.87
N THR E 201 68.75 -58.87 -17.22
CA THR E 201 67.41 -59.35 -16.88
C THR E 201 67.29 -59.37 -15.36
N SER E 202 68.37 -59.00 -14.67
CA SER E 202 68.29 -58.87 -13.21
C SER E 202 69.45 -57.95 -12.81
N PHE E 203 69.16 -57.27 -11.72
CA PHE E 203 70.07 -56.31 -11.10
C PHE E 203 71.27 -56.96 -10.51
N GLY E 204 71.25 -58.18 -10.02
CA GLY E 204 72.45 -58.76 -9.44
C GLY E 204 73.24 -59.68 -10.36
N SER E 205 72.88 -59.80 -11.60
CA SER E 205 73.53 -60.64 -12.60
C SER E 205 74.78 -60.05 -13.21
N PRO E 206 75.61 -60.91 -13.80
CA PRO E 206 76.83 -60.51 -14.44
C PRO E 206 76.61 -59.50 -15.54
N GLU E 207 75.45 -59.55 -16.15
CA GLU E 207 75.17 -58.59 -17.28
C GLU E 207 74.94 -57.16 -16.76
N ALA E 208 74.32 -57.03 -15.59
CA ALA E 208 74.01 -55.85 -14.79
C ALA E 208 75.35 -55.24 -14.37
N LYS E 209 76.21 -56.15 -13.86
CA LYS E 209 77.57 -55.73 -13.47
C LYS E 209 78.36 -55.27 -14.67
N LYS E 210 78.08 -55.73 -15.86
CA LYS E 210 78.83 -55.40 -17.08
C LYS E 210 78.21 -54.15 -17.73
N GLY E 211 77.12 -53.63 -17.20
CA GLY E 211 76.54 -52.43 -17.73
C GLY E 211 75.80 -52.68 -19.02
N TYR E 212 75.11 -53.82 -19.06
CA TYR E 212 74.34 -54.08 -20.31
C TYR E 212 73.09 -53.20 -20.32
N CYS E 213 72.35 -53.21 -21.40
CA CYS E 213 71.10 -52.44 -21.57
C CYS E 213 70.06 -52.86 -20.57
N LEU E 214 69.29 -51.95 -20.00
CA LEU E 214 68.27 -52.11 -18.98
C LEU E 214 66.88 -52.19 -19.56
N TYR E 215 66.74 -52.30 -20.86
CA TYR E 215 65.47 -52.35 -21.51
C TYR E 215 64.54 -53.36 -20.87
N GLU E 216 65.07 -54.58 -20.63
CA GLU E 216 64.28 -55.69 -20.07
C GLU E 216 63.91 -55.43 -18.65
N LEU E 217 64.67 -54.59 -17.98
CA LEU E 217 64.50 -54.11 -16.61
C LEU E 217 63.67 -52.81 -16.58
N GLY E 218 62.92 -52.50 -17.59
CA GLY E 218 61.99 -51.42 -17.72
C GLY E 218 62.50 -50.05 -18.12
N CYS E 219 63.64 -49.91 -18.67
CA CYS E 219 64.17 -48.63 -19.10
C CYS E 219 63.19 -48.07 -20.11
N LYS E 220 62.73 -46.85 -19.85
CA LYS E 220 61.74 -46.15 -20.69
C LYS E 220 62.44 -45.16 -21.60
N GLY E 221 63.74 -45.25 -21.65
CA GLY E 221 64.61 -44.48 -22.47
C GLY E 221 64.12 -44.33 -23.89
N PRO E 222 63.74 -45.36 -24.63
CA PRO E 222 63.31 -45.24 -26.02
C PRO E 222 62.10 -44.35 -26.22
N ASP E 223 61.37 -44.10 -25.15
CA ASP E 223 60.18 -43.27 -25.20
C ASP E 223 60.34 -41.90 -24.56
N THR E 224 61.44 -41.56 -23.94
CA THR E 224 61.55 -40.32 -23.20
C THR E 224 62.39 -39.28 -23.90
N TYR E 225 61.81 -38.08 -23.97
CA TYR E 225 62.54 -36.97 -24.57
C TYR E 225 63.23 -36.16 -23.48
N ASN E 226 64.54 -36.19 -23.52
CA ASN E 226 65.26 -35.43 -22.45
C ASN E 226 66.70 -35.47 -22.89
N ASN E 227 67.59 -34.77 -22.29
CA ASN E 227 69.02 -34.74 -22.65
C ASN E 227 69.98 -35.19 -21.56
N CYS E 228 69.49 -36.05 -20.73
CA CYS E 228 70.15 -36.65 -19.58
C CYS E 228 71.51 -37.22 -19.90
N PRO E 229 71.60 -38.11 -20.88
CA PRO E 229 72.88 -38.74 -21.24
C PRO E 229 73.96 -37.75 -21.65
N LYS E 230 73.60 -36.75 -22.44
CA LYS E 230 74.58 -35.75 -22.91
C LYS E 230 74.85 -34.66 -21.87
N GLN E 231 73.88 -34.18 -21.09
CA GLN E 231 74.22 -33.13 -20.13
C GLN E 231 74.65 -33.64 -18.78
N LEU E 232 74.17 -34.82 -18.40
CA LEU E 232 74.49 -35.35 -17.06
C LEU E 232 73.70 -34.44 -16.08
N PHE E 233 73.77 -34.82 -14.84
CA PHE E 233 73.20 -34.18 -13.68
C PHE E 233 74.39 -33.94 -12.74
N ASN E 234 74.42 -32.77 -12.10
CA ASN E 234 75.49 -32.45 -11.13
C ASN E 234 76.86 -32.51 -11.79
N GLN E 235 76.77 -32.38 -13.08
CA GLN E 235 77.96 -32.42 -13.97
C GLN E 235 78.59 -33.83 -13.75
N VAL E 236 77.86 -34.82 -13.25
CA VAL E 236 78.50 -36.11 -12.94
C VAL E 236 77.85 -37.41 -13.23
N ASN E 237 76.54 -37.60 -13.29
CA ASN E 237 75.90 -38.88 -13.47
C ASN E 237 74.47 -38.74 -13.98
N TRP E 238 73.83 -39.82 -14.35
CA TRP E 238 72.44 -39.90 -14.79
C TRP E 238 72.00 -41.33 -14.44
N PRO E 239 70.70 -41.49 -14.28
CA PRO E 239 70.12 -42.76 -13.85
C PRO E 239 70.73 -44.00 -14.47
N VAL E 240 70.84 -44.17 -15.75
CA VAL E 240 71.29 -45.32 -16.50
C VAL E 240 72.75 -45.62 -16.27
N GLN E 241 73.51 -44.59 -16.08
CA GLN E 241 74.95 -44.70 -15.73
C GLN E 241 75.03 -45.29 -14.31
N ALA E 242 74.09 -44.99 -13.43
CA ALA E 242 74.07 -45.51 -12.05
C ALA E 242 73.33 -46.87 -12.00
N GLY E 243 73.20 -47.40 -13.20
CA GLY E 243 72.58 -48.66 -13.52
C GLY E 243 71.13 -48.77 -13.23
N HIS E 244 70.41 -47.68 -13.19
CA HIS E 244 68.93 -47.74 -12.95
C HIS E 244 68.27 -47.33 -14.26
N PRO E 245 67.21 -48.03 -14.60
CA PRO E 245 66.51 -47.67 -15.86
C PRO E 245 65.87 -46.28 -15.73
N CYS E 246 65.65 -45.66 -16.87
CA CYS E 246 64.96 -44.38 -17.02
C CYS E 246 63.48 -44.60 -16.72
N ILE E 247 62.84 -43.77 -15.92
CA ILE E 247 61.43 -43.90 -15.59
C ILE E 247 60.54 -42.98 -16.43
N ALA E 248 60.99 -42.40 -17.51
CA ALA E 248 60.21 -41.49 -18.38
C ALA E 248 59.70 -40.30 -17.60
N CYS E 249 60.53 -39.69 -16.77
CA CYS E 249 60.12 -38.58 -15.87
C CYS E 249 59.84 -37.24 -16.54
N SER E 250 60.06 -37.05 -17.81
CA SER E 250 59.81 -35.85 -18.55
C SER E 250 58.63 -36.03 -19.47
N GLU E 251 57.83 -37.08 -19.30
CA GLU E 251 56.70 -37.31 -20.18
C GLU E 251 55.37 -37.18 -19.50
N PRO E 252 54.43 -36.66 -20.28
CA PRO E 252 53.04 -36.55 -19.78
C PRO E 252 52.61 -37.94 -19.29
N ASN E 253 52.01 -37.94 -18.14
CA ASN E 253 51.44 -39.06 -17.42
C ASN E 253 52.37 -40.20 -17.12
N PHE E 254 53.65 -39.96 -17.06
CA PHE E 254 54.57 -41.08 -16.81
C PHE E 254 54.18 -41.94 -15.64
N TRP E 255 53.67 -41.38 -14.59
CA TRP E 255 53.31 -42.02 -13.33
C TRP E 255 52.37 -43.17 -13.52
N ASP E 256 51.50 -43.04 -14.48
CA ASP E 256 50.47 -44.05 -14.78
C ASP E 256 50.82 -44.78 -16.10
N LEU E 257 51.23 -43.96 -17.05
CA LEU E 257 51.58 -44.51 -18.36
C LEU E 257 52.81 -45.42 -18.36
N TYR E 258 53.80 -45.15 -17.52
CA TYR E 258 55.05 -45.86 -17.53
C TYR E 258 55.39 -46.68 -16.33
N SER E 259 54.45 -46.81 -15.44
CA SER E 259 54.63 -47.66 -14.23
C SER E 259 53.78 -48.88 -14.60
N PRO E 260 54.06 -50.09 -14.16
CA PRO E 260 55.15 -50.54 -13.29
C PRO E 260 56.49 -50.37 -14.00
N PHE E 261 57.31 -49.64 -13.28
CA PHE E 261 58.61 -49.20 -13.72
C PHE E 261 59.63 -50.24 -14.09
N TYR E 262 59.64 -51.41 -13.51
CA TYR E 262 60.68 -52.40 -13.77
C TYR E 262 60.27 -53.46 -14.76
N SER E 263 59.33 -53.08 -15.58
CA SER E 263 58.91 -54.05 -16.62
C SER E 263 58.66 -53.26 -17.89
N ALA E 264 59.13 -53.82 -18.99
CA ALA E 264 58.99 -53.23 -20.32
C ALA E 264 57.48 -53.27 -20.66
N ASN F 7 44.98 -10.29 21.01
CA ASN F 7 45.04 -10.11 19.56
C ASN F 7 46.01 -11.16 18.96
N LYS F 8 45.71 -11.39 17.70
CA LYS F 8 46.37 -12.35 16.85
C LYS F 8 47.38 -11.74 15.91
N ILE F 9 48.32 -12.61 15.55
CA ILE F 9 49.37 -12.31 14.60
C ILE F 9 49.31 -13.52 13.65
N VAL F 10 49.19 -13.29 12.38
CA VAL F 10 49.21 -14.39 11.44
C VAL F 10 50.40 -14.20 10.49
N VAL F 11 51.15 -15.30 10.30
CA VAL F 11 52.29 -15.22 9.34
C VAL F 11 51.97 -16.26 8.24
N ASP F 12 51.59 -15.77 7.07
CA ASP F 12 51.24 -16.55 5.90
C ASP F 12 51.51 -15.84 4.57
N PRO F 13 52.45 -16.32 3.74
CA PRO F 13 53.26 -17.50 4.02
C PRO F 13 54.44 -17.31 4.95
N ILE F 14 54.81 -18.43 5.56
CA ILE F 14 56.07 -18.43 6.33
C ILE F 14 57.06 -18.71 5.15
N THR F 15 58.09 -17.95 4.92
CA THR F 15 59.07 -18.10 3.86
C THR F 15 60.29 -18.81 4.40
N ARG F 16 61.26 -19.15 3.58
CA ARG F 16 62.47 -19.84 4.05
C ARG F 16 62.27 -21.16 4.74
N ILE F 17 61.31 -21.93 4.33
CA ILE F 17 60.91 -23.28 4.71
C ILE F 17 60.53 -23.95 3.35
N GLU F 18 60.15 -25.20 3.41
CA GLU F 18 59.67 -26.03 2.30
C GLU F 18 58.12 -26.15 2.46
N GLY F 19 57.36 -25.87 1.42
CA GLY F 19 55.92 -26.06 1.48
C GLY F 19 55.12 -24.92 2.04
N HIS F 20 53.83 -25.18 2.17
CA HIS F 20 52.88 -24.16 2.62
C HIS F 20 52.49 -24.21 4.04
N LEU F 21 52.98 -23.28 4.86
CA LEU F 21 52.64 -23.21 6.28
C LEU F 21 52.06 -21.84 6.64
N ARG F 22 51.09 -21.83 7.52
CA ARG F 22 50.51 -20.56 8.00
C ARG F 22 50.61 -20.59 9.52
N ILE F 23 51.10 -19.58 10.19
CA ILE F 23 51.18 -19.59 11.66
C ILE F 23 50.25 -18.51 12.22
N GLU F 24 49.43 -18.89 13.16
CA GLU F 24 48.55 -17.91 13.79
C GLU F 24 48.85 -17.98 15.29
N VAL F 25 49.09 -16.83 15.90
CA VAL F 25 49.34 -16.72 17.33
C VAL F 25 48.49 -15.62 17.98
N GLU F 26 48.31 -15.84 19.28
CA GLU F 26 47.62 -14.97 20.19
C GLU F 26 48.72 -14.33 21.07
N VAL F 27 48.77 -13.02 21.07
CA VAL F 27 49.76 -12.27 21.91
C VAL F 27 48.99 -11.68 23.09
N GLU F 28 49.68 -11.45 24.18
CA GLU F 28 49.15 -10.95 25.46
C GLU F 28 50.37 -10.48 26.23
N GLY F 29 50.50 -9.17 26.40
CA GLY F 29 51.66 -8.64 27.14
C GLY F 29 53.01 -8.85 26.46
N GLY F 30 52.96 -8.80 25.13
CA GLY F 30 54.13 -8.92 24.24
C GLY F 30 54.68 -10.34 24.11
N LYS F 31 53.89 -11.27 24.64
CA LYS F 31 54.35 -12.66 24.59
C LYS F 31 53.33 -13.56 23.94
N ILE F 32 53.82 -14.53 23.20
CA ILE F 32 52.90 -15.49 22.55
C ILE F 32 52.20 -16.20 23.70
N LYS F 33 50.92 -16.27 23.72
CA LYS F 33 50.08 -16.93 24.70
C LYS F 33 49.39 -18.18 24.19
N ASN F 34 49.14 -18.36 22.91
CA ASN F 34 48.56 -19.52 22.24
C ASN F 34 49.08 -19.63 20.79
N ALA F 35 49.01 -20.83 20.23
CA ALA F 35 49.55 -20.94 18.82
C ALA F 35 48.92 -22.08 18.06
N TRP F 36 48.85 -21.95 16.74
CA TRP F 36 48.25 -22.92 15.84
C TRP F 36 49.16 -23.06 14.61
N SER F 37 49.52 -24.27 14.28
CA SER F 37 50.43 -24.55 13.12
C SER F 37 49.54 -25.04 11.98
N MET F 38 49.38 -24.22 10.92
CA MET F 38 48.42 -24.60 9.86
C MET F 38 49.07 -25.01 8.56
N SER F 39 49.04 -26.27 8.19
CA SER F 39 49.63 -26.76 6.94
C SER F 39 48.53 -26.65 5.90
N THR F 40 48.77 -25.90 4.84
CA THR F 40 47.80 -25.57 3.80
C THR F 40 47.82 -26.17 2.42
N LEU F 41 48.56 -27.25 2.18
CA LEU F 41 48.54 -27.94 0.89
C LEU F 41 48.38 -29.46 1.15
N PHE F 42 47.56 -30.17 0.45
CA PHE F 42 47.39 -31.62 0.61
C PHE F 42 47.66 -32.23 -0.78
N ARG F 43 48.46 -33.25 -0.93
CA ARG F 43 48.71 -33.87 -2.25
C ARG F 43 48.07 -35.25 -2.30
N GLY F 44 48.10 -36.00 -1.19
CA GLY F 44 47.51 -37.32 -0.96
C GLY F 44 48.25 -38.50 -1.52
N LEU F 45 49.50 -38.68 -1.23
CA LEU F 45 50.41 -39.69 -1.76
C LEU F 45 50.01 -41.08 -1.30
N GLU F 46 49.60 -41.23 -0.06
CA GLU F 46 49.16 -42.54 0.44
C GLU F 46 47.90 -42.99 -0.30
N MET F 47 46.99 -42.12 -0.74
CA MET F 47 45.79 -42.52 -1.51
C MET F 47 46.14 -43.02 -2.91
N ILE F 48 47.17 -42.50 -3.53
CA ILE F 48 47.66 -42.78 -4.86
C ILE F 48 48.40 -44.10 -4.95
N LEU F 49 49.06 -44.47 -3.88
CA LEU F 49 49.82 -45.70 -3.69
C LEU F 49 48.87 -46.92 -3.64
N LYS F 50 47.73 -46.84 -3.00
CA LYS F 50 46.72 -47.86 -2.83
C LYS F 50 46.64 -48.73 -4.08
N GLY F 51 46.81 -50.01 -3.93
CA GLY F 51 46.75 -50.99 -4.97
C GLY F 51 47.87 -51.06 -5.94
N ARG F 52 48.94 -50.32 -5.80
CA ARG F 52 50.07 -50.34 -6.77
C ARG F 52 51.05 -51.43 -6.40
N ASP F 53 52.05 -51.62 -7.18
CA ASP F 53 53.16 -52.53 -7.02
C ASP F 53 54.16 -51.96 -6.02
N PRO F 54 54.42 -52.70 -4.93
CA PRO F 54 55.37 -52.23 -3.93
C PRO F 54 56.66 -51.80 -4.57
N ARG F 55 57.10 -52.30 -5.70
CA ARG F 55 58.36 -51.88 -6.34
C ARG F 55 58.37 -50.46 -6.90
N ASP F 56 57.22 -49.88 -7.12
CA ASP F 56 56.95 -48.53 -7.60
C ASP F 56 56.90 -47.55 -6.41
N ALA F 57 56.48 -47.98 -5.24
CA ALA F 57 56.40 -47.10 -4.08
C ALA F 57 57.53 -46.11 -3.96
N GLN F 58 58.77 -46.60 -3.98
CA GLN F 58 59.94 -45.73 -3.80
C GLN F 58 59.97 -44.54 -4.73
N HIS F 59 59.49 -44.69 -5.95
CA HIS F 59 59.57 -43.57 -6.90
C HIS F 59 58.50 -42.52 -6.60
N PHE F 60 57.34 -42.95 -6.14
CA PHE F 60 56.24 -42.08 -5.79
C PHE F 60 56.61 -41.37 -4.47
N THR F 61 57.03 -42.10 -3.46
CA THR F 61 57.28 -41.58 -2.14
C THR F 61 58.42 -40.60 -2.11
N GLN F 62 59.39 -40.90 -2.96
CA GLN F 62 60.51 -39.96 -2.98
C GLN F 62 60.04 -38.52 -3.23
N ARG F 63 58.98 -38.34 -3.99
CA ARG F 63 58.41 -37.06 -4.41
C ARG F 63 57.58 -36.42 -3.32
N ALA F 64 57.60 -36.98 -2.13
CA ALA F 64 56.85 -36.32 -1.03
C ALA F 64 57.60 -35.02 -0.73
N CYS F 65 58.88 -35.00 -1.04
CA CYS F 65 59.79 -33.88 -0.86
C CYS F 65 61.11 -33.94 -1.60
N GLY F 66 61.48 -32.85 -2.25
CA GLY F 66 62.71 -32.68 -2.99
C GLY F 66 63.84 -31.96 -2.30
N VAL F 67 63.66 -31.54 -1.08
CA VAL F 67 64.63 -30.90 -0.18
C VAL F 67 65.32 -32.05 0.58
N CYS F 68 64.54 -32.86 1.24
CA CYS F 68 65.02 -34.08 1.91
C CYS F 68 64.74 -35.24 0.90
N THR F 69 65.37 -35.08 -0.24
CA THR F 69 65.36 -35.92 -1.43
C THR F 69 66.08 -37.21 -1.04
N TYR F 70 65.75 -38.36 -1.61
CA TYR F 70 66.45 -39.60 -1.21
C TYR F 70 65.92 -40.24 0.06
N VAL F 71 65.82 -39.65 1.24
CA VAL F 71 65.34 -40.22 2.52
C VAL F 71 64.05 -41.04 2.41
N HIS F 72 63.09 -40.65 1.60
CA HIS F 72 61.83 -41.37 1.38
C HIS F 72 62.09 -42.53 0.42
N ALA F 73 63.02 -42.41 -0.51
CA ALA F 73 63.33 -43.55 -1.39
C ALA F 73 63.82 -44.66 -0.46
N LEU F 74 64.75 -44.34 0.43
CA LEU F 74 65.33 -45.22 1.43
C LEU F 74 64.29 -45.84 2.38
N ALA F 75 63.44 -45.06 3.03
CA ALA F 75 62.45 -45.58 3.98
C ALA F 75 61.52 -46.54 3.22
N SER F 76 61.23 -46.29 1.95
CA SER F 76 60.35 -47.12 1.15
C SER F 76 61.02 -48.46 0.79
N VAL F 77 62.24 -48.42 0.30
CA VAL F 77 62.99 -49.60 -0.02
C VAL F 77 63.25 -50.33 1.31
N ARG F 78 63.39 -49.64 2.43
CA ARG F 78 63.63 -50.36 3.69
C ARG F 78 62.36 -51.04 4.14
N ALA F 79 61.20 -50.48 3.93
CA ALA F 79 59.90 -51.02 4.32
C ALA F 79 59.57 -52.22 3.44
N VAL F 80 59.90 -52.22 2.18
CA VAL F 80 59.59 -53.34 1.30
C VAL F 80 60.65 -54.42 1.50
N ASP F 81 61.90 -54.05 1.81
CA ASP F 81 63.00 -55.01 2.06
C ASP F 81 62.48 -55.83 3.27
N ASN F 82 62.11 -55.20 4.35
CA ASN F 82 61.60 -55.74 5.58
C ASN F 82 60.34 -56.57 5.36
N CYS F 83 59.42 -56.08 4.55
CA CYS F 83 58.20 -56.91 4.46
C CYS F 83 58.34 -58.16 3.61
N VAL F 84 59.42 -58.36 2.91
CA VAL F 84 59.77 -59.43 1.99
C VAL F 84 60.93 -60.31 2.48
N GLY F 85 61.45 -59.97 3.64
CA GLY F 85 62.49 -60.49 4.43
C GLY F 85 63.87 -60.47 3.82
N VAL F 86 64.18 -59.65 2.85
CA VAL F 86 65.47 -59.57 2.18
C VAL F 86 66.51 -58.84 3.00
N LYS F 87 67.66 -59.44 2.85
CA LYS F 87 68.97 -59.14 3.46
C LYS F 87 69.89 -58.63 2.35
N ILE F 88 70.02 -57.28 2.29
CA ILE F 88 70.82 -56.68 1.22
C ILE F 88 72.30 -56.84 1.57
N PRO F 89 73.13 -56.88 0.56
CA PRO F 89 74.56 -57.01 0.74
C PRO F 89 75.19 -55.81 1.43
N GLU F 90 76.30 -56.10 2.10
CA GLU F 90 77.07 -55.11 2.84
C GLU F 90 77.39 -53.87 2.00
N ASN F 91 77.79 -53.99 0.78
CA ASN F 91 78.12 -52.86 -0.06
C ASN F 91 76.82 -52.10 -0.30
N ALA F 92 75.64 -52.72 -0.27
CA ALA F 92 74.48 -51.82 -0.59
C ALA F 92 74.18 -51.05 0.69
N THR F 93 74.50 -51.67 1.83
CA THR F 93 74.28 -51.01 3.10
C THR F 93 75.25 -49.83 3.17
N LEU F 94 76.52 -50.01 2.93
CA LEU F 94 77.51 -48.93 2.95
C LEU F 94 77.16 -47.77 2.00
N MET F 95 76.80 -48.08 0.77
CA MET F 95 76.45 -47.09 -0.28
C MET F 95 75.19 -46.31 0.07
N ARG F 96 74.20 -46.90 0.73
CA ARG F 96 72.97 -46.28 1.17
C ARG F 96 73.29 -45.33 2.30
N ASN F 97 74.25 -45.62 3.11
CA ASN F 97 74.73 -44.84 4.26
C ASN F 97 75.59 -43.65 3.79
N LEU F 98 76.40 -43.88 2.80
CA LEU F 98 77.19 -42.77 2.31
C LEU F 98 76.31 -41.70 1.68
N THR F 99 75.28 -42.09 0.99
CA THR F 99 74.34 -41.23 0.28
C THR F 99 73.57 -40.46 1.34
N MET F 100 73.28 -41.03 2.47
CA MET F 100 72.50 -40.36 3.51
C MET F 100 73.42 -39.39 4.23
N GLY F 101 74.68 -39.76 4.37
CA GLY F 101 75.67 -38.92 5.04
C GLY F 101 75.81 -37.65 4.21
N ALA F 102 75.99 -37.84 2.93
CA ALA F 102 76.08 -36.71 2.01
C ALA F 102 74.80 -35.85 2.04
N GLN F 103 73.63 -36.41 2.27
CA GLN F 103 72.35 -35.70 2.33
C GLN F 103 72.35 -34.84 3.63
N TYR F 104 72.93 -35.33 4.71
CA TYR F 104 72.97 -34.52 5.94
C TYR F 104 73.93 -33.36 5.69
N MET F 105 75.08 -33.67 5.15
CA MET F 105 76.08 -32.62 4.86
C MET F 105 75.48 -31.43 4.15
N HIS F 106 74.77 -31.60 3.08
CA HIS F 106 74.12 -30.68 2.20
C HIS F 106 72.93 -29.96 2.84
N ASP F 107 71.99 -30.75 3.31
CA ASP F 107 70.72 -30.31 3.92
C ASP F 107 71.02 -29.24 4.99
N HIS F 108 71.77 -29.60 5.97
CA HIS F 108 72.19 -28.81 7.13
C HIS F 108 72.87 -27.48 6.80
N LEU F 109 73.80 -27.50 5.91
CA LEU F 109 74.52 -26.37 5.41
C LEU F 109 73.49 -25.42 4.72
N VAL F 110 72.67 -25.97 3.84
CA VAL F 110 71.69 -25.09 3.15
C VAL F 110 70.73 -24.56 4.22
N HIS F 111 70.26 -25.32 5.18
CA HIS F 111 69.35 -24.77 6.14
C HIS F 111 70.00 -23.59 6.87
N PHE F 112 71.19 -23.83 7.42
CA PHE F 112 71.81 -22.77 8.23
C PHE F 112 71.93 -21.45 7.50
N TYR F 113 72.54 -21.41 6.35
CA TYR F 113 72.77 -20.22 5.58
C TYR F 113 71.69 -19.62 4.76
N HIS F 114 70.95 -20.33 3.96
CA HIS F 114 69.92 -19.76 3.07
C HIS F 114 68.56 -19.78 3.67
N LEU F 115 68.29 -20.63 4.62
CA LEU F 115 66.96 -20.76 5.21
C LEU F 115 66.89 -20.04 6.53
N HIS F 116 67.78 -20.16 7.45
CA HIS F 116 67.85 -19.61 8.78
C HIS F 116 68.67 -18.37 9.03
N ALA F 117 69.87 -18.21 8.54
CA ALA F 117 70.72 -17.06 8.84
C ALA F 117 69.99 -15.74 8.83
N LEU F 118 69.22 -15.46 7.80
CA LEU F 118 68.45 -14.22 7.67
C LEU F 118 67.50 -13.87 8.77
N ASP F 119 67.36 -14.47 9.91
CA ASP F 119 66.46 -14.16 11.00
C ASP F 119 67.35 -13.58 12.16
N TRP F 120 68.66 -13.77 11.94
CA TRP F 120 69.61 -13.33 12.94
C TRP F 120 70.56 -12.28 12.36
N VAL F 121 70.74 -12.29 11.08
CA VAL F 121 71.63 -11.41 10.35
C VAL F 121 70.91 -10.31 9.56
N ASN F 122 71.43 -9.09 9.78
CA ASN F 122 70.91 -7.91 9.03
C ASN F 122 71.88 -7.72 7.85
N VAL F 123 71.54 -8.26 6.71
CA VAL F 123 72.41 -8.16 5.54
C VAL F 123 72.74 -6.71 5.19
N ALA F 124 71.81 -5.76 5.38
CA ALA F 124 72.00 -4.34 5.07
C ALA F 124 73.09 -3.62 5.86
N ASN F 125 73.35 -4.09 7.04
CA ASN F 125 74.30 -3.57 8.02
C ASN F 125 75.73 -3.91 7.67
N ALA F 126 75.82 -4.96 6.88
CA ALA F 126 77.12 -5.46 6.40
C ALA F 126 77.84 -4.31 5.69
N LEU F 127 77.08 -3.40 5.15
CA LEU F 127 77.48 -2.23 4.39
C LEU F 127 78.17 -1.18 5.27
N ASN F 128 77.93 -1.27 6.54
CA ASN F 128 78.47 -0.45 7.61
C ASN F 128 79.68 -1.14 8.25
N ALA F 129 80.09 -2.31 7.80
CA ALA F 129 81.23 -2.96 8.51
C ALA F 129 82.53 -2.43 7.97
N ASP F 130 83.59 -2.50 8.77
CA ASP F 130 84.99 -2.09 8.32
C ASP F 130 85.54 -3.48 7.93
N PRO F 131 85.75 -3.69 6.67
CA PRO F 131 86.17 -4.97 6.12
C PRO F 131 87.44 -5.52 6.73
N ALA F 132 88.33 -4.62 7.09
CA ALA F 132 89.62 -5.03 7.69
C ALA F 132 89.36 -5.51 9.09
N LYS F 133 88.38 -4.84 9.68
CA LYS F 133 88.06 -5.27 11.11
C LYS F 133 87.25 -6.54 11.01
N ALA F 134 86.46 -6.71 9.97
CA ALA F 134 85.69 -7.95 9.78
C ALA F 134 86.67 -9.08 9.49
N ALA F 135 87.64 -8.87 8.61
CA ALA F 135 88.62 -9.90 8.28
C ALA F 135 89.46 -10.31 9.49
N ARG F 136 89.75 -9.36 10.38
CA ARG F 136 90.59 -9.74 11.55
C ARG F 136 89.81 -10.68 12.45
N LEU F 137 88.56 -10.36 12.62
CA LEU F 137 87.69 -11.17 13.50
C LEU F 137 87.51 -12.58 12.99
N ALA F 138 87.26 -12.64 11.69
CA ALA F 138 87.00 -13.85 10.94
C ALA F 138 88.19 -14.77 11.14
N ASN F 139 89.35 -14.15 11.08
CA ASN F 139 90.66 -14.83 11.21
C ASN F 139 90.82 -15.25 12.68
N ASP F 140 90.09 -14.68 13.61
CA ASP F 140 90.32 -15.12 15.03
C ASP F 140 89.32 -16.20 15.33
N LEU F 141 88.40 -16.43 14.39
CA LEU F 141 87.39 -17.45 14.58
C LEU F 141 87.71 -18.82 14.00
N SER F 142 88.41 -18.93 12.90
CA SER F 142 88.78 -20.21 12.29
C SER F 142 90.21 -20.14 11.75
N PRO F 143 90.63 -21.33 11.32
CA PRO F 143 91.99 -21.51 10.78
C PRO F 143 92.05 -21.15 9.30
N LYS F 144 90.94 -20.73 8.76
CA LYS F 144 90.94 -20.41 7.30
C LYS F 144 91.22 -18.93 7.19
N LYS F 145 92.24 -18.57 6.44
CA LYS F 145 92.65 -17.18 6.26
C LYS F 145 91.69 -16.43 5.34
N THR F 146 91.17 -15.32 5.79
CA THR F 146 90.30 -14.34 5.15
C THR F 146 91.08 -13.03 4.86
N THR F 147 90.82 -12.41 3.75
CA THR F 147 91.46 -11.15 3.38
C THR F 147 90.43 -10.02 3.33
N THR F 148 90.85 -8.80 3.54
CA THR F 148 89.98 -7.63 3.55
C THR F 148 89.25 -7.50 2.21
N GLU F 149 90.14 -7.63 1.24
CA GLU F 149 89.74 -7.48 -0.14
C GLU F 149 88.61 -8.40 -0.50
N SER F 150 88.67 -9.67 -0.10
CA SER F 150 87.54 -10.56 -0.44
C SER F 150 86.31 -9.99 0.25
N LEU F 151 86.49 -9.49 1.48
CA LEU F 151 85.36 -8.92 2.26
C LEU F 151 84.89 -7.62 1.64
N LYS F 152 85.80 -6.76 1.24
CA LYS F 152 85.46 -5.48 0.59
C LYS F 152 84.63 -5.81 -0.66
N ALA F 153 84.98 -6.90 -1.31
CA ALA F 153 84.33 -7.34 -2.55
C ALA F 153 82.88 -7.72 -2.32
N VAL F 154 82.57 -8.40 -1.23
CA VAL F 154 81.20 -8.76 -0.92
C VAL F 154 80.35 -7.54 -0.61
N GLN F 155 81.04 -6.59 0.00
CA GLN F 155 80.37 -5.31 0.38
C GLN F 155 80.00 -4.53 -0.87
N ALA F 156 80.81 -4.70 -1.89
CA ALA F 156 80.59 -4.00 -3.18
C ALA F 156 79.44 -4.66 -3.96
N LYS F 157 79.25 -5.94 -3.64
CA LYS F 157 78.18 -6.73 -4.25
C LYS F 157 76.84 -6.25 -3.68
N VAL F 158 76.84 -6.15 -2.38
CA VAL F 158 75.64 -5.69 -1.65
C VAL F 158 75.30 -4.27 -2.09
N LYS F 159 76.33 -3.46 -2.21
CA LYS F 159 76.14 -2.05 -2.61
C LYS F 159 75.59 -1.98 -4.03
N ALA F 160 76.20 -2.77 -4.89
CA ALA F 160 75.78 -2.80 -6.28
C ALA F 160 74.32 -3.20 -6.32
N LEU F 161 73.92 -4.09 -5.43
CA LEU F 161 72.52 -4.53 -5.46
C LEU F 161 71.51 -3.52 -4.94
N VAL F 162 71.80 -2.91 -3.83
CA VAL F 162 70.99 -1.93 -3.15
C VAL F 162 70.76 -0.65 -3.97
N GLU F 163 71.84 -0.29 -4.60
CA GLU F 163 71.96 0.82 -5.52
C GLU F 163 71.16 0.60 -6.79
N SER F 164 70.68 -0.58 -7.13
CA SER F 164 69.93 -0.84 -8.40
C SER F 164 68.43 -0.63 -8.12
N GLY F 165 68.14 -0.71 -6.84
CA GLY F 165 66.77 -0.58 -6.36
C GLY F 165 66.04 -1.91 -6.48
N GLN F 166 66.64 -2.91 -7.13
CA GLN F 166 65.90 -4.21 -7.22
C GLN F 166 66.51 -5.13 -6.17
N LEU F 167 65.90 -5.12 -5.02
CA LEU F 167 66.37 -5.88 -3.87
C LEU F 167 66.10 -7.37 -3.97
N GLY F 168 65.21 -7.77 -4.85
CA GLY F 168 64.83 -9.16 -5.08
C GLY F 168 64.28 -9.77 -3.82
N ILE F 169 64.95 -10.80 -3.36
CA ILE F 169 64.55 -11.57 -2.17
C ILE F 169 64.77 -10.73 -0.94
N PHE F 170 65.32 -9.51 -0.99
CA PHE F 170 65.42 -8.71 0.27
C PHE F 170 64.26 -7.71 0.37
N THR F 171 63.47 -7.66 -0.70
CA THR F 171 62.30 -6.78 -0.68
C THR F 171 61.46 -6.99 0.59
N ASN F 172 61.26 -5.94 1.34
CA ASN F 172 60.49 -5.90 2.59
C ASN F 172 61.16 -6.75 3.65
N ALA F 173 62.45 -7.06 3.56
CA ALA F 173 63.02 -7.87 4.67
C ALA F 173 62.71 -7.15 5.98
N TYR F 174 62.55 -7.91 7.03
CA TYR F 174 62.26 -7.44 8.39
C TYR F 174 63.38 -6.61 8.98
N PHE F 175 64.60 -6.69 8.55
CA PHE F 175 65.71 -5.92 9.11
C PHE F 175 65.85 -4.59 8.36
N LEU F 176 65.00 -4.41 7.35
CA LEU F 176 65.09 -3.17 6.56
C LEU F 176 64.73 -2.03 7.56
N GLY F 177 65.78 -1.19 7.57
CA GLY F 177 65.80 0.03 8.41
C GLY F 177 65.91 -0.33 9.89
N GLY F 178 66.62 -1.39 10.22
CA GLY F 178 66.78 -1.74 11.63
C GLY F 178 65.55 -2.38 12.20
N HIS F 179 65.92 -3.19 13.18
CA HIS F 179 64.93 -3.98 13.93
C HIS F 179 65.55 -4.30 15.28
N PRO F 180 64.79 -4.05 16.32
CA PRO F 180 65.26 -4.30 17.69
C PRO F 180 65.70 -5.71 18.01
N ALA F 181 65.27 -6.71 17.27
CA ALA F 181 65.62 -8.11 17.61
C ALA F 181 66.88 -8.51 16.90
N TYR F 182 67.39 -7.68 16.04
CA TYR F 182 68.60 -7.93 15.29
C TYR F 182 69.75 -7.19 15.98
N VAL F 183 70.53 -7.95 16.71
CA VAL F 183 71.65 -7.28 17.40
C VAL F 183 73.05 -7.60 16.97
N LEU F 184 73.50 -8.24 15.92
CA LEU F 184 74.94 -8.44 15.73
C LEU F 184 75.69 -7.17 15.26
N PRO F 185 76.97 -7.10 15.57
CA PRO F 185 77.86 -6.03 15.09
C PRO F 185 77.89 -6.10 13.56
N ALA F 186 78.03 -5.03 12.79
CA ALA F 186 78.04 -4.97 11.35
C ALA F 186 79.12 -5.83 10.69
N GLU F 187 80.15 -6.07 11.48
CA GLU F 187 81.35 -6.82 11.12
C GLU F 187 81.02 -8.33 11.13
N VAL F 188 80.17 -8.79 12.04
CA VAL F 188 79.73 -10.18 12.04
C VAL F 188 78.71 -10.24 10.90
N ASP F 189 77.89 -9.21 10.66
CA ASP F 189 76.95 -9.27 9.55
C ASP F 189 77.70 -9.42 8.25
N LEU F 190 78.93 -8.99 8.16
CA LEU F 190 79.59 -9.07 6.82
C LEU F 190 80.30 -10.41 6.67
N ILE F 191 80.77 -10.99 7.70
CA ILE F 191 81.45 -12.30 7.63
C ILE F 191 80.35 -13.29 7.22
N ALA F 192 79.23 -13.19 7.93
CA ALA F 192 78.08 -14.03 7.61
C ALA F 192 77.55 -13.87 6.20
N THR F 193 77.63 -12.69 5.62
CA THR F 193 77.13 -12.48 4.24
C THR F 193 78.14 -13.06 3.28
N ALA F 194 79.41 -12.92 3.65
CA ALA F 194 80.43 -13.49 2.73
C ALA F 194 80.29 -15.02 2.77
N HIS F 195 79.89 -15.59 3.89
CA HIS F 195 79.77 -17.07 4.01
C HIS F 195 78.54 -17.60 3.32
N TYR F 196 77.46 -16.84 3.37
CA TYR F 196 76.19 -17.19 2.68
C TYR F 196 76.41 -17.31 1.18
N LEU F 197 77.19 -16.42 0.60
CA LEU F 197 77.43 -16.54 -0.84
C LEU F 197 78.31 -17.76 -1.06
N GLU F 198 79.26 -17.99 -0.20
CA GLU F 198 80.21 -19.10 -0.25
C GLU F 198 79.48 -20.44 -0.08
N ALA F 199 78.57 -20.53 0.85
CA ALA F 199 77.77 -21.74 1.03
C ALA F 199 76.96 -22.04 -0.23
N LEU F 200 76.63 -21.10 -1.07
CA LEU F 200 75.83 -21.33 -2.29
C LEU F 200 76.67 -22.19 -3.25
N ARG F 201 77.98 -22.03 -3.24
CA ARG F 201 78.90 -22.77 -4.08
C ARG F 201 79.30 -24.12 -3.46
N VAL F 202 79.44 -24.19 -2.16
CA VAL F 202 79.74 -25.43 -1.52
C VAL F 202 78.51 -26.32 -1.73
N GLN F 203 77.31 -25.81 -1.51
CA GLN F 203 76.15 -26.71 -1.65
C GLN F 203 76.19 -27.42 -2.98
N VAL F 204 76.72 -26.90 -4.03
CA VAL F 204 76.80 -27.47 -5.37
C VAL F 204 77.71 -28.68 -5.34
N LYS F 205 78.78 -28.61 -4.60
CA LYS F 205 79.71 -29.74 -4.44
C LYS F 205 79.18 -30.89 -3.62
N ALA F 206 78.40 -30.69 -2.61
CA ALA F 206 77.76 -31.61 -1.67
C ALA F 206 76.70 -32.42 -2.40
N ALA F 207 76.04 -31.76 -3.32
CA ALA F 207 74.99 -32.33 -4.15
C ALA F 207 75.63 -33.23 -5.21
N ARG F 208 76.77 -32.82 -5.77
CA ARG F 208 77.49 -33.56 -6.81
C ARG F 208 78.07 -34.83 -6.26
N ALA F 209 78.53 -34.82 -5.02
CA ALA F 209 79.11 -35.94 -4.29
C ALA F 209 77.99 -36.97 -4.11
N MET F 210 76.82 -36.45 -3.74
CA MET F 210 75.67 -37.34 -3.52
C MET F 210 75.27 -38.02 -4.83
N ALA F 211 75.42 -37.32 -5.94
CA ALA F 211 75.09 -37.73 -7.27
C ALA F 211 76.07 -38.80 -7.73
N ILE F 212 77.21 -38.93 -7.08
CA ILE F 212 78.22 -39.91 -7.50
C ILE F 212 77.60 -41.27 -7.15
N PHE F 213 77.05 -41.43 -5.96
CA PHE F 213 76.35 -42.67 -5.63
C PHE F 213 74.90 -42.68 -6.10
N GLY F 214 74.20 -41.54 -5.98
CA GLY F 214 72.80 -41.37 -6.28
C GLY F 214 72.30 -41.19 -7.66
N ALA F 215 73.10 -41.10 -8.71
CA ALA F 215 72.68 -40.87 -10.10
C ALA F 215 72.48 -39.36 -10.29
N LYS F 216 71.65 -38.75 -9.49
CA LYS F 216 71.35 -37.32 -9.59
C LYS F 216 70.79 -36.77 -8.28
N ASN F 217 70.89 -35.44 -8.22
CA ASN F 217 70.40 -34.66 -7.07
C ASN F 217 69.78 -33.35 -7.60
N PRO F 218 68.50 -33.08 -7.36
CA PRO F 218 67.52 -33.86 -6.61
C PRO F 218 66.95 -35.12 -7.22
N HIS F 219 66.40 -35.94 -6.33
CA HIS F 219 65.71 -37.19 -6.57
C HIS F 219 66.55 -38.32 -7.14
N THR F 220 67.30 -38.97 -6.24
CA THR F 220 68.19 -40.11 -6.59
C THR F 220 67.45 -41.20 -7.31
N GLN F 221 68.18 -42.04 -8.01
CA GLN F 221 67.65 -43.18 -8.85
C GLN F 221 68.76 -44.24 -9.00
N PHE F 222 69.08 -44.97 -7.94
CA PHE F 222 70.10 -45.99 -7.79
C PHE F 222 69.72 -47.09 -6.79
N THR F 223 68.63 -47.00 -6.08
CA THR F 223 68.13 -47.89 -5.08
C THR F 223 66.98 -48.73 -5.69
N VAL F 224 66.88 -49.94 -5.19
CA VAL F 224 65.91 -50.98 -5.46
C VAL F 224 65.69 -51.79 -4.16
N VAL F 225 64.60 -52.50 -4.13
CA VAL F 225 64.31 -53.47 -3.03
C VAL F 225 65.34 -54.60 -3.29
N GLY F 226 66.19 -54.92 -2.35
CA GLY F 226 67.22 -55.94 -2.57
C GLY F 226 68.60 -55.39 -2.55
N GLY F 227 68.80 -54.09 -2.64
CA GLY F 227 70.05 -53.39 -2.64
C GLY F 227 70.05 -52.06 -3.43
N CYS F 228 71.10 -51.92 -4.26
CA CYS F 228 71.48 -50.84 -5.10
C CYS F 228 71.86 -51.36 -6.49
N THR F 229 71.89 -50.42 -7.43
CA THR F 229 72.18 -50.65 -8.83
C THR F 229 73.48 -50.06 -9.36
N ASN F 230 74.06 -49.16 -8.61
CA ASN F 230 75.25 -48.46 -9.08
C ASN F 230 76.56 -49.20 -9.05
N TYR F 231 76.88 -50.03 -10.02
CA TYR F 231 78.16 -50.76 -10.10
C TYR F 231 79.23 -49.82 -10.63
N ASP F 232 78.80 -48.81 -11.40
CA ASP F 232 79.77 -47.87 -11.99
C ASP F 232 80.64 -47.09 -10.99
N SER F 233 79.98 -46.70 -9.90
CA SER F 233 80.57 -45.92 -8.83
C SER F 233 81.47 -46.75 -7.94
N LEU F 234 81.44 -48.05 -8.13
CA LEU F 234 82.30 -48.96 -7.36
C LEU F 234 83.72 -48.82 -7.94
N ARG F 235 84.01 -48.00 -8.93
CA ARG F 235 85.35 -47.85 -9.50
C ARG F 235 86.20 -46.90 -8.67
N PRO F 236 87.47 -47.20 -8.56
CA PRO F 236 88.41 -46.39 -7.77
C PRO F 236 88.33 -44.95 -8.23
N GLU F 237 88.22 -44.73 -9.52
CA GLU F 237 88.14 -43.33 -10.00
C GLU F 237 86.93 -42.63 -9.37
N ARG F 238 85.75 -43.20 -9.45
CA ARG F 238 84.56 -42.61 -8.87
C ARG F 238 84.59 -42.49 -7.34
N ILE F 239 85.37 -43.26 -6.61
CA ILE F 239 85.44 -43.17 -5.13
C ILE F 239 86.41 -42.05 -4.75
N ALA F 240 87.42 -41.87 -5.57
CA ALA F 240 88.42 -40.85 -5.46
C ALA F 240 87.74 -39.48 -5.66
N GLU F 241 86.93 -39.35 -6.66
CA GLU F 241 86.16 -38.19 -7.05
C GLU F 241 85.28 -37.69 -5.90
N PHE F 242 84.53 -38.58 -5.35
CA PHE F 242 83.61 -38.42 -4.24
C PHE F 242 84.40 -37.99 -3.03
N ARG F 243 85.49 -38.71 -2.79
CA ARG F 243 86.41 -38.45 -1.68
C ARG F 243 86.91 -37.02 -1.80
N LYS F 244 87.36 -36.48 -2.87
CA LYS F 244 87.81 -35.11 -3.08
C LYS F 244 86.73 -34.05 -2.74
N LEU F 245 85.52 -34.17 -3.27
CA LEU F 245 84.41 -33.27 -3.01
C LEU F 245 84.03 -33.33 -1.53
N TYR F 246 83.95 -34.51 -0.99
CA TYR F 246 83.66 -34.80 0.42
C TYR F 246 84.61 -34.02 1.32
N LYS F 247 85.91 -34.08 1.08
CA LYS F 247 86.89 -33.35 1.87
C LYS F 247 86.64 -31.86 1.71
N GLU F 248 86.51 -31.31 0.54
CA GLU F 248 86.23 -29.86 0.40
C GLU F 248 85.02 -29.50 1.26
N VAL F 249 83.93 -30.24 1.17
CA VAL F 249 82.72 -29.89 1.95
C VAL F 249 82.95 -30.07 3.43
N ARG F 250 83.62 -31.17 3.80
CA ARG F 250 83.83 -31.45 5.24
C ARG F 250 84.53 -30.28 5.88
N GLU F 251 85.56 -29.81 5.26
CA GLU F 251 86.43 -28.73 5.73
C GLU F 251 85.67 -27.45 5.96
N PHE F 252 84.81 -27.14 5.02
CA PHE F 252 83.92 -25.98 5.07
C PHE F 252 82.97 -26.12 6.24
N ILE F 253 82.43 -27.27 6.61
CA ILE F 253 81.51 -27.38 7.76
C ILE F 253 82.24 -27.18 9.07
N GLU F 254 83.46 -27.67 9.12
CA GLU F 254 84.31 -27.64 10.30
C GLU F 254 84.91 -26.27 10.51
N GLN F 255 85.33 -25.67 9.39
CA GLN F 255 85.97 -24.35 9.44
C GLN F 255 85.11 -23.11 9.27
N VAL F 256 84.00 -23.11 8.65
CA VAL F 256 83.09 -22.01 8.36
C VAL F 256 81.72 -22.28 8.95
N TYR F 257 80.95 -23.27 8.57
CA TYR F 257 79.64 -23.46 9.18
C TYR F 257 79.69 -23.51 10.70
N ILE F 258 80.49 -24.37 11.29
CA ILE F 258 80.45 -24.50 12.75
C ILE F 258 80.87 -23.27 13.52
N THR F 259 81.95 -22.69 13.01
CA THR F 259 82.54 -21.47 13.61
C THR F 259 81.54 -20.31 13.53
N ASP F 260 80.82 -20.14 12.43
CA ASP F 260 79.85 -19.07 12.25
C ASP F 260 78.67 -19.37 13.18
N LEU F 261 78.37 -20.63 13.26
CA LEU F 261 77.20 -20.97 14.10
C LEU F 261 77.48 -20.50 15.52
N LEU F 262 78.63 -20.86 16.08
CA LEU F 262 78.90 -20.53 17.49
C LEU F 262 79.00 -19.03 17.70
N ALA F 263 79.55 -18.36 16.71
CA ALA F 263 79.72 -16.88 16.75
C ALA F 263 78.39 -16.13 16.80
N VAL F 264 77.48 -16.45 15.88
CA VAL F 264 76.19 -15.79 15.93
C VAL F 264 75.49 -16.20 17.22
N ALA F 265 75.49 -17.47 17.58
CA ALA F 265 74.76 -17.94 18.77
C ALA F 265 75.28 -17.17 19.97
N GLY F 266 76.55 -16.88 19.94
CA GLY F 266 77.20 -16.12 21.01
C GLY F 266 76.55 -14.76 21.21
N PHE F 267 75.92 -14.08 20.25
CA PHE F 267 75.27 -12.78 20.53
C PHE F 267 73.80 -12.95 20.81
N TYR F 268 73.33 -14.18 20.98
CA TYR F 268 71.88 -14.40 21.14
C TYR F 268 71.63 -15.44 22.19
N LYS F 269 72.46 -15.42 23.21
CA LYS F 269 72.40 -16.33 24.34
C LYS F 269 71.09 -16.28 25.07
N ASN F 270 70.30 -15.24 24.89
CA ASN F 270 68.98 -15.21 25.59
C ASN F 270 68.05 -16.17 24.88
N TRP F 271 68.42 -16.65 23.69
CA TRP F 271 67.57 -17.59 22.96
C TRP F 271 67.76 -19.01 23.47
N ALA F 272 68.66 -19.14 24.39
CA ALA F 272 68.99 -20.43 25.01
C ALA F 272 67.95 -20.65 26.06
N GLY F 273 67.08 -19.65 26.12
CA GLY F 273 66.01 -19.84 27.18
C GLY F 273 64.67 -19.65 26.50
N ILE F 274 64.66 -19.66 25.17
CA ILE F 274 63.39 -19.44 24.45
C ILE F 274 63.11 -20.65 23.55
N GLY F 275 61.84 -21.06 23.56
CA GLY F 275 61.30 -22.12 22.76
C GLY F 275 61.57 -23.57 23.17
N LYS F 276 61.54 -23.77 24.47
CA LYS F 276 61.76 -25.02 25.17
C LYS F 276 60.60 -26.01 25.14
N THR F 277 61.04 -27.25 25.02
CA THR F 277 60.42 -28.53 24.92
C THR F 277 61.01 -29.66 25.79
N SER F 278 60.18 -30.66 25.98
CA SER F 278 60.29 -31.92 26.67
C SER F 278 59.97 -33.12 25.74
N ASN F 279 60.47 -34.30 26.02
CA ASN F 279 60.11 -35.45 25.14
C ASN F 279 60.80 -35.35 23.78
N PHE F 280 61.75 -36.22 23.57
CA PHE F 280 62.56 -36.32 22.37
C PHE F 280 62.61 -37.77 21.90
N LEU F 281 62.61 -38.03 20.58
CA LEU F 281 62.76 -39.44 20.13
C LEU F 281 63.52 -39.55 18.82
N THR F 282 64.14 -40.71 18.64
CA THR F 282 64.91 -41.07 17.43
C THR F 282 64.95 -42.58 17.23
N CYS F 283 65.09 -43.04 16.00
CA CYS F 283 65.21 -44.43 15.59
C CYS F 283 66.70 -44.76 15.25
N GLY F 284 67.54 -43.75 15.21
CA GLY F 284 68.99 -43.75 14.93
C GLY F 284 69.19 -43.86 13.45
N GLU F 285 70.39 -43.73 12.97
CA GLU F 285 70.57 -43.90 11.51
C GLU F 285 71.90 -44.61 11.26
N PHE F 286 72.10 -45.11 10.05
CA PHE F 286 73.35 -45.73 9.62
C PHE F 286 73.60 -47.12 10.23
N PRO F 287 72.77 -48.08 9.87
CA PRO F 287 72.93 -49.41 10.40
C PRO F 287 74.05 -50.22 9.81
N THR F 288 74.36 -51.26 10.60
CA THR F 288 75.32 -52.28 10.08
C THR F 288 74.35 -53.47 9.81
N ASP F 289 73.39 -53.58 10.70
CA ASP F 289 72.33 -54.60 10.57
C ASP F 289 71.00 -53.84 10.32
N GLU F 290 70.54 -54.07 9.12
CA GLU F 290 69.31 -53.49 8.59
C GLU F 290 68.12 -54.03 9.35
N TYR F 291 68.32 -55.00 10.25
CA TYR F 291 67.15 -55.53 10.99
C TYR F 291 67.37 -55.24 12.46
N ASP F 292 68.30 -54.36 12.80
CA ASP F 292 68.61 -54.06 14.22
C ASP F 292 68.84 -52.54 14.41
N LEU F 293 67.90 -51.92 15.09
CA LEU F 293 67.92 -50.47 15.37
C LEU F 293 69.15 -50.21 16.24
N ASN F 294 69.50 -51.28 16.94
CA ASN F 294 70.72 -51.07 17.77
C ASN F 294 71.97 -51.30 16.95
N SER F 295 71.97 -51.54 15.65
CA SER F 295 73.31 -51.69 15.01
C SER F 295 73.66 -50.33 14.37
N ARG F 296 72.83 -49.32 14.62
CA ARG F 296 72.98 -47.99 14.02
C ARG F 296 74.03 -47.10 14.64
N TYR F 297 74.82 -46.38 13.84
CA TYR F 297 75.90 -45.49 14.32
C TYR F 297 75.40 -44.53 15.38
N THR F 298 74.39 -43.80 14.97
CA THR F 298 73.78 -42.81 15.92
C THR F 298 72.65 -43.65 16.52
N PRO F 299 72.55 -43.65 17.83
CA PRO F 299 71.59 -44.47 18.54
C PRO F 299 70.15 -44.03 18.53
N GLN F 300 69.31 -44.99 18.84
CA GLN F 300 67.86 -44.89 19.01
C GLN F 300 67.53 -44.73 20.48
N GLY F 301 66.40 -44.11 20.82
CA GLY F 301 66.08 -43.98 22.28
C GLY F 301 64.96 -42.96 22.39
N VAL F 302 64.44 -42.83 23.59
CA VAL F 302 63.34 -41.95 23.95
C VAL F 302 63.61 -41.25 25.28
N ILE F 303 63.70 -39.93 25.29
CA ILE F 303 63.90 -39.07 26.46
C ILE F 303 62.53 -38.54 26.87
N TRP F 304 62.24 -38.65 28.15
CA TRP F 304 60.91 -38.17 28.65
C TRP F 304 61.19 -36.86 29.36
N GLY F 305 60.32 -35.90 29.24
CA GLY F 305 60.55 -34.59 29.87
C GLY F 305 61.89 -34.15 29.23
N ASN F 306 62.76 -33.77 30.15
CA ASN F 306 64.10 -33.25 29.84
C ASN F 306 65.15 -34.00 30.69
N ASP F 307 64.89 -35.26 30.96
CA ASP F 307 65.69 -36.16 31.77
C ASP F 307 66.64 -37.00 30.93
N LEU F 308 67.87 -36.54 30.89
CA LEU F 308 68.91 -37.17 30.10
C LEU F 308 69.58 -38.36 30.80
N SER F 309 69.14 -38.67 31.99
CA SER F 309 69.74 -39.76 32.77
C SER F 309 69.07 -41.09 32.45
N LYS F 310 67.85 -41.03 31.95
CA LYS F 310 67.09 -42.24 31.60
C LYS F 310 66.61 -42.10 30.13
N VAL F 311 67.26 -42.92 29.30
CA VAL F 311 66.92 -43.02 27.89
C VAL F 311 66.20 -44.35 27.68
N ASP F 312 64.94 -44.40 27.34
CA ASP F 312 64.22 -45.60 27.06
C ASP F 312 64.48 -46.05 25.60
N ASP F 313 63.90 -47.23 25.42
CA ASP F 313 63.94 -47.94 24.14
C ASP F 313 62.75 -47.44 23.30
N PHE F 314 63.09 -47.22 22.07
CA PHE F 314 62.12 -46.73 21.07
C PHE F 314 61.22 -47.91 20.69
N ASN F 315 59.93 -47.74 20.93
CA ASN F 315 58.89 -48.74 20.66
C ASN F 315 57.84 -48.19 19.69
N PRO F 316 57.94 -48.63 18.43
CA PRO F 316 57.07 -48.17 17.34
C PRO F 316 55.66 -48.61 17.55
N ASP F 317 55.48 -49.53 18.51
CA ASP F 317 54.06 -49.94 18.72
C ASP F 317 53.28 -48.83 19.44
N LEU F 318 53.99 -47.91 20.03
CA LEU F 318 53.45 -46.78 20.76
C LEU F 318 53.05 -45.59 19.89
N ILE F 319 53.16 -45.62 18.58
CA ILE F 319 52.81 -44.54 17.70
C ILE F 319 51.37 -44.64 17.20
N GLU F 320 50.68 -43.55 17.30
CA GLU F 320 49.31 -43.34 16.85
C GLU F 320 49.25 -41.95 16.25
N GLU F 321 48.61 -41.79 15.16
CA GLU F 321 48.39 -40.53 14.45
C GLU F 321 46.96 -40.04 14.64
N HIS F 322 46.82 -38.81 15.17
CA HIS F 322 45.47 -38.26 15.38
C HIS F 322 44.85 -37.44 14.27
N VAL F 323 43.51 -37.31 14.24
CA VAL F 323 42.96 -36.45 13.16
C VAL F 323 41.90 -35.55 13.78
N LYS F 324 41.88 -35.51 15.10
CA LYS F 324 40.82 -34.68 15.69
C LYS F 324 40.85 -33.23 15.23
N TYR F 325 41.98 -32.59 15.02
CA TYR F 325 42.09 -31.21 14.58
C TYR F 325 42.70 -31.06 13.16
N SER F 326 42.55 -32.00 12.28
CA SER F 326 43.13 -32.02 10.95
C SER F 326 41.96 -32.20 10.00
N TRP F 327 42.21 -31.98 8.73
CA TRP F 327 41.14 -32.12 7.76
C TRP F 327 40.96 -33.54 7.26
N TYR F 328 40.62 -34.43 8.17
CA TYR F 328 40.33 -35.84 7.82
C TYR F 328 39.07 -36.28 8.57
N GLU F 329 38.40 -37.28 8.04
CA GLU F 329 37.17 -37.75 8.70
C GLU F 329 37.42 -38.22 10.13
N GLY F 330 36.49 -37.82 11.00
CA GLY F 330 36.34 -38.11 12.38
C GLY F 330 37.40 -37.75 13.37
N ALA F 331 37.45 -38.53 14.46
CA ALA F 331 38.43 -38.23 15.49
C ALA F 331 39.24 -39.43 15.97
N GLY F 332 39.35 -40.49 15.16
CA GLY F 332 40.15 -41.67 15.49
C GLY F 332 41.65 -41.45 15.26
N ALA F 333 42.45 -42.01 16.15
CA ALA F 333 43.91 -42.09 16.13
C ALA F 333 44.17 -43.57 15.77
N HIS F 334 45.07 -43.87 14.88
CA HIS F 334 45.44 -45.20 14.43
C HIS F 334 46.94 -45.48 14.41
N HIS F 335 47.31 -46.71 14.73
CA HIS F 335 48.74 -47.05 14.58
C HIS F 335 48.93 -47.03 13.05
N PRO F 336 50.09 -46.73 12.53
CA PRO F 336 50.30 -46.65 11.07
C PRO F 336 49.94 -47.84 10.23
N TYR F 337 50.01 -49.06 10.70
CA TYR F 337 49.64 -50.26 9.91
C TYR F 337 48.13 -50.25 9.68
N LYS F 338 47.44 -49.51 10.55
CA LYS F 338 45.98 -49.38 10.48
C LYS F 338 45.54 -47.96 10.17
N GLY F 339 46.43 -47.20 9.55
CA GLY F 339 46.19 -45.81 9.19
C GLY F 339 45.10 -45.69 8.14
N VAL F 340 44.45 -44.54 8.14
CA VAL F 340 43.43 -44.18 7.15
C VAL F 340 43.74 -42.74 6.75
N THR F 341 43.48 -42.45 5.50
CA THR F 341 43.66 -41.16 4.86
C THR F 341 42.39 -40.80 4.11
N LYS F 342 41.41 -40.22 4.80
CA LYS F 342 40.17 -39.78 4.14
C LYS F 342 40.07 -38.27 4.49
N PRO F 343 40.60 -37.51 3.56
CA PRO F 343 40.61 -36.04 3.69
C PRO F 343 39.18 -35.55 3.76
N LYS F 344 38.94 -34.65 4.71
CA LYS F 344 37.56 -34.07 4.81
C LYS F 344 37.71 -32.59 5.20
N TRP F 345 37.77 -31.73 4.20
CA TRP F 345 37.96 -30.27 4.48
C TRP F 345 36.80 -29.59 5.20
N THR F 346 37.06 -28.76 6.21
CA THR F 346 35.96 -28.09 6.90
C THR F 346 36.25 -26.58 7.06
N GLU F 347 37.24 -26.13 6.34
CA GLU F 347 37.71 -24.75 6.32
C GLU F 347 38.55 -24.39 7.52
N PHE F 348 39.25 -23.26 7.42
CA PHE F 348 40.11 -22.82 8.52
C PHE F 348 39.35 -22.79 9.84
N HIS F 349 39.75 -23.62 10.81
CA HIS F 349 39.15 -23.72 12.12
C HIS F 349 37.73 -24.21 11.96
N GLY F 350 37.43 -24.85 10.83
CA GLY F 350 36.03 -25.41 10.67
C GLY F 350 36.07 -26.65 11.60
N GLU F 351 35.23 -26.65 12.59
CA GLU F 351 35.08 -27.65 13.64
C GLU F 351 36.38 -27.68 14.42
N ASP F 352 37.07 -26.58 14.47
CA ASP F 352 38.35 -26.40 15.13
C ASP F 352 39.49 -27.15 14.41
N ARG F 353 39.18 -27.67 13.27
CA ARG F 353 40.25 -28.37 12.55
C ARG F 353 41.02 -27.25 11.89
N TYR F 354 42.33 -27.36 11.91
CA TYR F 354 43.22 -26.36 11.32
C TYR F 354 44.47 -26.88 10.60
N SER F 355 44.53 -28.12 10.14
CA SER F 355 45.73 -28.62 9.43
C SER F 355 45.43 -29.86 8.58
N TRP F 356 46.21 -29.91 7.49
CA TRP F 356 46.25 -31.03 6.53
C TRP F 356 47.24 -32.13 7.05
N MET F 357 47.97 -31.84 8.13
CA MET F 357 48.89 -32.72 8.76
C MET F 357 48.16 -33.51 9.84
N LYS F 358 48.50 -34.78 9.95
CA LYS F 358 47.89 -35.60 11.04
C LYS F 358 48.76 -35.24 12.26
N ALA F 359 48.39 -35.64 13.45
CA ALA F 359 49.11 -35.39 14.69
C ALA F 359 49.66 -36.67 15.32
N PRO F 360 50.89 -37.06 15.03
CA PRO F 360 51.50 -38.26 15.64
C PRO F 360 51.75 -38.02 17.11
N ARG F 361 51.33 -38.96 17.92
CA ARG F 361 51.51 -38.90 19.38
C ARG F 361 52.28 -40.17 19.76
N TYR F 362 53.21 -40.14 20.69
CA TYR F 362 53.95 -41.32 21.17
C TYR F 362 53.49 -41.69 22.60
N LYS F 363 52.88 -42.85 22.67
CA LYS F 363 52.32 -43.38 23.92
C LYS F 363 51.43 -42.24 24.44
N GLY F 364 50.73 -41.62 23.54
CA GLY F 364 49.82 -40.55 23.80
C GLY F 364 50.40 -39.19 24.11
N GLU F 365 51.71 -39.04 24.06
CA GLU F 365 52.34 -37.75 24.32
C GLU F 365 52.92 -37.15 23.05
N ALA F 366 53.04 -35.83 23.08
CA ALA F 366 53.58 -35.04 21.96
C ALA F 366 55.09 -35.14 22.03
N PHE F 367 55.75 -35.28 20.89
CA PHE F 367 57.23 -35.43 20.94
C PHE F 367 57.86 -34.50 19.92
N GLU F 368 59.15 -34.31 20.08
CA GLU F 368 60.01 -33.54 19.22
C GLU F 368 61.02 -34.58 18.65
N VAL F 369 61.25 -34.50 17.36
CA VAL F 369 62.14 -35.37 16.60
C VAL F 369 63.11 -34.43 15.92
N GLY F 370 64.29 -34.83 15.49
CA GLY F 370 65.21 -33.98 14.73
C GLY F 370 66.59 -34.03 15.33
N PRO F 371 67.44 -33.13 14.87
CA PRO F 371 68.81 -33.04 15.39
C PRO F 371 68.88 -32.91 16.90
N LEU F 372 68.08 -32.05 17.52
CA LEU F 372 68.12 -31.91 18.97
C LEU F 372 67.81 -33.27 19.61
N ALA F 373 66.71 -33.88 19.16
CA ALA F 373 66.28 -35.15 19.76
C ALA F 373 67.35 -36.19 19.61
N SER F 374 67.92 -36.26 18.42
CA SER F 374 68.96 -37.22 18.05
C SER F 374 70.23 -37.07 18.89
N VAL F 375 70.67 -35.81 18.96
CA VAL F 375 71.86 -35.43 19.72
C VAL F 375 71.66 -35.64 21.19
N LEU F 376 70.46 -35.41 21.72
CA LEU F 376 70.23 -35.61 23.16
C LEU F 376 70.29 -37.11 23.49
N VAL F 377 69.76 -37.96 22.61
CA VAL F 377 69.79 -39.42 22.83
C VAL F 377 71.23 -39.92 22.77
N ALA F 378 71.95 -39.58 21.72
CA ALA F 378 73.33 -39.99 21.54
C ALA F 378 74.17 -39.58 22.74
N TYR F 379 74.03 -38.32 23.11
CA TYR F 379 74.82 -37.70 24.20
C TYR F 379 74.51 -38.38 25.53
N ALA F 380 73.23 -38.57 25.80
CA ALA F 380 72.81 -39.25 27.03
C ALA F 380 73.34 -40.70 27.04
N LYS F 381 73.40 -41.34 25.89
CA LYS F 381 73.84 -42.72 25.76
C LYS F 381 75.35 -42.70 25.59
N LYS F 382 75.93 -41.55 25.75
CA LYS F 382 77.41 -41.46 25.65
C LYS F 382 78.07 -41.82 24.35
N HIS F 383 77.58 -41.26 23.25
CA HIS F 383 78.17 -41.52 21.89
C HIS F 383 79.37 -40.58 21.85
N GLU F 384 80.59 -41.07 21.87
CA GLU F 384 81.79 -40.26 21.91
C GLU F 384 81.90 -39.08 20.97
N PRO F 385 81.59 -39.31 19.70
CA PRO F 385 81.65 -38.23 18.69
C PRO F 385 80.76 -37.06 19.11
N THR F 386 79.56 -37.42 19.52
CA THR F 386 78.52 -36.56 20.00
C THR F 386 78.92 -35.83 21.27
N VAL F 387 79.34 -36.64 22.23
CA VAL F 387 79.83 -36.12 23.53
C VAL F 387 81.02 -35.21 23.29
N LYS F 388 81.99 -35.55 22.46
CA LYS F 388 83.10 -34.61 22.25
C LYS F 388 82.55 -33.32 21.63
N ALA F 389 81.60 -33.35 20.73
CA ALA F 389 81.00 -32.22 20.02
C ALA F 389 80.10 -31.30 20.83
N VAL F 390 79.28 -31.82 21.70
CA VAL F 390 78.36 -31.08 22.56
C VAL F 390 79.26 -30.25 23.48
N ASP F 391 80.24 -30.92 24.05
CA ASP F 391 81.18 -30.21 24.97
C ASP F 391 81.86 -29.01 24.30
N LEU F 392 82.33 -29.17 23.09
CA LEU F 392 82.99 -28.10 22.38
C LEU F 392 82.17 -26.81 22.36
N VAL F 393 80.94 -27.00 21.98
CA VAL F 393 79.84 -26.05 21.82
C VAL F 393 79.51 -25.41 23.16
N LEU F 394 79.09 -26.11 24.18
CA LEU F 394 78.72 -25.54 25.48
C LEU F 394 79.88 -24.75 26.09
N LYS F 395 81.02 -25.32 25.73
CA LYS F 395 82.31 -24.79 26.21
C LYS F 395 82.54 -23.48 25.47
N THR F 396 82.18 -23.50 24.21
CA THR F 396 82.34 -22.30 23.40
C THR F 396 81.27 -21.29 23.75
N LEU F 397 80.06 -21.65 24.08
CA LEU F 397 79.04 -20.64 24.44
C LEU F 397 79.03 -20.35 25.95
N GLY F 398 79.83 -21.14 26.66
CA GLY F 398 79.89 -21.01 28.11
C GLY F 398 78.51 -21.19 28.71
N VAL F 399 77.86 -22.26 28.36
CA VAL F 399 76.51 -22.55 28.92
C VAL F 399 76.64 -24.06 29.25
N GLY F 400 75.62 -24.63 29.87
CA GLY F 400 75.56 -26.06 30.21
C GLY F 400 74.57 -26.72 29.25
N PRO F 401 74.32 -28.02 29.44
CA PRO F 401 73.44 -28.82 28.60
C PRO F 401 71.98 -28.42 28.70
N GLU F 402 71.67 -27.67 29.74
CA GLU F 402 70.29 -27.21 29.95
C GLU F 402 69.92 -26.11 28.96
N ALA F 403 70.93 -25.56 28.32
CA ALA F 403 70.87 -24.57 27.27
C ALA F 403 70.49 -25.31 25.98
N LEU F 404 70.71 -26.61 25.95
CA LEU F 404 70.30 -27.39 24.77
C LEU F 404 68.81 -27.45 24.67
N PHE F 405 68.00 -27.39 25.71
CA PHE F 405 66.51 -27.48 25.58
C PHE F 405 65.91 -26.17 25.12
N SER F 406 66.26 -25.57 24.02
CA SER F 406 65.78 -24.25 23.66
C SER F 406 65.89 -24.02 22.17
N THR F 407 65.50 -22.86 21.65
CA THR F 407 65.61 -22.63 20.21
C THR F 407 67.06 -22.49 19.79
N LEU F 408 67.82 -21.99 20.74
CA LEU F 408 69.27 -21.89 20.46
C LEU F 408 69.84 -23.31 20.33
N GLY F 409 69.46 -24.16 21.29
CA GLY F 409 69.94 -25.55 21.33
C GLY F 409 69.55 -26.39 20.12
N ARG F 410 68.36 -26.09 19.64
CA ARG F 410 67.77 -26.76 18.48
C ARG F 410 68.59 -26.46 17.24
N THR F 411 69.19 -25.28 17.26
CA THR F 411 70.04 -24.79 16.20
C THR F 411 71.47 -25.24 16.30
N ALA F 412 72.04 -25.29 17.50
CA ALA F 412 73.44 -25.78 17.64
C ALA F 412 73.42 -27.29 17.36
N ALA F 413 72.42 -28.06 17.83
CA ALA F 413 72.31 -29.52 17.57
C ALA F 413 72.33 -29.88 16.10
N ARG F 414 71.83 -29.08 15.22
CA ARG F 414 71.82 -29.35 13.77
C ARG F 414 73.26 -29.25 13.29
N GLY F 415 74.03 -28.42 13.98
CA GLY F 415 75.43 -28.18 13.58
C GLY F 415 76.23 -29.42 13.99
N ILE F 416 75.86 -29.92 15.15
CA ILE F 416 76.45 -31.12 15.75
C ILE F 416 76.06 -32.35 14.91
N GLN F 417 74.80 -32.54 14.59
CA GLN F 417 74.38 -33.68 13.79
C GLN F 417 75.04 -33.65 12.42
N CYS F 418 75.29 -32.46 11.92
CA CYS F 418 75.86 -32.34 10.57
C CYS F 418 77.31 -32.74 10.62
N LEU F 419 78.01 -32.60 11.71
CA LEU F 419 79.46 -32.93 11.74
C LEU F 419 79.82 -34.36 12.04
N THR F 420 78.96 -34.99 12.86
CA THR F 420 79.12 -36.39 13.29
C THR F 420 78.88 -37.30 12.09
N ALA F 421 77.87 -36.92 11.32
CA ALA F 421 77.55 -37.61 10.06
C ALA F 421 78.79 -37.46 9.15
N ALA F 422 79.24 -36.21 8.99
CA ALA F 422 80.41 -35.88 8.18
C ALA F 422 81.63 -36.68 8.63
N GLN F 423 81.75 -36.91 9.93
CA GLN F 423 82.96 -37.60 10.39
C GLN F 423 82.88 -39.04 9.97
N GLU F 424 81.71 -39.63 10.06
CA GLU F 424 81.59 -41.04 9.70
C GLU F 424 81.62 -41.37 8.25
N VAL F 425 81.43 -40.46 7.33
CA VAL F 425 81.43 -40.75 5.89
C VAL F 425 82.77 -41.37 5.49
N GLU F 426 83.84 -40.95 6.13
CA GLU F 426 85.20 -41.42 5.89
C GLU F 426 85.27 -42.93 6.17
N VAL F 427 84.66 -43.41 7.24
CA VAL F 427 84.62 -44.81 7.65
C VAL F 427 83.98 -45.71 6.59
N TRP F 428 82.77 -45.40 6.16
CA TRP F 428 82.03 -46.18 5.17
C TRP F 428 82.70 -46.20 3.84
N LEU F 429 83.34 -45.10 3.51
CA LEU F 429 84.00 -45.00 2.19
C LEU F 429 85.13 -46.01 2.04
N ASP F 430 85.91 -45.89 3.12
CA ASP F 430 87.11 -46.70 3.38
C ASP F 430 86.75 -48.18 3.24
N LYS F 431 85.72 -48.63 3.93
CA LYS F 431 85.22 -49.99 3.85
C LYS F 431 84.72 -50.33 2.45
N LEU F 432 83.86 -49.43 1.95
CA LEU F 432 83.32 -49.70 0.61
C LEU F 432 84.53 -50.05 -0.28
N GLU F 433 85.52 -49.20 -0.20
CA GLU F 433 86.70 -49.30 -1.02
C GLU F 433 87.58 -50.52 -0.85
N ALA F 434 87.72 -51.00 0.36
CA ALA F 434 88.49 -52.17 0.74
C ALA F 434 87.76 -53.44 0.24
N ASN F 435 86.44 -53.37 0.33
CA ASN F 435 85.65 -54.50 -0.14
C ASN F 435 85.84 -54.58 -1.66
N VAL F 436 85.85 -53.45 -2.31
CA VAL F 436 85.93 -53.58 -3.78
C VAL F 436 87.30 -54.04 -4.13
N LYS F 437 88.31 -53.60 -3.39
CA LYS F 437 89.71 -54.01 -3.66
C LYS F 437 89.87 -55.53 -3.47
N ALA F 438 89.23 -56.10 -2.48
CA ALA F 438 89.24 -57.53 -2.18
C ALA F 438 88.40 -58.30 -3.20
N GLY F 439 87.81 -57.60 -4.17
CA GLY F 439 86.94 -58.21 -5.18
C GLY F 439 85.50 -58.35 -4.72
N LYS F 440 85.13 -58.09 -3.48
CA LYS F 440 83.73 -58.15 -3.02
C LYS F 440 82.92 -56.94 -3.50
N ASP F 441 82.22 -57.16 -4.58
CA ASP F 441 81.44 -56.21 -5.33
C ASP F 441 79.94 -56.42 -5.46
N ASP F 442 79.26 -57.11 -4.62
CA ASP F 442 77.81 -57.31 -4.76
C ASP F 442 77.03 -56.14 -4.16
N LEU F 443 75.95 -55.73 -4.78
CA LEU F 443 75.08 -54.65 -4.43
C LEU F 443 73.64 -55.12 -4.34
N TYR F 444 73.34 -56.31 -4.83
CA TYR F 444 71.92 -56.76 -4.83
C TYR F 444 71.52 -58.16 -4.43
N THR F 445 70.42 -58.38 -3.71
CA THR F 445 69.92 -59.64 -3.28
C THR F 445 68.50 -59.91 -3.79
N ASP F 446 68.36 -61.09 -4.38
CA ASP F 446 67.11 -61.56 -4.98
C ASP F 446 66.11 -61.76 -3.85
N TRP F 447 64.84 -61.63 -4.19
CA TRP F 447 63.78 -61.70 -3.20
C TRP F 447 62.46 -62.09 -3.86
N GLN F 448 61.50 -62.47 -3.03
CA GLN F 448 60.21 -62.87 -3.63
C GLN F 448 59.14 -62.36 -2.70
N TYR F 449 57.92 -62.11 -3.18
CA TYR F 449 56.97 -61.61 -2.17
C TYR F 449 56.30 -62.67 -1.35
N PRO F 450 56.13 -62.53 -0.05
CA PRO F 450 55.24 -63.45 0.66
C PRO F 450 53.80 -63.18 0.10
N THR F 451 52.94 -64.15 0.44
CA THR F 451 51.53 -64.08 0.04
C THR F 451 50.88 -62.79 0.54
N GLU F 452 51.00 -62.50 1.80
CA GLU F 452 50.51 -61.37 2.55
C GLU F 452 51.65 -60.98 3.50
N SER F 453 52.08 -59.76 3.67
CA SER F 453 53.14 -59.36 4.61
C SER F 453 52.95 -57.85 4.91
N GLN F 454 53.64 -57.37 5.90
CA GLN F 454 53.65 -55.99 6.41
C GLN F 454 55.09 -55.63 6.74
N GLY F 455 55.51 -54.37 6.60
CA GLY F 455 56.95 -54.06 6.86
C GLY F 455 57.07 -52.62 7.26
N VAL F 456 58.14 -52.26 7.95
CA VAL F 456 58.33 -50.85 8.32
C VAL F 456 59.78 -50.46 8.03
N GLY F 457 60.00 -49.24 7.55
CA GLY F 457 61.31 -48.64 7.22
C GLY F 457 61.51 -47.45 8.14
N PHE F 458 62.54 -47.43 8.93
CA PHE F 458 62.84 -46.39 9.88
C PHE F 458 64.06 -45.63 9.35
N VAL F 459 63.84 -44.33 9.15
CA VAL F 459 64.98 -43.53 8.66
C VAL F 459 65.09 -42.33 9.62
N ASN F 460 66.28 -41.89 9.92
CA ASN F 460 66.44 -40.67 10.76
C ASN F 460 66.91 -39.65 9.67
N ALA F 461 65.93 -38.97 9.08
CA ALA F 461 66.15 -37.98 8.03
C ALA F 461 66.80 -36.77 8.69
N PRO F 462 67.34 -35.84 7.91
CA PRO F 462 67.89 -34.60 8.53
C PRO F 462 66.90 -33.95 9.47
N ARG F 463 65.60 -34.08 9.33
CA ARG F 463 64.62 -33.45 10.22
C ARG F 463 64.03 -34.32 11.31
N GLY F 464 64.57 -35.52 11.38
CA GLY F 464 64.16 -36.48 12.41
C GLY F 464 63.61 -37.80 11.90
N MET F 465 62.83 -38.44 12.77
CA MET F 465 62.27 -39.75 12.56
C MET F 465 61.20 -39.96 11.52
N LEU F 466 61.64 -40.66 10.46
CA LEU F 466 60.79 -41.02 9.32
C LEU F 466 60.53 -42.54 9.30
N SER F 467 59.27 -42.90 9.05
CA SER F 467 58.87 -44.29 8.97
C SER F 467 57.79 -44.47 7.91
N HIS F 468 58.05 -45.43 7.04
CA HIS F 468 57.14 -45.84 5.95
C HIS F 468 56.58 -47.21 6.32
N TRP F 469 55.27 -47.32 6.30
CA TRP F 469 54.62 -48.60 6.69
C TRP F 469 53.87 -49.22 5.54
N ILE F 470 54.12 -50.48 5.25
CA ILE F 470 53.41 -51.13 4.14
C ILE F 470 52.73 -52.43 4.57
N VAL F 471 51.64 -52.71 3.93
CA VAL F 471 50.83 -53.90 4.06
C VAL F 471 50.58 -54.37 2.64
N GLN F 472 51.14 -55.48 2.28
CA GLN F 472 50.98 -56.04 0.94
C GLN F 472 50.29 -57.40 0.92
N ARG F 473 49.65 -57.72 -0.18
CA ARG F 473 48.98 -59.01 -0.44
C ARG F 473 49.12 -59.27 -1.93
N GLY F 474 49.83 -60.26 -2.44
CA GLY F 474 49.95 -60.56 -3.85
C GLY F 474 50.87 -59.65 -4.62
N GLY F 475 51.78 -58.94 -3.94
CA GLY F 475 52.66 -57.99 -4.67
C GLY F 475 51.88 -56.74 -5.08
N LYS F 476 50.85 -56.39 -4.36
CA LYS F 476 49.98 -55.23 -4.52
C LYS F 476 49.85 -54.55 -3.12
N ILE F 477 49.92 -53.26 -3.05
CA ILE F 477 49.80 -52.50 -1.82
C ILE F 477 48.36 -52.41 -1.39
N GLU F 478 48.12 -52.81 -0.18
CA GLU F 478 46.83 -52.79 0.51
C GLU F 478 46.78 -51.51 1.32
N ASN F 479 47.88 -51.15 1.96
CA ASN F 479 48.08 -49.95 2.79
C ASN F 479 49.56 -49.52 2.72
N PHE F 480 49.77 -48.22 2.60
CA PHE F 480 51.06 -47.53 2.58
C PHE F 480 50.86 -46.20 3.36
N GLN F 481 51.39 -46.08 4.57
CA GLN F 481 51.34 -44.94 5.43
C GLN F 481 52.80 -44.41 5.65
N LEU F 482 52.95 -43.10 5.55
CA LEU F 482 54.16 -42.34 5.85
C LEU F 482 53.92 -41.51 7.16
N VAL F 483 54.86 -41.55 8.07
CA VAL F 483 54.76 -40.74 9.28
C VAL F 483 56.11 -39.99 9.27
N VAL F 484 56.08 -38.72 8.95
CA VAL F 484 57.26 -37.85 8.73
C VAL F 484 57.59 -36.99 9.92
N PRO F 485 58.89 -36.69 10.07
CA PRO F 485 59.38 -35.89 11.18
C PRO F 485 58.62 -34.59 11.27
N SER F 486 58.44 -33.84 10.18
CA SER F 486 57.70 -32.57 10.30
C SER F 486 56.28 -32.85 10.70
N THR F 487 55.76 -34.05 10.61
CA THR F 487 54.33 -34.32 11.01
C THR F 487 54.35 -34.30 12.56
N TRP F 488 55.43 -34.80 13.15
CA TRP F 488 55.65 -34.83 14.59
C TRP F 488 55.77 -33.38 15.11
N ASN F 489 56.79 -32.65 14.68
CA ASN F 489 57.10 -31.29 15.07
C ASN F 489 56.03 -30.24 14.78
N LEU F 490 55.49 -30.19 13.61
CA LEU F 490 54.52 -29.20 13.16
C LEU F 490 53.07 -29.58 13.00
N GLY F 491 52.58 -30.69 13.46
CA GLY F 491 51.20 -31.11 13.33
C GLY F 491 50.38 -30.33 14.36
N PRO F 492 49.07 -30.40 14.17
CA PRO F 492 48.12 -29.73 15.05
C PRO F 492 48.04 -30.50 16.37
N ARG F 493 47.07 -30.17 17.21
CA ARG F 493 46.87 -30.82 18.47
C ARG F 493 46.21 -32.18 18.16
N CYS F 494 46.28 -32.99 19.19
CA CYS F 494 45.71 -34.35 19.15
C CYS F 494 44.33 -34.21 19.75
N ALA F 495 43.72 -35.37 19.89
CA ALA F 495 42.37 -35.52 20.46
C ALA F 495 42.41 -35.09 21.91
N GLU F 496 43.52 -35.34 22.57
CA GLU F 496 43.62 -34.98 24.00
C GLU F 496 43.95 -33.51 24.06
N GLY F 497 43.87 -32.84 22.92
CA GLY F 497 44.19 -31.42 22.84
C GLY F 497 45.60 -31.03 23.19
N LYS F 498 46.60 -31.88 23.11
CA LYS F 498 47.98 -31.48 23.40
C LYS F 498 48.62 -30.78 22.17
N LEU F 499 49.42 -29.76 22.45
CA LEU F 499 50.10 -28.89 21.54
C LEU F 499 51.27 -29.64 20.93
N SER F 500 51.48 -29.50 19.63
CA SER F 500 52.61 -30.20 18.96
C SER F 500 53.86 -29.47 19.40
N ALA F 501 55.05 -29.97 19.15
CA ALA F 501 56.28 -29.32 19.58
C ALA F 501 56.43 -27.90 19.09
N VAL F 502 56.03 -27.56 17.87
CA VAL F 502 56.21 -26.15 17.41
C VAL F 502 55.25 -25.21 18.16
N GLU F 503 54.01 -25.63 18.26
CA GLU F 503 53.02 -24.82 18.95
C GLU F 503 53.53 -24.53 20.35
N GLN F 504 53.99 -25.53 21.06
CA GLN F 504 54.48 -25.41 22.45
C GLN F 504 55.75 -24.60 22.51
N ALA F 505 56.63 -24.75 21.55
CA ALA F 505 57.85 -23.95 21.59
C ALA F 505 57.48 -22.47 21.45
N LEU F 506 56.36 -22.14 20.81
CA LEU F 506 56.00 -20.75 20.55
C LEU F 506 55.60 -19.98 21.79
N ILE F 507 54.84 -20.65 22.66
CA ILE F 507 54.30 -20.04 23.86
C ILE F 507 55.42 -19.39 24.67
N GLY F 508 55.25 -18.13 25.06
CA GLY F 508 56.26 -17.39 25.82
C GLY F 508 57.14 -16.56 24.95
N THR F 509 57.29 -16.83 23.67
CA THR F 509 58.17 -15.99 22.83
C THR F 509 57.72 -14.51 22.94
N PRO F 510 58.72 -13.68 23.14
CA PRO F 510 58.55 -12.22 23.22
C PRO F 510 58.55 -11.67 21.79
N ILE F 511 57.67 -10.72 21.47
CA ILE F 511 57.58 -10.07 20.15
C ILE F 511 57.83 -8.56 20.28
N ALA F 512 58.94 -8.10 19.72
CA ALA F 512 59.38 -6.68 19.74
C ALA F 512 58.41 -5.83 18.91
N ASP F 513 58.40 -6.03 17.60
CA ASP F 513 57.56 -5.39 16.60
C ASP F 513 56.63 -6.47 16.01
N PRO F 514 55.37 -6.37 16.35
CA PRO F 514 54.34 -7.30 15.88
C PRO F 514 54.11 -7.18 14.39
N LYS F 515 54.53 -6.08 13.82
CA LYS F 515 54.39 -5.82 12.37
C LYS F 515 55.52 -6.49 11.60
N ARG F 516 56.55 -6.91 12.32
CA ARG F 516 57.71 -7.60 11.72
C ARG F 516 58.20 -8.60 12.79
N PRO F 517 57.45 -9.66 12.97
CA PRO F 517 57.68 -10.66 14.02
C PRO F 517 58.57 -11.83 13.67
N VAL F 518 59.86 -11.47 13.61
CA VAL F 518 60.94 -12.38 13.34
C VAL F 518 61.11 -13.34 14.52
N GLU F 519 60.61 -12.97 15.68
CA GLU F 519 60.80 -13.94 16.79
C GLU F 519 60.00 -15.17 16.51
N ILE F 520 58.91 -15.12 15.76
CA ILE F 520 58.17 -16.33 15.42
C ILE F 520 58.96 -17.18 14.40
N LEU F 521 59.62 -16.58 13.46
CA LEU F 521 60.43 -17.20 12.43
C LEU F 521 61.64 -17.92 13.03
N ARG F 522 62.22 -17.30 14.05
CA ARG F 522 63.43 -17.89 14.64
C ARG F 522 63.05 -19.24 15.21
N THR F 523 61.92 -19.31 15.87
CA THR F 523 61.42 -20.50 16.50
C THR F 523 60.95 -21.49 15.44
N VAL F 524 60.09 -21.07 14.55
CA VAL F 524 59.56 -21.94 13.50
C VAL F 524 60.71 -22.49 12.67
N HIS F 525 61.64 -21.66 12.27
CA HIS F 525 62.77 -22.12 11.46
C HIS F 525 63.75 -23.05 12.14
N SER F 526 63.86 -22.99 13.45
CA SER F 526 64.82 -23.84 14.18
C SER F 526 64.45 -25.31 14.00
N TYR F 527 63.17 -25.56 13.71
CA TYR F 527 62.62 -26.87 13.48
C TYR F 527 62.83 -27.31 12.03
N ASP F 528 63.33 -26.46 11.18
CA ASP F 528 63.49 -26.87 9.75
C ASP F 528 62.19 -27.45 9.20
N PRO F 529 61.04 -26.76 9.23
CA PRO F 529 59.81 -27.32 8.72
C PRO F 529 59.90 -27.74 7.27
N CYS F 530 59.17 -28.80 6.97
CA CYS F 530 59.06 -29.33 5.60
C CYS F 530 57.57 -29.72 5.50
N ILE F 531 56.79 -28.83 4.94
CA ILE F 531 55.34 -29.04 4.85
C ILE F 531 55.00 -30.07 3.81
N ALA F 532 55.75 -30.24 2.74
CA ALA F 532 55.54 -31.22 1.70
C ALA F 532 55.66 -32.63 2.33
N CYS F 533 56.65 -32.85 3.17
CA CYS F 533 56.94 -34.05 3.90
C CYS F 533 55.88 -34.21 4.99
N GLY F 534 55.58 -33.20 5.77
CA GLY F 534 54.64 -33.41 6.83
C GLY F 534 53.28 -33.84 6.42
N VAL F 535 52.77 -33.46 5.27
CA VAL F 535 51.43 -33.80 4.82
C VAL F 535 51.33 -34.89 3.74
N HIS F 536 52.30 -34.87 2.83
CA HIS F 536 52.37 -35.78 1.70
C HIS F 536 50.95 -35.88 1.11
N LYS G 4 -36.81 61.04 -7.25
CA LYS G 4 -38.28 61.16 -7.30
C LYS G 4 -39.01 60.10 -6.49
N LYS G 5 -40.31 59.99 -6.78
CA LYS G 5 -41.22 59.09 -6.09
C LYS G 5 -40.72 57.69 -5.83
N ARG G 6 -40.85 56.85 -6.84
CA ARG G 6 -40.50 55.43 -6.71
C ARG G 6 -39.00 55.17 -6.66
N PRO G 7 -38.64 54.22 -5.83
CA PRO G 7 -37.26 53.77 -5.63
C PRO G 7 -36.76 53.22 -6.97
N SER G 8 -35.54 53.57 -7.18
CA SER G 8 -34.73 53.36 -8.35
C SER G 8 -33.95 52.06 -8.30
N VAL G 9 -34.08 51.38 -9.45
CA VAL G 9 -33.44 50.09 -9.67
C VAL G 9 -32.62 50.15 -10.95
N VAL G 10 -31.40 49.68 -10.84
CA VAL G 10 -30.47 49.61 -12.00
C VAL G 10 -30.16 48.11 -12.13
N TYR G 11 -30.50 47.52 -13.26
CA TYR G 11 -30.41 46.06 -13.58
C TYR G 11 -29.33 45.75 -14.57
N LEU G 12 -28.25 45.07 -14.06
CA LEU G 12 -27.09 44.72 -14.88
C LEU G 12 -27.09 43.29 -15.44
N HIS G 13 -26.75 43.12 -16.69
CA HIS G 13 -26.68 41.80 -17.34
C HIS G 13 -25.21 41.45 -17.64
N ASN G 14 -24.69 40.40 -17.03
CA ASN G 14 -23.33 39.89 -17.15
C ASN G 14 -23.24 38.59 -17.96
N ALA G 15 -22.58 37.58 -17.47
CA ALA G 15 -22.47 36.26 -18.15
C ALA G 15 -23.73 35.46 -17.74
N GLU G 16 -24.77 35.64 -18.52
CA GLU G 16 -26.09 35.12 -18.34
C GLU G 16 -26.74 34.58 -19.60
N CYS G 17 -27.87 33.96 -19.39
CA CYS G 17 -28.70 33.35 -20.44
C CYS G 17 -29.99 34.14 -20.63
N THR G 18 -30.26 35.06 -19.69
CA THR G 18 -31.40 35.94 -19.69
C THR G 18 -32.61 35.22 -19.18
N GLY G 19 -32.48 34.05 -18.66
CA GLY G 19 -33.64 33.33 -18.12
C GLY G 19 -33.98 33.95 -16.77
N CYS G 20 -33.07 34.71 -16.18
CA CYS G 20 -33.30 35.36 -14.86
C CYS G 20 -34.23 36.55 -15.11
N SER G 21 -33.97 37.32 -16.18
CA SER G 21 -34.94 38.39 -16.53
C SER G 21 -36.27 37.79 -16.98
N GLU G 22 -36.41 36.79 -17.84
CA GLU G 22 -37.74 36.28 -18.19
C GLU G 22 -38.46 35.78 -16.97
N SER G 23 -37.81 35.22 -15.96
CA SER G 23 -38.53 34.77 -14.75
C SER G 23 -39.23 35.94 -14.08
N VAL G 24 -38.66 37.06 -14.19
CA VAL G 24 -39.15 38.29 -13.60
C VAL G 24 -40.48 38.72 -14.19
N LEU G 25 -40.63 38.72 -15.53
CA LEU G 25 -41.79 39.01 -16.34
C LEU G 25 -42.96 38.09 -15.98
N ARG G 26 -42.67 37.00 -15.28
CA ARG G 26 -43.68 36.00 -14.87
C ARG G 26 -44.33 36.31 -13.54
N THR G 27 -43.82 37.26 -12.80
CA THR G 27 -44.40 37.74 -11.55
C THR G 27 -45.91 38.00 -11.73
N VAL G 28 -46.63 37.71 -10.66
CA VAL G 28 -48.11 37.80 -10.57
C VAL G 28 -48.36 38.43 -9.20
N ASP G 29 -49.33 39.37 -9.11
CA ASP G 29 -49.60 40.03 -7.81
C ASP G 29 -48.30 40.40 -7.07
N PRO G 30 -47.57 41.41 -7.54
CA PRO G 30 -47.89 42.25 -8.68
C PRO G 30 -47.39 41.77 -10.01
N TYR G 31 -48.13 42.17 -11.03
CA TYR G 31 -47.73 41.83 -12.40
C TYR G 31 -46.58 42.78 -12.69
N VAL G 32 -45.79 42.57 -13.68
CA VAL G 32 -44.64 43.37 -14.03
C VAL G 32 -44.97 44.82 -14.35
N ASP G 33 -46.14 45.10 -14.83
CA ASP G 33 -46.67 46.44 -15.17
C ASP G 33 -46.86 47.25 -13.86
N GLU G 34 -47.47 46.63 -12.86
CA GLU G 34 -47.67 47.23 -11.53
C GLU G 34 -46.30 47.50 -10.89
N LEU G 35 -45.39 46.56 -11.05
CA LEU G 35 -44.03 46.62 -10.52
C LEU G 35 -43.31 47.85 -11.09
N ILE G 36 -43.11 47.88 -12.35
CA ILE G 36 -42.45 48.89 -13.20
C ILE G 36 -43.13 50.24 -13.21
N LEU G 37 -44.41 50.35 -13.03
CA LEU G 37 -45.13 51.61 -13.04
C LEU G 37 -45.61 52.01 -11.65
N ASP G 38 -45.61 51.18 -10.65
CA ASP G 38 -46.15 51.66 -9.36
C ASP G 38 -45.22 51.33 -8.20
N VAL G 39 -44.42 50.27 -8.32
CA VAL G 39 -43.59 49.95 -7.15
C VAL G 39 -42.16 50.47 -7.21
N ILE G 40 -41.53 50.36 -8.37
CA ILE G 40 -40.16 50.80 -8.44
C ILE G 40 -39.98 51.62 -9.73
N SER G 41 -38.78 52.13 -9.85
CA SER G 41 -38.47 52.81 -11.08
C SER G 41 -37.35 51.98 -11.75
N MET G 42 -37.68 51.33 -12.85
CA MET G 42 -36.69 50.51 -13.59
C MET G 42 -35.88 51.48 -14.44
N ASP G 43 -34.80 52.00 -13.92
CA ASP G 43 -33.99 52.99 -14.64
C ASP G 43 -33.08 52.50 -15.71
N TYR G 44 -32.53 51.31 -15.56
CA TYR G 44 -31.61 50.68 -16.52
C TYR G 44 -31.93 49.19 -16.63
N HIS G 45 -32.27 48.76 -17.84
CA HIS G 45 -32.59 47.32 -18.08
C HIS G 45 -32.45 47.06 -19.56
N GLU G 46 -31.35 46.57 -20.03
CA GLU G 46 -30.99 46.33 -21.40
C GLU G 46 -32.02 45.63 -22.24
N THR G 47 -32.76 44.75 -21.65
CA THR G 47 -33.76 43.96 -22.36
C THR G 47 -35.04 44.65 -22.73
N LEU G 48 -35.40 45.69 -22.00
CA LEU G 48 -36.68 46.37 -22.22
C LEU G 48 -36.57 47.80 -22.68
N MET G 49 -35.35 48.30 -22.75
CA MET G 49 -35.18 49.72 -23.09
C MET G 49 -35.57 50.22 -24.44
N ALA G 50 -36.16 51.42 -24.47
CA ALA G 50 -36.56 52.04 -25.74
C ALA G 50 -35.36 52.54 -26.55
N GLY G 51 -34.49 53.31 -25.90
CA GLY G 51 -33.30 53.87 -26.60
C GLY G 51 -32.24 52.80 -26.69
N ALA G 52 -31.15 52.93 -27.39
CA ALA G 52 -30.08 51.95 -27.51
C ALA G 52 -28.75 52.72 -27.54
N GLY G 53 -27.65 52.04 -27.58
CA GLY G 53 -26.29 52.59 -27.69
C GLY G 53 -26.03 53.58 -26.62
N HIS G 54 -25.42 54.68 -26.87
CA HIS G 54 -25.09 55.76 -25.92
C HIS G 54 -26.32 56.35 -25.24
N ALA G 55 -27.55 56.33 -25.76
CA ALA G 55 -28.67 56.93 -24.98
C ALA G 55 -28.90 56.23 -23.63
N VAL G 56 -28.72 54.89 -23.64
CA VAL G 56 -28.84 54.00 -22.51
C VAL G 56 -27.63 54.10 -21.58
N GLU G 57 -26.44 54.27 -22.09
CA GLU G 57 -25.26 54.42 -21.21
C GLU G 57 -25.25 55.73 -20.46
N GLU G 58 -25.86 56.77 -20.96
CA GLU G 58 -25.99 58.07 -20.33
C GLU G 58 -27.00 57.92 -19.22
N ALA G 59 -28.01 57.12 -19.43
CA ALA G 59 -29.04 56.78 -18.43
C ALA G 59 -28.48 55.98 -17.26
N LEU G 60 -27.70 54.96 -17.60
CA LEU G 60 -27.13 54.18 -16.48
C LEU G 60 -26.28 55.21 -15.71
N HIS G 61 -25.46 55.96 -16.39
CA HIS G 61 -24.54 56.96 -15.78
C HIS G 61 -25.16 57.97 -14.83
N GLU G 62 -26.34 58.48 -15.15
CA GLU G 62 -27.04 59.41 -14.27
C GLU G 62 -27.79 58.67 -13.21
N ALA G 63 -28.31 57.50 -13.50
CA ALA G 63 -29.05 56.80 -12.43
C ALA G 63 -28.15 56.47 -11.25
N ILE G 64 -26.89 56.11 -11.51
CA ILE G 64 -25.96 55.73 -10.45
C ILE G 64 -25.48 56.86 -9.56
N LYS G 65 -25.85 58.09 -9.96
CA LYS G 65 -25.51 59.30 -9.17
C LYS G 65 -26.44 59.38 -7.99
N GLY G 66 -27.59 58.73 -7.96
CA GLY G 66 -28.55 58.73 -6.91
C GLY G 66 -28.54 57.54 -5.97
N ASP G 67 -29.73 57.43 -5.40
CA ASP G 67 -30.09 56.40 -4.43
C ASP G 67 -30.76 55.24 -5.16
N PHE G 68 -30.01 54.14 -5.25
CA PHE G 68 -30.62 52.99 -5.97
C PHE G 68 -30.19 51.65 -5.39
N VAL G 69 -30.99 50.69 -5.84
CA VAL G 69 -30.76 49.29 -5.55
C VAL G 69 -30.18 48.73 -6.87
N CYS G 70 -29.15 47.92 -6.72
CA CYS G 70 -28.49 47.29 -7.88
C CYS G 70 -28.87 45.80 -7.96
N VAL G 71 -29.34 45.41 -9.13
CA VAL G 71 -29.74 44.05 -9.44
C VAL G 71 -28.69 43.56 -10.44
N ILE G 72 -27.97 42.52 -10.10
CA ILE G 72 -26.98 41.98 -11.00
C ILE G 72 -27.42 40.58 -11.47
N GLU G 73 -27.63 40.30 -12.72
CA GLU G 73 -27.96 38.99 -13.29
C GLU G 73 -26.71 38.46 -14.00
N GLY G 74 -26.32 37.22 -13.87
CA GLY G 74 -25.17 36.61 -14.56
C GLY G 74 -23.93 36.58 -13.72
N GLY G 75 -22.96 35.75 -14.08
CA GLY G 75 -21.71 35.64 -13.30
C GLY G 75 -20.80 36.67 -13.90
N ILE G 76 -19.70 36.96 -13.22
CA ILE G 76 -18.70 37.95 -13.73
C ILE G 76 -17.43 37.25 -14.19
N PRO G 77 -17.12 37.34 -15.48
CA PRO G 77 -15.92 36.75 -16.06
C PRO G 77 -14.70 37.54 -15.58
N MET G 78 -13.77 36.71 -15.11
CA MET G 78 -12.53 37.29 -14.58
C MET G 78 -11.24 36.71 -15.06
N GLY G 79 -11.28 35.69 -15.89
CA GLY G 79 -10.05 35.12 -16.36
C GLY G 79 -9.57 36.03 -17.52
N ASP G 80 -8.25 35.95 -17.53
CA ASP G 80 -7.32 36.59 -18.45
C ASP G 80 -7.63 38.08 -18.45
N GLY G 81 -8.21 38.58 -17.40
CA GLY G 81 -8.53 39.99 -17.39
C GLY G 81 -10.02 40.29 -17.57
N GLY G 82 -10.84 39.30 -17.86
CA GLY G 82 -12.28 39.51 -18.00
C GLY G 82 -12.72 40.06 -19.32
N TYR G 83 -11.93 39.91 -20.38
CA TYR G 83 -12.41 40.45 -21.66
C TYR G 83 -13.45 39.60 -22.34
N TRP G 84 -13.79 38.44 -21.84
CA TRP G 84 -14.76 37.44 -22.28
C TRP G 84 -16.20 37.93 -22.31
N GLY G 85 -16.42 38.94 -21.48
CA GLY G 85 -17.74 39.58 -21.30
C GLY G 85 -17.56 41.10 -21.37
N LYS G 86 -18.11 41.71 -22.38
CA LYS G 86 -18.08 43.14 -22.62
C LYS G 86 -19.48 43.72 -22.96
N VAL G 87 -19.66 44.94 -22.47
CA VAL G 87 -20.84 45.75 -22.76
C VAL G 87 -20.28 47.12 -23.18
N GLY G 88 -20.44 47.61 -24.37
CA GLY G 88 -19.86 48.94 -24.66
C GLY G 88 -18.36 49.00 -24.90
N GLY G 89 -17.72 47.84 -24.78
CA GLY G 89 -16.27 47.73 -24.95
C GLY G 89 -15.67 47.59 -23.55
N ARG G 90 -16.46 47.81 -22.53
CA ARG G 90 -15.97 47.71 -21.15
C ARG G 90 -16.18 46.32 -20.57
N ASN G 91 -15.24 45.69 -19.92
CA ASN G 91 -15.40 44.39 -19.31
C ASN G 91 -16.49 44.50 -18.26
N MET G 92 -17.26 43.45 -18.14
CA MET G 92 -18.36 43.28 -17.17
C MET G 92 -17.81 43.54 -15.75
N TYR G 93 -16.66 43.03 -15.42
CA TYR G 93 -16.15 43.27 -14.06
C TYR G 93 -15.97 44.77 -13.87
N ASP G 94 -15.50 45.52 -14.85
CA ASP G 94 -15.29 47.00 -14.71
C ASP G 94 -16.63 47.69 -14.50
N ILE G 95 -17.64 47.40 -15.30
CA ILE G 95 -18.95 48.01 -15.08
C ILE G 95 -19.48 47.73 -13.67
N CYS G 96 -19.46 46.54 -13.17
CA CYS G 96 -19.93 46.13 -11.85
C CYS G 96 -19.12 46.74 -10.72
N ALA G 97 -17.84 46.78 -10.95
CA ALA G 97 -16.94 47.36 -9.89
C ALA G 97 -17.29 48.85 -9.67
N GLU G 98 -17.73 49.51 -10.74
CA GLU G 98 -18.13 50.89 -10.75
C GLU G 98 -19.54 51.05 -10.20
N VAL G 99 -20.50 50.29 -10.66
CA VAL G 99 -21.87 50.42 -10.23
C VAL G 99 -22.24 49.89 -8.88
N ALA G 100 -21.94 48.63 -8.65
CA ALA G 100 -22.33 47.91 -7.43
C ALA G 100 -22.06 48.62 -6.15
N PRO G 101 -20.84 49.07 -5.91
CA PRO G 101 -20.45 49.76 -4.69
C PRO G 101 -21.20 51.06 -4.45
N LYS G 102 -21.75 51.71 -5.48
CA LYS G 102 -22.52 52.94 -5.20
C LYS G 102 -23.97 52.69 -4.84
N ALA G 103 -24.49 51.47 -4.92
CA ALA G 103 -25.90 51.12 -4.63
C ALA G 103 -26.27 51.05 -3.17
N LYS G 104 -27.50 51.21 -2.78
CA LYS G 104 -27.86 51.10 -1.37
C LYS G 104 -27.93 49.64 -0.88
N ALA G 105 -28.14 48.74 -1.81
CA ALA G 105 -28.27 47.33 -1.67
C ALA G 105 -27.98 46.73 -3.06
N VAL G 106 -27.43 45.56 -3.04
CA VAL G 106 -27.14 44.80 -4.28
C VAL G 106 -27.88 43.47 -4.13
N ILE G 107 -28.53 43.10 -5.19
CA ILE G 107 -29.27 41.82 -5.20
C ILE G 107 -28.68 40.93 -6.30
N ALA G 108 -28.13 39.76 -5.99
CA ALA G 108 -27.57 38.83 -6.98
C ALA G 108 -28.73 37.92 -7.42
N ILE G 109 -29.22 37.96 -8.68
CA ILE G 109 -30.36 37.15 -9.14
C ILE G 109 -29.91 35.96 -9.96
N GLY G 110 -30.27 34.75 -9.54
CA GLY G 110 -29.88 33.56 -10.35
C GLY G 110 -28.60 32.97 -9.81
N THR G 111 -28.50 31.65 -9.87
CA THR G 111 -27.31 30.93 -9.38
C THR G 111 -26.04 31.40 -10.05
N CYS G 112 -26.17 31.98 -11.23
CA CYS G 112 -24.94 32.49 -11.90
C CYS G 112 -24.43 33.74 -11.17
N ALA G 113 -25.29 34.69 -10.86
CA ALA G 113 -24.87 35.91 -10.17
C ALA G 113 -24.46 35.60 -8.75
N THR G 114 -25.20 34.71 -8.11
CA THR G 114 -24.93 34.34 -6.71
C THR G 114 -23.68 33.54 -6.55
N TYR G 115 -23.52 32.45 -7.34
CA TYR G 115 -22.35 31.57 -7.25
C TYR G 115 -21.51 31.37 -8.50
N GLY G 116 -21.77 31.68 -9.72
CA GLY G 116 -20.84 31.39 -10.83
C GLY G 116 -21.63 30.83 -12.03
N GLY G 117 -22.52 29.91 -11.70
CA GLY G 117 -23.45 29.26 -12.57
C GLY G 117 -22.85 28.37 -13.62
N VAL G 118 -23.69 28.16 -14.63
CA VAL G 118 -23.34 27.28 -15.76
C VAL G 118 -21.99 27.55 -16.36
N GLN G 119 -21.61 28.77 -16.72
CA GLN G 119 -20.31 29.06 -17.31
C GLN G 119 -19.12 28.84 -16.34
N ALA G 120 -19.45 28.68 -15.07
CA ALA G 120 -18.44 28.44 -14.03
C ALA G 120 -18.25 26.91 -13.83
N ALA G 121 -19.04 26.03 -14.43
CA ALA G 121 -18.85 24.59 -14.30
C ALA G 121 -17.48 24.31 -14.92
N LYS G 122 -16.88 23.17 -14.55
CA LYS G 122 -15.54 22.78 -15.07
C LYS G 122 -15.53 22.70 -16.59
N PRO G 123 -14.51 23.15 -17.24
CA PRO G 123 -13.31 23.76 -16.65
C PRO G 123 -13.32 25.29 -16.52
N ASN G 124 -14.49 25.92 -16.53
CA ASN G 124 -14.62 27.39 -16.39
C ASN G 124 -13.67 28.13 -17.32
N PRO G 125 -13.90 27.99 -18.62
CA PRO G 125 -13.03 28.64 -19.62
C PRO G 125 -12.75 30.14 -19.37
N THR G 126 -13.78 30.89 -18.95
CA THR G 126 -13.77 32.33 -18.74
C THR G 126 -13.46 32.85 -17.37
N GLY G 127 -13.23 31.99 -16.41
CA GLY G 127 -12.94 32.42 -15.04
C GLY G 127 -14.13 33.11 -14.39
N THR G 128 -15.38 32.78 -14.71
CA THR G 128 -16.53 33.40 -14.10
C THR G 128 -16.71 33.07 -12.64
N VAL G 129 -17.22 34.04 -11.87
CA VAL G 129 -17.44 33.93 -10.45
C VAL G 129 -18.72 34.71 -10.13
N GLY G 130 -19.23 34.47 -8.93
CA GLY G 130 -20.46 35.19 -8.53
C GLY G 130 -20.00 36.56 -8.03
N VAL G 131 -20.97 37.35 -7.76
CA VAL G 131 -20.93 38.73 -7.28
C VAL G 131 -20.14 38.90 -6.04
N ASN G 132 -20.59 38.32 -4.93
CA ASN G 132 -19.78 38.43 -3.67
C ASN G 132 -18.36 37.90 -3.87
N GLU G 133 -18.06 36.93 -4.73
CA GLU G 133 -16.68 36.47 -4.86
C GLU G 133 -15.88 37.50 -5.64
N ALA G 134 -16.48 38.13 -6.63
CA ALA G 134 -15.77 39.12 -7.42
C ALA G 134 -15.63 40.48 -6.79
N LEU G 135 -16.66 41.00 -6.22
CA LEU G 135 -16.72 42.32 -5.62
C LEU G 135 -16.71 42.46 -4.10
N GLY G 136 -16.60 41.38 -3.37
CA GLY G 136 -16.61 41.31 -1.92
C GLY G 136 -15.53 42.27 -1.42
N LYS G 137 -14.39 42.31 -2.04
CA LYS G 137 -13.29 43.21 -1.68
C LYS G 137 -13.56 44.68 -1.99
N LEU G 138 -14.61 45.13 -2.62
CA LEU G 138 -14.99 46.49 -2.96
C LEU G 138 -16.10 46.82 -1.97
N GLY G 139 -16.29 45.87 -1.08
CA GLY G 139 -17.31 45.99 -0.02
C GLY G 139 -18.66 45.48 -0.44
N VAL G 140 -18.89 44.85 -1.58
CA VAL G 140 -20.22 44.35 -1.97
C VAL G 140 -20.48 43.03 -1.21
N LYS G 141 -21.63 43.05 -0.59
CA LYS G 141 -22.26 42.00 0.17
C LYS G 141 -23.67 41.88 -0.44
N ALA G 142 -23.88 41.18 -1.53
CA ALA G 142 -25.16 41.00 -2.20
C ALA G 142 -26.08 40.02 -1.55
N ILE G 143 -27.36 40.20 -1.69
CA ILE G 143 -28.42 39.27 -1.18
C ILE G 143 -28.45 38.20 -2.29
N ASN G 144 -28.31 36.92 -1.94
CA ASN G 144 -28.29 35.95 -3.06
C ASN G 144 -29.65 35.31 -3.34
N ILE G 145 -30.30 35.53 -4.45
CA ILE G 145 -31.58 34.87 -4.76
C ILE G 145 -31.18 33.73 -5.72
N ALA G 146 -31.05 32.56 -5.14
CA ALA G 146 -30.63 31.34 -5.88
C ALA G 146 -31.76 30.63 -6.63
N GLY G 147 -31.29 29.89 -7.64
CA GLY G 147 -32.22 29.17 -8.52
C GLY G 147 -31.71 29.52 -9.94
N CYS G 148 -32.19 28.65 -10.83
CA CYS G 148 -31.78 28.69 -12.23
C CYS G 148 -32.92 28.47 -13.19
N PRO G 149 -33.84 29.42 -13.28
CA PRO G 149 -33.88 30.68 -12.51
C PRO G 149 -34.67 30.52 -11.20
N PRO G 150 -34.65 31.56 -10.33
CA PRO G 150 -35.34 31.55 -9.05
C PRO G 150 -36.82 31.68 -9.31
N ASN G 151 -37.63 31.41 -8.33
CA ASN G 151 -39.11 31.59 -8.41
C ASN G 151 -39.35 33.09 -8.51
N PRO G 152 -40.17 33.65 -9.39
CA PRO G 152 -40.39 35.12 -9.47
C PRO G 152 -40.69 35.69 -8.10
N MET G 153 -41.42 34.99 -7.29
CA MET G 153 -41.81 35.34 -5.94
C MET G 153 -40.64 35.67 -5.03
N ASN G 154 -39.55 34.93 -5.16
CA ASN G 154 -38.40 35.12 -4.27
C ASN G 154 -37.61 36.37 -4.61
N PHE G 155 -37.69 36.80 -5.86
CA PHE G 155 -36.90 38.00 -6.21
C PHE G 155 -37.75 39.24 -5.91
N VAL G 156 -38.95 39.29 -6.41
CA VAL G 156 -39.89 40.40 -6.21
C VAL G 156 -40.25 40.52 -4.75
N GLY G 157 -40.38 39.48 -4.03
CA GLY G 157 -40.76 39.44 -2.60
C GLY G 157 -39.59 39.95 -1.79
N THR G 158 -38.39 39.85 -2.34
CA THR G 158 -37.23 40.38 -1.63
C THR G 158 -37.09 41.87 -1.93
N VAL G 159 -37.36 42.31 -3.13
CA VAL G 159 -37.31 43.73 -3.49
C VAL G 159 -38.34 44.42 -2.60
N VAL G 160 -39.57 43.97 -2.69
CA VAL G 160 -40.62 44.61 -1.87
C VAL G 160 -40.29 44.56 -0.40
N HIS G 161 -39.64 43.52 0.10
CA HIS G 161 -39.31 43.39 1.54
C HIS G 161 -38.32 44.49 1.92
N LEU G 162 -37.31 44.51 1.08
CA LEU G 162 -36.21 45.45 1.21
C LEU G 162 -36.76 46.86 1.27
N LEU G 163 -37.78 47.12 0.50
CA LEU G 163 -38.41 48.43 0.35
C LEU G 163 -39.43 48.68 1.44
N THR G 164 -39.95 47.64 2.05
CA THR G 164 -40.97 47.85 3.08
C THR G 164 -40.43 47.61 4.46
N LYS G 165 -39.92 46.42 4.71
CA LYS G 165 -39.38 46.05 6.01
C LYS G 165 -37.90 46.13 6.17
N GLY G 166 -37.02 46.17 5.21
CA GLY G 166 -35.57 46.26 5.51
C GLY G 166 -34.88 45.01 5.00
N MET G 167 -33.68 44.84 5.45
CA MET G 167 -32.81 43.70 5.04
C MET G 167 -33.23 42.34 5.58
N PRO G 168 -33.50 41.39 4.70
CA PRO G 168 -33.95 40.07 5.18
C PRO G 168 -32.81 39.34 5.83
N GLU G 169 -33.15 38.41 6.72
CA GLU G 169 -32.14 37.57 7.39
C GLU G 169 -31.66 36.60 6.28
N LEU G 170 -30.36 36.39 6.26
CA LEU G 170 -29.78 35.51 5.27
C LEU G 170 -29.23 34.21 5.84
N ASP G 171 -28.99 33.20 5.04
CA ASP G 171 -28.40 31.92 5.49
C ASP G 171 -26.93 32.13 5.19
N LYS G 172 -26.06 31.17 5.46
CA LYS G 172 -24.64 31.40 5.21
C LYS G 172 -24.29 31.44 3.74
N GLN G 173 -25.26 31.10 2.95
CA GLN G 173 -25.03 31.03 1.50
C GLN G 173 -25.54 32.31 0.89
N GLY G 174 -25.94 33.22 1.74
CA GLY G 174 -26.43 34.54 1.33
C GLY G 174 -27.89 34.56 0.96
N ARG G 175 -28.68 33.52 1.14
CA ARG G 175 -30.06 33.56 0.67
C ARG G 175 -31.01 33.91 1.78
N PRO G 176 -32.04 34.70 1.49
CA PRO G 176 -33.01 35.08 2.47
C PRO G 176 -33.65 33.84 3.09
N VAL G 177 -33.41 33.57 4.37
CA VAL G 177 -34.06 32.43 5.03
C VAL G 177 -35.58 32.39 4.82
N MET G 178 -36.28 33.47 4.55
CA MET G 178 -37.74 33.40 4.44
C MET G 178 -38.18 32.57 3.23
N PHE G 179 -37.30 32.41 2.27
CA PHE G 179 -37.61 31.68 1.04
C PHE G 179 -36.78 30.38 0.88
N PHE G 180 -35.54 30.36 1.28
CA PHE G 180 -34.60 29.30 1.21
C PHE G 180 -34.34 28.66 2.57
N GLY G 181 -35.22 28.74 3.54
CA GLY G 181 -34.95 28.13 4.84
C GLY G 181 -35.24 26.65 4.98
N GLU G 182 -35.99 26.05 4.08
CA GLU G 182 -36.27 24.58 4.16
C GLU G 182 -35.94 23.90 2.85
N THR G 183 -35.67 22.61 2.91
CA THR G 183 -35.28 21.91 1.66
C THR G 183 -36.51 21.59 0.87
N VAL G 184 -36.36 21.36 -0.39
CA VAL G 184 -37.50 20.97 -1.29
C VAL G 184 -38.14 19.67 -0.78
N HIS G 185 -37.32 18.77 -0.25
CA HIS G 185 -37.74 17.44 0.21
C HIS G 185 -38.74 17.52 1.35
N ASP G 186 -38.45 18.45 2.27
CA ASP G 186 -39.25 18.68 3.45
C ASP G 186 -40.63 19.12 3.07
N ASN G 187 -40.85 19.68 1.91
CA ASN G 187 -42.19 20.09 1.49
C ASN G 187 -42.68 19.28 0.32
N CYS G 188 -41.89 18.34 -0.15
CA CYS G 188 -42.31 17.53 -1.29
C CYS G 188 -43.53 16.67 -1.00
N PRO G 189 -44.55 16.67 -1.81
CA PRO G 189 -45.71 15.78 -1.67
C PRO G 189 -45.40 14.30 -1.95
N ARG G 190 -44.30 13.93 -2.59
CA ARG G 190 -43.98 12.52 -2.85
C ARG G 190 -43.31 12.01 -1.58
N LEU G 191 -43.26 12.85 -0.55
CA LEU G 191 -42.67 12.50 0.77
C LEU G 191 -43.42 11.31 1.41
N LYS G 192 -44.70 11.22 1.07
CA LYS G 192 -45.55 10.14 1.55
C LYS G 192 -44.98 8.83 0.95
N HIS G 193 -44.70 8.80 -0.33
CA HIS G 193 -44.11 7.63 -0.99
C HIS G 193 -42.76 7.27 -0.39
N PHE G 194 -41.99 8.23 -0.10
CA PHE G 194 -40.63 8.16 0.44
C PHE G 194 -40.62 7.49 1.82
N GLU G 195 -41.54 8.06 2.58
CA GLU G 195 -41.67 7.58 3.95
C GLU G 195 -42.15 6.12 3.89
N ALA G 196 -42.98 5.75 2.96
CA ALA G 196 -43.52 4.43 2.73
C ALA G 196 -42.50 3.50 2.07
N GLY G 197 -41.34 3.98 1.71
CA GLY G 197 -40.34 3.11 1.09
C GLY G 197 -40.77 2.71 -0.28
N GLU G 198 -41.33 3.64 -1.04
CA GLU G 198 -41.79 3.49 -2.42
C GLU G 198 -41.09 4.43 -3.40
N PHE G 199 -40.20 3.90 -4.21
CA PHE G 199 -39.27 4.49 -5.12
C PHE G 199 -39.37 4.03 -6.57
N ALA G 200 -39.13 4.98 -7.48
CA ALA G 200 -39.13 4.68 -8.91
C ALA G 200 -37.65 4.43 -9.22
N THR G 201 -37.37 3.38 -10.00
CA THR G 201 -36.00 3.06 -10.39
C THR G 201 -35.87 3.21 -11.91
N SER G 202 -37.00 3.55 -12.55
CA SER G 202 -36.93 3.85 -13.99
C SER G 202 -38.17 4.71 -14.28
N PHE G 203 -37.94 5.52 -15.30
CA PHE G 203 -38.92 6.47 -15.81
C PHE G 203 -40.08 5.79 -16.48
N GLY G 204 -39.94 4.64 -17.10
CA GLY G 204 -41.10 4.03 -17.74
C GLY G 204 -41.81 2.95 -16.94
N SER G 205 -41.43 2.73 -15.71
CA SER G 205 -42.01 1.73 -14.82
C SER G 205 -43.30 2.13 -14.15
N PRO G 206 -44.04 1.15 -13.66
CA PRO G 206 -45.30 1.38 -12.99
C PRO G 206 -45.16 2.27 -11.78
N GLU G 207 -44.00 2.25 -11.17
CA GLU G 207 -43.78 3.10 -9.95
C GLU G 207 -43.68 4.59 -10.30
N ALA G 208 -43.07 4.91 -11.44
CA ALA G 208 -42.88 6.18 -12.11
C ALA G 208 -44.27 6.73 -12.46
N LYS G 209 -45.05 5.81 -13.08
CA LYS G 209 -46.44 6.16 -13.42
C LYS G 209 -47.26 6.41 -12.18
N LYS G 210 -46.93 5.85 -11.04
CA LYS G 210 -47.70 5.98 -9.80
C LYS G 210 -47.20 7.19 -9.02
N GLY G 211 -46.14 7.86 -9.49
CA GLY G 211 -45.66 9.04 -8.83
C GLY G 211 -44.90 8.71 -7.57
N TYR G 212 -44.12 7.64 -7.64
CA TYR G 212 -43.33 7.30 -6.42
C TYR G 212 -42.16 8.27 -6.32
N CYS G 213 -41.40 8.21 -5.23
CA CYS G 213 -40.22 9.06 -4.97
C CYS G 213 -39.16 8.84 -6.01
N LEU G 214 -38.47 9.87 -6.48
CA LEU G 214 -37.44 9.91 -7.51
C LEU G 214 -36.05 9.88 -6.93
N TYR G 215 -35.90 9.64 -5.66
CA TYR G 215 -34.63 9.62 -5.00
C TYR G 215 -33.62 8.77 -5.74
N GLU G 216 -34.05 7.55 -6.11
CA GLU G 216 -33.16 6.58 -6.80
C GLU G 216 -32.83 7.03 -8.18
N LEU G 217 -33.66 7.87 -8.76
CA LEU G 217 -33.53 8.51 -10.07
C LEU G 217 -32.81 9.86 -9.95
N GLY G 218 -32.09 10.13 -8.91
CA GLY G 218 -31.25 11.26 -8.65
C GLY G 218 -31.87 12.52 -8.11
N CYS G 219 -33.02 12.51 -7.55
CA CYS G 219 -33.65 13.68 -6.98
C CYS G 219 -32.72 14.21 -5.92
N LYS G 220 -32.37 15.49 -6.03
CA LYS G 220 -31.43 16.16 -5.11
C LYS G 220 -32.20 16.99 -4.10
N GLY G 221 -33.50 16.78 -4.07
CA GLY G 221 -34.42 17.39 -3.17
C GLY G 221 -33.94 17.42 -1.75
N PRO G 222 -33.47 16.35 -1.12
CA PRO G 222 -33.05 16.34 0.28
C PRO G 222 -31.91 17.32 0.57
N ASP G 223 -31.21 17.74 -0.45
CA ASP G 223 -30.10 18.65 -0.31
C ASP G 223 -30.38 20.06 -0.79
N THR G 224 -31.50 20.38 -1.38
CA THR G 224 -31.72 21.67 -1.97
C THR G 224 -32.65 22.56 -1.17
N TYR G 225 -32.16 23.79 -0.96
CA TYR G 225 -32.99 24.76 -0.25
C TYR G 225 -33.73 25.63 -1.24
N ASN G 226 -35.04 25.48 -1.22
CA ASN G 226 -35.83 26.29 -2.20
C ASN G 226 -37.26 26.08 -1.76
N ASN G 227 -38.20 26.77 -2.29
CA ASN G 227 -39.62 26.64 -1.93
C ASN G 227 -40.55 26.23 -3.07
N CYS G 228 -40.00 25.53 -3.99
CA CYS G 228 -40.62 25.00 -5.20
C CYS G 228 -41.92 24.28 -4.96
N PRO G 229 -41.93 23.28 -4.08
CA PRO G 229 -43.15 22.52 -3.80
C PRO G 229 -44.30 23.35 -3.29
N LYS G 230 -44.02 24.29 -2.39
CA LYS G 230 -45.09 25.14 -1.82
C LYS G 230 -45.46 26.31 -2.73
N GLN G 231 -44.54 26.97 -3.44
CA GLN G 231 -44.95 28.08 -4.28
C GLN G 231 -45.35 27.68 -5.69
N LEU G 232 -44.77 26.60 -6.21
CA LEU G 232 -45.06 26.20 -7.59
C LEU G 232 -44.35 27.27 -8.45
N PHE G 233 -44.40 27.03 -9.73
CA PHE G 233 -43.88 27.85 -10.80
C PHE G 233 -45.09 28.09 -11.72
N ASN G 234 -45.23 29.30 -12.22
CA ASN G 234 -46.32 29.65 -13.17
C ASN G 234 -47.68 29.39 -12.52
N GLN G 235 -47.60 29.39 -11.22
CA GLN G 235 -48.77 29.15 -10.35
C GLN G 235 -49.28 27.73 -10.73
N VAL G 236 -48.47 26.87 -11.33
CA VAL G 236 -49.01 25.57 -11.78
C VAL G 236 -48.24 24.30 -11.63
N ASN G 237 -46.93 24.22 -11.59
CA ASN G 237 -46.18 22.99 -11.55
C ASN G 237 -44.76 23.18 -11.02
N TRP G 238 -44.05 22.12 -10.77
CA TRP G 238 -42.65 22.12 -10.33
C TRP G 238 -42.09 20.77 -10.84
N PRO G 239 -40.78 20.75 -11.01
CA PRO G 239 -40.10 19.58 -11.57
C PRO G 239 -40.60 18.23 -11.10
N VAL G 240 -40.69 17.92 -9.84
CA VAL G 240 -41.04 16.66 -9.23
C VAL G 240 -42.47 16.26 -9.51
N GLN G 241 -43.31 17.25 -9.57
CA GLN G 241 -44.74 17.06 -9.94
C GLN G 241 -44.78 16.62 -11.43
N ALA G 242 -43.87 17.09 -12.27
CA ALA G 242 -43.81 16.72 -13.69
C ALA G 242 -42.96 15.46 -13.88
N GLY G 243 -42.78 14.81 -12.74
CA GLY G 243 -42.05 13.57 -12.56
C GLY G 243 -40.60 13.61 -12.86
N HIS G 244 -39.98 14.77 -12.77
CA HIS G 244 -38.50 14.84 -13.02
C HIS G 244 -37.86 15.17 -11.67
N PRO G 245 -36.75 14.52 -11.39
CA PRO G 245 -36.08 14.79 -10.11
C PRO G 245 -35.56 16.24 -10.08
N CYS G 246 -35.38 16.75 -8.87
CA CYS G 246 -34.81 18.06 -8.58
C CYS G 246 -33.32 17.99 -8.89
N ILE G 247 -32.75 18.95 -9.61
CA ILE G 247 -31.33 18.99 -9.93
C ILE G 247 -30.53 19.88 -8.99
N ALA G 248 -31.01 20.30 -7.86
CA ALA G 248 -30.31 21.17 -6.90
C ALA G 248 -29.90 22.48 -7.54
N CYS G 249 -30.78 23.10 -8.29
CA CYS G 249 -30.48 24.34 -9.06
C CYS G 249 -30.30 25.61 -8.24
N SER G 250 -30.53 25.63 -6.97
CA SER G 250 -30.38 26.77 -6.09
C SER G 250 -29.19 26.59 -5.20
N GLU G 251 -28.30 25.63 -5.47
CA GLU G 251 -27.15 25.40 -4.61
C GLU G 251 -25.84 25.72 -5.29
N PRO G 252 -24.95 26.23 -4.44
CA PRO G 252 -23.58 26.50 -4.91
C PRO G 252 -23.02 25.23 -5.55
N ASN G 253 -22.44 25.39 -6.69
CA ASN G 253 -21.77 24.41 -7.53
C ASN G 253 -22.61 23.24 -7.96
N PHE G 254 -23.91 23.37 -7.99
CA PHE G 254 -24.74 22.22 -8.37
C PHE G 254 -24.28 21.52 -9.63
N TRP G 255 -23.82 22.24 -10.60
CA TRP G 255 -23.42 21.79 -11.94
C TRP G 255 -22.38 20.70 -11.88
N ASP G 256 -21.52 20.79 -10.90
CA ASP G 256 -20.40 19.85 -10.71
C ASP G 256 -20.69 18.96 -9.48
N LEU G 257 -21.16 19.61 -8.43
CA LEU G 257 -21.46 18.90 -7.21
C LEU G 257 -22.60 17.90 -7.32
N TYR G 258 -23.62 18.18 -8.11
CA TYR G 258 -24.81 17.37 -8.20
C TYR G 258 -25.09 16.65 -9.48
N SER G 259 -24.14 16.71 -10.37
CA SER G 259 -24.26 15.97 -11.67
C SER G 259 -23.29 14.80 -11.43
N PRO G 260 -23.48 13.64 -12.01
CA PRO G 260 -24.54 13.20 -12.93
C PRO G 260 -25.88 13.18 -12.22
N PHE G 261 -26.76 13.91 -12.85
CA PHE G 261 -28.09 14.19 -12.37
C PHE G 261 -29.01 13.03 -12.12
N TYR G 262 -28.94 11.93 -12.83
CA TYR G 262 -29.89 10.84 -12.68
C TYR G 262 -29.39 9.70 -11.82
N SER G 263 -28.48 10.06 -10.95
CA SER G 263 -27.97 9.04 -10.03
C SER G 263 -27.79 9.69 -8.67
N ALA G 264 -28.19 8.99 -7.64
CA ALA G 264 -28.10 9.42 -6.24
C ALA G 264 -26.59 9.47 -5.92
N ASN H 7 -17.94 57.71 -42.51
CA ASN H 7 -18.01 57.71 -41.04
C ASN H 7 -18.87 56.53 -40.58
N LYS H 8 -18.55 56.18 -39.35
CA LYS H 8 -19.12 55.08 -38.61
C LYS H 8 -20.18 55.49 -37.60
N ILE H 9 -21.05 54.53 -37.34
CA ILE H 9 -22.10 54.63 -36.38
C ILE H 9 -21.94 53.33 -35.57
N VAL H 10 -21.83 53.43 -34.28
CA VAL H 10 -21.75 52.23 -33.47
C VAL H 10 -22.95 52.21 -32.52
N VAL H 11 -23.62 51.04 -32.45
CA VAL H 11 -24.76 50.92 -31.49
C VAL H 11 -24.34 49.80 -30.51
N ASP H 12 -24.00 50.19 -29.29
CA ASP H 12 -23.57 49.30 -28.22
C ASP H 12 -23.90 49.84 -26.81
N PRO H 13 -24.79 49.19 -26.05
CA PRO H 13 -25.50 47.99 -26.46
C PRO H 13 -26.69 48.18 -27.37
N ILE H 14 -26.98 47.11 -28.10
CA ILE H 14 -28.24 47.09 -28.87
C ILE H 14 -29.20 46.60 -27.74
N THR H 15 -30.28 47.24 -27.43
CA THR H 15 -31.25 46.89 -26.39
C THR H 15 -32.40 46.14 -27.02
N ARG H 16 -33.33 45.63 -26.24
CA ARG H 16 -34.48 44.90 -26.78
C ARG H 16 -34.18 43.69 -27.63
N ILE H 17 -33.15 42.96 -27.29
CA ILE H 17 -32.64 41.71 -27.81
C ILE H 17 -32.20 40.91 -26.54
N GLU H 18 -31.71 39.71 -26.74
CA GLU H 18 -31.16 38.82 -25.73
C GLU H 18 -29.61 38.84 -25.89
N GLY H 19 -28.88 39.07 -24.81
CA GLY H 19 -27.42 39.01 -24.90
C GLY H 19 -26.72 40.26 -25.32
N HIS H 20 -25.41 40.13 -25.47
CA HIS H 20 -24.55 41.28 -25.80
C HIS H 20 -24.17 41.41 -27.22
N LEU H 21 -24.74 42.38 -27.93
CA LEU H 21 -24.41 42.64 -29.34
C LEU H 21 -23.95 44.09 -29.54
N ARG H 22 -22.99 44.28 -30.41
CA ARG H 22 -22.52 45.64 -30.74
C ARG H 22 -22.63 45.77 -32.25
N ILE H 23 -23.20 46.80 -32.82
CA ILE H 23 -23.28 46.94 -34.28
C ILE H 23 -22.45 48.16 -34.71
N GLU H 24 -21.61 47.95 -35.68
CA GLU H 24 -20.82 49.06 -36.19
C GLU H 24 -21.12 49.13 -37.69
N VAL H 25 -21.45 50.32 -38.18
CA VAL H 25 -21.72 50.56 -39.58
C VAL H 25 -20.98 51.80 -40.11
N GLU H 26 -20.78 51.74 -41.42
CA GLU H 26 -20.17 52.76 -42.23
C GLU H 26 -21.33 53.40 -43.03
N VAL H 27 -21.48 54.70 -42.89
CA VAL H 27 -22.53 55.45 -43.65
C VAL H 27 -21.81 56.22 -44.74
N GLU H 28 -22.53 56.51 -45.80
CA GLU H 28 -22.05 57.20 -47.02
C GLU H 28 -23.31 57.65 -47.74
N GLY H 29 -23.55 58.96 -47.77
CA GLY H 29 -24.75 59.46 -48.45
C GLY H 29 -26.07 59.06 -47.80
N GLY H 30 -26.03 58.97 -46.47
CA GLY H 30 -27.18 58.65 -45.62
C GLY H 30 -27.61 57.20 -45.63
N LYS H 31 -26.75 56.39 -46.26
CA LYS H 31 -27.09 54.96 -46.37
C LYS H 31 -25.98 54.09 -45.82
N ILE H 32 -26.40 53.00 -45.20
CA ILE H 32 -25.39 52.06 -44.65
C ILE H 32 -24.65 51.54 -45.87
N LYS H 33 -23.37 51.59 -45.89
CA LYS H 33 -22.48 51.11 -46.93
C LYS H 33 -21.68 49.87 -46.56
N ASN H 34 -21.41 49.57 -45.31
CA ASN H 34 -20.74 48.40 -44.77
C ASN H 34 -21.24 48.09 -43.34
N ALA H 35 -21.06 46.85 -42.92
CA ALA H 35 -21.59 46.54 -41.54
C ALA H 35 -20.86 45.36 -40.90
N TRP H 36 -20.78 45.36 -39.58
CA TRP H 36 -20.10 44.35 -38.77
C TRP H 36 -21.00 44.00 -37.59
N SER H 37 -21.25 42.72 -37.39
CA SER H 37 -22.13 42.24 -36.27
C SER H 37 -21.20 41.72 -35.19
N MET H 38 -21.11 42.41 -34.04
CA MET H 38 -20.11 42.02 -33.03
C MET H 38 -20.71 41.41 -31.78
N SER H 39 -20.58 40.12 -31.55
CA SER H 39 -21.12 39.44 -30.38
C SER H 39 -20.03 39.54 -29.32
N THR H 40 -20.32 40.14 -28.18
CA THR H 40 -19.38 40.43 -27.12
C THR H 40 -19.35 39.67 -25.81
N LEU H 41 -19.99 38.52 -25.69
CA LEU H 41 -19.90 37.70 -24.48
C LEU H 41 -19.62 36.24 -24.91
N PHE H 42 -18.74 35.52 -24.29
CA PHE H 42 -18.46 34.12 -24.60
C PHE H 42 -18.66 33.34 -23.29
N ARG H 43 -19.38 32.24 -23.26
CA ARG H 43 -19.57 31.46 -22.02
C ARG H 43 -18.81 30.14 -22.13
N GLY H 44 -18.78 29.52 -23.31
CA GLY H 44 -18.08 28.29 -23.68
C GLY H 44 -18.72 27.00 -23.25
N LEU H 45 -19.96 26.75 -23.57
CA LEU H 45 -20.76 25.60 -23.16
C LEU H 45 -20.25 24.32 -23.77
N GLU H 46 -19.85 24.35 -25.02
CA GLU H 46 -19.30 23.15 -25.66
C GLU H 46 -18.01 22.72 -24.96
N MET H 47 -17.17 23.60 -24.42
CA MET H 47 -15.93 23.22 -23.70
C MET H 47 -16.24 22.55 -22.37
N ILE H 48 -17.30 22.90 -21.70
CA ILE H 48 -17.77 22.44 -20.42
C ILE H 48 -18.38 21.05 -20.47
N LEU H 49 -19.02 20.77 -21.58
CA LEU H 49 -19.67 19.49 -21.91
C LEU H 49 -18.63 18.38 -22.09
N LYS H 50 -17.50 18.62 -22.71
CA LYS H 50 -16.41 17.71 -22.99
C LYS H 50 -16.25 16.72 -21.84
N GLY H 51 -16.31 15.45 -22.14
CA GLY H 51 -16.16 14.37 -21.21
C GLY H 51 -17.26 14.10 -20.26
N ARG H 52 -18.41 14.76 -20.32
CA ARG H 52 -19.52 14.54 -19.36
C ARG H 52 -20.41 13.42 -19.85
N ASP H 53 -21.39 13.05 -19.11
CA ASP H 53 -22.41 12.09 -19.36
C ASP H 53 -23.47 12.68 -20.30
N PRO H 54 -23.67 12.04 -21.47
CA PRO H 54 -24.65 12.54 -22.42
C PRO H 54 -25.97 12.78 -21.74
N ARG H 55 -26.37 12.12 -20.68
CA ARG H 55 -27.66 12.36 -20.00
C ARG H 55 -27.78 13.71 -19.28
N ASP H 56 -26.68 14.35 -19.00
CA ASP H 56 -26.52 15.67 -18.37
C ASP H 56 -26.56 16.77 -19.44
N ALA H 57 -26.10 16.52 -20.64
CA ALA H 57 -26.10 17.52 -21.70
C ALA H 57 -27.32 18.42 -21.71
N GLN H 58 -28.51 17.83 -21.76
CA GLN H 58 -29.75 18.60 -21.86
C GLN H 58 -29.88 19.68 -20.80
N HIS H 59 -29.39 19.44 -19.59
CA HIS H 59 -29.55 20.43 -18.53
C HIS H 59 -28.57 21.60 -18.71
N PHE H 60 -27.38 21.31 -19.19
CA PHE H 60 -26.36 22.30 -19.46
C PHE H 60 -26.80 23.13 -20.68
N THR H 61 -27.15 22.49 -21.78
CA THR H 61 -27.46 23.13 -23.02
C THR H 61 -28.67 24.00 -22.94
N GLN H 62 -29.61 23.53 -22.14
CA GLN H 62 -30.82 24.37 -22.03
C GLN H 62 -30.46 25.80 -21.62
N ARG H 63 -29.42 25.99 -20.84
CA ARG H 63 -28.95 27.24 -20.27
C ARG H 63 -28.18 28.08 -21.28
N ALA H 64 -28.16 27.65 -22.52
CA ALA H 64 -27.48 28.49 -23.54
C ALA H 64 -28.34 29.75 -23.70
N CYS H 65 -29.61 29.63 -23.39
CA CYS H 65 -30.61 30.67 -23.45
C CYS H 65 -31.92 30.43 -22.73
N GLY H 66 -32.38 31.40 -21.97
CA GLY H 66 -33.61 31.40 -21.21
C GLY H 66 -34.81 32.08 -21.83
N VAL H 67 -34.65 32.64 -22.99
CA VAL H 67 -35.68 33.31 -23.82
C VAL H 67 -36.29 32.19 -24.71
N CYS H 68 -35.45 31.52 -25.45
CA CYS H 68 -35.81 30.36 -26.26
C CYS H 68 -35.44 29.12 -25.37
N THR H 69 -36.06 29.10 -24.23
CA THR H 69 -35.98 28.13 -23.15
C THR H 69 -36.60 26.84 -23.67
N TYR H 70 -36.17 25.66 -23.23
CA TYR H 70 -36.76 24.42 -23.78
C TYR H 70 -36.18 23.97 -25.12
N VAL H 71 -36.15 24.69 -26.21
CA VAL H 71 -35.62 24.30 -27.53
C VAL H 71 -34.28 23.60 -27.52
N HIS H 72 -33.34 23.97 -26.67
CA HIS H 72 -32.03 23.34 -26.52
C HIS H 72 -32.18 22.06 -25.69
N ALA H 73 -33.12 22.00 -24.77
CA ALA H 73 -33.33 20.75 -24.01
C ALA H 73 -33.73 19.71 -25.07
N LEU H 74 -34.69 20.04 -25.92
CA LEU H 74 -35.19 19.24 -27.01
C LEU H 74 -34.11 18.82 -28.01
N ALA H 75 -33.33 19.74 -28.57
CA ALA H 75 -32.31 19.40 -29.57
C ALA H 75 -31.30 18.45 -28.91
N SER H 76 -31.02 18.59 -27.63
CA SER H 76 -30.06 17.74 -26.91
C SER H 76 -30.62 16.32 -26.71
N VAL H 77 -31.85 16.20 -26.23
CA VAL H 77 -32.48 14.93 -26.04
C VAL H 77 -32.69 14.35 -27.45
N ARG H 78 -32.89 15.13 -28.49
CA ARG H 78 -33.07 14.53 -29.82
C ARG H 78 -31.75 14.02 -30.33
N ALA H 79 -30.65 14.65 -30.06
CA ALA H 79 -29.31 14.27 -30.51
C ALA H 79 -28.87 13.03 -29.76
N VAL H 80 -29.19 12.84 -28.51
CA VAL H 80 -28.79 11.66 -27.76
C VAL H 80 -29.76 10.54 -28.07
N ASP H 81 -31.04 10.82 -28.36
CA ASP H 81 -32.06 9.80 -28.72
C ASP H 81 -31.47 9.17 -30.01
N ASN H 82 -31.17 9.95 -31.00
CA ASN H 82 -30.61 9.59 -32.29
C ASN H 82 -29.29 8.85 -32.15
N CYS H 83 -28.40 9.32 -31.29
CA CYS H 83 -27.12 8.59 -31.29
C CYS H 83 -27.15 7.25 -30.57
N VAL H 84 -28.21 6.89 -29.92
CA VAL H 84 -28.47 5.69 -29.12
C VAL H 84 -29.55 4.78 -29.71
N GLY H 85 -30.10 5.21 -30.82
CA GLY H 85 -31.10 4.70 -31.67
C GLY H 85 -32.47 4.52 -31.07
N VAL H 86 -32.85 5.21 -30.02
CA VAL H 86 -34.14 5.10 -29.35
C VAL H 86 -35.24 5.83 -30.09
N LYS H 87 -36.34 5.12 -30.01
CA LYS H 87 -37.67 5.38 -30.59
C LYS H 87 -38.62 5.69 -29.43
N ILE H 88 -38.86 7.00 -29.21
CA ILE H 88 -39.70 7.41 -28.10
C ILE H 88 -41.16 7.17 -28.47
N PRO H 89 -41.99 6.95 -27.47
CA PRO H 89 -43.40 6.72 -27.68
C PRO H 89 -44.13 7.92 -28.24
N GLU H 90 -45.22 7.62 -28.93
CA GLU H 90 -46.07 8.63 -29.56
C GLU H 90 -46.49 9.73 -28.59
N ASN H 91 -46.88 9.43 -27.40
CA ASN H 91 -47.29 10.44 -26.43
C ASN H 91 -46.05 11.27 -26.11
N ALA H 92 -44.83 10.76 -26.21
CA ALA H 92 -43.74 11.71 -25.78
C ALA H 92 -43.52 12.64 -26.97
N THR H 93 -43.80 12.12 -28.16
CA THR H 93 -43.64 12.94 -29.36
C THR H 93 -44.70 14.03 -29.29
N LEU H 94 -45.95 13.74 -29.09
CA LEU H 94 -47.03 14.71 -28.99
C LEU H 94 -46.77 15.78 -27.92
N MET H 95 -46.38 15.37 -26.73
CA MET H 95 -46.10 16.26 -25.57
C MET H 95 -44.92 17.19 -25.82
N ARG H 96 -43.88 16.76 -26.55
CA ARG H 96 -42.72 17.52 -26.90
C ARG H 96 -43.12 18.56 -27.93
N ASN H 97 -44.05 18.28 -28.78
CA ASN H 97 -44.60 19.14 -29.82
C ASN H 97 -45.56 20.20 -29.22
N LEU H 98 -46.34 19.79 -28.28
CA LEU H 98 -47.22 20.77 -27.66
C LEU H 98 -46.42 21.84 -26.92
N THR H 99 -45.37 21.45 -26.27
CA THR H 99 -44.50 22.31 -25.47
C THR H 99 -43.80 23.25 -26.43
N MET H 100 -43.47 22.83 -27.61
CA MET H 100 -42.75 23.69 -28.57
C MET H 100 -43.76 24.65 -29.19
N GLY H 101 -44.97 24.19 -29.37
CA GLY H 101 -46.05 25.01 -29.95
C GLY H 101 -46.28 26.17 -28.98
N ALA H 102 -46.44 25.82 -27.73
CA ALA H 102 -46.63 26.83 -26.69
C ALA H 102 -45.42 27.80 -26.63
N GLN H 103 -44.21 27.36 -26.91
CA GLN H 103 -42.98 28.18 -26.88
C GLN H 103 -43.06 29.16 -28.08
N TYR H 104 -43.61 28.76 -29.21
CA TYR H 104 -43.72 29.70 -30.34
C TYR H 104 -44.78 30.74 -29.97
N MET H 105 -45.90 30.27 -29.47
CA MET H 105 -46.98 31.20 -29.08
C MET H 105 -46.47 32.34 -28.24
N HIS H 106 -45.75 32.11 -27.18
CA HIS H 106 -45.16 32.99 -26.21
C HIS H 106 -44.04 33.87 -26.76
N ASP H 107 -43.05 33.22 -27.31
CA ASP H 107 -41.84 33.83 -27.86
C ASP H 107 -42.22 34.98 -28.79
N HIS H 108 -42.94 34.68 -29.83
CA HIS H 108 -43.43 35.55 -30.89
C HIS H 108 -44.22 36.77 -30.42
N LEU H 109 -45.13 36.57 -29.55
CA LEU H 109 -45.94 37.58 -28.92
C LEU H 109 -45.00 38.52 -28.12
N VAL H 110 -44.13 37.95 -27.31
CA VAL H 110 -43.22 38.82 -26.52
C VAL H 110 -42.32 39.56 -27.51
N HIS H 111 -41.78 38.96 -28.55
CA HIS H 111 -40.93 39.68 -29.45
C HIS H 111 -41.68 40.88 -30.04
N PHE H 112 -42.85 40.60 -30.63
CA PHE H 112 -43.56 41.68 -31.31
C PHE H 112 -43.79 42.90 -30.44
N TYR H 113 -44.40 42.76 -29.30
CA TYR H 113 -44.72 43.82 -28.40
C TYR H 113 -43.69 44.43 -27.51
N HIS H 114 -42.89 43.70 -26.80
CA HIS H 114 -41.91 44.25 -25.85
C HIS H 114 -40.54 44.41 -26.43
N LEU H 115 -40.22 43.70 -27.46
CA LEU H 115 -38.88 43.75 -28.06
C LEU H 115 -38.87 44.61 -29.30
N HIS H 116 -39.76 44.52 -30.23
CA HIS H 116 -39.87 45.20 -31.49
C HIS H 116 -40.81 46.39 -31.60
N ALA H 117 -42.01 46.40 -31.10
CA ALA H 117 -42.96 47.49 -31.28
C ALA H 117 -42.34 48.87 -31.12
N LEU H 118 -41.59 49.09 -30.06
CA LEU H 118 -40.93 50.37 -29.79
C LEU H 118 -40.01 50.92 -30.85
N ASP H 119 -39.82 50.46 -32.03
CA ASP H 119 -38.97 50.97 -33.10
C ASP H 119 -39.91 51.60 -34.17
N TRP H 120 -41.19 51.27 -33.99
CA TRP H 120 -42.19 51.73 -34.93
C TRP H 120 -43.22 52.63 -34.25
N VAL H 121 -43.39 52.47 -32.98
CA VAL H 121 -44.35 53.18 -32.16
C VAL H 121 -43.73 54.24 -31.25
N ASN H 122 -44.34 55.43 -31.33
CA ASN H 122 -43.91 56.56 -30.46
C ASN H 122 -44.88 56.54 -29.27
N VAL H 123 -44.50 55.90 -28.19
CA VAL H 123 -45.37 55.80 -27.02
C VAL H 123 -45.81 57.18 -26.51
N ALA H 124 -44.98 58.21 -26.59
CA ALA H 124 -45.28 59.56 -26.13
C ALA H 124 -46.43 60.28 -26.84
N ASN H 125 -46.64 59.92 -28.08
CA ASN H 125 -47.65 60.47 -28.98
C ASN H 125 -49.05 59.97 -28.68
N ALA H 126 -49.04 58.84 -28.01
CA ALA H 126 -50.29 58.18 -27.60
C ALA H 126 -51.09 59.18 -26.77
N LEU H 127 -50.42 60.08 -26.13
CA LEU H 127 -50.91 61.12 -25.25
C LEU H 127 -51.70 62.20 -26.00
N ASN H 128 -51.45 62.28 -27.28
CA ASN H 128 -52.06 63.16 -28.25
C ASN H 128 -53.22 62.44 -28.97
N ALA H 129 -53.53 61.20 -28.66
CA ALA H 129 -54.61 60.54 -29.43
C ALA H 129 -55.95 60.91 -28.85
N ASP H 130 -56.99 60.83 -29.65
CA ASP H 130 -58.41 61.07 -29.17
C ASP H 130 -58.86 59.61 -28.94
N PRO H 131 -59.04 59.24 -27.71
CA PRO H 131 -59.35 57.88 -27.31
C PRO H 131 -60.57 57.29 -27.98
N ALA H 132 -61.54 58.15 -28.25
CA ALA H 132 -62.79 57.70 -28.89
C ALA H 132 -62.50 57.40 -30.34
N LYS H 133 -61.59 58.21 -30.84
CA LYS H 133 -61.24 57.97 -32.31
C LYS H 133 -60.32 56.78 -32.35
N ALA H 134 -59.51 56.55 -31.33
CA ALA H 134 -58.63 55.37 -31.28
C ALA H 134 -59.52 54.13 -31.11
N ALA H 135 -60.49 54.16 -30.23
CA ALA H 135 -61.38 53.02 -30.01
C ALA H 135 -62.19 52.70 -31.26
N ARG H 136 -62.57 53.70 -32.05
CA ARG H 136 -63.37 53.38 -33.26
C ARG H 136 -62.53 52.62 -34.24
N LEU H 137 -61.31 53.06 -34.38
CA LEU H 137 -60.39 52.43 -35.35
C LEU H 137 -60.09 50.99 -34.99
N ALA H 138 -59.83 50.81 -33.70
CA ALA H 138 -59.47 49.54 -33.08
C ALA H 138 -60.57 48.55 -33.39
N ASN H 139 -61.78 49.07 -33.26
CA ASN H 139 -63.03 48.29 -33.49
C ASN H 139 -63.16 48.03 -34.98
N ASP H 140 -62.49 48.77 -35.85
CA ASP H 140 -62.68 48.47 -37.30
C ASP H 140 -61.59 47.52 -37.72
N LEU H 141 -60.66 47.26 -36.80
CA LEU H 141 -59.56 46.35 -37.11
C LEU H 141 -59.76 44.90 -36.67
N SER H 142 -60.45 44.61 -35.60
CA SER H 142 -60.70 43.24 -35.14
C SER H 142 -62.14 43.13 -34.60
N PRO H 143 -62.46 41.88 -34.31
CA PRO H 143 -63.79 41.53 -33.79
C PRO H 143 -63.87 41.72 -32.29
N LYS H 144 -62.80 42.17 -31.70
CA LYS H 144 -62.82 42.32 -30.21
C LYS H 144 -63.23 43.75 -29.94
N LYS H 145 -64.26 43.93 -29.16
CA LYS H 145 -64.79 45.26 -28.83
C LYS H 145 -63.89 45.98 -27.83
N THR H 146 -63.47 47.18 -28.15
CA THR H 146 -62.68 48.14 -27.40
C THR H 146 -63.56 49.34 -26.97
N THR H 147 -63.36 49.86 -25.79
CA THR H 147 -64.09 51.01 -25.30
C THR H 147 -63.16 52.20 -25.12
N THR H 148 -63.68 53.41 -25.19
CA THR H 148 -62.91 54.64 -25.06
C THR H 148 -62.19 54.68 -23.71
N GLU H 149 -63.06 54.36 -22.77
CA GLU H 149 -62.67 54.39 -21.38
C GLU H 149 -61.47 53.53 -21.12
N SER H 150 -61.42 52.33 -21.66
CA SER H 150 -60.23 51.50 -21.42
C SER H 150 -59.04 52.24 -22.03
N LEU H 151 -59.26 52.86 -23.20
CA LEU H 151 -58.19 53.60 -23.91
C LEU H 151 -57.83 54.87 -23.15
N LYS H 152 -58.81 55.60 -22.66
CA LYS H 152 -58.58 56.81 -21.87
C LYS H 152 -57.72 56.43 -20.65
N ALA H 153 -57.97 55.24 -20.13
CA ALA H 153 -57.27 54.73 -18.94
C ALA H 153 -55.80 54.48 -19.21
N VAL H 154 -55.45 53.96 -20.37
CA VAL H 154 -54.04 53.76 -20.70
C VAL H 154 -53.31 55.07 -20.88
N GLN H 155 -54.07 56.03 -21.38
CA GLN H 155 -53.52 57.39 -21.63
C GLN H 155 -53.21 58.06 -20.29
N ALA H 156 -53.99 57.71 -19.29
CA ALA H 156 -53.83 58.26 -17.93
C ALA H 156 -52.63 57.63 -17.23
N LYS H 157 -52.33 56.41 -17.69
CA LYS H 157 -51.19 55.65 -17.16
C LYS H 157 -49.90 56.30 -17.67
N VAL H 158 -49.91 56.54 -18.95
CA VAL H 158 -48.76 57.18 -19.62
C VAL H 158 -48.54 58.57 -19.02
N LYS H 159 -49.63 59.27 -18.81
CA LYS H 159 -49.56 60.64 -18.26
C LYS H 159 -49.02 60.59 -16.84
N ALA H 160 -49.55 59.67 -16.07
CA ALA H 160 -49.13 59.52 -14.69
C ALA H 160 -47.63 59.24 -14.69
N LEU H 161 -47.16 58.48 -15.68
CA LEU H 161 -45.73 58.16 -15.69
C LEU H 161 -44.81 59.31 -16.09
N VAL H 162 -45.16 60.02 -17.13
CA VAL H 162 -44.43 61.14 -17.69
C VAL H 162 -44.30 62.32 -16.73
N GLU H 163 -45.41 62.53 -16.07
CA GLU H 163 -45.61 63.51 -15.03
C GLU H 163 -44.80 63.21 -13.79
N SER H 164 -44.23 62.04 -13.58
CA SER H 164 -43.44 61.72 -12.35
C SER H 164 -41.97 62.08 -12.59
N GLY H 165 -41.68 62.16 -13.88
CA GLY H 165 -40.34 62.46 -14.33
C GLY H 165 -39.49 61.19 -14.37
N GLN H 166 -40.00 60.08 -13.82
CA GLN H 166 -39.15 58.84 -13.87
C GLN H 166 -39.70 58.00 -15.02
N LEU H 167 -39.09 58.20 -16.17
CA LEU H 167 -39.50 57.53 -17.39
C LEU H 167 -39.10 56.06 -17.45
N GLY H 168 -38.18 55.65 -16.62
CA GLY H 168 -37.68 54.27 -16.54
C GLY H 168 -37.08 53.85 -17.86
N ILE H 169 -37.67 52.83 -18.43
CA ILE H 169 -37.22 52.24 -19.70
C ILE H 169 -37.51 53.17 -20.83
N PHE H 170 -38.16 54.34 -20.65
CA PHE H 170 -38.34 55.27 -21.81
C PHE H 170 -37.26 56.36 -21.79
N THR H 171 -36.47 56.35 -20.72
CA THR H 171 -35.38 57.32 -20.64
C THR H 171 -34.53 57.33 -21.92
N ASN H 172 -34.43 58.47 -22.55
CA ASN H 172 -33.67 58.72 -23.78
C ASN H 172 -34.28 57.93 -24.93
N ALA H 173 -35.53 57.50 -24.89
CA ALA H 173 -36.03 56.77 -26.08
C ALA H 173 -35.80 57.65 -27.30
N TYR H 174 -35.57 57.04 -28.43
CA TYR H 174 -35.33 57.68 -29.73
C TYR H 174 -36.52 58.47 -30.23
N PHE H 175 -37.72 58.25 -29.81
CA PHE H 175 -38.90 58.98 -30.29
C PHE H 175 -39.14 60.20 -29.40
N LEU H 176 -38.31 60.33 -28.37
CA LEU H 176 -38.50 61.48 -27.45
C LEU H 176 -38.24 62.73 -28.32
N GLY H 177 -39.35 63.49 -28.24
CA GLY H 177 -39.47 64.78 -28.94
C GLY H 177 -39.57 64.59 -30.44
N GLY H 178 -40.19 63.51 -30.89
CA GLY H 178 -40.33 63.31 -32.33
C GLY H 178 -39.05 62.84 -32.97
N HIS H 179 -39.35 62.12 -34.05
CA HIS H 179 -38.30 61.50 -34.86
C HIS H 179 -38.91 61.28 -36.24
N PRO H 180 -38.17 61.71 -37.24
CA PRO H 180 -38.62 61.57 -38.63
C PRO H 180 -38.96 60.17 -39.11
N ALA H 181 -38.43 59.14 -38.49
CA ALA H 181 -38.66 57.75 -38.98
C ALA H 181 -39.89 57.18 -38.33
N TYR H 182 -40.46 57.87 -37.38
CA TYR H 182 -41.65 57.43 -36.66
C TYR H 182 -42.84 58.14 -37.27
N VAL H 183 -43.57 57.40 -38.09
CA VAL H 183 -44.75 58.06 -38.70
C VAL H 183 -46.11 57.57 -38.33
N LEU H 184 -46.51 56.78 -37.35
CA LEU H 184 -47.92 56.45 -37.20
C LEU H 184 -48.76 57.58 -36.59
N PRO H 185 -50.05 57.58 -36.90
CA PRO H 185 -51.02 58.51 -36.30
C PRO H 185 -51.04 58.27 -34.79
N ALA H 186 -51.26 59.24 -33.91
CA ALA H 186 -51.26 59.13 -32.47
C ALA H 186 -52.27 58.13 -31.91
N GLU H 187 -53.29 57.89 -32.73
CA GLU H 187 -54.41 56.99 -32.46
C GLU H 187 -53.96 55.54 -32.64
N VAL H 188 -53.08 55.26 -33.59
CA VAL H 188 -52.52 53.92 -33.74
C VAL H 188 -51.50 53.81 -32.60
N ASP H 189 -50.76 54.87 -32.26
CA ASP H 189 -49.81 54.77 -31.15
C ASP H 189 -50.55 54.42 -29.87
N LEU H 190 -51.80 54.73 -29.75
CA LEU H 190 -52.45 54.44 -28.43
C LEU H 190 -53.04 53.05 -28.42
N ILE H 191 -53.48 52.54 -29.53
CA ILE H 191 -54.03 51.18 -29.60
C ILE H 191 -52.87 50.25 -29.30
N ALA H 192 -51.75 50.52 -29.98
CA ALA H 192 -50.53 49.74 -29.76
C ALA H 192 -50.01 49.79 -28.33
N THR H 193 -50.19 50.89 -27.63
CA THR H 193 -49.71 50.99 -26.23
C THR H 193 -50.66 50.22 -25.35
N ALA H 194 -51.93 50.29 -25.70
CA ALA H 194 -52.90 49.55 -24.86
C ALA H 194 -52.64 48.05 -25.06
N HIS H 195 -52.19 47.64 -26.23
CA HIS H 195 -51.95 46.20 -26.53
C HIS H 195 -50.67 45.69 -25.90
N TYR H 196 -49.66 46.54 -25.84
CA TYR H 196 -48.36 46.23 -25.19
C TYR H 196 -48.58 45.92 -23.73
N LEU H 197 -49.41 46.68 -23.05
CA LEU H 197 -49.64 46.38 -21.64
C LEU H 197 -50.41 45.07 -21.55
N GLU H 198 -51.35 44.86 -22.45
CA GLU H 198 -52.21 43.67 -22.52
C GLU H 198 -51.36 42.42 -22.83
N ALA H 199 -50.45 42.51 -23.76
CA ALA H 199 -49.55 41.41 -24.07
C ALA H 199 -48.71 41.03 -22.84
N LEU H 200 -48.46 41.90 -21.90
CA LEU H 200 -47.64 41.61 -20.71
C LEU H 200 -48.38 40.58 -19.86
N ARG H 201 -49.72 40.62 -19.86
CA ARG H 201 -50.57 39.72 -19.11
C ARG H 201 -50.86 38.42 -19.89
N VAL H 202 -50.99 38.49 -21.17
CA VAL H 202 -51.20 37.31 -21.95
C VAL H 202 -49.90 36.51 -21.84
N GLN H 203 -48.74 37.13 -22.00
CA GLN H 203 -47.51 36.32 -21.96
C GLN H 203 -47.48 35.47 -20.71
N VAL H 204 -48.05 35.83 -19.61
CA VAL H 204 -48.07 35.10 -18.34
C VAL H 204 -48.88 33.84 -18.50
N LYS H 205 -49.95 33.89 -19.25
CA LYS H 205 -50.79 32.72 -19.53
C LYS H 205 -50.17 31.71 -20.47
N ALA H 206 -49.41 32.09 -21.45
CA ALA H 206 -48.71 31.34 -22.47
C ALA H 206 -47.58 30.54 -21.84
N ALA H 207 -46.98 31.15 -20.85
CA ALA H 207 -45.88 30.58 -20.08
C ALA H 207 -46.43 29.51 -19.13
N ARG H 208 -47.59 29.76 -18.54
CA ARG H 208 -48.26 28.86 -17.58
C ARG H 208 -48.73 27.60 -18.28
N ALA H 209 -49.18 27.71 -19.51
CA ALA H 209 -49.67 26.65 -20.37
C ALA H 209 -48.47 25.73 -20.65
N MET H 210 -47.36 26.39 -20.96
CA MET H 210 -46.13 25.63 -21.27
C MET H 210 -45.67 24.84 -20.04
N ALA H 211 -45.88 25.40 -18.86
CA ALA H 211 -45.50 24.87 -17.59
C ALA H 211 -46.39 23.69 -17.24
N ILE H 212 -47.52 23.54 -17.91
CA ILE H 212 -48.44 22.43 -17.60
C ILE H 212 -47.71 21.17 -18.10
N PHE H 213 -47.15 21.19 -19.30
CA PHE H 213 -46.36 20.06 -19.76
C PHE H 213 -44.91 20.12 -19.29
N GLY H 214 -44.31 21.32 -19.29
CA GLY H 214 -42.92 21.57 -18.96
C GLY H 214 -42.43 21.64 -17.56
N ALA H 215 -43.23 21.53 -16.52
CA ALA H 215 -42.83 21.64 -15.11
C ALA H 215 -42.75 23.14 -14.74
N LYS H 216 -41.98 23.92 -15.47
CA LYS H 216 -41.80 25.34 -15.22
C LYS H 216 -41.30 26.08 -16.45
N ASN H 217 -41.51 27.39 -16.37
CA ASN H 217 -41.09 28.33 -17.42
C ASN H 217 -40.58 29.63 -16.74
N PRO H 218 -39.33 30.02 -16.95
CA PRO H 218 -38.29 29.41 -17.78
C PRO H 218 -37.60 28.14 -17.31
N HIS H 219 -36.99 27.48 -18.28
CA HIS H 219 -36.20 26.27 -18.17
C HIS H 219 -36.95 25.02 -17.74
N THR H 220 -37.64 24.42 -18.70
CA THR H 220 -38.43 23.18 -18.49
C THR H 220 -37.60 22.07 -17.89
N GLN H 221 -38.25 21.11 -17.29
CA GLN H 221 -37.63 19.93 -16.58
C GLN H 221 -38.64 18.76 -16.55
N PHE H 222 -38.91 18.13 -17.68
CA PHE H 222 -39.83 17.05 -17.95
C PHE H 222 -39.36 16.11 -19.06
N THR H 223 -38.30 16.37 -19.76
CA THR H 223 -37.74 15.64 -20.85
C THR H 223 -36.51 14.83 -20.33
N VAL H 224 -36.31 13.69 -20.96
CA VAL H 224 -35.25 12.72 -20.81
C VAL H 224 -34.98 12.09 -22.19
N VAL H 225 -33.83 11.47 -22.30
CA VAL H 225 -33.45 10.66 -23.49
C VAL H 225 -34.40 9.44 -23.36
N GLY H 226 -35.22 9.14 -24.34
CA GLY H 226 -36.15 8.02 -24.23
C GLY H 226 -37.59 8.45 -24.20
N GLY H 227 -37.88 9.71 -23.96
CA GLY H 227 -39.18 10.31 -23.89
C GLY H 227 -39.29 11.53 -22.95
N CYS H 228 -40.34 11.48 -22.12
CA CYS H 228 -40.82 12.43 -21.17
C CYS H 228 -41.14 11.73 -19.85
N THR H 229 -41.26 12.56 -18.81
CA THR H 229 -41.51 12.16 -17.45
C THR H 229 -42.86 12.56 -16.87
N ASN H 230 -43.52 13.50 -17.50
CA ASN H 230 -44.77 14.04 -16.96
C ASN H 230 -46.00 13.20 -17.09
N TYR H 231 -46.24 12.24 -16.22
CA TYR H 231 -47.45 11.41 -16.23
C TYR H 231 -48.59 12.18 -15.61
N ASP H 232 -48.25 13.13 -14.73
CA ASP H 232 -49.30 13.92 -14.03
C ASP H 232 -50.24 14.72 -14.95
N SER H 233 -49.61 15.29 -15.98
CA SER H 233 -50.27 16.14 -16.97
C SER H 233 -51.10 15.34 -17.95
N LEU H 234 -50.97 14.04 -17.89
CA LEU H 234 -51.75 13.14 -18.76
C LEU H 234 -53.17 13.10 -18.18
N ARG H 235 -53.53 13.78 -17.12
CA ARG H 235 -54.87 13.74 -16.54
C ARG H 235 -55.80 14.71 -17.26
N PRO H 236 -57.04 14.31 -17.41
CA PRO H 236 -58.06 15.12 -18.10
C PRO H 236 -58.08 16.51 -17.49
N GLU H 237 -57.99 16.60 -16.18
CA GLU H 237 -58.03 17.93 -15.55
C GLU H 237 -56.88 18.81 -16.09
N ARG H 238 -55.66 18.32 -16.08
CA ARG H 238 -54.53 19.08 -16.59
C ARG H 238 -54.57 19.36 -18.08
N ILE H 239 -55.29 18.62 -18.89
CA ILE H 239 -55.37 18.87 -20.35
C ILE H 239 -56.44 19.93 -20.62
N ALA H 240 -57.45 19.92 -19.78
CA ALA H 240 -58.53 20.88 -19.78
C ALA H 240 -57.97 22.27 -19.43
N GLU H 241 -57.15 22.34 -18.41
CA GLU H 241 -56.50 23.53 -17.90
C GLU H 241 -55.67 24.21 -18.98
N PHE H 242 -54.85 23.46 -19.62
CA PHE H 242 -53.94 23.81 -20.71
C PHE H 242 -54.79 24.30 -21.87
N ARG H 243 -55.81 23.53 -22.19
CA ARG H 243 -56.75 23.83 -23.27
C ARG H 243 -57.37 25.19 -22.99
N LYS H 244 -57.85 25.57 -21.87
CA LYS H 244 -58.42 26.87 -21.52
C LYS H 244 -57.43 28.05 -21.72
N LEU H 245 -56.21 27.97 -21.21
CA LEU H 245 -55.18 28.99 -21.36
C LEU H 245 -54.82 29.11 -22.84
N TYR H 246 -54.64 28.02 -23.50
CA TYR H 246 -54.33 27.91 -24.94
C TYR H 246 -55.34 28.71 -25.75
N LYS H 247 -56.62 28.51 -25.52
CA LYS H 247 -57.66 29.24 -26.23
C LYS H 247 -57.55 30.71 -25.90
N GLU H 248 -57.45 31.15 -24.67
CA GLU H 248 -57.30 32.58 -24.39
C GLU H 248 -56.12 33.14 -25.19
N VAL H 249 -54.98 32.49 -25.18
CA VAL H 249 -53.81 33.03 -25.91
C VAL H 249 -54.04 32.98 -27.41
N ARG H 250 -54.62 31.89 -27.90
CA ARG H 250 -54.79 31.75 -29.36
C ARG H 250 -55.59 32.92 -29.87
N GLU H 251 -56.67 33.22 -29.20
CA GLU H 251 -57.62 34.28 -29.55
C GLU H 251 -56.97 35.64 -29.64
N PHE H 252 -56.13 35.92 -28.66
CA PHE H 252 -55.35 37.13 -28.58
C PHE H 252 -54.39 37.22 -29.76
N ILE H 253 -53.76 36.16 -30.25
CA ILE H 253 -52.84 36.26 -31.39
C ILE H 253 -53.59 36.53 -32.69
N GLU H 254 -54.76 35.95 -32.79
CA GLU H 254 -55.63 36.04 -33.96
C GLU H 254 -56.34 37.36 -34.02
N GLN H 255 -56.79 37.81 -32.85
CA GLN H 255 -57.55 39.07 -32.76
C GLN H 255 -56.81 40.35 -32.44
N VAL H 256 -55.68 40.37 -31.81
CA VAL H 256 -54.87 41.50 -31.41
C VAL H 256 -53.48 41.41 -32.02
N TYR H 257 -52.63 40.47 -31.76
CA TYR H 257 -51.31 40.46 -32.37
C TYR H 257 -51.37 40.57 -33.88
N ILE H 258 -52.09 39.71 -34.57
CA ILE H 258 -52.05 39.75 -36.04
C ILE H 258 -52.57 41.01 -36.67
N THR H 259 -53.69 41.45 -36.11
CA THR H 259 -54.39 42.67 -36.57
C THR H 259 -53.49 43.89 -36.36
N ASP H 260 -52.78 44.00 -35.24
CA ASP H 260 -51.91 45.13 -34.94
C ASP H 260 -50.71 45.03 -35.88
N LEU H 261 -50.30 43.81 -36.11
CA LEU H 261 -49.11 43.67 -36.97
C LEU H 261 -49.44 44.27 -38.32
N LEU H 262 -50.56 43.87 -38.93
CA LEU H 262 -50.86 44.34 -40.30
C LEU H 262 -51.09 45.83 -40.35
N ALA H 263 -51.68 46.35 -39.28
CA ALA H 263 -51.97 47.79 -39.16
C ALA H 263 -50.71 48.66 -39.12
N VAL H 264 -49.78 48.32 -38.24
CA VAL H 264 -48.55 49.09 -38.20
C VAL H 264 -47.82 48.87 -39.53
N ALA H 265 -47.72 47.66 -40.03
CA ALA H 265 -46.96 47.38 -41.26
C ALA H 265 -47.55 48.23 -42.37
N GLY H 266 -48.84 48.42 -42.32
CA GLY H 266 -49.55 49.24 -43.30
C GLY H 266 -49.01 50.66 -43.34
N PHE H 267 -48.45 51.27 -42.31
CA PHE H 267 -47.91 52.65 -42.44
C PHE H 267 -46.43 52.64 -42.73
N TYR H 268 -45.86 51.47 -43.03
CA TYR H 268 -44.39 51.41 -43.21
C TYR H 268 -44.06 50.50 -44.38
N LYS H 269 -44.90 50.57 -45.38
CA LYS H 269 -44.77 49.80 -46.61
C LYS H 269 -43.47 50.03 -47.32
N ASN H 270 -42.76 51.11 -47.04
CA ASN H 270 -41.46 51.34 -47.71
C ASN H 270 -40.45 50.38 -47.11
N TRP H 271 -40.77 49.74 -45.99
CA TRP H 271 -39.84 48.80 -45.35
C TRP H 271 -39.92 47.43 -46.02
N ALA H 272 -40.81 47.33 -46.96
CA ALA H 272 -41.03 46.10 -47.72
C ALA H 272 -39.98 46.08 -48.78
N GLY H 273 -39.18 47.15 -48.72
CA GLY H 273 -38.12 47.17 -49.79
C GLY H 273 -36.80 47.40 -49.10
N ILE H 274 -36.78 47.24 -47.78
CA ILE H 274 -35.53 47.48 -47.03
C ILE H 274 -35.14 46.21 -46.26
N GLY H 275 -33.84 45.91 -46.31
CA GLY H 275 -33.21 44.82 -45.63
C GLY H 275 -33.36 43.41 -46.20
N LYS H 276 -33.32 43.36 -47.52
CA LYS H 276 -33.44 42.17 -48.34
C LYS H 276 -32.20 41.29 -48.43
N THR H 277 -32.53 40.01 -48.45
CA THR H 277 -31.80 38.77 -48.49
C THR H 277 -32.32 37.71 -49.47
N SER H 278 -31.41 36.81 -49.77
CA SER H 278 -31.40 35.63 -50.60
C SER H 278 -30.97 34.37 -49.81
N ASN H 279 -31.39 33.18 -50.22
CA ASN H 279 -30.92 31.99 -49.47
C ASN H 279 -31.61 31.87 -48.11
N PHE H 280 -32.48 30.91 -48.00
CA PHE H 280 -33.28 30.61 -46.82
C PHE H 280 -33.21 29.12 -46.52
N LEU H 281 -33.18 28.71 -45.24
CA LEU H 281 -33.21 27.26 -44.95
C LEU H 281 -33.94 26.94 -43.66
N THR H 282 -34.47 25.71 -43.62
CA THR H 282 -35.20 25.16 -42.45
C THR H 282 -35.11 23.64 -42.42
N CYS H 283 -35.21 23.04 -41.26
CA CYS H 283 -35.22 21.59 -40.99
C CYS H 283 -36.67 21.11 -40.71
N GLY H 284 -37.59 22.04 -40.56
CA GLY H 284 -39.02 21.88 -40.29
C GLY H 284 -39.21 21.59 -38.83
N GLU H 285 -40.42 21.57 -38.33
CA GLU H 285 -40.57 21.23 -36.91
C GLU H 285 -41.84 20.38 -36.75
N PHE H 286 -41.99 19.75 -35.59
CA PHE H 286 -43.19 18.97 -35.25
C PHE H 286 -43.31 17.64 -36.00
N PRO H 287 -42.40 16.72 -35.75
CA PRO H 287 -42.45 15.45 -36.43
C PRO H 287 -43.51 14.48 -35.94
N THR H 288 -43.73 13.52 -36.84
CA THR H 288 -44.60 12.37 -36.44
C THR H 288 -43.53 11.24 -36.29
N ASP H 289 -42.56 11.31 -37.18
CA ASP H 289 -41.43 10.38 -37.17
C ASP H 289 -40.17 11.22 -36.83
N GLU H 290 -39.67 10.89 -35.66
CA GLU H 290 -38.50 11.51 -35.07
C GLU H 290 -37.27 11.16 -35.87
N TYR H 291 -37.40 10.28 -36.86
CA TYR H 291 -36.19 9.94 -37.67
C TYR H 291 -36.43 10.37 -39.10
N ASP H 292 -37.44 11.19 -39.34
CA ASP H 292 -37.77 11.63 -40.71
C ASP H 292 -38.14 13.13 -40.74
N LEU H 293 -37.27 13.90 -41.35
CA LEU H 293 -37.40 15.37 -41.46
C LEU H 293 -38.66 15.61 -42.29
N ASN H 294 -38.92 14.61 -43.12
CA ASN H 294 -40.15 14.81 -43.93
C ASN H 294 -41.38 14.38 -43.13
N SER H 295 -41.35 14.01 -41.87
CA SER H 295 -42.68 13.67 -41.26
C SER H 295 -43.12 14.91 -40.48
N ARG H 296 -42.38 16.01 -40.61
CA ARG H 296 -42.64 17.25 -39.86
C ARG H 296 -43.76 18.12 -40.39
N TYR H 297 -44.61 18.68 -39.53
CA TYR H 297 -45.76 19.51 -39.90
C TYR H 297 -45.35 20.63 -40.85
N THR H 298 -44.40 21.39 -40.35
CA THR H 298 -43.88 22.53 -41.18
C THR H 298 -42.69 21.85 -41.86
N PRO H 299 -42.60 22.00 -43.16
CA PRO H 299 -41.57 21.36 -43.95
C PRO H 299 -40.18 21.91 -43.90
N GLN H 300 -39.26 21.07 -44.31
CA GLN H 300 -37.83 21.30 -44.46
C GLN H 300 -37.51 21.66 -45.90
N GLY H 301 -36.44 22.40 -46.17
CA GLY H 301 -36.15 22.72 -47.59
C GLY H 301 -35.11 23.84 -47.59
N VAL H 302 -34.61 24.13 -48.76
CA VAL H 302 -33.59 25.14 -49.02
C VAL H 302 -33.93 25.96 -50.27
N ILE H 303 -34.12 27.25 -50.13
CA ILE H 303 -34.41 28.23 -51.20
C ILE H 303 -33.08 28.90 -51.54
N TRP H 304 -32.79 28.97 -52.82
CA TRP H 304 -31.51 29.61 -53.27
C TRP H 304 -31.91 30.96 -53.83
N GLY H 305 -31.11 31.97 -53.59
CA GLY H 305 -31.46 33.32 -54.07
C GLY H 305 -32.83 33.57 -53.39
N ASN H 306 -33.72 33.98 -54.27
CA ASN H 306 -35.11 34.34 -53.92
C ASN H 306 -36.09 33.61 -54.84
N ASP H 307 -35.73 32.42 -55.25
CA ASP H 307 -36.46 31.54 -56.17
C ASP H 307 -37.33 30.53 -55.42
N LEU H 308 -38.59 30.89 -55.34
CA LEU H 308 -39.57 30.08 -54.63
C LEU H 308 -40.14 28.93 -55.46
N SER H 309 -39.68 28.80 -56.67
CA SER H 309 -40.19 27.75 -57.57
C SER H 309 -39.41 26.45 -57.40
N LYS H 310 -38.20 26.57 -56.89
CA LYS H 310 -37.34 25.39 -56.68
C LYS H 310 -36.86 25.41 -55.20
N VAL H 311 -37.44 24.45 -54.46
CA VAL H 311 -37.10 24.22 -53.08
C VAL H 311 -36.25 22.94 -53.00
N ASP H 312 -35.01 22.96 -52.66
CA ASP H 312 -34.17 21.79 -52.53
C ASP H 312 -34.38 21.17 -51.13
N ASP H 313 -33.72 20.03 -51.08
CA ASP H 313 -33.68 19.18 -49.88
C ASP H 313 -32.55 19.68 -48.99
N PHE H 314 -32.89 19.74 -47.73
CA PHE H 314 -31.96 20.19 -46.68
C PHE H 314 -30.95 19.05 -46.43
N ASN H 315 -29.69 19.35 -46.65
CA ASN H 315 -28.57 18.42 -46.47
C ASN H 315 -27.58 18.95 -45.44
N PRO H 316 -27.62 18.36 -44.24
CA PRO H 316 -26.80 18.77 -43.12
C PRO H 316 -25.34 18.48 -43.36
N ASP H 317 -25.10 17.69 -44.42
CA ASP H 317 -23.64 17.42 -44.66
C ASP H 317 -22.98 18.67 -45.26
N LEU H 318 -23.76 19.59 -45.75
CA LEU H 318 -23.31 20.83 -46.35
C LEU H 318 -23.02 21.95 -45.34
N ILE H 319 -23.12 21.76 -44.04
CA ILE H 319 -22.85 22.77 -43.04
C ILE H 319 -21.41 22.73 -42.55
N GLU H 320 -20.81 23.88 -42.53
CA GLU H 320 -19.46 24.14 -42.06
C GLU H 320 -19.52 25.47 -41.30
N GLU H 321 -18.88 25.56 -40.20
CA GLU H 321 -18.77 26.75 -39.37
C GLU H 321 -17.38 27.37 -39.49
N HIS H 322 -17.35 28.66 -39.87
CA HIS H 322 -16.05 29.34 -40.02
C HIS H 322 -15.50 30.08 -38.82
N VAL H 323 -14.17 30.33 -38.76
CA VAL H 323 -13.69 31.10 -37.60
C VAL H 323 -12.71 32.15 -38.10
N LYS H 324 -12.70 32.34 -39.42
CA LYS H 324 -11.73 33.32 -39.91
C LYS H 324 -11.87 34.70 -39.29
N TYR H 325 -13.05 35.21 -39.00
CA TYR H 325 -13.27 36.51 -38.42
C TYR H 325 -13.89 36.47 -37.00
N SER H 326 -13.64 35.44 -36.23
CA SER H 326 -14.23 35.23 -34.91
C SER H 326 -13.03 35.04 -33.98
N TRP H 327 -13.29 35.09 -32.70
CA TRP H 327 -12.21 34.94 -31.75
C TRP H 327 -11.92 33.50 -31.41
N TYR H 328 -11.51 32.74 -32.40
CA TYR H 328 -11.10 31.33 -32.22
C TYR H 328 -9.81 31.08 -32.99
N GLU H 329 -9.06 30.09 -32.58
CA GLU H 329 -7.80 29.80 -33.28
C GLU H 329 -8.01 29.47 -34.75
N GLY H 330 -7.12 30.05 -35.58
CA GLY H 330 -6.95 29.92 -36.98
C GLY H 330 -8.05 30.30 -37.92
N ALA H 331 -8.03 29.64 -39.09
CA ALA H 331 -9.04 29.97 -40.08
C ALA H 331 -9.74 28.77 -40.70
N GLY H 332 -9.76 27.62 -40.02
CA GLY H 332 -10.46 26.43 -40.47
C GLY H 332 -11.98 26.49 -40.23
N ALA H 333 -12.72 25.96 -41.17
CA ALA H 333 -14.18 25.77 -41.17
C ALA H 333 -14.31 24.23 -40.98
N HIS H 334 -15.18 23.75 -40.13
CA HIS H 334 -15.44 22.37 -39.84
C HIS H 334 -16.90 21.96 -39.85
N HIS H 335 -17.17 20.75 -40.32
CA HIS H 335 -18.58 20.28 -40.21
C HIS H 335 -18.75 20.12 -38.69
N PRO H 336 -19.93 20.25 -38.13
CA PRO H 336 -20.14 20.16 -36.69
C PRO H 336 -19.68 18.91 -35.99
N TYR H 337 -19.65 17.75 -36.58
CA TYR H 337 -19.17 16.50 -35.93
C TYR H 337 -17.67 16.62 -35.70
N LYS H 338 -17.06 17.50 -36.47
CA LYS H 338 -15.61 17.74 -36.37
C LYS H 338 -15.29 19.15 -35.91
N GLY H 339 -16.24 19.77 -35.21
CA GLY H 339 -16.11 21.12 -34.71
C GLY H 339 -15.03 21.21 -33.64
N VAL H 340 -14.48 22.41 -33.51
CA VAL H 340 -13.48 22.73 -32.49
C VAL H 340 -13.92 24.09 -31.93
N THR H 341 -13.67 24.26 -30.65
CA THR H 341 -13.96 25.45 -29.87
C THR H 341 -12.71 25.83 -29.09
N LYS H 342 -11.79 26.57 -29.70
CA LYS H 342 -10.58 27.03 -29.00
C LYS H 342 -10.61 28.57 -29.17
N PRO H 343 -11.20 29.18 -28.15
CA PRO H 343 -11.34 30.65 -28.12
C PRO H 343 -9.95 31.27 -28.13
N LYS H 344 -9.79 32.28 -28.97
CA LYS H 344 -8.48 32.98 -29.01
C LYS H 344 -8.75 34.48 -29.23
N TRP H 345 -8.87 35.21 -28.14
CA TRP H 345 -9.18 36.67 -28.26
C TRP H 345 -8.09 37.52 -28.90
N THR H 346 -8.42 38.43 -29.81
CA THR H 346 -7.40 39.27 -30.41
C THR H 346 -7.80 40.76 -30.41
N GLU H 347 -8.82 41.04 -29.65
CA GLU H 347 -9.41 42.36 -29.48
C GLU H 347 -10.27 42.79 -30.64
N PHE H 348 -11.07 43.84 -30.41
CA PHE H 348 -11.97 44.32 -31.46
C PHE H 348 -11.22 44.55 -32.77
N HIS H 349 -11.56 43.81 -33.82
CA HIS H 349 -10.96 43.92 -35.14
C HIS H 349 -9.50 43.52 -35.02
N GLY H 350 -9.14 42.79 -33.97
CA GLY H 350 -7.70 42.34 -33.87
C GLY H 350 -7.64 41.21 -34.93
N GLU H 351 -6.81 41.39 -35.92
CA GLU H 351 -6.58 40.52 -37.06
C GLU H 351 -7.88 40.48 -37.86
N ASP H 352 -8.66 41.51 -37.77
CA ASP H 352 -9.95 41.65 -38.43
C ASP H 352 -11.02 40.74 -37.80
N ARG H 353 -10.67 40.12 -36.73
CA ARG H 353 -11.66 39.26 -36.09
C ARG H 353 -12.52 40.24 -35.31
N TYR H 354 -13.82 40.01 -35.35
CA TYR H 354 -14.79 40.86 -34.65
C TYR H 354 -15.98 40.16 -33.99
N SER H 355 -15.95 38.87 -33.68
CA SER H 355 -17.09 38.21 -33.03
C SER H 355 -16.68 36.91 -32.33
N TRP H 356 -17.45 36.68 -31.26
CA TRP H 356 -17.39 35.46 -30.42
C TRP H 356 -18.29 34.35 -31.06
N MET H 357 -19.04 34.68 -32.12
CA MET H 357 -19.90 33.82 -32.84
C MET H 357 -19.11 33.21 -33.99
N LYS H 358 -19.34 31.93 -34.24
CA LYS H 358 -18.67 31.29 -35.41
C LYS H 358 -19.57 31.71 -36.60
N ALA H 359 -19.18 31.48 -37.82
CA ALA H 359 -19.92 31.80 -39.03
C ALA H 359 -20.37 30.55 -39.80
N PRO H 360 -21.56 30.04 -39.56
CA PRO H 360 -22.06 28.87 -40.29
C PRO H 360 -22.34 29.24 -41.73
N ARG H 361 -21.85 28.44 -42.65
CA ARG H 361 -22.04 28.65 -44.10
C ARG H 361 -22.70 27.36 -44.60
N TYR H 362 -23.63 27.42 -45.54
CA TYR H 362 -24.28 26.24 -46.14
C TYR H 362 -23.79 26.07 -47.61
N LYS H 363 -23.09 24.98 -47.80
CA LYS H 363 -22.49 24.65 -49.10
C LYS H 363 -21.71 25.90 -49.48
N GLY H 364 -21.05 26.48 -48.52
CA GLY H 364 -20.23 27.64 -48.65
C GLY H 364 -20.93 28.98 -48.81
N GLU H 365 -22.25 29.01 -48.75
CA GLU H 365 -22.99 30.26 -48.88
C GLU H 365 -23.61 30.67 -47.56
N ALA H 366 -23.84 31.96 -47.43
CA ALA H 366 -24.44 32.57 -46.23
C ALA H 366 -25.93 32.35 -46.32
N PHE H 367 -26.57 32.03 -45.20
CA PHE H 367 -28.03 31.77 -45.29
C PHE H 367 -28.74 32.54 -44.17
N GLU H 368 -30.04 32.63 -44.30
CA GLU H 368 -30.95 33.22 -43.37
C GLU H 368 -31.88 32.05 -42.93
N VAL H 369 -32.11 31.96 -41.65
CA VAL H 369 -32.92 30.94 -40.99
C VAL H 369 -33.96 31.71 -40.20
N GLY H 370 -35.09 31.16 -39.83
CA GLY H 370 -36.09 31.86 -38.99
C GLY H 370 -37.44 31.75 -39.59
N PRO H 371 -38.38 32.53 -39.05
CA PRO H 371 -39.75 32.56 -39.57
C PRO H 371 -39.83 32.85 -41.04
N LEU H 372 -39.12 33.84 -41.56
CA LEU H 372 -39.17 34.13 -42.99
C LEU H 372 -38.74 32.88 -43.77
N ALA H 373 -37.61 32.32 -43.38
CA ALA H 373 -37.08 31.17 -44.12
C ALA H 373 -38.04 30.03 -44.08
N SER H 374 -38.61 29.78 -42.93
CA SER H 374 -39.56 28.70 -42.66
C SER H 374 -40.84 28.84 -43.48
N VAL H 375 -41.39 30.05 -43.41
CA VAL H 375 -42.61 30.41 -44.13
C VAL H 375 -42.40 30.39 -45.63
N LEU H 376 -41.22 30.77 -46.11
CA LEU H 376 -40.98 30.75 -47.57
C LEU H 376 -40.92 29.30 -48.06
N VAL H 377 -40.32 28.40 -47.29
CA VAL H 377 -40.23 26.99 -47.66
C VAL H 377 -41.62 26.36 -47.66
N ALA H 378 -42.36 26.52 -46.58
CA ALA H 378 -43.69 25.98 -46.46
C ALA H 378 -44.58 26.44 -47.60
N TYR H 379 -44.54 27.74 -47.83
CA TYR H 379 -45.38 28.42 -48.85
C TYR H 379 -45.04 27.92 -50.26
N ALA H 380 -43.73 27.86 -50.53
CA ALA H 380 -43.28 27.35 -51.82
C ALA H 380 -43.68 25.88 -52.00
N LYS H 381 -43.67 25.12 -50.93
CA LYS H 381 -44.00 23.70 -50.96
C LYS H 381 -45.50 23.57 -50.79
N LYS H 382 -46.19 24.68 -50.82
CA LYS H 382 -47.67 24.64 -50.73
C LYS H 382 -48.28 24.08 -49.47
N HIS H 383 -47.83 24.56 -48.31
CA HIS H 383 -48.39 24.10 -47.00
C HIS H 383 -49.66 24.92 -46.86
N GLU H 384 -50.84 24.34 -46.93
CA GLU H 384 -52.10 25.04 -46.89
C GLU H 384 -52.31 26.10 -45.83
N PRO H 385 -51.98 25.76 -44.59
CA PRO H 385 -52.13 26.71 -43.46
C PRO H 385 -51.34 27.99 -43.75
N THR H 386 -50.11 27.78 -44.19
CA THR H 386 -49.15 28.78 -44.56
C THR H 386 -49.61 29.61 -45.76
N VAL H 387 -49.97 28.87 -46.80
CA VAL H 387 -50.50 29.48 -48.03
C VAL H 387 -51.77 30.26 -47.70
N LYS H 388 -52.71 29.75 -46.91
CA LYS H 388 -53.89 30.56 -46.61
C LYS H 388 -53.45 31.82 -45.85
N ALA H 389 -52.49 31.77 -44.95
CA ALA H 389 -51.98 32.86 -44.11
C ALA H 389 -51.16 33.94 -44.82
N VAL H 390 -50.32 33.59 -45.73
CA VAL H 390 -49.47 34.49 -46.50
C VAL H 390 -50.43 35.34 -47.33
N ASP H 391 -51.36 34.66 -47.98
CA ASP H 391 -52.35 35.38 -48.82
C ASP H 391 -53.14 36.44 -48.02
N LEU H 392 -53.58 36.11 -46.83
CA LEU H 392 -54.32 37.04 -46.01
C LEU H 392 -53.61 38.38 -45.85
N VAL H 393 -52.37 38.26 -45.49
CA VAL H 393 -51.36 39.27 -45.22
C VAL H 393 -51.09 40.08 -46.48
N LEU H 394 -50.61 39.53 -47.56
CA LEU H 394 -50.31 40.27 -48.80
C LEU H 394 -51.53 41.03 -49.32
N LYS H 395 -52.61 40.33 -49.02
CA LYS H 395 -53.94 40.80 -49.46
C LYS H 395 -54.28 41.99 -48.58
N THR H 396 -53.92 41.86 -47.32
CA THR H 396 -54.17 42.95 -46.38
C THR H 396 -53.19 44.08 -46.62
N LEU H 397 -51.95 43.86 -46.99
CA LEU H 397 -51.02 44.98 -47.22
C LEU H 397 -51.05 45.44 -48.69
N GLY H 398 -51.77 44.67 -49.49
CA GLY H 398 -51.85 44.94 -50.92
C GLY H 398 -50.46 44.96 -51.51
N VAL H 399 -49.73 43.90 -51.29
CA VAL H 399 -48.36 43.79 -51.88
C VAL H 399 -48.36 42.34 -52.37
N GLY H 400 -47.31 41.92 -53.04
CA GLY H 400 -47.13 40.55 -53.54
C GLY H 400 -46.08 39.87 -52.66
N PRO H 401 -45.73 38.63 -52.97
CA PRO H 401 -44.78 37.81 -52.23
C PRO H 401 -43.35 38.34 -52.29
N GLU H 402 -43.12 39.23 -53.23
CA GLU H 402 -41.79 39.82 -53.38
C GLU H 402 -41.50 40.83 -52.28
N ALA H 403 -42.55 41.22 -51.59
CA ALA H 403 -42.57 42.09 -50.42
C ALA H 403 -42.11 41.24 -49.23
N LEU H 404 -42.23 39.94 -49.35
CA LEU H 404 -41.76 39.06 -48.25
C LEU H 404 -40.25 39.12 -48.16
N PHE H 405 -39.45 39.36 -49.18
CA PHE H 405 -37.97 39.38 -49.05
C PHE H 405 -37.49 40.68 -48.44
N SER H 406 -37.87 41.12 -47.29
CA SER H 406 -37.50 42.44 -46.77
C SER H 406 -37.62 42.49 -45.28
N THR H 407 -37.34 43.61 -44.62
CA THR H 407 -37.46 43.67 -43.16
C THR H 407 -38.91 43.63 -42.74
N LEU H 408 -39.71 44.18 -43.65
CA LEU H 408 -41.17 44.12 -43.36
C LEU H 408 -41.62 42.65 -43.39
N GLY H 409 -41.17 41.95 -44.44
CA GLY H 409 -41.52 40.54 -44.63
C GLY H 409 -41.06 39.61 -43.52
N ARG H 410 -39.90 39.95 -43.01
CA ARG H 410 -39.25 39.20 -41.93
C ARG H 410 -40.08 39.30 -40.66
N THR H 411 -40.78 40.42 -40.55
CA THR H 411 -41.66 40.72 -39.45
C THR H 411 -43.06 40.16 -39.61
N ALA H 412 -43.62 40.19 -40.80
CA ALA H 412 -44.98 39.60 -40.99
C ALA H 412 -44.83 38.08 -40.89
N ALA H 413 -43.77 37.46 -41.44
CA ALA H 413 -43.54 35.99 -41.35
C ALA H 413 -43.52 35.47 -39.92
N ARG H 414 -43.08 36.21 -38.96
CA ARG H 414 -43.05 35.78 -37.54
C ARG H 414 -44.49 35.71 -37.07
N GLY H 415 -45.32 36.53 -37.66
CA GLY H 415 -46.74 36.61 -37.25
C GLY H 415 -47.44 35.37 -37.80
N ILE H 416 -47.03 35.02 -39.00
CA ILE H 416 -47.52 33.85 -39.73
C ILE H 416 -47.02 32.58 -39.03
N GLN H 417 -45.75 32.47 -38.73
CA GLN H 417 -45.24 31.28 -38.06
C GLN H 417 -45.88 31.10 -36.70
N CYS H 418 -46.23 32.20 -36.07
CA CYS H 418 -46.81 32.14 -34.72
C CYS H 418 -48.22 31.61 -34.81
N LEU H 419 -48.94 31.82 -35.89
CA LEU H 419 -50.34 31.38 -35.96
C LEU H 419 -50.59 29.95 -36.42
N THR H 420 -49.69 29.50 -37.30
CA THR H 420 -49.73 28.14 -37.89
C THR H 420 -49.41 27.12 -36.79
N ALA H 421 -48.44 27.50 -35.98
CA ALA H 421 -48.05 26.71 -34.80
C ALA H 421 -49.29 26.65 -33.89
N ALA H 422 -49.84 27.83 -33.59
CA ALA H 422 -51.03 27.97 -32.76
C ALA H 422 -52.18 27.12 -33.30
N GLN H 423 -52.29 27.03 -34.62
CA GLN H 423 -53.44 26.30 -35.15
C GLN H 423 -53.24 24.84 -34.89
N GLU H 424 -52.02 24.36 -35.05
CA GLU H 424 -51.78 22.94 -34.84
C GLU H 424 -51.78 22.43 -33.43
N VAL H 425 -51.67 23.26 -32.42
CA VAL H 425 -51.64 22.82 -31.03
C VAL H 425 -52.91 22.03 -30.70
N GLU H 426 -54.02 22.43 -31.29
CA GLU H 426 -55.33 21.82 -31.12
C GLU H 426 -55.28 20.37 -31.56
N VAL H 427 -54.63 20.05 -32.67
CA VAL H 427 -54.48 18.72 -33.24
C VAL H 427 -53.76 17.76 -32.29
N TRP H 428 -52.58 18.13 -31.82
CA TRP H 428 -51.77 17.30 -30.92
C TRP H 428 -52.43 17.08 -29.59
N LEU H 429 -53.16 18.09 -29.15
CA LEU H 429 -53.82 17.99 -27.82
C LEU H 429 -54.85 16.86 -27.80
N ASP H 430 -55.65 17.03 -28.86
CA ASP H 430 -56.78 16.17 -29.21
C ASP H 430 -56.29 14.72 -29.23
N LYS H 431 -55.23 14.44 -29.96
CA LYS H 431 -54.63 13.12 -30.04
C LYS H 431 -54.09 12.66 -28.68
N LEU H 432 -53.30 13.58 -28.08
CA LEU H 432 -52.75 13.20 -26.79
C LEU H 432 -53.91 12.66 -25.93
N GLU H 433 -54.96 13.43 -25.93
CA GLU H 433 -56.14 13.15 -25.12
C GLU H 433 -56.90 11.88 -25.43
N ALA H 434 -57.01 11.52 -26.69
CA ALA H 434 -57.69 10.34 -27.20
C ALA H 434 -56.86 9.09 -26.84
N ASN H 435 -55.54 9.28 -26.91
CA ASN H 435 -54.66 8.18 -26.57
C ASN H 435 -54.83 7.92 -25.07
N VAL H 436 -54.94 8.96 -24.30
CA VAL H 436 -54.99 8.67 -22.86
C VAL H 436 -56.32 8.05 -22.56
N LYS H 437 -57.36 8.48 -23.25
CA LYS H 437 -58.73 7.93 -23.04
C LYS H 437 -58.76 6.43 -23.41
N ALA H 438 -58.08 6.03 -24.45
CA ALA H 438 -57.98 4.65 -24.90
C ALA H 438 -57.05 3.85 -23.96
N GLY H 439 -56.53 4.48 -22.92
CA GLY H 439 -55.61 3.84 -21.99
C GLY H 439 -54.16 3.86 -22.45
N LYS H 440 -53.82 4.30 -23.65
CA LYS H 440 -52.43 4.39 -24.11
C LYS H 440 -51.72 5.61 -23.49
N ASP H 441 -50.99 5.34 -22.44
CA ASP H 441 -50.29 6.26 -21.57
C ASP H 441 -48.78 6.17 -21.48
N ASP H 442 -48.05 5.63 -22.37
CA ASP H 442 -46.59 5.53 -22.25
C ASP H 442 -45.92 6.83 -22.72
N LEU H 443 -44.87 7.27 -22.05
CA LEU H 443 -44.08 8.44 -22.28
C LEU H 443 -42.61 8.10 -22.40
N TYR H 444 -42.21 6.90 -22.06
CA TYR H 444 -40.77 6.57 -22.10
C TYR H 444 -40.25 5.26 -22.65
N THR H 445 -39.14 5.22 -23.39
CA THR H 445 -38.53 4.04 -23.95
C THR H 445 -37.10 3.85 -23.46
N ASP H 446 -36.86 2.62 -23.02
CA ASP H 446 -35.57 2.20 -22.46
C ASP H 446 -34.56 2.22 -23.60
N TRP H 447 -33.31 2.41 -23.24
CA TRP H 447 -32.25 2.53 -24.24
C TRP H 447 -30.89 2.18 -23.62
N GLN H 448 -29.91 1.98 -24.48
CA GLN H 448 -28.59 1.63 -23.91
C GLN H 448 -27.58 2.33 -24.78
N TYR H 449 -26.37 2.62 -24.27
CA TYR H 449 -25.47 3.31 -25.21
C TYR H 449 -24.72 2.40 -26.14
N PRO H 450 -24.56 2.70 -27.42
CA PRO H 450 -23.61 1.95 -28.22
C PRO H 450 -22.20 2.27 -27.62
N THR H 451 -21.26 1.42 -28.06
CA THR H 451 -19.85 1.56 -27.65
C THR H 451 -19.32 2.96 -28.00
N GLU H 452 -19.47 3.37 -29.24
CA GLU H 452 -19.08 4.61 -29.85
C GLU H 452 -20.25 5.00 -30.75
N SER H 453 -20.79 6.20 -30.79
CA SER H 453 -21.88 6.61 -31.68
C SER H 453 -21.82 8.15 -31.82
N GLN H 454 -22.55 8.69 -32.75
CA GLN H 454 -22.68 10.10 -33.10
C GLN H 454 -24.15 10.38 -33.40
N GLY H 455 -24.67 11.57 -33.12
CA GLY H 455 -26.13 11.79 -33.35
C GLY H 455 -26.36 13.25 -33.58
N VAL H 456 -27.47 13.59 -34.24
CA VAL H 456 -27.78 15.02 -34.46
C VAL H 456 -29.26 15.26 -34.13
N GLY H 457 -29.57 16.38 -33.52
CA GLY H 457 -30.94 16.82 -33.12
C GLY H 457 -31.23 18.09 -33.91
N PHE H 458 -32.27 18.12 -34.69
CA PHE H 458 -32.65 19.22 -35.54
C PHE H 458 -33.93 19.82 -34.93
N VAL H 459 -33.82 21.09 -34.58
CA VAL H 459 -35.01 21.75 -34.01
C VAL H 459 -35.23 23.03 -34.83
N ASN H 460 -36.46 23.40 -35.09
CA ASN H 460 -36.73 24.67 -35.78
C ASN H 460 -37.27 25.54 -34.59
N ALA H 461 -36.35 26.23 -33.92
CA ALA H 461 -36.65 27.07 -32.77
C ALA H 461 -37.39 28.29 -33.29
N PRO H 462 -38.02 29.09 -32.42
CA PRO H 462 -38.67 30.33 -32.90
C PRO H 462 -37.75 31.16 -33.76
N ARG H 463 -36.42 31.12 -33.63
CA ARG H 463 -35.51 31.92 -34.45
C ARG H 463 -34.85 31.24 -35.62
N GLY H 464 -35.30 30.01 -35.83
CA GLY H 464 -34.80 29.21 -36.96
C GLY H 464 -34.15 27.90 -36.58
N MET H 465 -33.32 27.42 -37.51
CA MET H 465 -32.66 26.14 -37.45
C MET H 465 -31.57 25.91 -36.44
N LEU H 466 -31.94 25.06 -35.46
CA LEU H 466 -31.06 24.65 -34.38
C LEU H 466 -30.67 23.18 -34.51
N SER H 467 -29.38 22.89 -34.30
CA SER H 467 -28.87 21.53 -34.38
C SER H 467 -27.78 21.34 -33.34
N HIS H 468 -27.94 20.26 -32.58
CA HIS H 468 -27.00 19.81 -31.53
C HIS H 468 -26.34 18.54 -32.05
N TRP H 469 -25.02 18.54 -32.04
CA TRP H 469 -24.26 17.38 -32.57
C TRP H 469 -23.45 16.70 -31.49
N ILE H 470 -23.60 15.38 -31.34
CA ILE H 470 -22.83 14.68 -30.30
C ILE H 470 -22.05 13.51 -30.88
N VAL H 471 -20.94 13.24 -30.26
CA VAL H 471 -20.03 12.14 -30.53
C VAL H 471 -19.73 11.55 -29.16
N GLN H 472 -20.20 10.37 -28.93
CA GLN H 472 -19.99 9.67 -27.66
C GLN H 472 -19.17 8.38 -27.79
N ARG H 473 -18.52 8.00 -26.72
CA ARG H 473 -17.74 6.76 -26.62
C ARG H 473 -17.85 6.31 -25.15
N GLY H 474 -18.48 5.21 -24.77
CA GLY H 474 -18.56 4.76 -23.40
C GLY H 474 -19.55 5.50 -22.53
N GLY H 475 -20.52 6.18 -23.14
CA GLY H 475 -21.48 6.97 -22.31
C GLY H 475 -20.80 8.23 -21.76
N LYS H 476 -19.80 8.75 -22.43
CA LYS H 476 -19.04 9.95 -22.15
C LYS H 476 -18.96 10.80 -23.45
N ILE H 477 -19.15 12.08 -23.38
CA ILE H 477 -19.10 12.98 -24.52
C ILE H 477 -17.67 13.22 -24.93
N GLU H 478 -17.41 12.98 -26.18
CA GLU H 478 -16.12 13.18 -26.85
C GLU H 478 -16.17 14.55 -27.52
N ASN H 479 -17.31 14.90 -28.12
CA ASN H 479 -17.61 16.15 -28.82
C ASN H 479 -19.13 16.44 -28.70
N PHE H 480 -19.44 17.69 -28.44
CA PHE H 480 -20.78 18.28 -28.34
C PHE H 480 -20.70 19.69 -28.97
N GLN H 481 -21.25 19.91 -30.16
CA GLN H 481 -21.31 21.14 -30.90
C GLN H 481 -22.79 21.56 -31.06
N LEU H 482 -23.06 22.83 -30.82
CA LEU H 482 -24.33 23.51 -31.04
C LEU H 482 -24.16 24.51 -32.24
N VAL H 483 -25.10 24.49 -33.15
CA VAL H 483 -25.07 25.44 -34.27
C VAL H 483 -26.48 26.06 -34.18
N VAL H 484 -26.55 27.29 -33.72
CA VAL H 484 -27.80 28.02 -33.42
C VAL H 484 -28.21 28.98 -34.51
N PRO H 485 -29.53 29.18 -34.62
CA PRO H 485 -30.10 30.05 -35.64
C PRO H 485 -29.45 31.43 -35.58
N SER H 486 -29.32 32.05 -34.42
CA SER H 486 -28.70 33.39 -34.40
C SER H 486 -27.25 33.27 -34.81
N THR H 487 -26.63 32.12 -34.85
CA THR H 487 -25.19 32.02 -35.28
C THR H 487 -25.22 32.22 -36.81
N TRP H 488 -26.26 31.69 -37.47
CA TRP H 488 -26.47 31.80 -38.89
C TRP H 488 -26.72 33.28 -39.25
N ASN H 489 -27.81 33.87 -38.76
CA ASN H 489 -28.23 35.23 -38.99
C ASN H 489 -27.25 36.33 -38.58
N LEU H 490 -26.71 36.30 -37.40
CA LEU H 490 -25.83 37.31 -36.85
C LEU H 490 -24.34 37.04 -36.73
N GLY H 491 -23.77 36.04 -37.31
CA GLY H 491 -22.36 35.71 -37.21
C GLY H 491 -21.61 36.66 -38.15
N PRO H 492 -20.29 36.69 -37.97
CA PRO H 492 -19.41 37.53 -38.75
C PRO H 492 -19.27 36.92 -40.15
N ARG H 493 -18.34 37.42 -40.94
CA ARG H 493 -18.08 36.93 -42.28
C ARG H 493 -17.32 35.61 -42.10
N CYS H 494 -17.32 34.91 -43.22
CA CYS H 494 -16.64 33.61 -43.32
C CYS H 494 -15.28 33.92 -43.90
N ALA H 495 -14.57 32.85 -44.17
CA ALA H 495 -13.21 32.88 -44.74
C ALA H 495 -13.29 33.45 -46.14
N GLU H 496 -14.38 33.19 -46.84
CA GLU H 496 -14.52 33.70 -48.20
C GLU H 496 -14.98 35.13 -48.11
N GLY H 497 -14.94 35.67 -46.90
CA GLY H 497 -15.38 37.05 -46.66
C GLY H 497 -16.82 37.35 -46.97
N LYS H 498 -17.75 36.43 -47.00
CA LYS H 498 -19.16 36.73 -47.24
C LYS H 498 -19.85 37.24 -45.95
N LEU H 499 -20.74 38.21 -46.11
CA LEU H 499 -21.48 38.91 -45.11
C LEU H 499 -22.59 38.00 -44.60
N SER H 500 -22.79 37.98 -43.29
CA SER H 500 -23.85 37.12 -42.71
C SER H 500 -25.17 37.79 -43.08
N ALA H 501 -26.30 37.16 -42.89
CA ALA H 501 -27.59 37.75 -43.25
C ALA H 501 -27.87 39.09 -42.60
N VAL H 502 -27.48 39.34 -41.35
CA VAL H 502 -27.78 40.66 -40.74
C VAL H 502 -26.91 41.76 -41.37
N GLU H 503 -25.63 41.46 -41.52
CA GLU H 503 -24.72 42.42 -42.11
C GLU H 503 -25.26 42.81 -43.47
N GLN H 504 -25.63 41.86 -44.29
CA GLN H 504 -26.13 42.09 -45.66
C GLN H 504 -27.47 42.80 -45.64
N ALA H 505 -28.33 42.47 -44.70
CA ALA H 505 -29.62 43.17 -44.64
C ALA H 505 -29.37 44.65 -44.35
N LEU H 506 -28.28 44.99 -43.67
CA LEU H 506 -28.04 46.37 -43.26
C LEU H 506 -27.70 47.31 -44.41
N ILE H 507 -26.90 46.80 -45.34
CA ILE H 507 -26.40 47.58 -46.46
C ILE H 507 -27.59 48.23 -47.20
N GLY H 508 -27.52 49.53 -47.45
CA GLY H 508 -28.59 50.26 -48.12
C GLY H 508 -29.55 50.90 -47.17
N THR H 509 -29.67 50.50 -45.93
CA THR H 509 -30.60 51.16 -45.01
C THR H 509 -30.28 52.66 -44.94
N PRO H 510 -31.35 53.44 -45.06
CA PRO H 510 -31.29 54.90 -44.97
C PRO H 510 -31.33 55.30 -43.49
N ILE H 511 -30.54 56.27 -43.08
CA ILE H 511 -30.51 56.77 -41.69
C ILE H 511 -30.88 58.26 -41.65
N ALA H 512 -32.02 58.57 -41.05
CA ALA H 512 -32.57 59.93 -40.91
C ALA H 512 -31.67 60.77 -39.99
N ASP H 513 -31.65 60.43 -38.71
CA ASP H 513 -30.86 61.03 -37.65
C ASP H 513 -29.84 59.97 -37.17
N PRO H 514 -28.59 60.20 -37.49
CA PRO H 514 -27.49 59.31 -37.12
C PRO H 514 -27.25 59.28 -35.62
N LYS H 515 -27.77 60.27 -34.93
CA LYS H 515 -27.64 60.39 -33.48
C LYS H 515 -28.71 59.54 -32.78
N ARG H 516 -29.70 59.13 -33.54
CA ARG H 516 -30.80 58.28 -33.04
C ARG H 516 -31.21 57.37 -34.21
N PRO H 517 -30.38 56.39 -34.51
CA PRO H 517 -30.53 55.50 -35.66
C PRO H 517 -31.31 54.23 -35.45
N VAL H 518 -32.62 54.47 -35.35
CA VAL H 518 -33.63 53.45 -35.18
C VAL H 518 -33.72 52.62 -36.47
N GLU H 519 -33.25 53.16 -37.58
CA GLU H 519 -33.36 52.29 -38.79
C GLU H 519 -32.46 51.11 -38.65
N ILE H 520 -31.38 51.17 -37.88
CA ILE H 520 -30.54 49.99 -37.69
C ILE H 520 -31.25 48.98 -36.77
N LEU H 521 -31.96 49.41 -35.76
CA LEU H 521 -32.70 48.62 -34.82
C LEU H 521 -33.85 47.87 -35.50
N ARG H 522 -34.48 48.55 -36.45
CA ARG H 522 -35.64 47.92 -37.10
C ARG H 522 -35.16 46.69 -37.81
N THR H 523 -34.04 46.78 -38.47
CA THR H 523 -33.44 45.73 -39.23
C THR H 523 -32.88 44.66 -38.28
N VAL H 524 -32.06 45.05 -37.35
CA VAL H 524 -31.45 44.12 -36.40
C VAL H 524 -32.55 43.38 -35.64
N HIS H 525 -33.54 44.08 -35.16
CA HIS H 525 -34.63 43.44 -34.41
C HIS H 525 -35.53 42.51 -35.19
N SER H 526 -35.65 42.71 -36.49
CA SER H 526 -36.54 41.87 -37.31
C SER H 526 -36.04 40.42 -37.30
N TYR H 527 -34.74 40.26 -37.03
CA TYR H 527 -34.09 38.98 -36.95
C TYR H 527 -34.24 38.35 -35.56
N ASP H 528 -34.81 39.07 -34.62
CA ASP H 528 -34.93 38.49 -33.24
C ASP H 528 -33.60 37.95 -32.75
N PRO H 529 -32.51 38.74 -32.70
CA PRO H 529 -31.23 38.23 -32.25
C PRO H 529 -31.28 37.66 -30.85
N CYS H 530 -30.46 36.64 -30.67
CA CYS H 530 -30.29 35.96 -29.37
C CYS H 530 -28.78 35.69 -29.30
N ILE H 531 -28.07 36.57 -28.64
CA ILE H 531 -26.61 36.48 -28.57
C ILE H 531 -26.18 35.37 -27.65
N ALA H 532 -26.91 35.03 -26.62
CA ALA H 532 -26.61 33.96 -25.68
C ALA H 532 -26.61 32.62 -26.47
N CYS H 533 -27.60 32.41 -27.33
CA CYS H 533 -27.79 31.28 -28.19
C CYS H 533 -26.72 31.32 -29.30
N GLY H 534 -26.50 32.44 -29.95
CA GLY H 534 -25.56 32.43 -31.03
C GLY H 534 -24.16 32.06 -30.65
N VAL H 535 -23.67 32.37 -29.46
CA VAL H 535 -22.32 32.09 -29.05
C VAL H 535 -22.12 30.90 -28.10
N HIS H 536 -23.08 30.74 -27.20
CA HIS H 536 -23.06 29.70 -26.17
C HIS H 536 -21.64 29.66 -25.59
N LYS I 4 -13.48 16.28 10.78
CA LYS I 4 -12.79 16.41 12.08
C LYS I 4 -11.61 15.47 12.27
N LYS I 5 -11.22 15.35 13.53
CA LYS I 5 -10.06 14.55 13.92
C LYS I 5 -9.94 13.17 13.32
N ARG I 6 -10.66 12.23 13.90
CA ARG I 6 -10.57 10.83 13.47
C ARG I 6 -11.26 10.55 12.13
N PRO I 7 -10.62 9.69 11.36
CA PRO I 7 -11.09 9.25 10.05
C PRO I 7 -12.42 8.54 10.27
N SER I 8 -13.26 8.85 9.33
CA SER I 8 -14.66 8.48 9.20
C SER I 8 -14.86 7.18 8.44
N VAL I 9 -15.70 6.39 9.10
CA VAL I 9 -16.09 5.08 8.61
C VAL I 9 -17.61 4.98 8.53
N VAL I 10 -18.06 4.51 7.40
CA VAL I 10 -19.53 4.29 7.18
C VAL I 10 -19.63 2.78 6.91
N TYR I 11 -20.37 2.07 7.75
CA TYR I 11 -20.53 0.59 7.76
C TYR I 11 -21.89 0.15 7.29
N LEU I 12 -21.92 -0.49 6.09
CA LEU I 12 -23.18 -0.94 5.49
C LEU I 12 -23.50 -2.43 5.70
N HIS I 13 -24.73 -2.74 6.02
CA HIS I 13 -25.18 -4.14 6.23
C HIS I 13 -26.13 -4.54 5.09
N ASN I 14 -25.77 -5.52 4.29
CA ASN I 14 -26.50 -6.07 3.16
C ASN I 14 -27.10 -7.45 3.43
N ALA I 15 -26.91 -8.41 2.56
CA ALA I 15 -27.41 -9.80 2.75
C ALA I 15 -26.33 -10.52 3.61
N GLU I 16 -26.51 -10.41 4.90
CA GLU I 16 -25.64 -10.90 5.93
C GLU I 16 -26.34 -11.55 7.10
N CYS I 17 -25.53 -12.13 7.95
CA CYS I 17 -25.94 -12.84 9.16
C CYS I 17 -25.53 -12.06 10.40
N THR I 18 -24.71 -11.04 10.21
CA THR I 18 -24.21 -10.15 11.23
C THR I 18 -23.10 -10.77 12.01
N GLY I 19 -22.60 -11.89 11.57
CA GLY I 19 -21.47 -12.52 12.28
C GLY I 19 -20.21 -11.75 11.92
N CYS I 20 -20.24 -10.95 10.87
CA CYS I 20 -19.05 -10.15 10.44
C CYS I 20 -18.94 -8.97 11.42
N SER I 21 -20.07 -8.35 11.77
CA SER I 21 -19.99 -7.30 12.83
C SER I 21 -19.65 -7.92 14.19
N GLU I 22 -20.22 -9.01 14.68
CA GLU I 22 -19.79 -9.54 15.98
C GLU I 22 -18.33 -9.89 15.98
N SER I 23 -17.74 -10.34 14.89
CA SER I 23 -16.28 -10.64 14.89
C SER I 23 -15.49 -9.39 15.21
N VAL I 24 -15.98 -8.29 14.82
CA VAL I 24 -15.36 -6.99 15.00
C VAL I 24 -15.24 -6.61 16.47
N LEU I 25 -16.31 -6.77 17.26
CA LEU I 25 -16.46 -6.55 18.69
C LEU I 25 -15.48 -7.41 19.48
N ARG I 26 -14.90 -8.42 18.83
CA ARG I 26 -13.93 -9.35 19.45
C ARG I 26 -12.51 -8.88 19.37
N THR I 27 -12.22 -7.85 18.61
CA THR I 27 -10.90 -7.24 18.49
C THR I 27 -10.33 -6.97 19.91
N VAL I 28 -9.03 -7.13 19.99
CA VAL I 28 -8.21 -7.01 21.22
C VAL I 28 -6.98 -6.21 20.79
N ASP I 29 -6.51 -5.25 21.62
CA ASP I 29 -5.33 -4.45 21.23
C ASP I 29 -5.38 -4.02 19.75
N PRO I 30 -6.26 -3.08 19.40
CA PRO I 30 -7.17 -2.37 20.28
C PRO I 30 -8.51 -3.01 20.49
N TYR I 31 -9.06 -2.72 21.66
CA TYR I 31 -10.41 -3.21 21.98
C TYR I 31 -11.33 -2.31 21.18
N VAL I 32 -12.56 -2.65 20.96
CA VAL I 32 -13.51 -1.91 20.18
C VAL I 32 -13.78 -0.51 20.69
N ASP I 33 -13.64 -0.27 21.96
CA ASP I 33 -13.80 1.04 22.64
C ASP I 33 -12.67 1.99 22.19
N GLU I 34 -11.43 1.50 22.19
CA GLU I 34 -10.26 2.25 21.73
C GLU I 34 -10.42 2.57 20.23
N LEU I 35 -10.91 1.61 19.48
CA LEU I 35 -11.15 1.70 18.05
C LEU I 35 -12.12 2.85 17.76
N ILE I 36 -13.31 2.73 18.21
CA ILE I 36 -14.48 3.63 18.12
C ILE I 36 -14.29 4.98 18.77
N LEU I 37 -13.51 5.13 19.80
CA LEU I 37 -13.29 6.39 20.47
C LEU I 37 -11.90 6.95 20.21
N ASP I 38 -10.95 6.25 19.67
CA ASP I 38 -9.62 6.86 19.52
C ASP I 38 -9.05 6.66 18.12
N VAL I 39 -9.45 5.58 17.43
CA VAL I 39 -8.82 5.38 16.12
C VAL I 39 -9.65 5.87 14.94
N ILE I 40 -10.95 5.62 14.97
CA ILE I 40 -11.75 6.03 13.83
C ILE I 40 -13.01 6.69 14.37
N SER I 41 -13.77 7.17 13.41
CA SER I 41 -15.07 7.70 13.78
C SER I 41 -16.12 6.79 13.11
N MET I 42 -16.82 6.02 13.92
CA MET I 42 -17.87 5.11 13.39
C MET I 42 -19.12 5.96 13.17
N ASP I 43 -19.26 6.51 11.99
CA ASP I 43 -20.39 7.40 11.69
C ASP I 43 -21.72 6.78 11.40
N TYR I 44 -21.72 5.60 10.81
CA TYR I 44 -22.95 4.86 10.46
C TYR I 44 -22.72 3.38 10.74
N HIS I 45 -23.55 2.82 11.62
CA HIS I 45 -23.44 1.36 11.94
C HIS I 45 -24.76 0.93 12.55
N GLU I 46 -25.65 0.38 11.82
CA GLU I 46 -26.99 -0.02 12.18
C GLU I 46 -27.13 -0.79 13.46
N THR I 47 -26.16 -1.59 13.77
CA THR I 47 -26.18 -2.44 14.96
C THR I 47 -25.93 -1.77 16.28
N LEU I 48 -25.24 -0.66 16.27
CA LEU I 48 -24.85 0.01 17.51
C LEU I 48 -25.45 1.38 17.70
N MET I 49 -26.17 1.86 16.72
CA MET I 49 -26.70 3.21 16.79
C MET I 49 -27.72 3.56 17.82
N ALA I 50 -27.58 4.77 18.40
CA ALA I 50 -28.53 5.24 19.42
C ALA I 50 -29.88 5.63 18.80
N GLY I 51 -29.84 6.46 17.75
CA GLY I 51 -31.10 6.93 17.10
C GLY I 51 -31.59 5.84 16.18
N ALA I 52 -32.75 5.87 15.59
CA ALA I 52 -33.29 4.86 14.68
C ALA I 52 -34.07 5.59 13.58
N GLY I 53 -34.57 4.90 12.61
CA GLY I 53 -35.41 5.41 11.51
C GLY I 53 -34.72 6.51 10.80
N HIS I 54 -35.37 7.58 10.46
CA HIS I 54 -34.83 8.73 9.74
C HIS I 54 -33.69 9.42 10.48
N ALA I 55 -33.51 9.38 11.81
CA ALA I 55 -32.34 10.06 12.41
C ALA I 55 -31.00 9.53 11.90
N VAL I 56 -30.96 8.20 11.70
CA VAL I 56 -29.83 7.44 11.20
C VAL I 56 -29.65 7.62 9.68
N GLU I 57 -30.70 7.72 8.92
CA GLU I 57 -30.56 7.95 7.48
C GLU I 57 -30.04 9.33 7.14
N GLU I 58 -30.30 10.32 7.98
CA GLU I 58 -29.82 11.69 7.83
C GLU I 58 -28.35 11.67 8.15
N ALA I 59 -27.93 10.87 9.08
CA ALA I 59 -26.52 10.65 9.46
C ALA I 59 -25.71 10.00 8.36
N LEU I 60 -26.28 8.93 7.81
CA LEU I 60 -25.53 8.27 6.72
C LEU I 60 -25.40 9.36 5.64
N HIS I 61 -26.48 10.03 5.30
CA HIS I 61 -26.52 11.07 4.24
C HIS I 61 -25.49 12.19 4.35
N GLU I 62 -25.23 12.69 5.56
CA GLU I 62 -24.23 13.71 5.77
C GLU I 62 -22.86 13.12 5.84
N ALA I 63 -22.73 11.92 6.40
CA ALA I 63 -21.36 11.36 6.48
C ALA I 63 -20.77 11.15 5.09
N ILE I 64 -21.58 10.75 4.11
CA ILE I 64 -21.09 10.47 2.76
C ILE I 64 -20.70 11.69 1.95
N LYS I 65 -20.98 12.87 2.52
CA LYS I 65 -20.60 14.15 1.89
C LYS I 65 -19.14 14.39 2.11
N GLY I 66 -18.46 13.77 3.06
CA GLY I 66 -17.08 13.90 3.36
C GLY I 66 -16.15 12.81 2.84
N ASP I 67 -15.05 12.79 3.57
CA ASP I 67 -13.92 11.89 3.35
C ASP I 67 -14.10 10.66 4.25
N PHE I 68 -14.43 9.54 3.60
CA PHE I 68 -14.63 8.34 4.44
C PHE I 68 -14.20 7.05 3.73
N VAL I 69 -14.09 6.07 4.61
CA VAL I 69 -13.80 4.71 4.19
C VAL I 69 -15.17 3.99 4.34
N CYS I 70 -15.47 3.18 3.33
CA CYS I 70 -16.73 2.43 3.31
C CYS I 70 -16.45 0.93 3.61
N VAL I 71 -17.18 0.41 4.59
CA VAL I 71 -17.10 -0.96 5.03
C VAL I 71 -18.44 -1.59 4.60
N ILE I 72 -18.40 -2.57 3.77
CA ILE I 72 -19.62 -3.24 3.33
C ILE I 72 -19.65 -4.67 3.88
N GLU I 73 -20.59 -5.09 4.68
CA GLU I 73 -20.77 -6.45 5.20
C GLU I 73 -21.96 -7.07 4.45
N GLY I 74 -21.89 -8.30 3.98
CA GLY I 74 -23.00 -9.00 3.31
C GLY I 74 -22.89 -8.95 1.81
N GLY I 75 -23.61 -9.83 1.12
CA GLY I 75 -23.54 -9.88 -0.35
C GLY I 75 -24.64 -8.93 -0.79
N ILE I 76 -24.64 -8.58 -2.08
CA ILE I 76 -25.68 -7.68 -2.64
C ILE I 76 -26.64 -8.45 -3.54
N PRO I 77 -27.91 -8.51 -3.17
CA PRO I 77 -28.94 -9.17 -3.94
C PRO I 77 -29.22 -8.36 -5.20
N MET I 78 -29.21 -9.15 -6.27
CA MET I 78 -29.44 -8.52 -7.59
C MET I 78 -30.42 -9.17 -8.49
N GLY I 79 -31.01 -10.27 -8.07
CA GLY I 79 -31.96 -10.92 -8.94
C GLY I 79 -33.30 -10.16 -8.74
N ASP I 80 -33.96 -10.25 -9.87
CA ASP I 80 -35.28 -9.75 -10.20
C ASP I 80 -35.29 -8.26 -9.86
N GLY I 81 -34.14 -7.63 -9.87
CA GLY I 81 -34.13 -6.22 -9.53
C GLY I 81 -33.57 -5.92 -8.14
N GLY I 82 -33.31 -6.92 -7.33
CA GLY I 82 -32.72 -6.71 -6.01
C GLY I 82 -33.70 -6.30 -4.94
N TYR I 83 -34.97 -6.59 -5.11
CA TYR I 83 -35.90 -6.19 -4.02
C TYR I 83 -35.87 -7.08 -2.82
N TRP I 84 -35.16 -8.18 -2.83
CA TRP I 84 -34.94 -9.22 -1.81
C TRP I 84 -34.29 -8.70 -0.52
N GLY I 85 -33.57 -7.61 -0.72
CA GLY I 85 -32.83 -6.93 0.37
C GLY I 85 -33.14 -5.43 0.32
N LYS I 86 -33.80 -4.92 1.32
CA LYS I 86 -34.16 -3.54 1.48
C LYS I 86 -33.82 -2.98 2.89
N VAL I 87 -33.43 -1.71 2.85
CA VAL I 87 -33.19 -0.92 4.05
C VAL I 87 -33.97 0.39 3.83
N GLY I 88 -34.97 0.74 4.58
CA GLY I 88 -35.65 2.02 4.29
C GLY I 88 -36.60 2.03 3.11
N GLY I 89 -36.71 0.88 2.45
CA GLY I 89 -37.56 0.73 1.27
C GLY I 89 -36.65 0.74 0.05
N ARG I 90 -35.40 1.09 0.24
CA ARG I 90 -34.45 1.13 -0.89
C ARG I 90 -33.70 -0.17 -1.05
N ASN I 91 -33.55 -0.74 -2.21
CA ASN I 91 -32.80 -1.96 -2.44
C ASN I 91 -31.37 -1.72 -2.02
N MET I 92 -30.76 -2.73 -1.44
CA MET I 92 -29.36 -2.77 -1.00
C MET I 92 -28.44 -2.36 -2.16
N TYR I 93 -28.69 -2.86 -3.35
CA TYR I 93 -27.80 -2.48 -4.45
C TYR I 93 -27.89 -0.96 -4.65
N ASP I 94 -29.04 -0.33 -4.53
CA ASP I 94 -29.18 1.15 -4.71
C ASP I 94 -28.40 1.88 -3.63
N ILE I 95 -28.56 1.52 -2.37
CA ILE I 95 -27.76 2.17 -1.32
C ILE I 95 -26.28 2.07 -1.58
N CYS I 96 -25.71 0.93 -1.90
CA CYS I 96 -24.32 0.68 -2.18
C CYS I 96 -23.80 1.40 -3.41
N ALA I 97 -24.65 1.40 -4.40
CA ALA I 97 -24.25 2.08 -5.69
C ALA I 97 -24.04 3.59 -5.42
N GLU I 98 -24.81 4.13 -4.48
CA GLU I 98 -24.76 5.51 -4.07
C GLU I 98 -23.60 5.75 -3.12
N VAL I 99 -23.43 4.95 -2.08
CA VAL I 99 -22.39 5.15 -1.12
C VAL I 99 -21.00 4.79 -1.49
N ALA I 100 -20.81 3.56 -1.92
CA ALA I 100 -19.49 2.99 -2.21
C ALA I 100 -18.61 3.84 -3.07
N PRO I 101 -19.06 4.29 -4.21
CA PRO I 101 -18.27 5.11 -5.14
C PRO I 101 -17.84 6.43 -4.56
N LYS I 102 -18.52 6.97 -3.54
CA LYS I 102 -18.02 8.25 -2.96
C LYS I 102 -16.96 8.05 -1.89
N ALA I 103 -16.64 6.84 -1.46
CA ALA I 103 -15.65 6.55 -0.39
C ALA I 103 -14.20 6.65 -0.80
N LYS I 104 -13.26 6.88 0.08
CA LYS I 104 -11.86 6.93 -0.32
C LYS I 104 -11.25 5.53 -0.57
N ALA I 105 -11.84 4.54 0.04
CA ALA I 105 -11.51 3.14 0.01
C ALA I 105 -12.79 2.41 0.43
N VAL I 106 -12.92 1.23 -0.11
CA VAL I 106 -14.06 0.33 0.23
C VAL I 106 -13.41 -0.96 0.74
N ILE I 107 -13.95 -1.44 1.82
CA ILE I 107 -13.46 -2.71 2.41
C ILE I 107 -14.62 -3.72 2.42
N ALA I 108 -14.49 -4.86 1.73
CA ALA I 108 -15.53 -5.90 1.70
C ALA I 108 -15.24 -6.84 2.89
N ILE I 109 -16.07 -6.93 3.93
CA ILE I 109 -15.81 -7.77 5.13
C ILE I 109 -16.61 -9.05 5.09
N GLY I 110 -15.94 -10.20 5.14
CA GLY I 110 -16.69 -11.49 5.16
C GLY I 110 -16.82 -12.02 3.76
N THR I 111 -16.78 -13.34 3.64
CA THR I 111 -16.89 -14.02 2.33
C THR I 111 -18.14 -13.65 1.59
N CYS I 112 -19.15 -13.21 2.31
CA CYS I 112 -20.39 -12.80 1.61
C CYS I 112 -20.16 -11.48 0.85
N ALA I 113 -19.57 -10.48 1.48
CA ALA I 113 -19.31 -9.19 0.82
C ALA I 113 -18.26 -9.36 -0.24
N THR I 114 -17.24 -10.15 0.03
CA THR I 114 -16.14 -10.38 -0.91
C THR I 114 -16.54 -11.18 -2.11
N TYR I 115 -17.19 -12.35 -1.91
CA TYR I 115 -17.61 -13.23 -2.99
C TYR I 115 -19.07 -13.57 -3.11
N GLY I 116 -20.02 -13.40 -2.26
CA GLY I 116 -21.42 -13.84 -2.52
C GLY I 116 -21.99 -14.51 -1.27
N GLY I 117 -21.17 -15.37 -0.69
CA GLY I 117 -21.37 -16.11 0.52
C GLY I 117 -22.48 -17.12 0.49
N VAL I 118 -22.92 -17.42 1.70
CA VAL I 118 -23.98 -18.43 1.93
C VAL I 118 -25.19 -18.25 1.07
N GLN I 119 -25.81 -17.08 0.97
CA GLN I 119 -27.01 -16.90 0.14
C GLN I 119 -26.74 -17.01 -1.36
N ALA I 120 -25.47 -17.03 -1.73
CA ALA I 120 -25.06 -17.16 -3.14
C ALA I 120 -24.81 -18.65 -3.46
N ALA I 121 -24.85 -19.58 -2.52
CA ALA I 121 -24.68 -21.01 -2.81
C ALA I 121 -25.87 -21.38 -3.69
N LYS I 122 -25.73 -22.47 -4.44
CA LYS I 122 -26.80 -22.96 -5.37
C LYS I 122 -28.11 -23.20 -4.61
N PRO I 123 -29.23 -22.84 -5.15
CA PRO I 123 -29.38 -22.19 -6.45
C PRO I 123 -29.42 -20.66 -6.45
N ASN I 124 -28.92 -20.01 -5.40
CA ASN I 124 -28.89 -18.53 -5.30
C ASN I 124 -30.24 -17.92 -5.62
N PRO I 125 -31.23 -18.21 -4.78
CA PRO I 125 -32.58 -17.68 -5.02
C PRO I 125 -32.67 -16.17 -5.31
N THR I 126 -31.87 -15.36 -4.60
CA THR I 126 -31.86 -13.91 -4.65
C THR I 126 -30.89 -13.23 -5.59
N GLY I 127 -30.09 -13.98 -6.29
CA GLY I 127 -29.11 -13.41 -7.22
C GLY I 127 -28.02 -12.62 -6.48
N THR I 128 -27.63 -12.98 -5.26
CA THR I 128 -26.60 -12.28 -4.52
C THR I 128 -25.22 -12.44 -5.13
N VAL I 129 -24.41 -11.38 -5.02
CA VAL I 129 -23.06 -11.32 -5.54
C VAL I 129 -22.22 -10.49 -4.57
N GLY I 130 -20.91 -10.58 -4.73
CA GLY I 130 -20.03 -9.80 -3.84
C GLY I 130 -19.98 -8.40 -4.42
N VAL I 131 -19.33 -7.57 -3.69
CA VAL I 131 -19.10 -6.14 -3.91
C VAL I 131 -18.43 -5.84 -5.20
N ASN I 132 -17.20 -6.29 -5.39
CA ASN I 132 -16.55 -6.04 -6.72
C ASN I 132 -17.36 -6.61 -7.86
N GLU I 133 -18.16 -7.67 -7.73
CA GLU I 133 -18.91 -8.17 -8.88
C GLU I 133 -20.09 -7.26 -9.14
N ALA I 134 -20.71 -6.73 -8.10
CA ALA I 134 -21.85 -5.85 -8.28
C ALA I 134 -21.52 -4.43 -8.66
N LEU I 135 -20.56 -3.83 -8.02
CA LEU I 135 -20.16 -2.45 -8.23
C LEU I 135 -18.87 -2.14 -8.98
N GLY I 136 -18.18 -3.14 -9.48
CA GLY I 136 -16.92 -3.04 -10.22
C GLY I 136 -17.14 -2.05 -11.34
N LYS I 137 -18.25 -2.10 -12.02
CA LYS I 137 -18.59 -1.18 -13.12
C LYS I 137 -18.87 0.25 -12.66
N LEU I 138 -18.94 0.65 -11.42
CA LEU I 138 -19.19 1.96 -10.87
C LEU I 138 -17.81 2.41 -10.39
N GLY I 139 -16.84 1.58 -10.71
CA GLY I 139 -15.45 1.83 -10.35
C GLY I 139 -15.07 1.31 -8.99
N VAL I 140 -15.87 0.55 -8.26
CA VAL I 140 -15.48 0.03 -6.94
C VAL I 140 -14.57 -1.19 -7.14
N LYS I 141 -13.45 -1.08 -6.46
CA LYS I 141 -12.38 -2.03 -6.34
C LYS I 141 -12.18 -2.19 -4.82
N ALA I 142 -12.94 -3.00 -4.11
CA ALA I 142 -12.86 -3.24 -2.68
C ALA I 142 -11.73 -4.13 -2.24
N ILE I 143 -11.22 -3.94 -1.06
CA ILE I 143 -10.17 -4.78 -0.45
C ILE I 143 -10.99 -5.98 0.09
N ASN I 144 -10.63 -7.21 -0.25
CA ASN I 144 -11.49 -8.32 0.25
C ASN I 144 -10.99 -8.96 1.53
N ILE I 145 -11.63 -8.85 2.67
CA ILE I 145 -11.20 -9.52 3.89
C ILE I 145 -12.09 -10.77 3.97
N ALA I 146 -11.54 -11.87 3.52
CA ALA I 146 -12.26 -13.17 3.48
C ALA I 146 -12.26 -13.93 4.81
N GLY I 147 -13.28 -14.80 4.86
CA GLY I 147 -13.50 -15.60 6.07
C GLY I 147 -15.00 -15.41 6.35
N CYS I 148 -15.44 -16.38 7.18
CA CYS I 148 -16.86 -16.51 7.52
C CYS I 148 -17.09 -16.80 8.98
N PRO I 149 -16.80 -15.86 9.87
CA PRO I 149 -16.25 -14.52 9.56
C PRO I 149 -14.73 -14.52 9.59
N PRO I 150 -14.09 -13.38 9.19
CA PRO I 150 -12.64 -13.24 9.15
C PRO I 150 -12.13 -13.12 10.56
N ASN I 151 -10.86 -13.25 10.75
CA ASN I 151 -10.20 -13.07 12.09
C ASN I 151 -10.34 -11.59 12.41
N PRO I 152 -10.74 -11.12 13.58
CA PRO I 152 -10.85 -9.67 13.88
C PRO I 152 -9.59 -8.94 13.48
N MET I 153 -8.46 -9.53 13.67
CA MET I 153 -7.14 -9.03 13.34
C MET I 153 -6.97 -8.61 11.89
N ASN I 154 -7.56 -9.38 10.99
CA ASN I 154 -7.39 -9.11 9.56
C ASN I 154 -8.20 -7.92 9.09
N PHE I 155 -9.27 -7.62 9.81
CA PHE I 155 -10.10 -6.49 9.36
C PHE I 155 -9.55 -5.22 9.99
N VAL I 156 -9.39 -5.20 11.29
CA VAL I 156 -8.86 -4.06 12.05
C VAL I 156 -7.44 -3.76 11.64
N GLY I 157 -6.64 -4.72 11.34
CA GLY I 157 -5.22 -4.59 10.96
C GLY I 157 -5.17 -4.01 9.56
N THR I 158 -6.21 -4.20 8.79
CA THR I 158 -6.25 -3.60 7.45
C THR I 158 -6.74 -2.15 7.55
N VAL I 159 -7.68 -1.85 8.41
CA VAL I 159 -8.17 -0.49 8.59
C VAL I 159 -6.96 0.32 9.07
N VAL I 160 -6.37 -0.12 10.16
CA VAL I 160 -5.21 0.62 10.69
C VAL I 160 -4.11 0.75 9.66
N HIS I 161 -3.89 -0.25 8.81
CA HIS I 161 -2.80 -0.22 7.79
C HIS I 161 -3.08 0.90 6.81
N LEU I 162 -4.32 0.81 6.35
CA LEU I 162 -4.86 1.73 5.37
C LEU I 162 -4.68 3.16 5.87
N LEU I 163 -4.86 3.35 7.16
CA LEU I 163 -4.82 4.64 7.83
C LEU I 163 -3.40 5.02 8.17
N THR I 164 -2.50 4.06 8.28
CA THR I 164 -1.13 4.41 8.66
C THR I 164 -0.19 4.32 7.49
N LYS I 165 -0.09 3.16 6.88
CA LYS I 165 0.78 2.93 5.74
C LYS I 165 0.17 3.00 4.39
N GLY I 166 -1.10 2.92 4.11
CA GLY I 166 -1.57 3.01 2.70
C GLY I 166 -2.23 1.71 2.31
N MET I 167 -2.42 1.57 1.03
CA MET I 167 -3.08 0.38 0.44
C MET I 167 -2.26 -0.90 0.48
N PRO I 168 -2.79 -1.94 1.11
CA PRO I 168 -2.01 -3.20 1.21
C PRO I 168 -1.95 -3.87 -0.14
N GLU I 169 -0.92 -4.68 -0.32
CA GLU I 169 -0.76 -5.46 -1.57
C GLU I 169 -1.85 -6.56 -1.48
N LEU I 170 -2.50 -6.79 -2.59
CA LEU I 170 -3.55 -7.79 -2.64
C LEU I 170 -3.19 -9.02 -3.46
N ASP I 171 -3.89 -10.11 -3.32
CA ASP I 171 -3.66 -11.35 -4.11
C ASP I 171 -4.67 -11.20 -5.22
N LYS I 172 -4.78 -12.12 -6.14
CA LYS I 172 -5.74 -11.95 -7.25
C LYS I 172 -7.17 -12.08 -6.81
N GLN I 173 -7.33 -12.50 -5.58
CA GLN I 173 -8.69 -12.73 -5.06
C GLN I 173 -9.09 -11.52 -4.27
N GLY I 174 -8.26 -10.51 -4.31
CA GLY I 174 -8.50 -9.25 -3.62
C GLY I 174 -8.10 -9.24 -2.17
N ARG I 175 -7.44 -10.25 -1.62
CA ARG I 175 -7.15 -10.23 -0.19
C ARG I 175 -5.76 -9.75 0.10
N PRO I 176 -5.58 -8.98 1.16
CA PRO I 176 -4.28 -8.47 1.54
C PRO I 176 -3.30 -9.63 1.73
N VAL I 177 -2.30 -9.75 0.86
CA VAL I 177 -1.28 -10.80 1.05
C VAL I 177 -0.69 -10.84 2.46
N MET I 178 -0.69 -9.78 3.25
CA MET I 178 -0.06 -9.84 4.57
C MET I 178 -0.78 -10.80 5.51
N PHE I 179 -2.02 -11.08 5.22
CA PHE I 179 -2.86 -11.93 6.08
C PHE I 179 -3.26 -13.26 5.39
N PHE I 180 -3.55 -13.26 4.10
CA PHE I 180 -3.97 -14.33 3.28
C PHE I 180 -2.86 -14.81 2.36
N GLY I 181 -1.59 -14.62 2.64
CA GLY I 181 -0.55 -15.08 1.72
C GLY I 181 -0.13 -16.52 1.83
N GLU I 182 -0.46 -17.22 2.92
CA GLU I 182 -0.09 -18.67 3.06
C GLU I 182 -1.31 -19.49 3.39
N THR I 183 -1.25 -20.77 3.08
CA THR I 183 -2.45 -21.61 3.33
C THR I 183 -2.49 -22.00 4.78
N VAL I 184 -3.62 -22.38 5.27
CA VAL I 184 -3.77 -22.84 6.68
C VAL I 184 -2.88 -24.06 6.92
N HIS I 185 -2.74 -24.92 5.91
CA HIS I 185 -1.99 -26.19 5.99
C HIS I 185 -0.53 -25.95 6.29
N ASP I 186 0.02 -24.94 5.62
CA ASP I 186 1.41 -24.55 5.73
C ASP I 186 1.72 -24.14 7.14
N ASN I 187 0.78 -23.71 7.93
CA ASN I 187 1.05 -23.33 9.32
C ASN I 187 0.38 -24.26 10.30
N CYS I 188 -0.31 -25.26 9.80
CA CYS I 188 -1.00 -26.19 10.71
C CYS I 188 -0.06 -26.99 11.57
N PRO I 189 -0.24 -27.06 12.86
CA PRO I 189 0.55 -27.90 13.76
C PRO I 189 0.32 -29.42 13.57
N ARG I 190 -0.74 -29.88 12.92
CA ARG I 190 -0.99 -31.31 12.71
C ARG I 190 -0.18 -31.69 11.48
N LEU I 191 0.61 -30.73 10.95
CA LEU I 191 1.47 -30.95 9.76
C LEU I 191 2.53 -32.04 10.04
N LYS I 192 2.89 -32.14 11.32
CA LYS I 192 3.84 -33.16 11.77
C LYS I 192 3.18 -34.53 11.52
N HIS I 193 1.94 -34.71 11.92
CA HIS I 193 1.20 -35.95 11.68
C HIS I 193 1.08 -36.27 10.20
N PHE I 194 0.85 -35.29 9.43
CA PHE I 194 0.64 -35.33 7.98
C PHE I 194 1.88 -35.84 7.26
N GLU I 195 2.93 -35.16 7.69
CA GLU I 195 4.22 -35.49 7.10
C GLU I 195 4.57 -36.94 7.48
N ALA I 196 4.23 -37.40 8.65
CA ALA I 196 4.44 -38.72 9.17
C ALA I 196 3.45 -39.74 8.59
N GLY I 197 2.52 -39.32 7.78
CA GLY I 197 1.57 -40.28 7.19
C GLY I 197 0.65 -40.82 8.23
N GLU I 198 0.19 -39.96 9.14
CA GLU I 198 -0.76 -40.27 10.21
C GLU I 198 -2.05 -39.46 10.13
N PHE I 199 -3.14 -40.09 9.74
CA PHE I 199 -4.45 -39.62 9.43
C PHE I 199 -5.59 -40.24 10.22
N ALA I 200 -6.59 -39.40 10.50
CA ALA I 200 -7.79 -39.87 11.20
C ALA I 200 -8.78 -40.16 10.07
N THR I 201 -9.46 -41.31 10.16
CA THR I 201 -10.46 -41.70 9.16
C THR I 201 -11.84 -41.72 9.82
N SER I 202 -11.86 -41.42 11.12
CA SER I 202 -13.17 -41.30 11.80
C SER I 202 -12.89 -40.45 13.05
N PHE I 203 -13.97 -39.76 13.40
CA PHE I 203 -14.01 -38.86 14.54
C PHE I 203 -13.93 -39.60 15.85
N GLY I 204 -14.42 -40.81 16.01
CA GLY I 204 -14.32 -41.48 17.29
C GLY I 204 -13.16 -42.44 17.45
N SER I 205 -12.28 -42.53 16.51
CA SER I 205 -11.11 -43.41 16.51
C SER I 205 -9.93 -42.91 17.31
N PRO I 206 -9.04 -43.82 17.67
CA PRO I 206 -7.85 -43.50 18.44
C PRO I 206 -6.98 -42.48 17.75
N GLU I 207 -7.04 -42.45 16.44
CA GLU I 207 -6.18 -41.48 15.68
C GLU I 207 -6.69 -40.03 15.84
N ALA I 208 -8.01 -39.85 15.90
CA ALA I 208 -8.82 -38.68 16.11
C ALA I 208 -8.48 -38.15 17.51
N LYS I 209 -8.53 -39.12 18.46
CA LYS I 209 -8.16 -38.79 19.83
C LYS I 209 -6.71 -38.38 19.95
N LYS I 210 -5.84 -38.82 19.07
CA LYS I 210 -4.40 -38.54 19.12
C LYS I 210 -4.11 -37.25 18.34
N GLY I 211 -5.11 -36.66 17.70
CA GLY I 211 -4.90 -35.42 17.00
C GLY I 211 -4.17 -35.62 15.70
N TYR I 212 -4.52 -36.70 15.02
CA TYR I 212 -3.83 -36.92 13.71
C TYR I 212 -4.42 -35.94 12.68
N CYS I 213 -3.87 -35.90 11.49
CA CYS I 213 -4.32 -35.05 10.37
C CYS I 213 -5.72 -35.40 9.96
N LEU I 214 -6.57 -34.43 9.64
CA LEU I 214 -7.98 -34.53 9.26
C LEU I 214 -8.18 -34.53 7.78
N TYR I 215 -7.14 -34.62 7.00
CA TYR I 215 -7.21 -34.58 5.56
C TYR I 215 -8.26 -35.52 5.03
N GLU I 216 -8.23 -36.77 5.53
CA GLU I 216 -9.16 -37.84 5.07
C GLU I 216 -10.56 -37.55 5.49
N LEU I 217 -10.74 -36.76 6.53
CA LEU I 217 -11.99 -36.28 7.10
C LEU I 217 -12.40 -34.93 6.47
N GLY I 218 -11.89 -34.57 5.33
CA GLY I 218 -12.21 -33.43 4.54
C GLY I 218 -11.56 -32.10 4.86
N CYS I 219 -10.51 -32.03 5.58
CA CYS I 219 -9.83 -30.79 5.89
C CYS I 219 -9.44 -30.15 4.57
N LYS I 220 -9.84 -28.90 4.37
CA LYS I 220 -9.59 -28.14 3.14
C LYS I 220 -8.43 -27.20 3.33
N GLY I 221 -7.74 -27.38 4.42
CA GLY I 221 -6.56 -26.66 4.80
C GLY I 221 -5.57 -26.48 3.68
N PRO I 222 -5.17 -27.47 2.91
CA PRO I 222 -4.17 -27.33 1.85
C PRO I 222 -4.59 -26.36 0.77
N ASP I 223 -5.87 -26.06 0.68
CA ASP I 223 -6.40 -25.15 -0.31
C ASP I 223 -6.83 -23.80 0.24
N THR I 224 -6.79 -23.53 1.52
CA THR I 224 -7.33 -22.30 2.06
C THR I 224 -6.27 -21.32 2.49
N TYR I 225 -6.47 -20.09 2.02
CA TYR I 225 -5.55 -19.03 2.42
C TYR I 225 -6.12 -18.27 3.60
N ASN I 226 -5.42 -18.39 4.71
CA ASN I 226 -5.96 -17.68 5.92
C ASN I 226 -4.85 -17.83 6.93
N ASN I 227 -4.90 -17.18 8.05
CA ASN I 227 -3.86 -17.25 9.09
C ASN I 227 -4.33 -17.76 10.44
N CYS I 228 -5.33 -18.58 10.40
CA CYS I 228 -6.00 -19.24 11.51
C CYS I 228 -5.05 -19.90 12.49
N PRO I 229 -4.21 -20.79 12.01
CA PRO I 229 -3.26 -21.50 12.90
C PRO I 229 -2.33 -20.59 13.67
N LYS I 230 -1.81 -19.56 13.03
CA LYS I 230 -0.88 -18.64 13.69
C LYS I 230 -1.58 -17.57 14.51
N GLN I 231 -2.74 -17.02 14.11
CA GLN I 231 -3.37 -16.01 14.93
C GLN I 231 -4.33 -16.54 15.97
N LEU I 232 -4.94 -17.69 15.67
CA LEU I 232 -5.96 -18.23 16.60
C LEU I 232 -7.17 -17.28 16.47
N PHE I 233 -8.21 -17.67 17.13
CA PHE I 233 -9.47 -16.99 17.25
C PHE I 233 -9.69 -16.84 18.77
N ASN I 234 -10.18 -15.68 19.19
CA ASN I 234 -10.48 -15.42 20.62
C ASN I 234 -9.21 -15.58 21.47
N GLN I 235 -8.14 -15.44 20.74
CA GLN I 235 -6.78 -15.56 21.32
C GLN I 235 -6.70 -17.00 21.89
N VAL I 236 -7.52 -17.95 21.45
CA VAL I 236 -7.51 -19.28 22.08
C VAL I 236 -7.64 -20.53 21.29
N ASN I 237 -8.25 -20.63 20.12
CA ASN I 237 -8.45 -21.86 19.40
C ASN I 237 -8.73 -21.63 17.92
N TRP I 238 -8.76 -22.66 17.13
CA TRP I 238 -9.09 -22.65 15.70
C TRP I 238 -9.66 -24.05 15.41
N PRO I 239 -10.46 -24.11 14.37
CA PRO I 239 -11.17 -25.35 14.01
C PRO I 239 -10.36 -26.62 14.15
N VAL I 240 -9.20 -26.78 13.59
CA VAL I 240 -8.38 -27.97 13.53
C VAL I 240 -7.85 -28.37 14.87
N GLN I 241 -7.60 -27.38 15.69
CA GLN I 241 -7.17 -27.59 17.10
C GLN I 241 -8.38 -28.20 17.86
N ALA I 242 -9.61 -27.83 17.51
CA ALA I 242 -10.82 -28.36 18.15
C ALA I 242 -11.28 -29.65 17.46
N GLY I 243 -10.32 -30.18 16.72
CA GLY I 243 -10.41 -31.40 15.94
C GLY I 243 -11.39 -31.41 14.83
N HIS I 244 -11.74 -30.26 14.30
CA HIS I 244 -12.71 -30.24 13.15
C HIS I 244 -11.90 -29.77 11.94
N PRO I 245 -12.16 -30.40 10.81
CA PRO I 245 -11.41 -29.99 9.60
C PRO I 245 -11.80 -28.56 9.19
N CYS I 246 -10.91 -27.92 8.46
CA CYS I 246 -11.08 -26.60 7.87
C CYS I 246 -12.09 -26.74 6.73
N ILE I 247 -13.09 -25.86 6.63
CA ILE I 247 -14.09 -25.88 5.58
C ILE I 247 -13.77 -24.91 4.45
N ALA I 248 -12.59 -24.36 4.32
CA ALA I 248 -12.22 -23.40 3.27
C ALA I 248 -13.11 -22.17 3.30
N CYS I 249 -13.38 -21.62 4.46
CA CYS I 249 -14.33 -20.49 4.64
C CYS I 249 -13.85 -19.14 4.12
N SER I 250 -12.64 -18.96 3.69
CA SER I 250 -12.08 -17.74 3.17
C SER I 250 -11.89 -17.83 1.69
N GLU I 251 -12.47 -18.83 1.02
CA GLU I 251 -12.29 -18.98 -0.42
C GLU I 251 -13.55 -18.76 -1.21
N PRO I 252 -13.33 -18.17 -2.39
CA PRO I 252 -14.45 -17.98 -3.32
C PRO I 252 -15.14 -19.33 -3.53
N ASN I 253 -16.44 -19.30 -3.46
CA ASN I 253 -17.37 -20.38 -3.66
C ASN I 253 -17.21 -21.58 -2.78
N PHE I 254 -16.60 -21.42 -1.62
CA PHE I 254 -16.39 -22.61 -0.76
C PHE I 254 -17.62 -23.45 -0.57
N TRP I 255 -18.77 -22.85 -0.45
CA TRP I 255 -20.07 -23.46 -0.16
C TRP I 255 -20.42 -24.55 -1.13
N ASP I 256 -20.02 -24.35 -2.35
CA ASP I 256 -20.31 -25.29 -3.46
C ASP I 256 -19.02 -26.03 -3.86
N LEU I 257 -17.96 -25.26 -3.95
CA LEU I 257 -16.68 -25.82 -4.34
C LEU I 257 -16.10 -26.81 -3.33
N TYR I 258 -16.30 -26.61 -2.05
CA TYR I 258 -15.68 -27.40 -1.00
C TYR I 258 -16.58 -28.25 -0.16
N SER I 259 -17.82 -28.32 -0.52
CA SER I 259 -18.80 -29.18 0.19
C SER I 259 -18.95 -30.34 -0.81
N PRO I 260 -19.24 -31.56 -0.41
CA PRO I 260 -19.44 -32.09 0.94
C PRO I 260 -18.16 -32.00 1.75
N PHE I 261 -18.34 -31.34 2.85
CA PHE I 261 -17.29 -30.98 3.78
C PHE I 261 -16.50 -32.09 4.41
N TYR I 262 -17.02 -33.26 4.65
CA TYR I 262 -16.31 -34.32 5.35
C TYR I 262 -15.70 -35.35 4.44
N SER I 263 -15.44 -34.91 3.24
CA SER I 263 -14.80 -35.84 2.29
C SER I 263 -13.80 -35.03 1.48
N ALA I 264 -12.63 -35.61 1.29
CA ALA I 264 -11.53 -35.02 0.53
C ALA I 264 -12.01 -34.96 -0.94
N ASN J 7 -52.88 8.70 11.91
CA ASN J 7 -51.57 8.86 11.24
C ASN J 7 -50.61 7.75 11.71
N LYS J 8 -49.68 7.54 10.80
CA LYS J 8 -48.64 6.54 10.88
C LYS J 8 -47.30 7.09 11.31
N ILE J 9 -46.54 6.16 11.88
CA ILE J 9 -45.18 6.40 12.33
C ILE J 9 -44.44 5.19 11.72
N VAL J 10 -43.39 5.43 10.99
CA VAL J 10 -42.61 4.33 10.47
C VAL J 10 -41.19 4.44 11.03
N VAL J 11 -40.67 3.28 11.51
CA VAL J 11 -39.27 3.30 12.02
C VAL J 11 -38.51 2.28 11.12
N ASP J 12 -37.68 2.80 10.23
CA ASP J 12 -36.89 2.04 9.29
C ASP J 12 -35.57 2.74 8.89
N PRO J 13 -34.40 2.20 9.26
CA PRO J 13 -34.27 0.97 10.02
C PRO J 13 -34.47 1.07 11.51
N ILE J 14 -34.84 -0.07 12.08
CA ILE J 14 -34.87 -0.15 13.56
C ILE J 14 -33.37 -0.49 13.81
N THR J 15 -32.62 0.20 14.61
CA THR J 15 -31.21 -0.02 14.92
C THR J 15 -31.09 -0.82 16.20
N ARG J 16 -29.91 -1.22 16.59
CA ARG J 16 -29.72 -2.00 17.83
C ARG J 16 -30.47 -3.30 17.93
N ILE J 17 -30.61 -4.00 16.85
CA ILE J 17 -31.18 -5.32 16.61
C ILE J 17 -30.23 -5.96 15.57
N GLU J 18 -30.51 -7.19 15.19
CA GLU J 18 -29.83 -7.97 14.16
C GLU J 18 -30.75 -7.99 12.91
N GLY J 19 -30.23 -7.65 11.74
CA GLY J 19 -31.01 -7.74 10.52
C GLY J 19 -31.85 -6.56 10.18
N HIS J 20 -32.63 -6.73 9.12
CA HIS J 20 -33.47 -5.64 8.59
C HIS J 20 -34.89 -5.67 8.98
N LEU J 21 -35.31 -4.78 9.87
CA LEU J 21 -36.72 -4.69 10.29
C LEU J 21 -37.28 -3.28 10.06
N ARG J 22 -38.52 -3.21 9.66
CA ARG J 22 -39.19 -1.90 9.48
C ARG J 22 -40.44 -1.93 10.33
N ILE J 23 -40.76 -0.97 11.16
CA ILE J 23 -41.98 -1.00 11.97
C ILE J 23 -42.90 0.15 11.51
N GLU J 24 -44.12 -0.18 11.26
CA GLU J 24 -45.09 0.86 10.87
C GLU J 24 -46.23 0.76 11.89
N VAL J 25 -46.60 1.89 12.47
CA VAL J 25 -47.70 1.99 13.42
C VAL J 25 -48.66 3.14 13.09
N GLU J 26 -49.87 2.92 13.57
CA GLU J 26 -50.98 3.85 13.48
C GLU J 26 -51.16 4.41 14.91
N VAL J 27 -51.10 5.71 15.04
CA VAL J 27 -51.31 6.39 16.35
C VAL J 27 -52.69 7.02 16.31
N GLU J 28 -53.27 7.20 17.48
CA GLU J 28 -54.63 7.74 17.71
C GLU J 28 -54.66 8.13 19.17
N GLY J 29 -54.70 9.43 19.45
CA GLY J 29 -54.73 9.87 20.86
C GLY J 29 -53.48 9.57 21.66
N GLY J 30 -52.35 9.62 20.94
CA GLY J 30 -51.00 9.43 21.50
C GLY J 30 -50.65 7.98 21.82
N LYS J 31 -51.54 7.10 21.35
CA LYS J 31 -51.31 5.68 21.64
C LYS J 31 -51.31 4.85 20.37
N ILE J 32 -50.44 3.85 20.37
CA ILE J 32 -50.37 2.96 19.19
C ILE J 32 -51.74 2.30 19.13
N LYS J 33 -52.41 2.31 18.03
CA LYS J 33 -53.69 1.71 17.77
C LYS J 33 -53.64 0.51 16.83
N ASN J 34 -52.68 0.34 15.96
CA ASN J 34 -52.42 -0.77 15.06
C ASN J 34 -50.91 -0.91 14.77
N ALA J 35 -50.50 -2.09 14.35
CA ALA J 35 -49.03 -2.24 14.11
C ALA J 35 -48.71 -3.34 13.11
N TRP J 36 -47.62 -3.19 12.38
CA TRP J 36 -47.16 -4.13 11.34
C TRP J 36 -45.65 -4.32 11.51
N SER J 37 -45.23 -5.56 11.58
CA SER J 37 -43.77 -5.89 11.76
C SER J 37 -43.25 -6.31 10.39
N MET J 38 -42.40 -5.49 9.77
CA MET J 38 -41.98 -5.79 8.38
C MET J 38 -40.53 -6.24 8.26
N SER J 39 -40.28 -7.51 7.97
CA SER J 39 -38.92 -8.03 7.82
C SER J 39 -38.57 -7.84 6.36
N THR J 40 -37.50 -7.11 6.07
CA THR J 40 -37.10 -6.71 4.73
C THR J 40 -35.90 -7.31 4.02
N LEU J 41 -35.36 -8.44 4.46
CA LEU J 41 -34.27 -9.12 3.75
C LEU J 41 -34.63 -10.62 3.66
N PHE J 42 -34.47 -11.28 2.56
CA PHE J 42 -34.74 -12.72 2.40
C PHE J 42 -33.42 -13.34 1.90
N ARG J 43 -32.92 -14.41 2.45
CA ARG J 43 -31.67 -15.04 1.97
C ARG J 43 -32.00 -16.38 1.31
N GLY J 44 -32.98 -17.12 1.85
CA GLY J 44 -33.51 -18.40 1.37
C GLY J 44 -32.69 -19.63 1.66
N LEU J 45 -32.31 -19.90 2.87
CA LEU J 45 -31.44 -20.97 3.32
C LEU J 45 -32.08 -22.32 3.13
N GLU J 46 -33.36 -22.44 3.40
CA GLU J 46 -34.06 -23.72 3.20
C GLU J 46 -34.05 -24.09 1.70
N MET J 47 -34.11 -23.17 0.75
CA MET J 47 -34.07 -23.48 -0.68
C MET J 47 -32.70 -23.99 -1.12
N ILE J 48 -31.63 -23.55 -0.52
CA ILE J 48 -30.25 -23.86 -0.79
C ILE J 48 -29.84 -25.22 -0.28
N LEU J 49 -30.44 -25.63 0.80
CA LEU J 49 -30.27 -26.91 1.48
C LEU J 49 -30.82 -28.07 0.62
N LYS J 50 -31.95 -27.91 -0.03
CA LYS J 50 -32.64 -28.87 -0.88
C LYS J 50 -31.62 -29.73 -1.63
N GLY J 51 -31.72 -31.02 -1.48
CA GLY J 51 -30.88 -31.98 -2.12
C GLY J 51 -29.48 -32.13 -1.65
N ARG J 52 -29.03 -31.47 -0.61
CA ARG J 52 -27.63 -31.55 -0.13
C ARG J 52 -27.49 -32.70 0.84
N ASP J 53 -26.32 -32.97 1.29
CA ASP J 53 -25.92 -33.95 2.27
C ASP J 53 -26.28 -33.45 3.68
N PRO J 54 -27.10 -34.21 4.40
CA PRO J 54 -27.47 -33.81 5.75
C PRO J 54 -26.25 -33.47 6.56
N ARG J 55 -25.07 -34.00 6.35
CA ARG J 55 -23.88 -33.66 7.13
C ARG J 55 -23.34 -32.25 6.94
N ASP J 56 -23.71 -31.59 5.88
CA ASP J 56 -23.39 -30.21 5.49
C ASP J 56 -24.41 -29.24 6.10
N ALA J 57 -25.65 -29.63 6.30
CA ALA J 57 -26.66 -28.76 6.87
C ALA J 57 -26.15 -27.85 7.96
N GLN J 58 -25.53 -28.41 8.99
CA GLN J 58 -25.07 -27.65 10.15
C GLN J 58 -24.22 -26.45 9.78
N HIS J 59 -23.40 -26.56 8.73
CA HIS J 59 -22.52 -25.44 8.39
C HIS J 59 -23.27 -24.33 7.68
N PHE J 60 -24.27 -24.68 6.88
CA PHE J 60 -25.10 -23.75 6.17
C PHE J 60 -26.03 -23.05 7.20
N THR J 61 -26.72 -23.81 8.02
CA THR J 61 -27.70 -23.32 8.93
C THR J 61 -27.12 -22.42 9.99
N GLN J 62 -25.92 -22.78 10.38
CA GLN J 62 -25.30 -21.91 11.39
C GLN J 62 -25.27 -20.46 10.95
N ARG J 63 -25.14 -20.19 9.67
CA ARG J 63 -25.03 -18.89 9.03
C ARG J 63 -26.37 -18.18 8.90
N ALA J 64 -27.40 -18.76 9.49
CA ALA J 64 -28.70 -18.05 9.44
C ALA J 64 -28.56 -16.80 10.32
N CYS J 65 -27.63 -16.86 11.26
CA CYS J 65 -27.30 -15.81 12.20
C CYS J 65 -25.99 -15.95 12.96
N GLY J 66 -25.21 -14.90 13.02
CA GLY J 66 -23.95 -14.79 13.71
C GLY J 66 -23.95 -14.17 15.09
N VAL J 67 -25.08 -13.73 15.56
CA VAL J 67 -25.34 -13.16 16.89
C VAL J 67 -25.69 -14.35 17.81
N CYS J 68 -26.68 -15.12 17.42
CA CYS J 68 -27.06 -16.36 18.09
C CYS J 68 -26.36 -17.49 17.28
N THR J 69 -25.06 -17.37 17.24
CA THR J 69 -24.08 -18.22 16.59
C THR J 69 -24.08 -19.55 17.33
N TYR J 70 -23.79 -20.69 16.69
CA TYR J 70 -23.83 -21.96 17.42
C TYR J 70 -25.21 -22.57 17.57
N VAL J 71 -26.25 -21.98 18.11
CA VAL J 71 -27.62 -22.52 18.31
C VAL J 71 -28.20 -23.24 17.10
N HIS J 72 -27.98 -22.80 15.89
CA HIS J 72 -28.45 -23.43 14.65
C HIS J 72 -27.52 -24.60 14.32
N ALA J 73 -26.26 -24.54 14.66
CA ALA J 73 -25.37 -25.70 14.41
C ALA J 73 -25.96 -26.84 15.24
N LEU J 74 -26.25 -26.59 16.51
CA LEU J 74 -26.86 -27.51 17.45
C LEU J 74 -28.21 -28.05 17.00
N ALA J 75 -29.18 -27.22 16.64
CA ALA J 75 -30.51 -27.67 16.25
C ALA J 75 -30.36 -28.56 15.00
N SER J 76 -29.40 -28.28 14.12
CA SER J 76 -29.18 -29.06 12.91
C SER J 76 -28.57 -30.44 13.22
N VAL J 77 -27.53 -30.48 14.03
CA VAL J 77 -26.92 -31.72 14.44
C VAL J 77 -27.96 -32.45 15.30
N ARG J 78 -28.83 -31.79 16.03
CA ARG J 78 -29.82 -32.53 16.83
C ARG J 78 -30.88 -33.11 15.92
N ALA J 79 -31.26 -32.48 14.85
CA ALA J 79 -32.27 -32.92 13.89
C ALA J 79 -31.72 -34.09 13.09
N VAL J 80 -30.47 -34.12 12.74
CA VAL J 80 -29.89 -35.22 11.96
C VAL J 80 -29.56 -36.36 12.91
N ASP J 81 -29.19 -36.08 14.17
CA ASP J 81 -28.89 -37.12 15.18
C ASP J 81 -30.23 -37.90 15.30
N ASN J 82 -31.31 -37.24 15.57
CA ASN J 82 -32.65 -37.75 15.71
C ASN J 82 -33.12 -38.50 14.46
N CYS J 83 -32.88 -37.94 13.29
CA CYS J 83 -33.43 -38.69 12.14
C CYS J 83 -32.67 -39.95 11.76
N VAL J 84 -31.54 -40.21 12.34
CA VAL J 84 -30.59 -41.30 12.11
C VAL J 84 -30.47 -42.25 13.30
N GLY J 85 -31.20 -41.95 14.35
CA GLY J 85 -31.36 -42.54 15.61
C GLY J 85 -30.15 -42.62 16.50
N VAL J 86 -29.13 -41.81 16.32
CA VAL J 86 -27.89 -41.82 17.10
C VAL J 86 -28.06 -41.18 18.46
N LYS J 87 -27.36 -41.85 19.33
CA LYS J 87 -27.22 -41.64 20.79
C LYS J 87 -25.78 -41.18 21.05
N ILE J 88 -25.62 -39.85 21.20
CA ILE J 88 -24.28 -39.30 21.40
C ILE J 88 -23.84 -39.57 22.83
N PRO J 89 -22.55 -39.65 23.04
CA PRO J 89 -21.99 -39.88 24.36
C PRO J 89 -22.22 -38.74 25.32
N GLU J 90 -22.25 -39.11 26.59
CA GLU J 90 -22.47 -38.16 27.69
C GLU J 90 -21.54 -36.95 27.61
N ASN J 91 -20.29 -37.10 27.34
CA ASN J 91 -19.37 -35.99 27.26
C ASN J 91 -19.79 -35.14 26.06
N ALA J 92 -20.43 -35.68 25.03
CA ALA J 92 -20.71 -34.71 23.92
C ALA J 92 -21.94 -33.92 24.35
N THR J 93 -22.78 -34.56 25.17
CA THR J 93 -23.97 -33.89 25.67
C THR J 93 -23.50 -32.78 26.60
N LEU J 94 -22.66 -33.03 27.56
CA LEU J 94 -22.13 -32.04 28.49
C LEU J 94 -21.46 -30.86 27.78
N MET J 95 -20.59 -31.14 26.83
CA MET J 95 -19.83 -30.12 26.06
C MET J 95 -20.75 -29.25 25.19
N ARG J 96 -21.83 -29.78 24.64
CA ARG J 96 -22.81 -29.07 23.84
C ARG J 96 -23.59 -28.14 24.74
N ASN J 97 -23.82 -28.51 25.96
CA ASN J 97 -24.54 -27.77 27.00
C ASN J 97 -23.66 -26.64 27.57
N LEU J 98 -22.42 -26.93 27.75
CA LEU J 98 -21.55 -25.86 28.26
C LEU J 98 -21.43 -24.73 27.24
N THR J 99 -21.35 -25.05 25.99
CA THR J 99 -21.18 -24.13 24.87
C THR J 99 -22.47 -23.31 24.78
N MET J 100 -23.60 -23.86 25.08
CA MET J 100 -24.88 -23.15 24.96
C MET J 100 -24.99 -22.24 26.19
N GLY J 101 -24.49 -22.69 27.30
CA GLY J 101 -24.55 -21.93 28.56
C GLY J 101 -23.73 -20.66 28.33
N ALA J 102 -22.53 -20.87 27.83
CA ALA J 102 -21.65 -19.74 27.52
C ALA J 102 -22.31 -18.79 26.49
N GLN J 103 -23.10 -19.28 25.56
CA GLN J 103 -23.79 -18.49 24.52
C GLN J 103 -24.87 -17.64 25.22
N TYR J 104 -25.53 -18.15 26.25
CA TYR J 104 -26.54 -17.35 26.94
C TYR J 104 -25.80 -16.25 27.72
N MET J 105 -24.77 -16.65 28.41
CA MET J 105 -23.98 -15.67 29.20
C MET J 105 -23.64 -14.44 28.38
N HIS J 106 -23.07 -14.57 27.23
CA HIS J 106 -22.61 -13.60 26.27
C HIS J 106 -23.74 -12.80 25.62
N ASP J 107 -24.65 -13.53 25.00
CA ASP J 107 -25.79 -13.00 24.25
C ASP J 107 -26.53 -11.96 25.10
N HIS J 108 -27.02 -12.36 26.23
CA HIS J 108 -27.77 -11.61 27.22
C HIS J 108 -27.10 -10.32 27.73
N LEU J 109 -25.87 -10.41 28.07
CA LEU J 109 -25.04 -9.33 28.50
C LEU J 109 -24.93 -8.31 27.33
N VAL J 110 -24.60 -8.80 26.13
CA VAL J 110 -24.47 -7.87 25.00
C VAL J 110 -25.86 -7.27 24.74
N HIS J 111 -26.95 -7.98 24.78
CA HIS J 111 -28.23 -7.38 24.52
C HIS J 111 -28.48 -6.25 25.51
N PHE J 112 -28.37 -6.57 26.80
CA PHE J 112 -28.72 -5.56 27.81
C PHE J 112 -27.99 -4.25 27.62
N TYR J 113 -26.67 -4.25 27.57
CA TYR J 113 -25.86 -3.08 27.45
C TYR J 113 -25.69 -2.40 26.14
N HIS J 114 -25.39 -3.06 25.05
CA HIS J 114 -25.13 -2.42 23.76
C HIS J 114 -26.32 -2.34 22.88
N LEU J 115 -27.30 -3.18 23.08
CA LEU J 115 -28.50 -3.21 22.22
C LEU J 115 -29.65 -2.49 22.88
N HIS J 116 -30.00 -2.68 24.11
CA HIS J 116 -31.09 -2.13 24.86
C HIS J 116 -30.84 -0.96 25.77
N ALA J 117 -29.82 -0.87 26.56
CA ALA J 117 -29.61 0.21 27.52
C ALA J 117 -29.93 1.59 26.97
N LEU J 118 -29.42 1.92 25.79
CA LEU J 118 -29.65 3.20 25.14
C LEU J 118 -31.08 3.62 24.90
N ASP J 119 -32.15 3.02 25.32
CA ASP J 119 -33.54 3.39 25.12
C ASP J 119 -34.06 3.90 26.50
N TRP J 120 -33.22 3.62 27.50
CA TRP J 120 -33.59 3.99 28.86
C TRP J 120 -32.57 4.98 29.44
N VAL J 121 -31.37 4.96 28.96
CA VAL J 121 -30.27 5.78 29.40
C VAL J 121 -29.92 6.93 28.45
N ASN J 122 -29.80 8.11 29.08
CA ASN J 122 -29.38 9.32 28.32
C ASN J 122 -27.87 9.44 28.57
N VAL J 123 -27.07 8.94 27.67
CA VAL J 123 -25.62 8.98 27.84
C VAL J 123 -25.11 10.41 28.02
N ALA J 124 -25.70 11.42 27.38
CA ALA J 124 -25.29 12.82 27.48
C ALA J 124 -25.40 13.46 28.86
N ASN J 125 -26.32 12.98 29.65
CA ASN J 125 -26.65 13.43 30.99
C ASN J 125 -25.64 12.99 32.03
N ALA J 126 -24.95 11.94 31.63
CA ALA J 126 -23.91 11.36 32.49
C ALA J 126 -22.90 12.46 32.81
N LEU J 127 -22.77 13.41 31.94
CA LEU J 127 -21.88 14.55 31.97
C LEU J 127 -22.25 15.56 33.08
N ASN J 128 -23.49 15.48 33.51
CA ASN J 128 -24.10 16.26 34.56
C ASN J 128 -24.07 15.48 35.89
N ALA J 129 -23.52 14.29 35.95
CA ALA J 129 -23.57 13.57 37.24
C ALA J 129 -22.43 14.02 38.12
N ASP J 130 -22.59 13.87 39.42
CA ASP J 130 -21.49 14.18 40.42
C ASP J 130 -20.91 12.76 40.62
N PRO J 131 -19.73 12.53 40.17
CA PRO J 131 -19.08 11.24 40.17
C PRO J 131 -18.99 10.59 41.53
N ALA J 132 -18.83 11.44 42.54
CA ALA J 132 -18.70 10.94 43.93
C ALA J 132 -20.06 10.47 44.39
N LYS J 133 -21.04 11.21 43.89
CA LYS J 133 -22.44 10.80 44.30
C LYS J 133 -22.82 9.58 43.47
N ALA J 134 -22.32 9.46 42.25
CA ALA J 134 -22.59 8.29 41.42
C ALA J 134 -21.87 7.10 42.05
N ALA J 135 -20.63 7.24 42.45
CA ALA J 135 -19.87 6.14 43.07
C ALA J 135 -20.51 5.68 44.38
N ARG J 136 -21.10 6.60 45.14
CA ARG J 136 -21.70 6.16 46.43
C ARG J 136 -22.89 5.28 46.16
N LEU J 137 -23.67 5.67 45.18
CA LEU J 137 -24.89 4.93 44.84
C LEU J 137 -24.59 3.54 44.34
N ALA J 138 -23.59 3.50 43.47
CA ALA J 138 -23.11 2.30 42.79
C ALA J 138 -22.72 1.31 43.86
N ASN J 139 -22.05 1.84 44.87
CA ASN J 139 -21.54 1.07 46.02
C ASN J 139 -22.73 0.65 46.87
N ASP J 140 -23.89 1.27 46.75
CA ASP J 140 -25.02 0.81 47.63
C ASP J 140 -25.82 -0.21 46.85
N LEU J 141 -25.46 -0.37 45.58
CA LEU J 141 -26.18 -1.33 44.75
C LEU J 141 -25.55 -2.71 44.64
N SER J 142 -24.26 -2.87 44.69
CA SER J 142 -23.59 -4.17 44.61
C SER J 142 -22.40 -4.20 45.58
N PRO J 143 -21.86 -5.41 45.66
CA PRO J 143 -20.71 -5.68 46.55
C PRO J 143 -19.39 -5.32 45.88
N LYS J 144 -19.48 -4.82 44.66
CA LYS J 144 -18.19 -4.50 43.95
C LYS J 144 -17.92 -3.03 44.22
N LYS J 145 -16.74 -2.75 44.74
CA LYS J 145 -16.34 -1.39 45.09
C LYS J 145 -16.01 -0.57 43.84
N THR J 146 -16.61 0.57 43.69
CA THR J 146 -16.47 1.61 42.68
C THR J 146 -15.78 2.85 43.28
N THR J 147 -14.93 3.50 42.53
CA THR J 147 -14.26 4.72 42.97
C THR J 147 -14.70 5.90 42.13
N THR J 148 -14.63 7.10 42.66
CA THR J 148 -15.03 8.32 41.99
C THR J 148 -14.24 8.52 40.70
N GLU J 149 -12.96 8.32 40.96
CA GLU J 149 -11.96 8.49 39.92
C GLU J 149 -12.25 7.65 38.72
N SER J 150 -12.60 6.39 38.90
CA SER J 150 -12.92 5.57 37.70
C SER J 150 -14.11 6.23 37.02
N LEU J 151 -15.07 6.72 37.82
CA LEU J 151 -16.29 7.36 37.28
C LEU J 151 -15.95 8.69 36.65
N LYS J 152 -15.11 9.49 37.28
CA LYS J 152 -14.68 10.77 36.74
C LYS J 152 -14.03 10.52 35.37
N ALA J 153 -13.33 9.40 35.28
CA ALA J 153 -12.61 9.01 34.06
C ALA J 153 -13.55 8.73 32.92
N VAL J 154 -14.66 8.07 33.15
CA VAL J 154 -15.64 7.79 32.10
C VAL J 154 -16.28 9.07 31.61
N GLN J 155 -16.44 9.98 32.56
CA GLN J 155 -17.07 11.29 32.26
C GLN J 155 -16.15 12.11 31.36
N ALA J 156 -14.87 11.89 31.52
CA ALA J 156 -13.85 12.60 30.72
C ALA J 156 -13.77 12.02 29.31
N LYS J 157 -14.17 10.75 29.22
CA LYS J 157 -14.22 10.03 27.95
C LYS J 157 -15.36 10.61 27.11
N VAL J 158 -16.49 10.70 27.76
CA VAL J 158 -17.71 11.24 27.13
C VAL J 158 -17.45 12.69 26.71
N LYS J 159 -16.80 13.43 27.57
CA LYS J 159 -16.51 14.85 27.29
C LYS J 159 -15.56 14.94 26.12
N ALA J 160 -14.53 14.12 26.15
CA ALA J 160 -13.54 14.12 25.09
C ALA J 160 -14.26 13.83 23.79
N LEU J 161 -15.27 12.96 23.84
CA LEU J 161 -15.95 12.62 22.60
C LEU J 161 -16.87 13.69 22.05
N VAL J 162 -17.67 14.28 22.90
CA VAL J 162 -18.64 15.32 22.60
C VAL J 162 -18.01 16.61 22.06
N GLU J 163 -16.90 16.89 22.70
CA GLU J 163 -16.01 18.00 22.40
C GLU J 163 -15.32 17.83 21.06
N SER J 164 -15.30 16.68 20.40
CA SER J 164 -14.60 16.49 19.09
C SER J 164 -15.59 16.79 17.96
N GLY J 165 -16.85 16.73 18.35
CA GLY J 165 -17.94 16.95 17.43
C GLY J 165 -18.25 15.67 16.66
N GLN J 166 -17.43 14.63 16.78
CA GLN J 166 -17.76 13.39 16.02
C GLN J 166 -18.39 12.43 17.03
N LEU J 167 -19.69 12.48 17.08
CA LEU J 167 -20.47 11.69 18.02
C LEU J 167 -20.56 10.22 17.65
N GLY J 168 -20.27 9.88 16.42
CA GLY J 168 -20.31 8.53 15.89
C GLY J 168 -21.70 7.94 16.00
N ILE J 169 -21.78 6.87 16.76
CA ILE J 169 -23.04 6.13 16.97
C ILE J 169 -23.97 6.95 17.83
N PHE J 170 -23.61 8.13 18.36
CA PHE J 170 -24.61 8.93 19.12
C PHE J 170 -25.25 10.00 18.24
N THR J 171 -24.73 10.09 17.01
CA THR J 171 -25.30 11.05 16.07
C THR J 171 -26.82 10.90 15.97
N ASN J 172 -27.54 11.97 16.25
CA ASN J 172 -29.01 12.06 16.22
C ASN J 172 -29.61 11.16 17.29
N ALA J 173 -28.89 10.76 18.33
CA ALA J 173 -29.60 9.91 19.33
C ALA J 173 -30.85 10.64 19.77
N TYR J 174 -31.87 9.90 20.11
CA TYR J 174 -33.17 10.39 20.58
C TYR J 174 -33.10 11.13 21.89
N PHE J 175 -32.11 10.98 22.72
CA PHE J 175 -32.01 11.67 24.00
C PHE J 175 -31.25 12.98 23.82
N LEU J 176 -30.79 13.22 22.59
CA LEU J 176 -30.02 14.46 22.35
C LEU J 176 -31.04 15.61 22.61
N GLY J 177 -30.49 16.39 23.57
CA GLY J 177 -31.17 17.59 24.08
C GLY J 177 -32.40 17.23 24.90
N GLY J 178 -32.36 16.12 25.62
CA GLY J 178 -33.50 15.76 26.44
C GLY J 178 -34.63 15.21 25.64
N HIS J 179 -35.33 14.37 26.40
CA HIS J 179 -36.49 13.64 25.87
C HIS J 179 -37.36 13.28 27.07
N PRO J 180 -38.63 13.58 26.96
CA PRO J 180 -39.59 13.30 28.04
C PRO J 180 -39.68 11.86 28.51
N ALA J 181 -39.30 10.89 27.70
CA ALA J 181 -39.46 9.47 28.08
C ALA J 181 -38.23 8.98 28.80
N TYR J 182 -37.20 9.79 28.85
CA TYR J 182 -35.95 9.45 29.50
C TYR J 182 -35.95 10.11 30.87
N VAL J 183 -36.20 9.30 31.87
CA VAL J 183 -36.21 9.90 33.22
C VAL J 183 -35.14 9.48 34.19
N LEU J 184 -34.03 8.80 34.02
CA LEU J 184 -33.15 8.51 35.15
C LEU J 184 -32.34 9.73 35.63
N PRO J 185 -31.95 9.71 36.90
CA PRO J 185 -31.05 10.72 37.47
C PRO J 185 -29.71 10.65 36.72
N ALA J 186 -28.94 11.71 36.53
CA ALA J 186 -27.70 11.77 35.81
C ALA J 186 -26.61 10.85 36.35
N GLU J 187 -26.78 10.53 37.63
CA GLU J 187 -25.88 9.69 38.43
C GLU J 187 -26.12 8.22 38.06
N VAL J 188 -27.34 7.82 37.77
CA VAL J 188 -27.60 6.46 37.30
C VAL J 188 -27.13 6.47 35.84
N ASP J 189 -27.32 7.55 35.08
CA ASP J 189 -26.84 7.56 33.70
C ASP J 189 -25.33 7.36 33.68
N LEU J 190 -24.63 7.71 34.73
CA LEU J 190 -23.15 7.58 34.61
C LEU J 190 -22.69 6.21 35.06
N ILE J 191 -23.37 5.59 35.97
CA ILE J 191 -23.02 4.23 36.42
C ILE J 191 -23.24 3.33 35.22
N ALA J 192 -24.41 3.50 34.61
CA ALA J 192 -24.75 2.73 33.41
C ALA J 192 -23.78 2.94 32.24
N THR J 193 -23.21 4.11 32.10
CA THR J 193 -22.26 4.36 30.99
C THR J 193 -20.94 3.71 31.34
N ALA J 194 -20.62 3.75 32.62
CA ALA J 194 -19.33 3.12 33.01
C ALA J 194 -19.48 1.61 32.81
N HIS J 195 -20.67 1.06 33.00
CA HIS J 195 -20.89 -0.40 32.88
C HIS J 195 -20.93 -0.86 31.43
N TYR J 196 -21.48 -0.02 30.56
CA TYR J 196 -21.55 -0.27 29.11
C TYR J 196 -20.14 -0.41 28.54
N LEU J 197 -19.22 0.44 28.97
CA LEU J 197 -17.86 0.29 28.44
C LEU J 197 -17.27 -0.99 29.00
N GLU J 198 -17.54 -1.28 30.26
CA GLU J 198 -17.04 -2.45 30.98
C GLU J 198 -17.60 -3.73 30.35
N ALA J 199 -18.87 -3.77 30.03
CA ALA J 199 -19.47 -4.92 29.36
C ALA J 199 -18.80 -5.17 28.01
N LEU J 200 -18.21 -4.19 27.36
CA LEU J 200 -17.57 -4.37 26.04
C LEU J 200 -16.35 -5.28 26.23
N ARG J 201 -15.69 -5.22 27.38
CA ARG J 201 -14.52 -6.02 27.70
C ARG J 201 -14.91 -7.39 28.28
N VAL J 202 -15.95 -7.47 29.04
CA VAL J 202 -16.39 -8.73 29.55
C VAL J 202 -16.87 -9.52 28.34
N GLN J 203 -17.64 -8.95 27.45
CA GLN J 203 -18.14 -9.77 26.32
C GLN J 203 -16.99 -10.47 25.64
N VAL J 204 -15.79 -9.98 25.60
CA VAL J 204 -14.63 -10.55 24.95
C VAL J 204 -14.23 -11.82 25.67
N LYS J 205 -14.33 -11.84 26.98
CA LYS J 205 -14.04 -13.02 27.80
C LYS J 205 -15.04 -14.14 27.69
N ALA J 206 -16.31 -13.89 27.53
CA ALA J 206 -17.46 -14.76 27.41
C ALA J 206 -17.40 -15.49 26.07
N ALA J 207 -16.90 -14.79 25.08
CA ALA J 207 -16.75 -15.28 23.73
C ALA J 207 -15.54 -16.23 23.69
N ARG J 208 -14.47 -15.89 24.41
CA ARG J 208 -13.22 -16.67 24.46
C ARG J 208 -13.46 -17.99 25.17
N ALA J 209 -14.30 -18.02 26.18
CA ALA J 209 -14.67 -19.17 26.98
C ALA J 209 -15.42 -20.12 26.05
N MET J 210 -16.31 -19.52 25.26
CA MET J 210 -17.11 -20.33 24.32
C MET J 210 -16.20 -20.98 23.28
N ALA J 211 -15.15 -20.30 22.89
CA ALA J 211 -14.18 -20.68 21.91
C ALA J 211 -13.31 -21.80 22.46
N ILE J 212 -13.30 -22.01 23.76
CA ILE J 212 -12.47 -23.07 24.37
C ILE J 212 -13.12 -24.38 23.92
N PHE J 213 -14.44 -24.50 24.04
CA PHE J 213 -15.12 -25.69 23.52
C PHE J 213 -15.45 -25.60 22.04
N GLY J 214 -15.86 -24.42 21.57
CA GLY J 214 -16.31 -24.16 20.22
C GLY J 214 -15.36 -23.93 19.10
N ALA J 215 -14.05 -23.91 19.28
CA ALA J 215 -13.05 -23.65 18.23
C ALA J 215 -12.93 -22.12 18.04
N LYS J 216 -14.03 -21.45 17.77
CA LYS J 216 -14.05 -20.00 17.55
C LYS J 216 -15.44 -19.42 17.76
N ASN J 217 -15.41 -18.10 17.95
CA ASN J 217 -16.62 -17.30 18.16
C ASN J 217 -16.43 -15.94 17.43
N PRO J 218 -17.26 -15.59 16.47
CA PRO J 218 -18.44 -16.30 15.96
C PRO J 218 -18.24 -17.53 15.08
N HIS J 219 -19.31 -18.30 15.01
CA HIS J 219 -19.49 -19.50 14.22
C HIS J 219 -18.61 -20.69 14.59
N THR J 220 -19.03 -21.38 15.65
CA THR J 220 -18.31 -22.58 16.17
C THR J 220 -18.11 -23.62 15.11
N GLN J 221 -17.17 -24.50 15.33
CA GLN J 221 -16.75 -25.60 14.38
C GLN J 221 -16.08 -26.73 15.20
N PHE J 222 -16.86 -27.48 15.97
CA PHE J 222 -16.51 -28.58 16.85
C PHE J 222 -17.60 -29.65 16.97
N THR J 223 -18.76 -29.49 16.41
CA THR J 223 -19.91 -30.34 16.43
C THR J 223 -19.98 -31.10 15.07
N VAL J 224 -20.51 -32.31 15.17
CA VAL J 224 -20.80 -33.28 14.13
C VAL J 224 -22.06 -34.06 14.55
N VAL J 225 -22.66 -34.71 13.59
CA VAL J 225 -23.78 -35.65 13.83
C VAL J 225 -23.08 -36.85 14.52
N GLY J 226 -23.47 -37.24 15.70
CA GLY J 226 -22.80 -38.31 16.42
C GLY J 226 -22.10 -37.86 17.67
N GLY J 227 -21.88 -36.58 17.85
CA GLY J 227 -21.22 -35.96 18.98
C GLY J 227 -20.50 -34.64 18.65
N CYS J 228 -19.25 -34.57 19.15
CA CYS J 228 -18.29 -33.51 19.12
C CYS J 228 -16.92 -34.06 18.71
N THR J 229 -16.06 -33.12 18.32
CA THR J 229 -14.72 -33.36 17.85
C THR J 229 -13.59 -32.87 18.74
N ASN J 230 -13.90 -32.00 19.67
CA ASN J 230 -12.88 -31.39 20.50
C ASN J 230 -12.27 -32.22 21.59
N TYR J 231 -11.31 -33.07 21.33
CA TYR J 231 -10.62 -33.88 22.34
C TYR J 231 -9.59 -33.01 23.06
N ASP J 232 -9.11 -31.97 22.36
CA ASP J 232 -8.07 -31.10 22.95
C ASP J 232 -8.47 -30.38 24.26
N SER J 233 -9.73 -29.96 24.26
CA SER J 233 -10.34 -29.21 25.35
C SER J 233 -10.69 -30.10 26.53
N LEU J 234 -10.56 -31.40 26.33
CA LEU J 234 -10.83 -32.36 27.40
C LEU J 234 -9.61 -32.32 28.34
N ARG J 235 -8.59 -31.52 28.15
CA ARG J 235 -7.41 -31.46 29.02
C ARG J 235 -7.67 -30.58 30.23
N PRO J 236 -7.13 -30.96 31.36
CA PRO J 236 -7.31 -30.23 32.62
C PRO J 236 -6.92 -28.77 32.40
N GLU J 237 -5.85 -28.54 31.66
CA GLU J 237 -5.43 -27.14 31.43
C GLU J 237 -6.55 -26.36 30.75
N ARG J 238 -7.10 -26.86 29.68
CA ARG J 238 -8.19 -26.18 28.97
C ARG J 238 -9.48 -26.07 29.77
N ILE J 239 -9.74 -26.89 30.77
CA ILE J 239 -10.98 -26.81 31.57
C ILE J 239 -10.79 -25.77 32.67
N ALA J 240 -9.57 -25.65 33.14
CA ALA J 240 -9.12 -24.69 34.12
C ALA J 240 -9.26 -23.28 33.51
N GLU J 241 -8.79 -23.10 32.31
CA GLU J 241 -8.81 -21.88 31.54
C GLU J 241 -10.22 -21.33 31.38
N PHE J 242 -11.10 -22.17 30.96
CA PHE J 242 -12.53 -21.95 30.73
C PHE J 242 -13.15 -21.58 32.07
N ARG J 243 -12.83 -22.37 33.07
CA ARG J 243 -13.32 -22.17 34.44
C ARG J 243 -12.91 -20.79 34.90
N LYS J 244 -11.75 -20.27 34.77
CA LYS J 244 -11.30 -18.93 35.14
C LYS J 244 -12.09 -17.80 34.44
N LEU J 245 -12.26 -17.84 33.13
CA LEU J 245 -13.01 -16.87 32.35
C LEU J 245 -14.48 -16.91 32.78
N TYR J 246 -15.01 -18.08 32.91
CA TYR J 246 -16.40 -18.35 33.36
C TYR J 246 -16.67 -17.63 34.67
N LYS J 247 -15.82 -17.77 35.65
CA LYS J 247 -15.98 -17.12 36.95
C LYS J 247 -15.91 -15.62 36.74
N GLU J 248 -14.95 -15.05 36.06
CA GLU J 248 -14.93 -13.60 35.84
C GLU J 248 -16.27 -13.16 35.25
N VAL J 249 -16.77 -13.82 34.23
CA VAL J 249 -18.03 -13.39 33.61
C VAL J 249 -19.20 -13.60 34.55
N ARG J 250 -19.22 -14.73 35.24
CA ARG J 250 -20.37 -15.03 36.12
C ARG J 250 -20.54 -13.91 37.12
N GLU J 251 -19.45 -13.51 37.73
CA GLU J 251 -19.39 -12.49 38.77
C GLU J 251 -19.94 -11.17 38.32
N PHE J 252 -19.54 -10.79 37.12
CA PHE J 252 -20.00 -9.59 36.45
C PHE J 252 -21.50 -9.66 36.22
N ILE J 253 -22.12 -10.77 35.87
CA ILE J 253 -23.58 -10.82 35.64
C ILE J 253 -24.33 -10.67 36.96
N GLU J 254 -23.78 -11.24 38.00
CA GLU J 254 -24.36 -11.26 39.33
C GLU J 254 -24.20 -9.95 40.03
N GLN J 255 -23.01 -9.37 39.86
CA GLN J 255 -22.68 -8.09 40.53
C GLN J 255 -22.92 -6.80 39.77
N VAL J 256 -22.95 -6.73 38.49
CA VAL J 256 -23.13 -5.57 37.64
C VAL J 256 -24.33 -5.75 36.74
N TYR J 257 -24.43 -6.67 35.82
CA TYR J 257 -25.63 -6.78 34.99
C TYR J 257 -26.91 -6.83 35.80
N ILE J 258 -27.03 -7.75 36.73
CA ILE J 258 -28.33 -7.89 37.44
C ILE J 258 -28.74 -6.69 38.25
N THR J 259 -27.74 -6.17 38.96
CA THR J 259 -27.92 -5.01 39.83
C THR J 259 -28.31 -3.77 39.01
N ASP J 260 -27.72 -3.55 37.85
CA ASP J 260 -28.02 -2.42 36.99
C ASP J 260 -29.42 -2.64 36.42
N LEU J 261 -29.69 -3.88 36.12
CA LEU J 261 -31.01 -4.14 35.52
C LEU J 261 -32.08 -3.68 36.50
N LEU J 262 -31.99 -4.13 37.75
CA LEU J 262 -33.07 -3.83 38.72
C LEU J 262 -33.15 -2.34 39.01
N ALA J 263 -31.99 -1.70 39.02
CA ALA J 263 -31.89 -0.23 39.27
C ALA J 263 -32.58 0.60 38.19
N VAL J 264 -32.27 0.34 36.93
CA VAL J 264 -32.92 1.10 35.88
C VAL J 264 -34.42 0.73 35.90
N ALA J 265 -34.77 -0.53 36.01
CA ALA J 265 -36.17 -0.96 35.96
C ALA J 265 -36.92 -0.23 37.06
N GLY J 266 -36.24 -0.02 38.16
CA GLY J 266 -36.82 0.69 39.30
C GLY J 266 -37.28 2.09 38.92
N PHE J 267 -36.74 2.80 37.94
CA PHE J 267 -37.27 4.14 37.60
C PHE J 267 -38.26 4.08 36.46
N TYR J 268 -38.67 2.88 36.07
CA TYR J 268 -39.56 2.78 34.88
C TYR J 268 -40.62 1.74 35.15
N LYS J 269 -41.08 1.71 36.37
CA LYS J 269 -42.11 0.79 36.84
C LYS J 269 -43.41 0.93 36.08
N ASN J 270 -43.63 2.02 35.37
CA ASN J 270 -44.89 2.15 34.59
C ASN J 270 -44.77 1.25 33.37
N TRP J 271 -43.58 0.75 33.06
CA TRP J 271 -43.40 -0.13 31.91
C TRP J 271 -43.79 -1.56 32.24
N ALA J 272 -44.14 -1.76 33.48
CA ALA J 272 -44.55 -3.06 33.99
C ALA J 272 -45.99 -3.21 33.61
N GLY J 273 -46.44 -2.16 32.94
CA GLY J 273 -47.90 -2.28 32.56
C GLY J 273 -47.99 -2.00 31.08
N ILE J 274 -46.85 -2.01 30.39
CA ILE J 274 -46.85 -1.70 28.95
C ILE J 274 -46.26 -2.88 28.18
N GLY J 275 -46.92 -3.21 27.07
CA GLY J 275 -46.54 -4.23 26.13
C GLY J 275 -46.80 -5.68 26.48
N LYS J 276 -47.95 -5.89 27.10
CA LYS J 276 -48.47 -7.15 27.58
C LYS J 276 -49.08 -8.06 26.50
N THR J 277 -48.79 -9.32 26.75
CA THR J 277 -49.06 -10.57 26.08
C THR J 277 -49.54 -11.73 26.97
N SER J 278 -50.15 -12.67 26.30
CA SER J 278 -50.75 -13.94 26.65
C SER J 278 -50.15 -15.11 25.83
N ASN J 279 -50.17 -16.33 26.35
CA ASN J 279 -49.62 -17.44 25.52
C ASN J 279 -48.11 -17.39 25.44
N PHE J 280 -47.48 -18.32 26.08
CA PHE J 280 -46.03 -18.48 26.17
C PHE J 280 -45.64 -19.92 25.90
N LEU J 281 -44.51 -20.18 25.22
CA LEU J 281 -44.09 -21.59 25.04
C LEU J 281 -42.59 -21.76 25.02
N THR J 282 -42.15 -22.96 25.39
CA THR J 282 -40.74 -23.36 25.42
C THR J 282 -40.59 -24.87 25.27
N CYS J 283 -39.48 -25.34 24.74
CA CYS J 283 -39.09 -26.73 24.56
C CYS J 283 -38.08 -27.17 25.65
N GLY J 284 -37.58 -26.21 26.42
CA GLY J 284 -36.62 -26.31 27.51
C GLY J 284 -35.23 -26.44 26.93
N GLU J 285 -34.21 -26.37 27.73
CA GLU J 285 -32.87 -26.55 27.14
C GLU J 285 -32.01 -27.36 28.11
N PHE J 286 -30.87 -27.86 27.64
CA PHE J 286 -29.89 -28.57 28.47
C PHE J 286 -30.33 -29.97 28.90
N PRO J 287 -30.48 -30.88 27.95
CA PRO J 287 -30.90 -32.22 28.28
C PRO J 287 -29.84 -33.10 28.90
N THR J 288 -30.41 -34.16 29.50
CA THR J 288 -29.51 -35.24 30.00
C THR J 288 -29.81 -36.36 28.96
N ASP J 289 -31.06 -36.41 28.57
CA ASP J 289 -31.51 -37.35 27.54
C ASP J 289 -31.94 -36.50 26.32
N GLU J 290 -31.15 -36.70 25.30
CA GLU J 290 -31.30 -36.04 24.00
C GLU J 290 -32.57 -36.50 23.34
N TYR J 291 -33.26 -37.48 23.90
CA TYR J 291 -34.52 -37.94 23.24
C TYR J 291 -35.67 -37.66 24.18
N ASP J 292 -35.47 -36.85 25.21
CA ASP J 292 -36.52 -36.56 26.20
C ASP J 292 -36.53 -35.07 26.60
N LEU J 293 -37.56 -34.39 26.17
CA LEU J 293 -37.75 -32.95 26.41
C LEU J 293 -37.86 -32.77 27.92
N ASN J 294 -38.33 -33.86 28.52
CA ASN J 294 -38.43 -33.74 30.00
C ASN J 294 -37.09 -34.05 30.65
N SER J 295 -35.98 -34.28 29.98
CA SER J 295 -34.75 -34.53 30.81
C SER J 295 -33.99 -33.19 30.86
N ARG J 296 -34.60 -32.13 30.33
CA ARG J 296 -33.95 -30.80 30.24
C ARG J 296 -33.93 -29.99 31.50
N TYR J 297 -32.83 -29.33 31.83
CA TYR J 297 -32.66 -28.52 33.05
C TYR J 297 -33.80 -27.52 33.21
N THR J 298 -33.92 -26.73 32.18
CA THR J 298 -35.02 -25.70 32.20
C THR J 298 -36.13 -26.46 31.47
N PRO J 299 -37.31 -26.46 32.05
CA PRO J 299 -38.44 -27.21 31.52
C PRO J 299 -39.14 -26.68 30.31
N GLN J 300 -39.86 -27.57 29.69
CA GLN J 300 -40.73 -27.38 28.53
C GLN J 300 -42.17 -27.20 29.00
N GLY J 301 -43.02 -26.51 28.23
CA GLY J 301 -44.42 -26.35 28.71
C GLY J 301 -45.05 -25.26 27.86
N VAL J 302 -46.35 -25.11 28.01
CA VAL J 302 -47.19 -24.14 27.32
C VAL J 302 -48.17 -23.47 28.26
N ILE J 303 -48.10 -22.17 28.41
CA ILE J 303 -48.97 -21.32 29.23
C ILE J 303 -50.01 -20.70 28.28
N TRP J 304 -51.25 -20.79 28.67
CA TRP J 304 -52.33 -20.23 27.82
C TRP J 304 -52.77 -18.93 28.50
N GLY J 305 -53.07 -17.92 27.73
CA GLY J 305 -53.45 -16.63 28.34
C GLY J 305 -52.21 -16.28 29.20
N ASN J 306 -52.56 -15.96 30.43
CA ASN J 306 -51.60 -15.53 31.45
C ASN J 306 -51.83 -16.35 32.74
N ASP J 307 -52.23 -17.58 32.58
CA ASP J 307 -52.56 -18.55 33.63
C ASP J 307 -51.38 -19.46 33.97
N LEU J 308 -50.71 -19.07 35.04
CA LEU J 308 -49.53 -19.78 35.49
C LEU J 308 -49.84 -21.00 36.36
N SER J 309 -51.09 -21.28 36.56
CA SER J 309 -51.50 -22.41 37.40
C SER J 309 -51.61 -23.69 36.58
N LYS J 310 -51.78 -23.55 35.29
CA LYS J 310 -51.90 -24.71 34.39
C LYS J 310 -50.88 -24.53 33.24
N VAL J 311 -49.85 -25.39 33.32
CA VAL J 311 -48.81 -25.46 32.32
C VAL J 311 -49.03 -26.75 31.51
N ASP J 312 -49.37 -26.70 30.25
CA ASP J 312 -49.55 -27.86 29.42
C ASP J 312 -48.17 -28.32 28.87
N ASP J 313 -48.34 -29.46 28.22
CA ASP J 313 -47.25 -30.16 27.57
C ASP J 313 -47.10 -29.58 26.16
N PHE J 314 -45.85 -29.38 25.83
CA PHE J 314 -45.46 -28.83 24.52
C PHE J 314 -45.64 -29.95 23.47
N ASN J 315 -46.49 -29.69 22.50
CA ASN J 315 -46.80 -30.62 21.41
C ASN J 315 -46.47 -29.99 20.05
N PRO J 316 -45.36 -30.44 19.48
CA PRO J 316 -44.84 -29.92 18.21
C PRO J 316 -45.74 -30.26 17.06
N ASP J 317 -46.70 -31.17 17.34
CA ASP J 317 -47.61 -31.48 16.19
C ASP J 317 -48.58 -30.33 15.96
N LEU J 318 -48.71 -29.44 16.92
CA LEU J 318 -49.58 -28.29 16.89
C LEU J 318 -48.98 -27.07 16.19
N ILE J 319 -47.79 -27.11 15.61
CA ILE J 319 -47.18 -26.00 14.93
C ILE J 319 -47.48 -26.00 13.44
N GLU J 320 -47.88 -24.87 12.95
CA GLU J 320 -48.18 -24.57 11.55
C GLU J 320 -47.64 -23.18 11.29
N GLU J 321 -47.01 -22.97 10.20
CA GLU J 321 -46.48 -21.70 9.73
C GLU J 321 -47.34 -21.11 8.62
N HIS J 322 -47.82 -19.88 8.84
CA HIS J 322 -48.68 -19.24 7.81
C HIS J 322 -48.00 -18.37 6.77
N VAL J 323 -48.64 -18.15 5.60
CA VAL J 323 -47.97 -17.25 4.64
C VAL J 323 -49.01 -16.28 4.09
N LYS J 324 -50.15 -16.25 4.75
CA LYS J 324 -51.16 -15.34 4.19
C LYS J 324 -50.71 -13.90 4.07
N TYR J 325 -49.93 -13.34 4.96
CA TYR J 325 -49.44 -11.98 4.91
C TYR J 325 -47.91 -11.85 4.74
N SER J 326 -47.27 -12.79 4.11
CA SER J 326 -45.82 -12.84 3.93
C SER J 326 -45.61 -12.94 2.42
N TRP J 327 -44.38 -12.74 2.02
CA TRP J 327 -44.08 -12.80 0.60
C TRP J 327 -43.78 -14.20 0.11
N TYR J 328 -44.77 -15.07 0.22
CA TYR J 328 -44.66 -16.46 -0.28
C TYR J 328 -45.95 -16.81 -1.03
N GLU J 329 -45.87 -17.76 -1.92
CA GLU J 329 -47.07 -18.15 -2.67
C GLU J 329 -48.20 -18.64 -1.78
N GLY J 330 -49.40 -18.18 -2.10
CA GLY J 330 -50.69 -18.46 -1.54
C GLY J 330 -50.98 -18.18 -0.12
N ALA J 331 -51.93 -18.96 0.43
CA ALA J 331 -52.31 -18.73 1.81
C ALA J 331 -52.36 -19.99 2.67
N GLY J 332 -51.64 -21.05 2.30
CA GLY J 332 -51.55 -22.27 3.08
C GLY J 332 -50.60 -22.16 4.27
N ALA J 333 -50.98 -22.77 5.37
CA ALA J 333 -50.23 -22.95 6.62
C ALA J 333 -49.84 -24.46 6.58
N HIS J 334 -48.62 -24.81 6.88
CA HIS J 334 -48.09 -26.14 6.90
C HIS J 334 -47.33 -26.53 8.15
N HIS J 335 -47.46 -27.78 8.57
CA HIS J 335 -46.61 -28.22 9.71
C HIS J 335 -45.21 -28.22 9.09
N PRO J 336 -44.16 -27.99 9.84
CA PRO J 336 -42.80 -27.93 9.30
C PRO J 336 -42.28 -29.09 8.50
N TYR J 337 -42.70 -30.31 8.72
CA TYR J 337 -42.24 -31.49 7.92
C TYR J 337 -42.80 -31.37 6.51
N LYS J 338 -43.87 -30.58 6.40
CA LYS J 338 -44.54 -30.36 5.12
C LYS J 338 -44.45 -28.91 4.66
N GLY J 339 -43.44 -28.21 5.16
CA GLY J 339 -43.21 -26.81 4.86
C GLY J 339 -42.85 -26.61 3.40
N VAL J 340 -43.14 -25.41 2.91
CA VAL J 340 -42.79 -24.99 1.54
C VAL J 340 -42.24 -23.56 1.70
N THR J 341 -41.27 -23.26 0.86
CA THR J 341 -40.60 -21.99 0.77
C THR J 341 -40.58 -21.55 -0.68
N LYS J 342 -41.65 -20.90 -1.14
CA LYS J 342 -41.70 -20.38 -2.51
C LYS J 342 -41.99 -18.86 -2.34
N PRO J 343 -40.90 -18.14 -2.31
CA PRO J 343 -40.96 -16.68 -2.14
C PRO J 343 -41.72 -16.08 -3.31
N LYS J 344 -42.63 -15.17 -2.99
CA LYS J 344 -43.40 -14.50 -4.08
C LYS J 344 -43.62 -13.03 -3.67
N TRP J 345 -42.68 -12.17 -4.08
CA TRP J 345 -42.79 -10.74 -3.68
C TRP J 345 -43.97 -9.97 -4.27
N THR J 346 -44.69 -9.17 -3.49
CA THR J 346 -45.80 -8.42 -4.05
C THR J 346 -45.75 -6.95 -3.63
N GLU J 347 -44.63 -6.56 -3.11
CA GLU J 347 -44.33 -5.22 -2.63
C GLU J 347 -44.92 -4.92 -1.28
N PHE J 348 -44.45 -3.83 -0.66
CA PHE J 348 -44.94 -3.45 0.65
C PHE J 348 -46.47 -3.39 0.67
N HIS J 349 -47.13 -4.24 1.44
CA HIS J 349 -48.56 -4.30 1.60
C HIS J 349 -49.15 -4.69 0.26
N GLY J 350 -48.37 -5.30 -0.61
CA GLY J 350 -48.94 -5.76 -1.92
C GLY J 350 -49.77 -7.00 -1.50
N GLU J 351 -51.05 -6.96 -1.72
CA GLU J 351 -52.05 -7.94 -1.38
C GLU J 351 -52.09 -8.06 0.15
N ASP J 352 -51.73 -7.00 0.82
CA ASP J 352 -51.66 -6.92 2.26
C ASP J 352 -50.50 -7.75 2.84
N ARG J 353 -49.68 -8.25 1.97
CA ARG J 353 -48.54 -9.02 2.48
C ARG J 353 -47.55 -7.93 2.87
N TYR J 354 -46.91 -8.15 4.01
CA TYR J 354 -45.91 -7.21 4.54
C TYR J 354 -44.68 -7.81 5.21
N SER J 355 -44.29 -9.06 4.97
CA SER J 355 -43.08 -9.62 5.61
C SER J 355 -42.55 -10.84 4.85
N TRP J 356 -41.23 -10.94 4.97
CA TRP J 356 -40.39 -12.06 4.44
C TRP J 356 -40.39 -13.22 5.50
N MET J 357 -40.94 -12.99 6.69
CA MET J 357 -41.05 -13.93 7.76
C MET J 357 -42.38 -14.67 7.62
N LYS J 358 -42.34 -15.96 7.89
CA LYS J 358 -43.61 -16.74 7.87
C LYS J 358 -44.22 -16.44 9.25
N ALA J 359 -45.45 -16.83 9.51
CA ALA J 359 -46.15 -16.62 10.78
C ALA J 359 -46.46 -17.94 11.49
N PRO J 360 -45.59 -18.40 12.38
CA PRO J 360 -45.86 -19.64 13.13
C PRO J 360 -46.99 -19.42 14.11
N ARG J 361 -47.94 -20.33 14.10
CA ARG J 361 -49.11 -20.29 15.00
C ARG J 361 -49.08 -21.62 15.78
N TYR J 362 -49.42 -21.65 17.05
CA TYR J 362 -49.49 -22.88 17.86
C TYR J 362 -50.98 -23.21 18.16
N LYS J 363 -51.38 -24.34 17.61
CA LYS J 363 -52.76 -24.82 17.72
C LYS J 363 -53.62 -23.64 17.29
N GLY J 364 -53.17 -22.97 16.27
CA GLY J 364 -53.83 -21.82 15.68
C GLY J 364 -53.75 -20.52 16.41
N GLU J 365 -53.04 -20.46 17.52
CA GLU J 365 -52.91 -19.22 18.28
C GLU J 365 -51.51 -18.66 18.18
N ALA J 366 -51.43 -17.35 18.38
CA ALA J 366 -50.16 -16.59 18.31
C ALA J 366 -49.46 -16.80 19.64
N PHE J 367 -48.15 -16.98 19.63
CA PHE J 367 -47.45 -17.23 20.92
C PHE J 367 -46.22 -16.33 21.01
N GLU J 368 -45.70 -16.24 22.20
CA GLU J 368 -44.51 -15.52 22.55
C GLU J 368 -43.53 -16.63 23.08
N VAL J 369 -42.30 -16.56 22.63
CA VAL J 369 -41.23 -17.49 22.97
C VAL J 369 -40.12 -16.62 23.51
N GLY J 370 -39.18 -17.10 24.28
CA GLY J 370 -38.03 -16.31 24.75
C GLY J 370 -37.85 -16.46 26.22
N PRO J 371 -36.99 -15.61 26.79
CA PRO J 371 -36.75 -15.61 28.24
C PRO J 371 -38.02 -15.49 29.05
N LEU J 372 -38.92 -14.58 28.74
CA LEU J 372 -40.15 -14.44 29.51
C LEU J 372 -40.90 -15.79 29.49
N ALA J 373 -41.08 -16.32 28.27
CA ALA J 373 -41.86 -17.56 28.13
C ALA J 373 -41.23 -18.67 28.91
N SER J 374 -39.92 -18.77 28.80
CA SER J 374 -39.11 -19.81 29.45
C SER J 374 -39.18 -19.74 30.98
N VAL J 375 -38.98 -18.51 31.48
CA VAL J 375 -39.02 -18.21 32.89
C VAL J 375 -40.41 -18.41 33.46
N LEU J 376 -41.46 -18.10 32.70
CA LEU J 376 -42.82 -18.29 33.23
C LEU J 376 -43.13 -19.80 33.35
N VAL J 377 -42.67 -20.61 32.40
CA VAL J 377 -42.89 -22.05 32.45
C VAL J 377 -42.12 -22.66 33.63
N ALA J 378 -40.84 -22.37 33.74
CA ALA J 378 -40.01 -22.87 34.80
C ALA J 378 -40.60 -22.52 36.16
N TYR J 379 -40.96 -21.25 36.31
CA TYR J 379 -41.48 -20.68 37.57
C TYR J 379 -42.80 -21.34 37.95
N ALA J 380 -43.69 -21.44 36.96
CA ALA J 380 -44.98 -22.11 37.19
C ALA J 380 -44.77 -23.59 37.55
N LYS J 381 -43.77 -24.23 36.99
CA LYS J 381 -43.48 -25.63 37.22
C LYS J 381 -42.58 -25.72 38.43
N LYS J 382 -42.37 -24.60 39.10
CA LYS J 382 -41.54 -24.62 40.31
C LYS J 382 -40.10 -25.02 40.20
N HIS J 383 -39.38 -24.42 39.26
CA HIS J 383 -37.92 -24.72 39.06
C HIS J 383 -37.25 -23.86 40.13
N GLU J 384 -36.66 -24.44 41.16
CA GLU J 384 -36.07 -23.71 42.26
C GLU J 384 -35.17 -22.54 41.96
N PRO J 385 -34.24 -22.74 41.03
CA PRO J 385 -33.29 -21.67 40.64
C PRO J 385 -34.07 -20.44 40.17
N THR J 386 -35.04 -20.72 39.32
CA THR J 386 -35.94 -19.79 38.71
C THR J 386 -36.83 -19.09 39.74
N VAL J 387 -37.46 -19.94 40.53
CA VAL J 387 -38.32 -19.46 41.64
C VAL J 387 -37.49 -18.63 42.60
N LYS J 388 -36.29 -19.03 43.00
CA LYS J 388 -35.52 -18.17 43.90
C LYS J 388 -35.22 -16.84 43.20
N ALA J 389 -34.93 -16.80 41.92
CA ALA J 389 -34.57 -15.63 41.11
C ALA J 389 -35.71 -14.66 40.79
N VAL J 390 -36.87 -15.12 40.50
CA VAL J 390 -38.06 -14.32 40.19
C VAL J 390 -38.37 -13.55 41.48
N ASP J 391 -38.40 -14.29 42.57
CA ASP J 391 -38.69 -13.66 43.89
C ASP J 391 -37.73 -12.50 44.20
N LEU J 392 -36.45 -12.69 43.99
CA LEU J 392 -35.47 -11.67 44.26
C LEU J 392 -35.83 -10.31 43.63
N VAL J 393 -36.13 -10.43 42.35
CA VAL J 393 -36.51 -9.41 41.39
C VAL J 393 -37.81 -8.74 41.82
N LEU J 394 -38.92 -9.42 41.93
CA LEU J 394 -40.22 -8.83 42.31
C LEU J 394 -40.13 -8.11 43.66
N LYS J 395 -39.27 -8.76 44.43
CA LYS J 395 -39.02 -8.33 45.81
C LYS J 395 -38.22 -7.02 45.72
N THR J 396 -37.31 -7.02 44.77
CA THR J 396 -36.49 -5.83 44.56
C THR J 396 -37.30 -4.76 43.88
N LEU J 397 -38.22 -5.03 42.98
CA LEU J 397 -39.00 -3.95 42.36
C LEU J 397 -40.30 -3.67 43.12
N GLY J 398 -40.54 -4.52 44.11
CA GLY J 398 -41.75 -4.39 44.91
C GLY J 398 -42.97 -4.47 44.01
N VAL J 399 -43.03 -5.50 43.21
CA VAL J 399 -44.21 -5.70 42.32
C VAL J 399 -44.48 -7.21 42.50
N GLY J 400 -45.54 -7.71 41.91
CA GLY J 400 -45.91 -9.13 41.94
C GLY J 400 -45.61 -9.73 40.56
N PRO J 401 -45.93 -11.00 40.36
CA PRO J 401 -45.68 -11.74 39.14
C PRO J 401 -46.49 -11.25 37.96
N GLU J 402 -47.52 -10.48 38.27
CA GLU J 402 -48.38 -9.93 37.22
C GLU J 402 -47.67 -8.80 36.46
N ALA J 403 -46.59 -8.33 37.03
CA ALA J 403 -45.69 -7.33 36.50
C ALA J 403 -44.79 -8.04 35.48
N LEU J 404 -44.70 -9.35 35.58
CA LEU J 404 -43.90 -10.10 34.59
C LEU J 404 -44.58 -10.06 33.24
N PHE J 405 -45.88 -9.95 33.08
CA PHE J 405 -46.52 -9.94 31.73
C PHE J 405 -46.38 -8.58 31.06
N SER J 406 -45.23 -8.01 30.83
CA SER J 406 -45.13 -6.65 30.32
C SER J 406 -43.78 -6.43 29.68
N THR J 407 -43.48 -5.25 29.15
CA THR J 407 -42.18 -5.01 28.53
C THR J 407 -41.07 -4.98 29.58
N LEU J 408 -41.51 -4.54 30.74
CA LEU J 408 -40.52 -4.53 31.85
C LEU J 408 -40.17 -5.98 32.20
N GLY J 409 -41.22 -6.81 32.30
CA GLY J 409 -41.07 -8.23 32.65
C GLY J 409 -40.24 -9.04 31.65
N ARG J 410 -40.42 -8.65 30.40
CA ARG J 410 -39.74 -9.29 29.27
C ARG J 410 -38.25 -9.03 29.37
N THR J 411 -37.92 -7.91 29.96
CA THR J 411 -36.56 -7.47 30.18
C THR J 411 -35.94 -8.02 31.45
N ALA J 412 -36.68 -8.11 32.53
CA ALA J 412 -36.11 -8.70 33.78
C ALA J 412 -35.94 -10.20 33.53
N ALA J 413 -36.88 -10.89 32.87
CA ALA J 413 -36.75 -12.34 32.55
C ALA J 413 -35.49 -12.70 31.81
N ARG J 414 -34.96 -11.87 30.98
CA ARG J 414 -33.71 -12.14 30.22
C ARG J 414 -32.57 -12.13 31.23
N GLY J 415 -32.75 -11.36 32.28
CA GLY J 415 -31.69 -11.21 33.32
C GLY J 415 -31.69 -12.50 34.13
N ILE J 416 -32.89 -12.98 34.37
CA ILE J 416 -33.15 -14.23 35.10
C ILE J 416 -32.66 -15.41 34.27
N GLN J 417 -33.02 -15.52 33.02
CA GLN J 417 -32.58 -16.63 32.18
C GLN J 417 -31.08 -16.64 32.06
N CYS J 418 -30.47 -15.47 32.08
CA CYS J 418 -29.01 -15.38 31.91
C CYS J 418 -28.34 -15.88 33.15
N LEU J 419 -28.92 -15.79 34.32
CA LEU J 419 -28.23 -16.22 35.56
C LEU J 419 -28.35 -17.68 35.94
N THR J 420 -29.51 -18.24 35.57
CA THR J 420 -29.85 -19.65 35.85
C THR J 420 -28.97 -20.55 34.98
N ALA J 421 -28.80 -20.10 33.75
CA ALA J 421 -27.88 -20.76 32.79
C ALA J 421 -26.48 -20.69 33.41
N ALA J 422 -26.08 -19.48 33.79
CA ALA J 422 -24.78 -19.22 34.41
C ALA J 422 -24.58 -20.11 35.63
N GLN J 423 -25.64 -20.35 36.38
CA GLN J 423 -25.46 -21.12 37.61
C GLN J 423 -25.17 -22.55 37.25
N GLU J 424 -25.86 -23.06 36.26
CA GLU J 424 -25.66 -24.45 35.88
C GLU J 424 -24.39 -24.79 35.15
N VAL J 425 -23.67 -23.85 34.58
CA VAL J 425 -22.43 -24.15 33.84
C VAL J 425 -21.45 -24.86 34.76
N GLU J 426 -21.44 -24.51 36.02
CA GLU J 426 -20.56 -25.08 37.04
C GLU J 426 -20.82 -26.58 37.15
N VAL J 427 -22.06 -27.01 37.14
CA VAL J 427 -22.48 -28.41 37.24
C VAL J 427 -21.92 -29.27 36.09
N TRP J 428 -22.16 -28.87 34.85
CA TRP J 428 -21.69 -29.60 33.67
C TRP J 428 -20.20 -29.66 33.57
N LEU J 429 -19.56 -28.61 34.02
CA LEU J 429 -18.08 -28.55 33.93
C LEU J 429 -17.43 -29.64 34.76
N ASP J 430 -17.96 -29.57 35.98
CA ASP J 430 -17.60 -30.46 37.10
C ASP J 430 -17.71 -31.90 36.63
N LYS J 431 -18.83 -32.29 36.06
CA LYS J 431 -19.07 -33.61 35.51
C LYS J 431 -18.13 -33.93 34.36
N LEU J 432 -18.10 -32.96 33.41
CA LEU J 432 -17.22 -33.19 32.27
C LEU J 432 -15.86 -33.62 32.84
N GLU J 433 -15.40 -32.84 33.77
CA GLU J 433 -14.09 -33.02 34.37
C GLU J 433 -13.84 -34.29 35.13
N ALA J 434 -14.84 -34.80 35.84
CA ALA J 434 -14.80 -36.01 36.64
C ALA J 434 -14.78 -37.23 35.68
N ASN J 435 -15.53 -37.06 34.59
CA ASN J 435 -15.56 -38.13 33.61
C ASN J 435 -14.16 -38.23 33.00
N VAL J 436 -13.55 -37.09 32.74
CA VAL J 436 -12.26 -37.22 32.06
C VAL J 436 -11.26 -37.78 33.03
N LYS J 437 -11.38 -37.41 34.31
CA LYS J 437 -10.46 -37.92 35.35
C LYS J 437 -10.60 -39.44 35.51
N ALA J 438 -11.79 -39.98 35.41
CA ALA J 438 -12.08 -41.40 35.49
C ALA J 438 -11.65 -42.10 34.19
N GLY J 439 -11.08 -41.37 33.24
CA GLY J 439 -10.68 -41.91 31.96
C GLY J 439 -11.81 -41.96 30.93
N LYS J 440 -13.06 -41.67 31.26
CA LYS J 440 -14.15 -41.64 30.28
C LYS J 440 -14.11 -40.37 29.41
N ASP J 441 -13.53 -40.55 28.25
CA ASP J 441 -13.25 -39.54 27.26
C ASP J 441 -13.91 -39.66 25.89
N ASP J 442 -15.00 -40.30 25.69
CA ASP J 442 -15.61 -40.40 24.35
C ASP J 442 -16.48 -39.17 24.06
N LEU J 443 -16.48 -38.68 22.84
CA LEU J 443 -17.19 -37.55 22.33
C LEU J 443 -18.00 -37.93 21.10
N TYR J 444 -17.78 -39.09 20.53
CA TYR J 444 -18.50 -39.44 19.28
C TYR J 444 -19.09 -40.82 19.05
N THR J 445 -20.28 -40.96 18.46
CA THR J 445 -20.94 -42.20 18.16
C THR J 445 -21.22 -42.36 16.67
N ASP J 446 -20.83 -43.53 16.19
CA ASP J 446 -20.95 -43.91 14.78
C ASP J 446 -22.44 -44.04 14.47
N TRP J 447 -22.78 -43.83 13.22
CA TRP J 447 -24.18 -43.83 12.80
C TRP J 447 -24.28 -44.14 11.31
N GLN J 448 -25.50 -44.45 10.88
CA GLN J 448 -25.63 -44.75 9.44
C GLN J 448 -26.96 -44.17 9.03
N TYR J 449 -27.16 -43.85 7.75
CA TYR J 449 -28.48 -43.28 7.47
C TYR J 449 -29.57 -44.30 7.24
N PRO J 450 -30.77 -44.14 7.75
CA PRO J 450 -31.86 -45.00 7.28
C PRO J 450 -32.10 -44.64 5.79
N THR J 451 -32.85 -45.54 5.16
CA THR J 451 -33.22 -45.38 3.74
C THR J 451 -33.93 -44.04 3.52
N GLU J 452 -34.97 -43.78 4.27
CA GLU J 452 -35.81 -42.61 4.30
C GLU J 452 -36.04 -42.30 5.79
N SER J 453 -35.94 -41.12 6.32
CA SER J 453 -36.19 -40.78 7.72
C SER J 453 -36.51 -39.28 7.81
N GLN J 454 -37.00 -38.84 8.93
CA GLN J 454 -37.38 -37.47 9.27
C GLN J 454 -36.94 -37.20 10.70
N GLY J 455 -36.55 -35.98 11.06
CA GLY J 455 -36.04 -35.76 12.46
C GLY J 455 -36.28 -34.33 12.84
N VAL J 456 -36.33 -34.05 14.13
CA VAL J 456 -36.52 -32.66 14.57
C VAL J 456 -35.52 -32.36 15.70
N GLY J 457 -34.95 -31.16 15.72
CA GLY J 457 -33.97 -30.66 16.72
C GLY J 457 -34.65 -29.49 17.42
N PHE J 458 -34.80 -29.54 18.71
CA PHE J 458 -35.44 -28.53 19.51
C PHE J 458 -34.35 -27.83 20.34
N VAL J 459 -34.23 -26.53 20.12
CA VAL J 459 -33.22 -25.80 20.90
C VAL J 459 -33.95 -24.62 21.56
N ASN J 460 -33.59 -24.26 22.75
CA ASN J 460 -34.19 -23.06 23.39
C ASN J 460 -32.99 -22.07 23.30
N ALA J 461 -32.94 -21.32 22.20
CA ALA J 461 -31.89 -20.35 21.92
C ALA J 461 -32.10 -19.19 22.89
N PRO J 462 -31.13 -18.29 23.03
CA PRO J 462 -31.34 -17.10 23.87
C PRO J 462 -32.63 -16.38 23.55
N ARG J 463 -33.17 -16.43 22.34
CA ARG J 463 -34.41 -15.74 21.99
C ARG J 463 -35.68 -16.55 21.98
N GLY J 464 -35.51 -17.79 22.42
CA GLY J 464 -36.63 -18.73 22.51
C GLY J 464 -36.51 -20.00 21.71
N MET J 465 -37.68 -20.59 21.43
CA MET J 465 -37.82 -21.86 20.76
C MET J 465 -37.47 -21.99 19.31
N LEU J 466 -36.35 -22.72 19.11
CA LEU J 466 -35.81 -23.02 17.79
C LEU J 466 -35.97 -24.51 17.46
N SER J 467 -36.40 -24.79 16.23
CA SER J 467 -36.59 -26.16 15.76
C SER J 467 -36.22 -26.25 14.29
N HIS J 468 -35.37 -27.23 14.00
CA HIS J 468 -34.90 -27.57 12.64
C HIS J 468 -35.53 -28.91 12.27
N TRP J 469 -36.19 -28.93 11.13
CA TRP J 469 -36.91 -30.15 10.69
C TRP J 469 -36.31 -30.72 9.42
N ILE J 470 -35.97 -32.01 9.42
CA ILE J 470 -35.39 -32.60 8.20
C ILE J 470 -36.15 -33.85 7.77
N VAL J 471 -36.15 -34.06 6.48
CA VAL J 471 -36.71 -35.19 5.79
C VAL J 471 -35.63 -35.63 4.82
N GLN J 472 -35.06 -36.77 5.06
CA GLN J 472 -34.00 -37.33 4.21
C GLN J 472 -34.40 -38.63 3.52
N ARG J 473 -33.76 -38.90 2.40
CA ARG J 473 -33.93 -40.14 1.61
C ARG J 473 -32.57 -40.41 0.96
N GLY J 474 -31.81 -41.45 1.27
CA GLY J 474 -30.55 -41.75 0.63
C GLY J 474 -29.38 -40.90 1.09
N GLY J 475 -29.49 -40.27 2.27
CA GLY J 475 -28.39 -39.38 2.71
C GLY J 475 -28.39 -38.07 1.90
N LYS J 476 -29.51 -37.65 1.39
CA LYS J 476 -29.77 -36.44 0.64
C LYS J 476 -31.02 -35.74 1.27
N ILE J 477 -31.01 -34.46 1.45
CA ILE J 477 -32.11 -33.71 2.02
C ILE J 477 -33.20 -33.53 0.99
N GLU J 478 -34.38 -33.91 1.38
CA GLU J 478 -35.63 -33.81 0.61
C GLU J 478 -36.31 -32.52 1.05
N ASN J 479 -36.29 -32.23 2.34
CA ASN J 479 -36.88 -31.06 3.01
C ASN J 479 -36.05 -30.73 4.27
N PHE J 480 -35.81 -29.45 4.48
CA PHE J 480 -35.12 -28.83 5.60
C PHE J 480 -35.84 -27.51 5.91
N GLN J 481 -36.61 -27.42 6.98
CA GLN J 481 -37.35 -26.27 7.46
C GLN J 481 -36.78 -25.85 8.84
N LEU J 482 -36.58 -24.55 9.01
CA LEU J 482 -36.20 -23.88 10.24
C LEU J 482 -37.43 -23.03 10.74
N VAL J 483 -37.73 -23.14 12.01
CA VAL J 483 -38.81 -22.32 12.58
C VAL J 483 -38.09 -21.67 13.78
N VAL J 484 -37.79 -20.40 13.67
CA VAL J 484 -36.98 -19.62 14.64
C VAL J 484 -37.82 -18.78 15.58
N PRO J 485 -37.26 -18.58 16.78
CA PRO J 485 -37.96 -17.82 17.81
C PRO J 485 -38.38 -16.46 17.28
N SER J 486 -37.50 -15.70 16.63
CA SER J 486 -37.94 -14.38 16.13
C SER J 486 -39.01 -14.57 15.07
N THR J 487 -39.24 -15.73 14.51
CA THR J 487 -40.31 -15.90 13.48
C THR J 487 -41.64 -15.88 14.27
N TRP J 488 -41.62 -16.45 15.47
CA TRP J 488 -42.75 -16.50 16.38
C TRP J 488 -43.09 -15.07 16.83
N ASN J 489 -42.18 -14.41 17.55
CA ASN J 489 -42.32 -13.08 18.09
C ASN J 489 -42.57 -11.96 17.08
N LEU J 490 -41.82 -11.86 16.03
CA LEU J 490 -41.90 -10.82 15.03
C LEU J 490 -42.51 -11.09 13.68
N GLY J 491 -43.19 -12.17 13.42
CA GLY J 491 -43.78 -12.49 12.15
C GLY J 491 -45.05 -11.65 12.00
N PRO J 492 -45.56 -11.64 10.77
CA PRO J 492 -46.77 -10.91 10.44
C PRO J 492 -47.97 -11.67 10.99
N ARG J 493 -49.18 -11.28 10.60
CA ARG J 493 -50.40 -11.92 11.03
C ARG J 493 -50.49 -13.23 10.22
N CYS J 494 -51.38 -14.05 10.75
CA CYS J 494 -51.66 -15.36 10.16
C CYS J 494 -52.89 -15.13 9.28
N ALA J 495 -53.35 -16.25 8.77
CA ALA J 495 -54.53 -16.30 7.87
C ALA J 495 -55.76 -15.88 8.67
N GLU J 496 -55.77 -16.20 9.94
CA GLU J 496 -56.94 -15.86 10.76
C GLU J 496 -56.78 -14.42 11.17
N GLY J 497 -55.81 -13.74 10.57
CA GLY J 497 -55.54 -12.35 10.88
C GLY J 497 -55.11 -12.06 12.29
N LYS J 498 -54.57 -12.97 13.07
CA LYS J 498 -54.10 -12.66 14.43
C LYS J 498 -52.71 -11.99 14.41
N LEU J 499 -52.50 -11.04 15.29
CA LEU J 499 -51.35 -10.22 15.47
C LEU J 499 -50.26 -11.05 16.13
N SER J 500 -49.02 -10.92 15.65
CA SER J 500 -47.91 -11.68 16.25
C SER J 500 -47.63 -11.04 17.60
N ALA J 501 -46.83 -11.63 18.47
CA ALA J 501 -46.56 -11.07 19.78
C ALA J 501 -46.01 -9.65 19.75
N VAL J 502 -45.15 -9.28 18.80
CA VAL J 502 -44.61 -7.88 18.82
C VAL J 502 -45.72 -6.89 18.42
N GLU J 503 -46.45 -7.22 17.38
CA GLU J 503 -47.52 -6.34 16.92
C GLU J 503 -48.46 -6.10 18.08
N GLN J 504 -48.86 -7.13 18.78
CA GLN J 504 -49.82 -7.04 19.91
C GLN J 504 -49.21 -6.32 21.08
N ALA J 505 -47.93 -6.53 21.34
CA ALA J 505 -47.32 -5.81 22.46
C ALA J 505 -47.34 -4.31 22.17
N LEU J 506 -47.34 -3.91 20.90
CA LEU J 506 -47.26 -2.50 20.54
C LEU J 506 -48.51 -1.70 20.87
N ILE J 507 -49.65 -2.32 20.61
CA ILE J 507 -50.95 -1.69 20.77
C ILE J 507 -51.07 -1.10 22.20
N GLY J 508 -51.45 0.16 22.32
CA GLY J 508 -51.56 0.83 23.62
C GLY J 508 -50.34 1.59 24.00
N THR J 509 -49.18 1.33 23.46
CA THR J 509 -47.97 2.10 23.83
C THR J 509 -48.24 3.61 23.59
N PRO J 510 -47.89 4.37 24.61
CA PRO J 510 -48.00 5.84 24.58
C PRO J 510 -46.74 6.40 23.89
N ILE J 511 -46.89 7.40 23.03
CA ILE J 511 -45.77 8.06 22.34
C ILE J 511 -45.71 9.55 22.70
N ALA J 512 -44.65 9.93 23.40
CA ALA J 512 -44.39 11.32 23.87
C ALA J 512 -44.15 12.23 22.67
N ASP J 513 -43.02 12.04 22.00
CA ASP J 513 -42.57 12.73 20.80
C ASP J 513 -42.55 11.73 19.63
N PRO J 514 -43.48 11.91 18.73
CA PRO J 514 -43.62 11.05 17.55
C PRO J 514 -42.45 11.19 16.60
N LYS J 515 -41.71 12.25 16.75
CA LYS J 515 -40.52 12.53 15.91
C LYS J 515 -39.30 11.79 16.46
N ARG J 516 -39.42 11.31 17.67
CA ARG J 516 -38.34 10.53 18.34
C ARG J 516 -39.05 9.50 19.24
N PRO J 517 -39.62 8.49 18.62
CA PRO J 517 -40.44 7.47 19.28
C PRO J 517 -39.74 6.24 19.81
N VAL J 518 -39.03 6.52 20.90
CA VAL J 518 -38.27 5.54 21.64
C VAL J 518 -39.24 4.57 22.33
N GLU J 519 -40.48 4.98 22.51
CA GLU J 519 -41.38 3.98 23.17
C GLU J 519 -41.57 2.81 22.28
N ILE J 520 -41.46 2.94 20.95
CA ILE J 520 -41.59 1.78 20.07
C ILE J 520 -40.34 0.88 20.19
N LEU J 521 -39.18 1.43 20.33
CA LEU J 521 -37.91 0.76 20.46
C LEU J 521 -37.84 -0.03 21.76
N ARG J 522 -38.41 0.55 22.81
CA ARG J 522 -38.32 -0.13 24.11
C ARG J 522 -39.04 -1.45 23.99
N THR J 523 -40.19 -1.44 23.36
CA THR J 523 -41.02 -2.59 23.18
C THR J 523 -40.38 -3.55 22.17
N VAL J 524 -40.03 -3.08 21.01
CA VAL J 524 -39.42 -3.91 19.97
C VAL J 524 -38.13 -4.54 20.52
N HIS J 525 -37.30 -3.76 21.16
CA HIS J 525 -36.04 -4.30 21.69
C HIS J 525 -36.16 -5.30 22.83
N SER J 526 -37.25 -5.24 23.59
CA SER J 526 -37.41 -6.16 24.73
C SER J 526 -37.49 -7.60 24.23
N TYR J 527 -37.90 -7.76 22.97
CA TYR J 527 -38.02 -9.03 22.30
C TYR J 527 -36.68 -9.49 21.72
N ASP J 528 -35.68 -8.67 21.78
CA ASP J 528 -34.37 -9.08 21.17
C ASP J 528 -34.56 -9.58 19.74
N PRO J 529 -35.13 -8.82 18.81
CA PRO J 529 -35.34 -9.28 17.45
C PRO J 529 -34.06 -9.70 16.78
N CYS J 530 -34.20 -10.71 15.93
CA CYS J 530 -33.10 -11.23 15.10
C CYS J 530 -33.76 -11.51 13.75
N ILE J 531 -33.64 -10.58 12.85
CA ILE J 531 -34.31 -10.68 11.54
C ILE J 531 -33.62 -11.69 10.67
N ALA J 532 -32.33 -11.90 10.77
CA ALA J 532 -31.56 -12.87 10.00
C ALA J 532 -32.09 -14.29 10.34
N CYS J 533 -32.32 -14.57 11.60
CA CYS J 533 -32.83 -15.79 12.14
C CYS J 533 -34.32 -15.89 11.78
N GLY J 534 -35.13 -14.86 11.97
CA GLY J 534 -36.51 -15.00 11.69
C GLY J 534 -36.85 -15.35 10.28
N VAL J 535 -36.11 -14.92 9.27
CA VAL J 535 -36.41 -15.17 7.88
C VAL J 535 -35.56 -16.25 7.19
N HIS J 536 -34.29 -16.29 7.56
CA HIS J 536 -33.31 -17.20 6.99
C HIS J 536 -33.52 -17.21 5.47
N LYS K 4 33.13 41.41 -3.08
CA LYS K 4 32.34 41.48 -1.85
C LYS K 4 32.75 40.47 -0.79
N LYS K 5 31.85 40.32 0.18
CA LYS K 5 32.06 39.44 1.33
C LYS K 5 32.62 38.06 1.05
N ARG K 6 31.74 37.16 0.66
CA ARG K 6 32.12 35.76 0.45
C ARG K 6 32.93 35.54 -0.82
N PRO K 7 33.90 34.65 -0.70
CA PRO K 7 34.79 34.25 -1.79
C PRO K 7 33.93 33.62 -2.88
N SER K 8 34.33 33.99 -4.05
CA SER K 8 33.75 33.72 -5.34
C SER K 8 34.27 32.43 -5.97
N VAL K 9 33.26 31.68 -6.42
CA VAL K 9 33.48 30.40 -7.07
C VAL K 9 32.78 30.39 -8.43
N VAL K 10 33.52 29.97 -9.42
CA VAL K 10 32.99 29.84 -10.81
C VAL K 10 33.13 28.34 -11.12
N TYR K 11 32.02 27.67 -11.38
CA TYR K 11 31.90 26.20 -11.60
C TYR K 11 31.62 25.85 -13.03
N LEU K 12 32.64 25.22 -13.69
CA LEU K 12 32.52 24.85 -15.11
C LEU K 12 32.15 23.38 -15.37
N HIS K 13 31.25 23.14 -16.29
CA HIS K 13 30.81 21.78 -16.65
C HIS K 13 31.32 21.44 -18.07
N ASN K 14 32.18 20.45 -18.21
CA ASN K 14 32.78 19.96 -19.43
C ASN K 14 32.22 18.61 -19.90
N ALA K 15 33.05 17.65 -20.22
CA ALA K 15 32.59 16.29 -20.63
C ALA K 15 32.37 15.49 -19.32
N GLU K 16 31.16 15.60 -18.82
CA GLU K 16 30.69 15.06 -17.59
C GLU K 16 29.31 14.44 -17.65
N CYS K 17 28.96 13.81 -16.56
CA CYS K 17 27.69 13.11 -16.36
C CYS K 17 26.83 13.86 -15.34
N THR K 18 27.43 14.82 -14.67
CA THR K 18 26.81 15.68 -13.68
C THR K 18 26.68 14.97 -12.36
N GLY K 19 27.29 13.84 -12.21
CA GLY K 19 27.21 13.12 -10.92
C GLY K 19 28.17 13.83 -9.96
N CYS K 20 29.08 14.64 -10.45
CA CYS K 20 30.06 15.37 -9.60
C CYS K 20 29.29 16.53 -8.95
N SER K 21 28.45 17.22 -9.71
CA SER K 21 27.59 18.26 -9.06
C SER K 21 26.57 17.59 -8.13
N GLU K 22 25.83 16.53 -8.43
CA GLU K 22 24.90 15.97 -7.46
C GLU K 22 25.61 15.54 -6.21
N SER K 23 26.85 15.06 -6.25
CA SER K 23 27.57 14.67 -5.01
C SER K 23 27.71 15.87 -4.10
N VAL K 24 27.84 16.99 -4.66
CA VAL K 24 28.00 18.25 -3.95
C VAL K 24 26.80 18.61 -3.10
N LEU K 25 25.58 18.52 -3.65
CA LEU K 25 24.26 18.73 -3.06
C LEU K 25 24.06 17.81 -1.86
N ARG K 26 24.88 16.77 -1.74
CA ARG K 26 24.79 15.78 -0.65
C ARG K 26 25.58 16.16 0.58
N THR K 27 26.41 17.17 0.50
CA THR K 27 27.18 17.72 1.63
C THR K 27 26.25 17.93 2.84
N VAL K 28 26.83 17.68 3.99
CA VAL K 28 26.16 17.76 5.32
C VAL K 28 27.16 18.47 6.22
N ASP K 29 26.69 19.40 7.09
CA ASP K 29 27.64 20.13 7.96
C ASP K 29 28.91 20.58 7.21
N PRO K 30 28.80 21.56 6.33
CA PRO K 30 27.60 22.32 6.02
C PRO K 30 26.74 21.76 4.94
N TYR K 31 25.46 22.08 5.04
CA TYR K 31 24.50 21.67 4.01
C TYR K 31 24.76 22.63 2.86
N VAL K 32 24.32 22.37 1.68
CA VAL K 32 24.54 23.17 0.50
C VAL K 32 24.00 24.58 0.61
N ASP K 33 22.99 24.80 1.38
CA ASP K 33 22.33 26.11 1.65
C ASP K 33 23.31 27.00 2.45
N GLU K 34 23.91 26.43 3.50
CA GLU K 34 24.91 27.11 4.32
C GLU K 34 26.14 27.45 3.47
N LEU K 35 26.52 26.52 2.61
CA LEU K 35 27.65 26.64 1.70
C LEU K 35 27.45 27.87 0.79
N ILE K 36 26.46 27.81 -0.03
CA ILE K 36 25.98 28.77 -1.04
C ILE K 36 25.55 30.10 -0.48
N LEU K 37 25.04 30.20 0.72
CA LEU K 37 24.59 31.45 1.32
C LEU K 37 25.52 31.92 2.43
N ASP K 38 26.45 31.16 2.94
CA ASP K 38 27.25 31.70 4.05
C ASP K 38 28.75 31.47 3.84
N VAL K 39 29.12 30.43 3.09
CA VAL K 39 30.56 30.19 2.97
C VAL K 39 31.19 30.75 1.69
N ILE K 40 30.51 30.58 0.57
CA ILE K 40 31.12 31.03 -0.66
C ILE K 40 30.04 31.77 -1.46
N SER K 41 30.51 32.29 -2.57
CA SER K 41 29.55 32.92 -3.48
C SER K 41 29.59 32.08 -4.76
N MET K 42 28.52 31.34 -5.02
CA MET K 42 28.44 30.50 -6.24
C MET K 42 28.04 31.42 -7.38
N ASP K 43 29.00 32.00 -8.06
CA ASP K 43 28.71 32.96 -9.13
C ASP K 43 28.29 32.42 -10.45
N TYR K 44 28.78 31.25 -10.83
CA TYR K 44 28.45 30.58 -12.11
C TYR K 44 28.29 29.09 -11.86
N HIS K 45 27.12 28.57 -12.17
CA HIS K 45 26.85 27.12 -11.99
C HIS K 45 25.65 26.77 -12.86
N GLU K 46 25.83 26.27 -14.04
CA GLU K 46 24.85 25.95 -15.03
C GLU K 46 23.65 25.18 -14.55
N THR K 47 23.84 24.31 -13.61
CA THR K 47 22.79 23.46 -13.09
C THR K 47 21.78 24.10 -12.18
N LEU K 48 22.15 25.17 -11.52
CA LEU K 48 21.28 25.80 -10.53
C LEU K 48 20.84 27.20 -10.88
N MET K 49 21.35 27.73 -11.97
CA MET K 49 21.06 29.12 -12.30
C MET K 49 19.67 29.53 -12.65
N ALA K 50 19.27 30.71 -12.18
CA ALA K 50 17.92 31.24 -12.48
C ALA K 50 17.80 31.71 -13.94
N GLY K 51 18.75 32.54 -14.37
CA GLY K 51 18.69 33.09 -15.74
C GLY K 51 19.22 32.03 -16.70
N ALA K 52 19.16 32.15 -17.99
CA ALA K 52 19.66 31.19 -18.96
C ALA K 52 20.25 31.97 -20.15
N GLY K 53 20.82 31.31 -21.10
CA GLY K 53 21.37 31.88 -22.35
C GLY K 53 22.35 32.95 -22.03
N HIS K 54 22.36 34.05 -22.71
CA HIS K 54 23.28 35.18 -22.53
C HIS K 54 23.21 35.79 -21.14
N ALA K 55 22.15 35.72 -20.33
CA ALA K 55 22.22 36.33 -18.98
C ALA K 55 23.31 35.72 -18.09
N VAL K 56 23.48 34.40 -18.24
CA VAL K 56 24.46 33.57 -17.55
C VAL K 56 25.87 33.76 -18.14
N GLU K 57 26.01 33.92 -19.43
CA GLU K 57 27.34 34.15 -20.00
C GLU K 57 27.91 35.51 -19.65
N GLU K 58 27.09 36.50 -19.39
CA GLU K 58 27.49 37.84 -18.98
C GLU K 58 27.95 37.74 -17.55
N ALA K 59 27.31 36.90 -16.77
CA ALA K 59 27.68 36.59 -15.37
C ALA K 59 29.03 35.89 -15.25
N LEU K 60 29.20 34.87 -16.09
CA LEU K 60 30.50 34.18 -16.01
C LEU K 60 31.53 35.27 -16.36
N HIS K 61 31.30 36.00 -17.44
CA HIS K 61 32.22 37.06 -17.93
C HIS K 61 32.67 38.12 -16.92
N GLU K 62 31.76 38.58 -16.07
CA GLU K 62 32.10 39.54 -15.04
C GLU K 62 32.69 38.86 -13.85
N ALA K 63 32.25 37.65 -13.53
CA ALA K 63 32.85 37.02 -12.33
C ALA K 63 34.34 36.78 -12.52
N ILE K 64 34.78 36.44 -13.74
CA ILE K 64 36.19 36.14 -14.00
C ILE K 64 37.11 37.34 -13.99
N LYS K 65 36.50 38.53 -13.89
CA LYS K 65 37.27 39.79 -13.81
C LYS K 65 37.82 39.94 -12.40
N GLY K 66 37.30 39.26 -11.39
CA GLY K 66 37.74 39.31 -10.03
C GLY K 66 38.62 38.17 -9.56
N ASP K 67 38.53 38.08 -8.24
CA ASP K 67 39.26 37.11 -7.41
C ASP K 67 38.37 35.89 -7.19
N PHE K 68 38.74 34.79 -7.87
CA PHE K 68 37.89 33.59 -7.69
C PHE K 68 38.69 32.31 -7.75
N VAL K 69 37.96 31.30 -7.27
CA VAL K 69 38.43 29.93 -7.30
C VAL K 69 37.61 29.29 -8.46
N CYS K 70 38.32 28.53 -9.26
CA CYS K 70 37.69 27.83 -10.41
C CYS K 70 37.54 26.33 -10.10
N VAL K 71 36.31 25.85 -10.29
CA VAL K 71 35.93 24.46 -10.07
C VAL K 71 35.64 23.93 -11.48
N ILE K 72 36.35 22.95 -11.91
CA ILE K 72 36.12 22.36 -13.23
C ILE K 72 35.58 20.92 -13.06
N GLU K 73 34.43 20.56 -13.50
CA GLU K 73 33.85 19.21 -13.48
C GLU K 73 33.90 18.67 -14.92
N GLY K 74 34.30 17.45 -15.17
CA GLY K 74 34.32 16.81 -16.49
C GLY K 74 35.67 16.87 -17.14
N GLY K 75 35.90 16.05 -18.16
CA GLY K 75 37.21 16.01 -18.83
C GLY K 75 37.07 17.03 -19.95
N ILE K 76 38.20 17.38 -20.57
CA ILE K 76 38.19 18.34 -21.69
C ILE K 76 38.48 17.65 -23.01
N PRO K 77 37.52 17.66 -23.93
CA PRO K 77 37.66 17.07 -25.25
C PRO K 77 38.63 17.91 -26.08
N MET K 78 39.55 17.13 -26.63
CA MET K 78 40.60 17.78 -27.44
C MET K 78 40.88 17.19 -28.79
N GLY K 79 40.19 16.13 -29.16
CA GLY K 79 40.46 15.56 -30.45
C GLY K 79 39.64 16.38 -31.46
N ASP K 80 40.30 16.34 -32.60
CA ASP K 80 39.93 16.94 -33.88
C ASP K 80 39.67 18.42 -33.63
N GLY K 81 40.26 18.97 -32.61
CA GLY K 81 40.01 20.38 -32.35
C GLY K 81 39.08 20.63 -31.16
N GLY K 82 38.48 19.60 -30.58
CA GLY K 82 37.63 19.77 -29.41
C GLY K 82 36.24 20.23 -29.70
N TYR K 83 35.74 20.03 -30.90
CA TYR K 83 34.35 20.47 -31.15
C TYR K 83 33.29 19.56 -30.58
N TRP K 84 33.63 18.43 -30.01
CA TRP K 84 32.83 17.37 -29.39
C TRP K 84 32.06 17.83 -28.16
N GLY K 85 32.60 18.89 -27.57
CA GLY K 85 32.04 19.51 -26.35
C GLY K 85 31.96 21.02 -26.56
N LYS K 86 30.79 21.56 -26.60
CA LYS K 86 30.50 22.96 -26.77
C LYS K 86 29.46 23.49 -25.74
N VAL K 87 29.70 24.73 -25.34
CA VAL K 87 28.81 25.50 -24.49
C VAL K 87 28.63 26.86 -25.20
N GLY K 88 27.50 27.26 -25.67
CA GLY K 88 27.45 28.58 -26.34
C GLY K 88 28.00 28.65 -27.74
N GLY K 89 28.49 27.52 -28.23
CA GLY K 89 29.09 27.44 -29.57
C GLY K 89 30.61 27.40 -29.38
N ARG K 90 31.06 27.67 -28.18
CA ARG K 90 32.51 27.66 -27.91
C ARG K 90 33.00 26.31 -27.43
N ASN K 91 34.07 25.75 -27.90
CA ASN K 91 34.61 24.49 -27.43
C ASN K 91 34.96 24.64 -25.97
N MET K 92 34.74 23.58 -25.22
CA MET K 92 35.05 23.46 -23.79
C MET K 92 36.51 23.81 -23.55
N TYR K 93 37.42 23.35 -24.37
CA TYR K 93 38.83 23.68 -24.13
C TYR K 93 38.99 25.21 -24.22
N ASP K 94 38.33 25.91 -25.12
CA ASP K 94 38.45 27.39 -25.24
C ASP K 94 37.91 28.06 -23.99
N ILE K 95 36.73 27.70 -23.52
CA ILE K 95 36.24 28.29 -22.28
C ILE K 95 37.20 28.10 -21.13
N CYS K 96 37.72 26.94 -20.87
CA CYS K 96 38.65 26.60 -19.81
C CYS K 96 39.99 27.30 -19.93
N ALA K 97 40.43 27.36 -21.15
CA ALA K 97 41.77 28.02 -21.41
C ALA K 97 41.67 29.52 -21.01
N GLU K 98 40.48 30.10 -21.18
CA GLU K 98 40.18 31.46 -20.86
C GLU K 98 39.94 31.62 -19.36
N VAL K 99 39.11 30.82 -18.75
CA VAL K 99 38.79 30.94 -17.37
C VAL K 99 39.80 30.50 -16.35
N ALA K 100 40.23 29.26 -16.48
CA ALA K 100 41.13 28.61 -15.52
C ALA K 100 42.33 29.41 -15.12
N PRO K 101 43.11 29.91 -16.06
CA PRO K 101 44.32 30.68 -15.79
C PRO K 101 44.06 31.97 -15.05
N LYS K 102 42.86 32.55 -15.09
CA LYS K 102 42.62 33.77 -14.30
C LYS K 102 42.23 33.50 -12.86
N ALA K 103 41.98 32.28 -12.44
CA ALA K 103 41.54 31.92 -11.07
C ALA K 103 42.62 31.94 -10.02
N LYS K 104 42.32 32.10 -8.75
CA LYS K 104 43.36 32.06 -7.74
C LYS K 104 43.85 30.64 -7.41
N ALA K 105 43.01 29.68 -7.68
CA ALA K 105 43.16 28.27 -7.49
C ALA K 105 42.15 27.60 -8.42
N VAL K 106 42.52 26.44 -8.89
CA VAL K 106 41.64 25.62 -9.75
C VAL K 106 41.48 24.27 -9.00
N ILE K 107 40.27 23.82 -8.96
CA ILE K 107 39.98 22.53 -8.32
C ILE K 107 39.38 21.58 -9.37
N ALA K 108 40.00 20.45 -9.67
CA ALA K 108 39.49 19.47 -10.65
C ALA K 108 38.60 18.51 -9.85
N ILE K 109 37.26 18.45 -10.06
CA ILE K 109 36.34 17.60 -9.30
C ILE K 109 35.95 16.36 -10.08
N GLY K 110 36.20 15.17 -9.54
CA GLY K 110 35.78 13.94 -10.26
C GLY K 110 36.93 13.41 -11.10
N THR K 111 37.02 12.10 -11.19
CA THR K 111 38.09 11.43 -11.97
C THR K 111 38.11 11.90 -13.41
N CYS K 112 37.00 12.39 -13.90
CA CYS K 112 37.00 12.89 -15.30
C CYS K 112 37.80 14.19 -15.40
N ALA K 113 37.58 15.14 -14.51
CA ALA K 113 38.30 16.42 -14.54
C ALA K 113 39.75 16.20 -14.18
N THR K 114 39.99 15.34 -13.21
CA THR K 114 41.36 15.05 -12.73
C THR K 114 42.17 14.30 -13.72
N TYR K 115 41.65 13.17 -14.24
CA TYR K 115 42.36 12.32 -15.20
C TYR K 115 41.74 12.06 -16.55
N GLY K 116 40.53 12.29 -16.93
CA GLY K 116 40.05 11.95 -18.30
C GLY K 116 38.67 11.29 -18.21
N GLY K 117 38.56 10.38 -17.27
CA GLY K 117 37.39 9.65 -16.89
C GLY K 117 36.84 8.70 -17.91
N VAL K 118 35.56 8.42 -17.70
CA VAL K 118 34.82 7.47 -18.56
C VAL K 118 34.97 7.73 -20.03
N GLN K 119 34.77 8.93 -20.55
CA GLN K 119 34.90 9.21 -21.99
C GLN K 119 36.33 9.09 -22.51
N ALA K 120 37.28 9.00 -21.59
CA ALA K 120 38.71 8.85 -21.95
C ALA K 120 39.07 7.35 -21.98
N ALA K 121 38.21 6.41 -21.59
CA ALA K 121 38.52 4.97 -21.67
C ALA K 121 38.68 4.69 -23.15
N LYS K 122 39.39 3.60 -23.47
CA LYS K 122 39.64 3.20 -24.89
C LYS K 122 38.34 3.02 -25.66
N PRO K 123 38.26 3.45 -26.88
CA PRO K 123 39.32 4.13 -27.62
C PRO K 123 39.34 5.66 -27.57
N ASN K 124 38.69 6.27 -26.58
CA ASN K 124 38.65 7.74 -26.42
C ASN K 124 38.27 8.44 -27.71
N PRO K 125 37.05 8.20 -28.17
CA PRO K 125 36.59 8.80 -29.42
C PRO K 125 36.84 10.32 -29.56
N THR K 126 36.63 11.09 -28.46
CA THR K 126 36.72 12.52 -28.40
C THR K 126 38.03 13.14 -27.98
N GLY K 127 39.03 12.36 -27.68
CA GLY K 127 40.32 12.88 -27.26
C GLY K 127 40.25 13.59 -25.91
N THR K 128 39.37 13.19 -24.99
CA THR K 128 39.26 13.83 -23.69
C THR K 128 40.46 13.59 -22.79
N VAL K 129 40.80 14.59 -21.99
CA VAL K 129 41.92 14.58 -21.08
C VAL K 129 41.51 15.34 -19.81
N GLY K 130 42.29 15.18 -18.77
CA GLY K 130 41.98 15.89 -17.51
C GLY K 130 42.54 17.30 -17.68
N VAL K 131 42.25 18.09 -16.71
CA VAL K 131 42.59 19.49 -16.53
C VAL K 131 44.04 19.76 -16.59
N ASN K 132 44.81 19.24 -15.64
CA ASN K 132 46.28 19.46 -15.72
C ASN K 132 46.87 18.94 -17.02
N GLU K 133 46.34 17.94 -17.70
CA GLU K 133 46.95 17.49 -18.96
C GLU K 133 46.61 18.49 -20.06
N ALA K 134 45.42 19.04 -20.05
CA ALA K 134 45.03 19.99 -21.07
C ALA K 134 45.55 21.39 -20.89
N LEU K 135 45.48 21.92 -19.72
CA LEU K 135 45.89 23.28 -19.39
C LEU K 135 47.20 23.52 -18.63
N GLY K 136 47.95 22.49 -18.34
CA GLY K 136 49.20 22.51 -17.60
C GLY K 136 50.11 23.52 -18.29
N LYS K 137 50.15 23.55 -19.60
CA LYS K 137 50.95 24.50 -20.38
C LYS K 137 50.44 25.93 -20.32
N LEU K 138 49.34 26.33 -19.74
CA LEU K 138 48.76 27.64 -19.60
C LEU K 138 49.04 28.01 -18.14
N GLY K 139 49.78 27.12 -17.51
CA GLY K 139 50.17 27.28 -16.12
C GLY K 139 49.17 26.73 -15.14
N VAL K 140 48.11 26.02 -15.52
CA VAL K 140 47.15 25.45 -14.55
C VAL K 140 47.76 24.18 -13.94
N LYS K 141 47.72 24.22 -12.63
CA LYS K 141 48.12 23.21 -11.69
C LYS K 141 46.89 23.02 -10.76
N ALA K 142 45.90 22.24 -11.12
CA ALA K 142 44.69 22.00 -10.35
C ALA K 142 44.84 21.04 -9.22
N ILE K 143 44.07 21.18 -8.18
CA ILE K 143 44.04 20.27 -7.00
C ILE K 143 43.14 19.12 -7.52
N ASN K 144 43.59 17.87 -7.44
CA ASN K 144 42.70 16.82 -8.01
C ASN K 144 41.82 16.15 -6.97
N ILE K 145 40.52 16.28 -6.96
CA ILE K 145 39.66 15.57 -6.01
C ILE K 145 39.11 14.38 -6.82
N ALA K 146 39.75 13.25 -6.64
CA ALA K 146 39.41 12.00 -7.35
C ALA K 146 38.23 11.22 -6.73
N GLY K 147 37.66 10.42 -7.64
CA GLY K 147 36.49 9.63 -7.28
C GLY K 147 35.49 9.89 -8.43
N CYS K 148 34.54 8.96 -8.45
CA CYS K 148 33.53 8.92 -9.52
C CYS K 148 32.14 8.62 -9.00
N PRO K 149 31.54 9.54 -8.26
CA PRO K 149 32.10 10.84 -7.86
C PRO K 149 32.84 10.76 -6.52
N PRO K 150 33.53 11.84 -6.11
CA PRO K 150 34.29 11.90 -4.87
C PRO K 150 33.33 11.98 -3.71
N ASN K 151 33.78 11.76 -2.53
CA ASN K 151 32.95 11.91 -1.28
C ASN K 151 32.64 13.38 -1.16
N PRO K 152 31.44 13.87 -0.89
CA PRO K 152 31.16 15.32 -0.76
C PRO K 152 32.15 15.97 0.17
N MET K 153 32.53 15.31 1.22
CA MET K 153 33.48 15.73 2.22
C MET K 153 34.83 16.16 1.67
N ASN K 154 35.31 15.44 0.68
CA ASN K 154 36.64 15.70 0.13
C ASN K 154 36.66 16.95 -0.75
N PHE K 155 35.51 17.30 -1.30
CA PHE K 155 35.52 18.49 -2.18
C PHE K 155 35.27 19.72 -1.31
N VAL K 156 34.24 19.71 -0.52
CA VAL K 156 33.86 20.81 0.38
C VAL K 156 34.94 21.02 1.42
N GLY K 157 35.56 20.02 1.91
CA GLY K 157 36.60 20.08 2.95
C GLY K 157 37.86 20.65 2.34
N THR K 158 38.00 20.54 1.03
CA THR K 158 39.15 21.15 0.37
C THR K 158 38.87 22.63 0.09
N VAL K 159 37.66 22.98 -0.29
CA VAL K 159 37.29 24.37 -0.54
C VAL K 159 37.49 25.09 0.79
N VAL K 160 36.83 24.60 1.81
CA VAL K 160 36.96 25.27 3.12
C VAL K 160 38.40 25.33 3.58
N HIS K 161 39.22 24.34 3.29
CA HIS K 161 40.64 24.31 3.73
C HIS K 161 41.39 25.45 3.05
N LEU K 162 41.18 25.44 1.76
CA LEU K 162 41.78 26.41 0.86
C LEU K 162 41.46 27.82 1.34
N LEU K 163 40.26 28.00 1.83
CA LEU K 163 39.73 29.28 2.28
C LEU K 163 40.15 29.57 3.70
N THR K 164 40.48 28.57 4.47
CA THR K 164 40.84 28.81 5.87
C THR K 164 42.31 28.68 6.11
N LYS K 165 42.87 27.52 5.81
CA LYS K 165 44.27 27.25 6.00
C LYS K 165 45.16 27.37 4.79
N GLY K 166 44.76 27.36 3.55
CA GLY K 166 45.75 27.51 2.45
C GLY K 166 45.74 26.25 1.62
N MET K 167 46.75 26.13 0.81
CA MET K 167 46.91 24.99 -0.13
C MET K 167 47.24 23.66 0.52
N PRO K 168 46.41 22.64 0.32
CA PRO K 168 46.69 21.35 0.97
C PRO K 168 47.88 20.69 0.32
N GLU K 169 48.53 19.81 1.08
CA GLU K 169 49.66 19.04 0.54
C GLU K 169 49.02 18.00 -0.41
N LEU K 170 49.66 17.83 -1.54
CA LEU K 170 49.16 16.89 -2.54
C LEU K 170 50.02 15.65 -2.70
N ASP K 171 49.52 14.60 -3.30
CA ASP K 171 50.30 13.36 -3.56
C ASP K 171 50.76 13.58 -4.98
N LYS K 172 51.50 12.67 -5.58
CA LYS K 172 51.99 12.91 -6.95
C LYS K 172 50.89 12.86 -7.99
N GLN K 173 49.74 12.44 -7.54
CA GLN K 173 48.60 12.29 -8.47
C GLN K 173 47.74 13.52 -8.35
N GLY K 174 48.21 14.48 -7.59
CA GLY K 174 47.52 15.74 -7.39
C GLY K 174 46.46 15.72 -6.32
N ARG K 175 46.29 14.66 -5.53
CA ARG K 175 45.20 14.64 -4.58
C ARG K 175 45.65 15.05 -3.20
N PRO K 176 44.83 15.79 -2.48
CA PRO K 176 45.16 16.21 -1.13
C PRO K 176 45.46 15.01 -0.25
N VAL K 177 46.69 14.82 0.18
CA VAL K 177 47.01 13.71 1.09
C VAL K 177 46.08 13.63 2.30
N MET K 178 45.41 14.68 2.75
CA MET K 178 44.59 14.56 3.96
C MET K 178 43.39 13.64 3.74
N PHE K 179 43.02 13.45 2.50
CA PHE K 179 41.84 12.63 2.16
C PHE K 179 42.21 11.35 1.39
N PHE K 180 43.19 11.38 0.51
CA PHE K 180 43.66 10.33 -0.33
C PHE K 180 45.00 9.79 0.14
N GLY K 181 45.40 9.91 1.39
CA GLY K 181 46.70 9.39 1.82
C GLY K 181 46.77 7.92 2.16
N GLU K 182 45.65 7.24 2.37
CA GLU K 182 45.68 5.78 2.68
C GLU K 182 44.76 5.02 1.73
N THR K 183 45.04 3.75 1.55
CA THR K 183 44.21 2.98 0.59
C THR K 183 42.92 2.58 1.27
N VAL K 184 41.93 2.27 0.49
CA VAL K 184 40.62 1.80 1.04
C VAL K 184 40.81 0.53 1.86
N HIS K 185 41.75 -0.33 1.44
CA HIS K 185 42.02 -1.64 2.06
C HIS K 185 42.49 -1.50 3.49
N ASP K 186 43.37 -0.51 3.68
CA ASP K 186 43.97 -0.21 4.96
C ASP K 186 42.91 0.17 5.96
N ASN K 187 41.77 0.64 5.55
CA ASN K 187 40.71 1.00 6.50
C ASN K 187 39.51 0.10 6.35
N CYS K 188 39.56 -0.86 5.45
CA CYS K 188 38.42 -1.74 5.24
C CYS K 188 38.12 -2.61 6.45
N PRO K 189 36.90 -2.68 6.93
CA PRO K 189 36.50 -3.58 8.01
C PRO K 189 36.52 -5.07 7.62
N ARG K 190 36.55 -5.46 6.36
CA ARG K 190 36.57 -6.87 5.97
C ARG K 190 38.04 -7.29 6.03
N LEU K 191 38.90 -6.38 6.51
CA LEU K 191 40.36 -6.64 6.65
C LEU K 191 40.61 -7.80 7.64
N LYS K 192 39.68 -7.92 8.58
CA LYS K 192 39.73 -9.00 9.57
C LYS K 192 39.60 -10.34 8.79
N HIS K 193 38.63 -10.44 7.91
CA HIS K 193 38.43 -11.63 7.08
C HIS K 193 39.65 -11.93 6.22
N PHE K 194 40.24 -10.93 5.69
CA PHE K 194 41.39 -10.94 4.79
C PHE K 194 42.62 -11.52 5.48
N GLU K 195 42.78 -10.92 6.64
CA GLU K 195 43.93 -11.32 7.46
C GLU K 195 43.74 -12.78 7.86
N ALA K 196 42.54 -13.24 8.12
CA ALA K 196 42.16 -14.57 8.48
C ALA K 196 42.17 -15.53 7.28
N GLY K 197 42.39 -15.04 6.09
CA GLY K 197 42.42 -15.94 4.93
C GLY K 197 41.05 -16.43 4.61
N GLU K 198 40.06 -15.55 4.72
CA GLU K 198 38.65 -15.82 4.40
C GLU K 198 38.10 -14.93 3.30
N PHE K 199 37.87 -15.48 2.13
CA PHE K 199 37.51 -14.94 0.86
C PHE K 199 36.24 -15.49 0.24
N ALA K 200 35.52 -14.60 -0.45
CA ALA K 200 34.31 -14.99 -1.17
C ALA K 200 34.79 -15.22 -2.61
N THR K 201 34.34 -16.32 -3.22
CA THR K 201 34.71 -16.63 -4.60
C THR K 201 33.45 -16.57 -5.47
N SER K 202 32.32 -16.29 -4.83
CA SER K 202 31.09 -16.09 -5.61
C SER K 202 30.16 -15.28 -4.70
N PHE K 203 29.34 -14.52 -5.42
CA PHE K 203 28.34 -13.63 -4.83
C PHE K 203 27.23 -14.38 -4.17
N GLY K 204 26.84 -15.57 -4.57
CA GLY K 204 25.75 -16.25 -3.90
C GLY K 204 26.16 -17.28 -2.86
N SER K 205 27.41 -17.42 -2.57
CA SER K 205 27.96 -18.37 -1.61
C SER K 205 27.87 -17.95 -0.16
N PRO K 206 27.98 -18.92 0.74
CA PRO K 206 27.92 -18.67 2.16
C PRO K 206 28.96 -17.70 2.64
N GLU K 207 30.08 -17.66 1.94
CA GLU K 207 31.19 -16.73 2.35
C GLU K 207 30.83 -15.26 2.07
N ALA K 208 30.13 -15.00 0.97
CA ALA K 208 29.57 -13.78 0.45
C ALA K 208 28.53 -13.28 1.47
N LYS K 209 27.67 -14.25 1.84
CA LYS K 209 26.65 -13.95 2.87
C LYS K 209 27.29 -13.65 4.19
N LYS K 210 28.47 -14.14 4.49
CA LYS K 210 29.15 -13.94 5.78
C LYS K 210 29.99 -12.67 5.72
N GLY K 211 30.07 -12.01 4.57
CA GLY K 211 30.81 -10.77 4.46
C GLY K 211 32.30 -11.00 4.45
N TYR K 212 32.70 -12.05 3.75
CA TYR K 212 34.17 -12.31 3.67
C TYR K 212 34.79 -11.29 2.71
N CYS K 213 36.10 -11.27 2.60
CA CYS K 213 36.86 -10.39 1.70
C CYS K 213 36.51 -10.64 0.26
N LEU K 214 36.39 -9.63 -0.57
CA LEU K 214 36.01 -9.64 -1.99
C LEU K 214 37.21 -9.61 -2.90
N TYR K 215 38.40 -9.76 -2.39
CA TYR K 215 39.61 -9.70 -3.16
C TYR K 215 39.53 -10.57 -4.39
N GLU K 216 39.08 -11.82 -4.19
CA GLU K 216 38.99 -12.83 -5.29
C GLU K 216 37.95 -12.45 -6.28
N LEU K 217 36.97 -11.67 -5.86
CA LEU K 217 35.87 -11.12 -6.63
C LEU K 217 36.24 -9.74 -7.22
N GLY K 218 37.49 -9.40 -7.32
CA GLY K 218 38.05 -8.23 -7.93
C GLY K 218 38.12 -6.95 -7.14
N CYS K 219 38.03 -6.95 -5.86
CA CYS K 219 38.12 -5.76 -5.05
C CYS K 219 39.47 -5.14 -5.33
N LYS K 220 39.46 -3.86 -5.70
CA LYS K 220 40.68 -3.11 -6.06
C LYS K 220 41.11 -2.24 -4.91
N GLY K 221 40.50 -2.46 -3.77
CA GLY K 221 40.78 -1.83 -2.52
C GLY K 221 42.24 -1.70 -2.21
N PRO K 222 43.09 -2.71 -2.30
CA PRO K 222 44.51 -2.61 -1.96
C PRO K 222 45.26 -1.60 -2.81
N ASP K 223 44.71 -1.23 -3.93
CA ASP K 223 45.33 -0.29 -4.84
C ASP K 223 44.67 1.08 -4.85
N THR K 224 43.59 1.33 -4.18
CA THR K 224 42.88 2.59 -4.30
C THR K 224 43.05 3.50 -3.12
N TYR K 225 43.39 4.75 -3.45
CA TYR K 225 43.52 5.75 -2.39
C TYR K 225 42.23 6.54 -2.25
N ASN K 226 41.60 6.36 -1.10
CA ASN K 226 40.31 7.10 -0.93
C ASN K 226 39.98 6.87 0.52
N ASN K 227 39.00 7.50 1.06
CA ASN K 227 38.60 7.37 2.48
C ASN K 227 37.19 6.87 2.71
N CYS K 228 36.71 6.11 1.78
CA CYS K 228 35.40 5.50 1.72
C CYS K 228 35.00 4.76 2.97
N PRO K 229 35.82 3.83 3.44
CA PRO K 229 35.50 3.04 4.64
C PRO K 229 35.31 3.90 5.89
N LYS K 230 36.16 4.90 6.08
CA LYS K 230 36.06 5.76 7.28
C LYS K 230 35.02 6.86 7.12
N GLN K 231 34.82 7.48 5.96
CA GLN K 231 33.81 8.53 5.89
C GLN K 231 32.43 8.04 5.52
N LEU K 232 32.35 6.94 4.78
CA LEU K 232 31.04 6.45 4.34
C LEU K 232 30.57 7.47 3.28
N PHE K 233 29.46 7.15 2.68
CA PHE K 233 28.74 7.89 1.68
C PHE K 233 27.33 8.05 2.26
N ASN K 234 26.75 9.24 2.12
CA ASN K 234 25.36 9.50 2.58
C ASN K 234 25.24 9.26 4.09
N GLN K 235 26.42 9.33 4.67
CA GLN K 235 26.58 9.13 6.11
C GLN K 235 26.10 7.67 6.38
N VAL K 236 26.05 6.79 5.40
CA VAL K 236 25.47 5.46 5.65
C VAL K 236 26.08 4.21 5.08
N ASN K 237 26.77 4.17 3.97
CA ASN K 237 27.27 2.96 3.36
C ASN K 237 28.43 3.22 2.40
N TRP K 238 29.07 2.20 1.92
CA TRP K 238 30.15 2.24 0.93
C TRP K 238 30.08 0.89 0.20
N PRO K 239 30.60 0.87 -1.00
CA PRO K 239 30.53 -0.31 -1.86
C PRO K 239 30.77 -1.63 -1.18
N VAL K 240 31.84 -1.87 -0.46
CA VAL K 240 32.27 -3.10 0.17
C VAL K 240 31.35 -3.54 1.26
N GLN K 241 30.80 -2.58 1.94
CA GLN K 241 29.77 -2.83 3.00
C GLN K 241 28.50 -3.37 2.29
N ALA K 242 28.21 -2.92 1.08
CA ALA K 242 27.03 -3.38 0.31
C ALA K 242 27.38 -4.63 -0.50
N GLY K 243 28.49 -5.21 -0.07
CA GLY K 243 29.09 -6.42 -0.59
C GLY K 243 29.57 -6.36 -2.00
N HIS K 244 29.88 -5.19 -2.51
CA HIS K 244 30.40 -5.09 -3.91
C HIS K 244 31.87 -4.67 -3.78
N PRO K 245 32.70 -5.27 -4.60
CA PRO K 245 34.14 -4.89 -4.53
C PRO K 245 34.32 -3.45 -4.99
N CYS K 246 35.41 -2.85 -4.55
CA CYS K 246 35.87 -1.51 -4.91
C CYS K 246 36.35 -1.57 -6.36
N ILE K 247 35.96 -0.65 -7.22
CA ILE K 247 36.39 -0.60 -8.62
C ILE K 247 37.55 0.37 -8.84
N ALA K 248 38.25 0.85 -7.87
CA ALA K 248 39.38 1.79 -8.00
C ALA K 248 38.94 3.07 -8.68
N CYS K 249 37.81 3.62 -8.32
CA CYS K 249 37.21 4.82 -8.98
C CYS K 249 37.92 6.14 -8.74
N SER K 250 38.90 6.24 -7.90
CA SER K 250 39.65 7.44 -7.60
C SER K 250 41.04 7.34 -8.18
N GLU K 251 41.31 6.39 -9.07
CA GLU K 251 42.65 6.24 -9.64
C GLU K 251 42.70 6.54 -11.11
N PRO K 252 43.85 7.12 -11.47
CA PRO K 252 44.11 7.39 -12.90
C PRO K 252 43.92 6.09 -13.67
N ASN K 253 43.22 6.19 -14.76
CA ASN K 253 42.91 5.18 -15.74
C ASN K 253 42.19 3.96 -15.22
N PHE K 254 41.50 4.07 -14.11
CA PHE K 254 40.83 2.87 -13.57
C PHE K 254 40.02 2.11 -14.59
N TRP K 255 39.37 2.76 -15.49
CA TRP K 255 38.45 2.24 -16.49
C TRP K 255 39.10 1.18 -17.35
N ASP K 256 40.35 1.36 -17.60
CA ASP K 256 41.16 0.45 -18.46
C ASP K 256 42.13 -0.36 -17.59
N LEU K 257 42.75 0.34 -16.66
CA LEU K 257 43.70 -0.30 -15.78
C LEU K 257 43.11 -1.33 -14.83
N TYR K 258 41.89 -1.12 -14.36
CA TYR K 258 41.27 -1.96 -13.35
C TYR K 258 40.07 -2.77 -13.76
N SER K 259 39.78 -2.75 -15.01
CA SER K 259 38.65 -3.56 -15.56
C SER K 259 39.41 -4.69 -16.25
N PRO K 260 38.89 -5.90 -16.37
CA PRO K 260 37.60 -6.42 -15.92
C PRO K 260 37.54 -6.43 -14.39
N PHE K 261 36.52 -5.76 -13.96
CA PHE K 261 36.23 -5.48 -12.57
C PHE K 261 36.07 -6.63 -11.64
N TYR K 262 35.57 -7.77 -12.04
CA TYR K 262 35.29 -8.88 -11.13
C TYR K 262 36.36 -9.94 -11.12
N SER K 263 37.54 -9.51 -11.47
CA SER K 263 38.67 -10.46 -11.43
C SER K 263 39.88 -9.71 -10.93
N ALA K 264 40.61 -10.36 -10.04
CA ALA K 264 41.83 -9.83 -9.42
C ALA K 264 42.87 -9.73 -10.57
N ASN L 7 12.45 36.22 -37.08
CA ASN L 7 13.68 36.32 -36.29
C ASN L 7 13.72 35.15 -35.28
N LYS L 8 14.96 34.89 -34.93
CA LYS L 8 15.39 33.83 -34.06
C LYS L 8 15.69 34.28 -32.65
N ILE L 9 15.55 33.31 -31.76
CA ILE L 9 15.84 33.46 -30.36
C ILE L 9 16.71 32.22 -30.07
N VAL L 10 17.86 32.40 -29.52
CA VAL L 10 18.69 31.26 -29.17
C VAL L 10 18.91 31.27 -27.65
N VAL L 11 18.71 30.09 -27.02
CA VAL L 11 18.98 30.02 -25.57
C VAL L 11 20.09 28.96 -25.41
N ASP L 12 21.29 29.44 -25.10
CA ASP L 12 22.49 28.64 -24.92
C ASP L 12 23.50 29.26 -23.94
N PRO L 13 23.76 28.64 -22.77
CA PRO L 13 23.13 27.40 -22.35
C PRO L 13 21.73 27.50 -21.78
N ILE L 14 21.03 26.38 -21.88
CA ILE L 14 19.75 26.28 -21.18
C ILE L 14 20.26 25.85 -19.78
N THR L 15 19.95 26.48 -18.69
CA THR L 15 20.38 26.18 -17.34
C THR L 15 19.31 25.36 -16.63
N ARG L 16 19.55 24.89 -15.44
CA ARG L 16 18.54 24.09 -14.71
C ARG L 16 18.05 22.83 -15.37
N ILE L 17 18.91 22.16 -16.08
CA ILE L 17 18.80 20.88 -16.77
C ILE L 17 20.17 20.19 -16.50
N GLU L 18 20.33 18.98 -17.00
CA GLU L 18 21.54 18.17 -16.96
C GLU L 18 22.17 18.21 -18.38
N GLY L 19 23.45 18.52 -18.49
CA GLY L 19 24.12 18.49 -19.79
C GLY L 19 24.01 19.73 -20.61
N HIS L 20 24.55 19.62 -21.82
CA HIS L 20 24.63 20.77 -22.74
C HIS L 20 23.58 20.81 -23.79
N LEU L 21 22.62 21.72 -23.67
CA LEU L 21 21.56 21.90 -24.66
C LEU L 21 21.51 23.34 -25.18
N ARG L 22 21.24 23.48 -26.45
CA ARG L 22 21.09 24.84 -27.04
C ARG L 22 19.73 24.86 -27.70
N ILE L 23 18.89 25.85 -27.52
CA ILE L 23 17.57 25.89 -28.17
C ILE L 23 17.54 27.10 -29.13
N GLU L 24 17.14 26.84 -30.34
CA GLU L 24 17.01 27.94 -31.31
C GLU L 24 15.57 27.90 -31.79
N VAL L 25 14.91 29.05 -31.76
CA VAL L 25 13.55 29.20 -32.24
C VAL L 25 13.38 30.41 -33.18
N GLU L 26 12.36 30.27 -33.99
CA GLU L 26 11.90 31.26 -34.94
C GLU L 26 10.58 31.81 -34.35
N VAL L 27 10.53 33.11 -34.17
CA VAL L 27 9.31 33.80 -33.65
C VAL L 27 8.67 34.51 -34.84
N GLU L 28 7.38 34.72 -34.75
CA GLU L 28 6.52 35.34 -35.78
C GLU L 28 5.24 35.71 -35.06
N GLY L 29 5.01 37.01 -34.89
CA GLY L 29 3.78 37.43 -34.19
C GLY L 29 3.71 37.04 -32.73
N GLY L 30 4.88 37.05 -32.10
CA GLY L 30 5.06 36.76 -30.66
C GLY L 30 4.93 35.30 -30.29
N LYS L 31 4.87 34.47 -31.34
CA LYS L 31 4.70 33.04 -31.08
C LYS L 31 5.78 32.22 -31.75
N ILE L 32 6.19 31.17 -31.06
CA ILE L 32 7.22 30.29 -31.63
C ILE L 32 6.58 29.71 -32.88
N LYS L 33 7.22 29.78 -34.01
CA LYS L 33 6.79 29.26 -35.29
C LYS L 33 7.60 28.07 -35.78
N ASN L 34 8.83 27.85 -35.38
CA ASN L 34 9.72 26.73 -35.67
C ASN L 34 10.71 26.49 -34.51
N ALA L 35 11.25 25.29 -34.43
CA ALA L 35 12.19 25.06 -33.28
C ALA L 35 13.19 23.95 -33.59
N TRP L 36 14.37 24.03 -32.98
CA TRP L 36 15.46 23.08 -33.15
C TRP L 36 16.06 22.80 -31.78
N SER L 37 16.20 21.53 -31.44
CA SER L 37 16.75 21.11 -30.11
C SER L 37 18.18 20.68 -30.37
N MET L 38 19.17 21.44 -29.89
CA MET L 38 20.57 21.13 -30.23
C MET L 38 21.38 20.59 -29.07
N SER L 39 21.74 19.32 -29.06
CA SER L 39 22.53 18.71 -27.99
C SER L 39 23.97 18.90 -28.40
N THR L 40 24.77 19.57 -27.58
CA THR L 40 26.14 19.94 -27.87
C THR L 40 27.35 19.29 -27.22
N LEU L 41 27.20 18.12 -26.59
CA LEU L 41 28.34 17.38 -26.05
C LEU L 41 28.21 15.90 -26.49
N PHE L 42 29.23 15.25 -26.94
CA PHE L 42 29.20 13.83 -27.32
C PHE L 42 30.27 13.14 -26.47
N ARG L 43 30.02 12.03 -25.83
CA ARG L 43 31.05 11.33 -25.02
C ARG L 43 31.42 10.02 -25.71
N GLY L 44 30.46 9.32 -26.33
CA GLY L 44 30.57 8.09 -27.10
C GLY L 44 30.70 6.81 -26.32
N LEU L 45 29.83 6.51 -25.41
CA LEU L 45 29.85 5.39 -24.48
C LEU L 45 29.67 4.08 -25.21
N GLU L 46 28.79 4.03 -26.19
CA GLU L 46 28.59 2.79 -26.98
C GLU L 46 29.88 2.45 -27.73
N MET L 47 30.71 3.37 -28.20
CA MET L 47 31.96 3.07 -28.90
C MET L 47 33.01 2.48 -27.95
N ILE L 48 33.03 2.86 -26.70
CA ILE L 48 33.94 2.47 -25.65
C ILE L 48 33.67 1.07 -25.12
N LEU L 49 32.42 0.69 -25.14
CA LEU L 49 31.89 -0.61 -24.72
C LEU L 49 32.34 -1.72 -25.70
N LYS L 50 32.35 -1.49 -26.99
CA LYS L 50 32.72 -2.38 -28.05
C LYS L 50 33.85 -3.30 -27.60
N GLY L 51 33.65 -4.59 -27.69
CA GLY L 51 34.60 -5.60 -27.33
C GLY L 51 34.89 -5.83 -25.89
N ARG L 52 34.21 -5.20 -24.95
CA ARG L 52 34.49 -5.39 -23.51
C ARG L 52 33.69 -6.56 -22.96
N ASP L 53 33.87 -6.90 -21.74
CA ASP L 53 33.20 -7.89 -20.97
C ASP L 53 31.82 -7.39 -20.54
N PRO L 54 30.76 -8.11 -20.94
CA PRO L 54 29.41 -7.69 -20.58
C PRO L 54 29.32 -7.44 -19.10
N ARG L 55 30.08 -8.04 -18.21
CA ARG L 55 30.00 -7.78 -16.77
C ARG L 55 30.46 -6.39 -16.30
N ASP L 56 31.22 -5.71 -17.12
CA ASP L 56 31.76 -4.35 -16.96
C ASP L 56 30.74 -3.33 -17.48
N ALA L 57 29.94 -3.64 -18.49
CA ALA L 57 28.96 -2.71 -19.03
C ALA L 57 28.29 -1.84 -17.99
N GLN L 58 27.69 -2.46 -16.98
CA GLN L 58 26.93 -1.72 -15.96
C GLN L 58 27.71 -0.58 -15.34
N HIS L 59 29.01 -0.73 -15.15
CA HIS L 59 29.78 0.33 -14.50
C HIS L 59 30.04 1.49 -15.44
N PHE L 60 30.23 1.21 -16.72
CA PHE L 60 30.46 2.21 -17.74
C PHE L 60 29.12 2.95 -17.99
N THR L 61 28.04 2.21 -18.23
CA THR L 61 26.78 2.77 -18.59
C THR L 61 26.17 3.62 -17.52
N GLN L 62 26.42 3.17 -16.29
CA GLN L 62 25.87 4.00 -15.21
C GLN L 62 26.30 5.46 -15.33
N ARG L 63 27.49 5.72 -15.84
CA ARG L 63 28.12 7.02 -15.98
C ARG L 63 27.58 7.81 -17.17
N ALA L 64 26.55 7.29 -17.79
CA ALA L 64 25.96 8.08 -18.91
C ALA L 64 25.30 9.32 -18.27
N CYS L 65 24.94 9.18 -17.00
CA CYS L 65 24.31 10.20 -16.19
C CYS L 65 24.30 9.98 -14.69
N GLY L 66 24.66 10.98 -13.92
CA GLY L 66 24.69 11.00 -12.48
C GLY L 66 23.52 11.62 -11.76
N VAL L 67 22.55 12.11 -12.49
CA VAL L 67 21.27 12.69 -12.02
C VAL L 67 20.28 11.51 -11.94
N CYS L 68 20.11 10.81 -13.03
CA CYS L 68 19.31 9.59 -13.09
C CYS L 68 20.33 8.42 -12.96
N THR L 69 21.01 8.47 -11.84
CA THR L 69 22.05 7.56 -11.35
C THR L 69 21.38 6.24 -11.06
N TYR L 70 22.05 5.09 -11.21
CA TYR L 70 21.36 3.80 -10.94
C TYR L 70 20.52 3.28 -12.11
N VAL L 71 19.56 3.93 -12.71
CA VAL L 71 18.71 3.48 -13.82
C VAL L 71 19.44 2.80 -14.96
N HIS L 72 20.62 3.24 -15.35
CA HIS L 72 21.45 2.66 -16.41
C HIS L 72 22.16 1.43 -15.84
N ALA L 73 22.50 1.40 -14.56
CA ALA L 73 23.12 0.20 -14.00
C ALA L 73 22.09 -0.91 -14.15
N LEU L 74 20.85 -0.65 -13.76
CA LEU L 74 19.71 -1.54 -13.87
C LEU L 74 19.42 -1.99 -15.29
N ALA L 75 19.26 -1.10 -16.26
CA ALA L 75 18.94 -1.47 -17.64
C ALA L 75 20.08 -2.36 -18.17
N SER L 76 21.32 -2.13 -17.78
CA SER L 76 22.46 -2.91 -18.22
C SER L 76 22.46 -4.32 -17.62
N VAL L 77 22.27 -4.44 -16.32
CA VAL L 77 22.20 -5.71 -15.66
C VAL L 77 20.91 -6.39 -16.18
N ARG L 78 19.86 -5.68 -16.53
CA ARG L 78 18.67 -6.37 -17.04
C ARG L 78 18.91 -6.88 -18.44
N ALA L 79 19.67 -6.21 -19.26
CA ALA L 79 19.98 -6.58 -20.63
C ALA L 79 20.93 -7.78 -20.62
N VAL L 80 21.85 -7.88 -19.71
CA VAL L 80 22.79 -9.00 -19.67
C VAL L 80 22.11 -10.17 -18.97
N ASP L 81 21.20 -9.94 -18.02
CA ASP L 81 20.44 -10.99 -17.31
C ASP L 81 19.67 -11.69 -18.45
N ASN L 82 18.91 -10.97 -19.22
CA ASN L 82 18.11 -11.39 -20.34
C ASN L 82 18.93 -12.10 -21.42
N CYS L 83 20.10 -11.56 -21.75
CA CYS L 83 20.79 -12.25 -22.84
C CYS L 83 21.47 -13.55 -22.44
N VAL L 84 21.53 -13.89 -21.20
CA VAL L 84 22.17 -15.04 -20.55
C VAL L 84 21.18 -16.01 -19.90
N GLY L 85 19.92 -15.66 -19.99
CA GLY L 85 18.72 -16.26 -19.55
C GLY L 85 18.55 -16.41 -18.05
N VAL L 86 19.23 -15.68 -17.22
CA VAL L 86 19.18 -15.76 -15.76
C VAL L 86 17.93 -15.12 -15.19
N LYS L 87 17.50 -15.84 -14.20
CA LYS L 87 16.31 -15.65 -13.34
C LYS L 87 16.81 -15.29 -11.93
N ILE L 88 16.79 -13.98 -11.65
CA ILE L 88 17.29 -13.50 -10.35
C ILE L 88 16.26 -13.81 -9.27
N PRO L 89 16.72 -13.98 -8.06
CA PRO L 89 15.85 -14.25 -6.93
C PRO L 89 14.92 -13.10 -6.59
N GLU L 90 13.79 -13.47 -6.01
CA GLU L 90 12.76 -12.54 -5.60
C GLU L 90 13.31 -11.38 -4.76
N ASN L 91 14.16 -11.60 -3.83
CA ASN L 91 14.72 -10.54 -3.00
C ASN L 91 15.56 -9.67 -3.91
N ALA L 92 16.13 -10.16 -5.01
CA ALA L 92 16.97 -9.16 -5.76
C ALA L 92 16.01 -8.30 -6.55
N THR L 93 14.87 -8.90 -6.91
CA THR L 93 13.86 -8.16 -7.65
C THR L 93 13.31 -7.09 -6.72
N LEU L 94 12.88 -7.40 -5.53
CA LEU L 94 12.37 -6.45 -4.57
C LEU L 94 13.34 -5.30 -4.26
N MET L 95 14.60 -5.62 -3.99
CA MET L 95 15.67 -4.65 -3.67
C MET L 95 15.98 -3.71 -4.83
N ARG L 96 15.91 -4.17 -6.08
CA ARG L 96 16.13 -3.41 -7.28
C ARG L 96 14.99 -2.44 -7.46
N ASN L 97 13.81 -2.80 -7.07
CA ASN L 97 12.57 -2.02 -7.13
C ASN L 97 12.53 -0.96 -6.03
N LEU L 98 12.98 -1.32 -4.87
CA LEU L 98 12.99 -0.31 -3.81
C LEU L 98 13.97 0.81 -4.14
N THR L 99 15.09 0.50 -4.73
CA THR L 99 16.16 1.42 -5.07
C THR L 99 15.62 2.32 -6.19
N MET L 100 14.79 1.83 -7.06
CA MET L 100 14.27 2.63 -8.18
C MET L 100 13.17 3.53 -7.62
N GLY L 101 12.43 3.04 -6.66
CA GLY L 101 11.34 3.79 -6.04
C GLY L 101 11.97 5.01 -5.36
N ALA L 102 13.00 4.74 -4.60
CA ALA L 102 13.73 5.81 -3.92
C ALA L 102 14.32 6.80 -4.94
N GLN L 103 14.72 6.37 -6.12
CA GLN L 103 15.31 7.22 -7.19
C GLN L 103 14.17 8.12 -7.73
N TYR L 104 12.94 7.64 -7.82
CA TYR L 104 11.87 8.50 -8.30
C TYR L 104 11.57 9.54 -7.21
N MET L 105 11.48 9.07 -5.99
CA MET L 105 11.20 9.99 -4.87
C MET L 105 12.11 11.21 -4.91
N HIS L 106 13.39 11.06 -4.99
CA HIS L 106 14.48 12.00 -5.02
C HIS L 106 14.50 12.88 -6.28
N ASP L 107 14.57 12.21 -7.41
CA ASP L 107 14.67 12.82 -8.74
C ASP L 107 13.59 13.90 -8.90
N HIS L 108 12.36 13.51 -8.79
CA HIS L 108 11.14 14.30 -8.91
C HIS L 108 11.07 15.53 -8.01
N LEU L 109 11.38 15.38 -6.77
CA LEU L 109 11.44 16.41 -5.77
C LEU L 109 12.53 17.42 -6.20
N VAL L 110 13.72 16.92 -6.53
CA VAL L 110 14.79 17.86 -6.94
C VAL L 110 14.34 18.54 -8.23
N HIS L 111 13.75 17.89 -9.20
CA HIS L 111 13.36 18.58 -10.40
C HIS L 111 12.39 19.71 -10.06
N PHE L 112 11.33 19.37 -9.35
CA PHE L 112 10.29 20.39 -9.09
C PHE L 112 10.85 21.65 -8.47
N TYR L 113 11.54 21.57 -7.36
CA TYR L 113 12.08 22.70 -6.65
C TYR L 113 13.32 23.38 -7.11
N HIS L 114 14.40 22.71 -7.43
CA HIS L 114 15.66 23.35 -7.80
C HIS L 114 15.84 23.49 -9.27
N LEU L 115 15.16 22.73 -10.07
CA LEU L 115 15.30 22.77 -11.53
C LEU L 115 14.19 23.54 -12.16
N HIS L 116 12.95 23.38 -11.87
CA HIS L 116 11.76 23.98 -12.41
C HIS L 116 11.11 25.13 -11.68
N ALA L 117 10.94 25.14 -10.39
CA ALA L 117 10.24 26.21 -9.67
C ALA L 117 10.60 27.60 -10.15
N LEU L 118 11.87 27.91 -10.26
CA LEU L 118 12.35 29.21 -10.71
C LEU L 118 11.87 29.72 -12.05
N ASP L 119 10.96 29.18 -12.80
CA ASP L 119 10.45 29.64 -14.08
C ASP L 119 9.01 30.17 -13.82
N TRP L 120 8.54 29.84 -12.61
CA TRP L 120 7.19 30.22 -12.23
C TRP L 120 7.21 31.13 -11.01
N VAL L 121 8.23 31.04 -10.22
CA VAL L 121 8.40 31.79 -8.99
C VAL L 121 9.43 32.92 -9.09
N ASN L 122 8.97 34.09 -8.61
CA ASN L 122 9.86 35.28 -8.56
C ASN L 122 10.40 35.31 -7.12
N VAL L 123 11.57 34.76 -6.89
CA VAL L 123 12.14 34.72 -5.56
C VAL L 123 12.26 36.11 -4.94
N ALA L 124 12.55 37.15 -5.72
CA ALA L 124 12.71 38.52 -5.23
C ALA L 124 11.47 39.17 -4.61
N ASN L 125 10.32 38.73 -5.04
CA ASN L 125 9.00 39.20 -4.63
C ASN L 125 8.59 38.68 -3.27
N ALA L 126 9.24 37.61 -2.92
CA ALA L 126 9.01 36.94 -1.62
C ALA L 126 9.25 37.98 -0.53
N LEU L 127 10.10 38.93 -0.80
CA LEU L 127 10.53 40.01 0.05
C LEU L 127 9.41 41.02 0.34
N ASN L 128 8.42 41.03 -0.52
CA ASN L 128 7.23 41.83 -0.49
C ASN L 128 6.08 41.04 0.15
N ALA L 129 6.27 39.81 0.59
CA ALA L 129 5.10 39.08 1.16
C ALA L 129 4.92 39.46 2.60
N ASP L 130 3.70 39.30 3.10
CA ASP L 130 3.38 39.54 4.57
C ASP L 130 3.47 38.09 5.08
N PRO L 131 4.45 37.80 5.87
CA PRO L 131 4.74 36.46 6.36
C PRO L 131 3.59 35.81 7.09
N ALA L 132 2.81 36.62 7.77
CA ALA L 132 1.65 36.11 8.54
C ALA L 132 0.57 35.73 7.56
N LYS L 133 0.53 36.51 6.51
CA LYS L 133 -0.53 36.19 5.48
C LYS L 133 -0.02 35.01 4.67
N ALA L 134 1.28 34.87 4.49
CA ALA L 134 1.84 33.72 3.78
C ALA L 134 1.63 32.48 4.64
N ALA L 135 1.90 32.54 5.93
CA ALA L 135 1.71 31.39 6.82
C ALA L 135 0.25 30.97 6.89
N ARG L 136 -0.70 31.91 6.81
CA ARG L 136 -2.12 31.50 6.90
C ARG L 136 -2.49 30.70 5.69
N LEU L 137 -2.03 31.15 4.55
CA LEU L 137 -2.35 30.48 3.29
C LEU L 137 -1.79 29.08 3.21
N ALA L 138 -0.55 28.99 3.65
CA ALA L 138 0.26 27.77 3.66
C ALA L 138 -0.50 26.74 4.48
N ASN L 139 -1.04 27.23 5.57
CA ASN L 139 -1.80 26.42 6.55
C ASN L 139 -3.13 26.06 5.92
N ASP L 140 -3.59 26.75 4.89
CA ASP L 140 -4.92 26.35 4.33
C ASP L 140 -4.67 25.40 3.20
N LEU L 141 -3.40 25.22 2.85
CA LEU L 141 -3.05 24.32 1.77
C LEU L 141 -2.68 22.90 2.18
N SER L 142 -2.08 22.66 3.31
CA SER L 142 -1.72 21.32 3.78
C SER L 142 -1.96 21.21 5.29
N PRO L 143 -1.79 19.98 5.73
CA PRO L 143 -1.99 19.63 7.15
C PRO L 143 -0.75 19.91 7.98
N LYS L 144 0.27 20.43 7.33
CA LYS L 144 1.53 20.67 8.11
C LYS L 144 1.46 22.10 8.57
N LYS L 145 1.60 22.32 9.86
CA LYS L 145 1.53 23.66 10.46
C LYS L 145 2.80 24.45 10.18
N THR L 146 2.65 25.63 9.64
CA THR L 146 3.63 26.67 9.31
C THR L 146 3.48 27.87 10.28
N THR L 147 4.57 28.47 10.68
CA THR L 147 4.55 29.64 11.55
C THR L 147 5.09 30.85 10.82
N THR L 148 4.68 32.04 11.22
CA THR L 148 5.10 33.29 10.60
C THR L 148 6.62 33.44 10.66
N GLU L 149 7.01 33.17 11.89
CA GLU L 149 8.42 33.29 12.25
C GLU L 149 9.30 32.48 11.35
N SER L 150 8.94 31.23 11.06
CA SER L 150 9.80 30.45 10.15
C SER L 150 9.81 31.19 8.81
N LEU L 151 8.66 31.72 8.41
CA LEU L 151 8.53 32.44 7.13
C LEU L 151 9.29 33.76 7.18
N LYS L 152 9.17 34.50 8.26
CA LYS L 152 9.88 35.76 8.44
C LYS L 152 11.39 35.48 8.31
N ALA L 153 11.80 34.32 8.81
CA ALA L 153 13.20 33.90 8.81
C ALA L 153 13.72 33.67 7.40
N VAL L 154 12.95 33.09 6.52
CA VAL L 154 13.37 32.88 5.14
C VAL L 154 13.50 34.20 4.41
N GLN L 155 12.62 35.12 4.79
CA GLN L 155 12.60 36.46 4.18
C GLN L 155 13.86 37.23 4.57
N ALA L 156 14.35 36.93 5.75
CA ALA L 156 15.56 37.57 6.28
C ALA L 156 16.81 37.01 5.61
N LYS L 157 16.66 35.77 5.15
CA LYS L 157 17.73 35.07 4.43
C LYS L 157 17.90 35.72 3.06
N VAL L 158 16.77 35.88 2.41
CA VAL L 158 16.74 36.49 1.08
C VAL L 158 17.26 37.92 1.18
N LYS L 159 16.85 38.61 2.20
CA LYS L 159 17.27 40.02 2.40
C LYS L 159 18.76 40.07 2.64
N ALA L 160 19.22 39.19 3.50
CA ALA L 160 20.63 39.13 3.83
C ALA L 160 21.40 38.89 2.55
N LEU L 161 20.84 38.09 1.65
CA LEU L 161 21.58 37.79 0.42
C LEU L 161 21.61 38.93 -0.58
N VAL L 162 20.50 39.56 -0.82
CA VAL L 162 20.30 40.66 -1.76
C VAL L 162 21.11 41.92 -1.40
N GLU L 163 21.12 42.12 -0.11
CA GLU L 163 21.83 43.18 0.58
C GLU L 163 23.34 42.98 0.50
N SER L 164 23.89 41.83 0.13
CA SER L 164 25.36 41.61 0.08
C SER L 164 25.87 41.98 -1.33
N GLY L 165 24.91 41.99 -2.22
CA GLY L 165 25.17 42.28 -3.62
C GLY L 165 25.65 41.04 -4.34
N GLN L 166 25.93 39.95 -3.62
CA GLN L 166 26.40 38.74 -4.36
C GLN L 166 25.19 37.81 -4.47
N LEU L 167 24.50 37.94 -5.56
CA LEU L 167 23.27 37.19 -5.82
C LEU L 167 23.52 35.73 -6.17
N GLY L 168 24.73 35.39 -6.54
CA GLY L 168 25.14 34.04 -6.92
C GLY L 168 24.34 33.54 -8.09
N ILE L 169 23.61 32.48 -7.86
CA ILE L 169 22.79 31.82 -8.88
C ILE L 169 21.59 32.67 -9.21
N PHE L 170 21.36 33.82 -8.57
CA PHE L 170 20.21 34.67 -9.01
C PHE L 170 20.68 35.79 -9.95
N THR L 171 22.00 35.86 -10.10
CA THR L 171 22.56 36.87 -11.00
C THR L 171 21.89 36.81 -12.38
N ASN L 172 21.31 37.91 -12.80
CA ASN L 172 20.62 38.09 -14.08
C ASN L 172 19.38 37.22 -14.13
N ALA L 173 18.81 36.77 -13.02
CA ALA L 173 17.58 35.95 -13.17
C ALA L 173 16.59 36.76 -14.00
N TYR L 174 15.77 36.08 -14.75
CA TYR L 174 14.73 36.64 -15.63
C TYR L 174 13.65 37.36 -14.86
N PHE L 175 13.42 37.15 -13.61
CA PHE L 175 12.35 37.82 -12.84
C PHE L 175 12.92 39.09 -12.20
N LEU L 176 14.22 39.31 -12.39
CA LEU L 176 14.85 40.50 -11.79
C LEU L 176 14.14 41.70 -12.47
N GLY L 177 13.60 42.44 -11.47
CA GLY L 177 12.85 43.68 -11.73
C GLY L 177 11.52 43.38 -12.41
N GLY L 178 10.89 42.28 -12.08
CA GLY L 178 9.59 41.97 -12.68
C GLY L 178 9.72 41.50 -14.10
N HIS L 179 8.69 40.70 -14.38
CA HIS L 179 8.56 40.04 -15.69
C HIS L 179 7.08 39.72 -15.85
N PRO L 180 6.56 40.10 -17.00
CA PRO L 180 5.14 39.88 -17.30
C PRO L 180 4.65 38.43 -17.23
N ALA L 181 5.52 37.46 -17.36
CA ALA L 181 5.08 36.04 -17.39
C ALA L 181 5.06 35.48 -16.00
N TYR L 182 5.53 36.22 -15.04
CA TYR L 182 5.59 35.79 -13.65
C TYR L 182 4.41 36.45 -12.93
N VAL L 183 3.40 35.64 -12.70
CA VAL L 183 2.23 36.22 -12.00
C VAL L 183 1.91 35.73 -10.62
N LEU L 184 2.60 35.00 -9.78
CA LEU L 184 2.05 34.64 -8.47
C LEU L 184 2.07 35.80 -7.47
N PRO L 185 1.16 35.75 -6.51
CA PRO L 185 1.12 36.70 -5.38
C PRO L 185 2.44 36.55 -4.60
N ALA L 186 3.02 37.56 -3.97
CA ALA L 186 4.26 37.55 -3.24
C ALA L 186 4.30 36.57 -2.08
N GLU L 187 3.11 36.25 -1.62
CA GLU L 187 2.84 35.36 -0.49
C GLU L 187 3.01 33.90 -0.95
N VAL L 188 2.65 33.58 -2.19
CA VAL L 188 2.89 32.23 -2.72
C VAL L 188 4.39 32.23 -3.04
N ASP L 189 4.98 33.33 -3.51
CA ASP L 189 6.42 33.32 -3.78
C ASP L 189 7.18 33.03 -2.50
N LEU L 190 6.64 33.33 -1.35
CA LEU L 190 7.46 33.11 -0.12
C LEU L 190 7.27 31.71 0.41
N ILE L 191 6.13 31.13 0.24
CA ILE L 191 5.88 29.75 0.69
C ILE L 191 6.79 28.86 -0.15
N ALA L 192 6.74 29.11 -1.46
CA ALA L 192 7.60 28.38 -2.39
C ALA L 192 9.09 28.53 -2.12
N THR L 193 9.53 29.67 -1.63
CA THR L 193 10.96 29.86 -1.35
C THR L 193 11.30 29.14 -0.07
N ALA L 194 10.35 29.16 0.85
CA ALA L 194 10.64 28.44 2.12
C ALA L 194 10.71 26.94 1.82
N HIS L 195 9.94 26.47 0.84
CA HIS L 195 9.91 25.02 0.51
C HIS L 195 11.13 24.58 -0.27
N TYR L 196 11.63 25.46 -1.13
CA TYR L 196 12.85 25.21 -1.93
C TYR L 196 14.04 25.00 -1.00
N LEU L 197 14.14 25.78 0.06
CA LEU L 197 15.27 25.57 0.97
C LEU L 197 15.04 24.24 1.69
N GLU L 198 13.82 23.96 2.05
CA GLU L 198 13.41 22.75 2.78
C GLU L 198 13.64 21.51 1.90
N ALA L 199 13.29 21.55 0.64
CA ALA L 199 13.55 20.45 -0.27
C ALA L 199 15.05 20.18 -0.37
N LEU L 200 15.94 21.12 -0.12
CA LEU L 200 17.39 20.91 -0.24
C LEU L 200 17.81 19.93 0.85
N ARG L 201 17.15 19.94 2.01
CA ARG L 201 17.43 19.07 3.12
C ARG L 201 16.70 17.72 3.00
N VAL L 202 15.52 17.70 2.47
CA VAL L 202 14.83 16.45 2.28
C VAL L 202 15.62 15.70 1.22
N GLN L 203 16.03 16.34 0.13
CA GLN L 203 16.73 15.56 -0.90
C GLN L 203 17.88 14.79 -0.28
N VAL L 204 18.52 15.21 0.76
CA VAL L 204 19.65 14.57 1.42
C VAL L 204 19.19 13.27 2.05
N LYS L 205 18.01 13.26 2.60
CA LYS L 205 17.42 12.05 3.19
C LYS L 205 16.99 11.00 2.20
N ALA L 206 16.50 11.33 1.05
CA ALA L 206 16.02 10.52 -0.06
C ALA L 206 17.20 9.79 -0.71
N ALA L 207 18.31 10.48 -0.74
CA ALA L 207 19.55 10.00 -1.29
C ALA L 207 20.17 8.98 -0.32
N ARG L 208 20.08 9.24 0.98
CA ARG L 208 20.64 8.38 2.04
C ARG L 208 19.88 7.07 2.11
N ALA L 209 18.58 7.09 1.89
CA ALA L 209 17.67 5.96 1.89
C ALA L 209 18.09 5.06 0.72
N MET L 210 18.35 5.72 -0.40
CA MET L 210 18.74 4.97 -1.61
C MET L 210 20.08 4.27 -1.38
N ALA L 211 20.96 4.90 -0.61
CA ALA L 211 22.28 4.46 -0.29
C ALA L 211 22.20 3.28 0.67
N ILE L 212 21.08 3.07 1.32
CA ILE L 212 20.94 1.96 2.27
C ILE L 212 20.97 0.68 1.41
N PHE L 213 20.22 0.65 0.33
CA PHE L 213 20.29 -0.50 -0.59
C PHE L 213 21.42 -0.37 -1.60
N GLY L 214 21.66 0.84 -2.12
CA GLY L 214 22.61 1.14 -3.17
C GLY L 214 24.07 1.31 -2.89
N ALA L 215 24.57 1.26 -1.67
CA ALA L 215 25.97 1.47 -1.30
C ALA L 215 26.22 2.99 -1.21
N LYS L 216 25.92 3.72 -2.25
CA LYS L 216 26.14 5.17 -2.30
C LYS L 216 25.29 5.83 -3.37
N ASN L 217 25.16 7.15 -3.16
CA ASN L 217 24.40 8.02 -4.06
C ASN L 217 25.16 9.37 -4.19
N PRO L 218 25.59 9.78 -5.37
CA PRO L 218 25.44 9.14 -6.68
C PRO L 218 26.27 7.92 -7.01
N HIS L 219 25.77 7.22 -8.03
CA HIS L 219 26.36 6.03 -8.63
C HIS L 219 26.43 4.78 -7.76
N THR L 220 25.30 4.11 -7.63
CA THR L 220 25.17 2.87 -6.83
C THR L 220 26.17 1.82 -7.23
N GLN L 221 26.43 0.89 -6.36
CA GLN L 221 27.43 -0.24 -6.52
C GLN L 221 27.02 -1.41 -5.61
N PHE L 222 25.95 -2.12 -5.95
CA PHE L 222 25.34 -3.24 -5.27
C PHE L 222 24.67 -4.24 -6.22
N THR L 223 24.59 -4.00 -7.48
CA THR L 223 23.98 -4.78 -8.52
C THR L 223 25.11 -5.53 -9.30
N VAL L 224 24.74 -6.70 -9.78
CA VAL L 224 25.46 -7.64 -10.61
C VAL L 224 24.45 -8.35 -11.53
N VAL L 225 24.97 -8.96 -12.57
CA VAL L 225 24.19 -9.83 -13.48
C VAL L 225 23.91 -11.06 -12.59
N GLY L 226 22.68 -11.44 -12.37
CA GLY L 226 22.37 -12.57 -11.48
C GLY L 226 21.65 -12.17 -10.23
N GLY L 227 21.63 -10.90 -9.88
CA GLY L 227 20.99 -10.33 -8.71
C GLY L 227 21.66 -9.06 -8.18
N CYS L 228 21.85 -9.07 -6.84
CA CYS L 228 22.37 -8.07 -5.97
C CYS L 228 23.39 -8.69 -5.02
N THR L 229 24.18 -7.81 -4.40
CA THR L 229 25.25 -8.13 -3.50
C THR L 229 25.05 -7.71 -2.05
N ASN L 230 24.10 -6.83 -1.81
CA ASN L 230 23.91 -6.30 -0.47
C ASN L 230 23.23 -7.16 0.55
N TYR L 231 23.93 -8.07 1.21
CA TYR L 231 23.37 -8.93 2.26
C TYR L 231 23.28 -8.13 3.55
N ASP L 232 24.15 -7.12 3.67
CA ASP L 232 24.16 -6.31 4.93
C ASP L 232 22.86 -5.59 5.26
N SER L 233 22.23 -5.08 4.20
CA SER L 233 21.00 -4.32 4.26
C SER L 233 19.79 -5.20 4.50
N LEU L 234 19.99 -6.49 4.43
CA LEU L 234 18.91 -7.45 4.68
C LEU L 234 18.70 -7.49 6.20
N ARG L 235 19.39 -6.75 7.04
CA ARG L 235 19.22 -6.78 8.49
C ARG L 235 18.07 -5.88 8.92
N PRO L 236 17.34 -6.31 9.92
CA PRO L 236 16.18 -5.57 10.43
C PRO L 236 16.60 -4.15 10.75
N GLU L 237 17.77 -3.97 11.33
CA GLU L 237 18.21 -2.61 11.65
C GLU L 237 18.26 -1.74 10.38
N ARG L 238 18.92 -2.20 9.34
CA ARG L 238 19.00 -1.46 8.09
C ARG L 238 17.67 -1.27 7.38
N ILE L 239 16.65 -2.08 7.60
CA ILE L 239 15.35 -1.93 6.93
C ILE L 239 14.50 -0.91 7.71
N ALA L 240 14.70 -0.88 9.00
CA ALA L 240 14.10 0.05 9.93
C ALA L 240 14.60 1.47 9.59
N GLU L 241 15.88 1.63 9.41
CA GLU L 241 16.58 2.86 9.08
C GLU L 241 16.01 3.50 7.81
N PHE L 242 15.92 2.72 6.79
CA PHE L 242 15.42 3.01 5.46
C PHE L 242 13.96 3.41 5.59
N ARG L 243 13.22 2.60 6.32
CA ARG L 243 11.81 2.81 6.59
C ARG L 243 11.63 4.17 7.26
N LYS L 244 12.33 4.61 8.23
CA LYS L 244 12.27 5.92 8.87
C LYS L 244 12.50 7.10 7.90
N LEU L 245 13.57 7.08 7.11
CA LEU L 245 13.88 8.11 6.13
C LEU L 245 12.79 8.15 5.07
N TYR L 246 12.37 7.02 4.60
CA TYR L 246 11.30 6.83 3.61
C TYR L 246 10.04 7.55 4.07
N LYS L 247 9.61 7.34 5.29
CA LYS L 247 8.42 8.00 5.83
C LYS L 247 8.66 9.49 5.87
N GLU L 248 9.74 10.01 6.39
CA GLU L 248 9.98 11.46 6.39
C GLU L 248 9.83 11.98 4.96
N VAL L 249 10.46 11.36 3.99
CA VAL L 249 10.38 11.88 2.60
C VAL L 249 8.99 11.73 2.04
N ARG L 250 8.35 10.59 2.31
CA ARG L 250 7.01 10.36 1.74
C ARG L 250 6.08 11.48 2.16
N GLU L 251 6.10 11.80 3.42
CA GLU L 251 5.25 12.81 4.04
C GLU L 251 5.41 14.17 3.42
N PHE L 252 6.65 14.53 3.19
CA PHE L 252 7.03 15.77 2.53
C PHE L 252 6.49 15.79 1.11
N ILE L 253 6.45 14.72 0.34
CA ILE L 253 5.93 14.77 -1.03
C ILE L 253 4.42 14.94 -1.03
N GLU L 254 3.78 14.33 -0.08
CA GLU L 254 2.33 14.33 0.07
C GLU L 254 1.83 15.62 0.65
N GLN L 255 2.58 16.13 1.63
CA GLN L 255 2.19 17.38 2.31
C GLN L 255 2.76 18.70 1.80
N VAL L 256 3.86 18.79 1.15
CA VAL L 256 4.55 19.96 0.64
C VAL L 256 4.72 19.86 -0.86
N TYR L 257 5.44 18.95 -1.46
CA TYR L 257 5.57 18.93 -2.92
C TYR L 257 4.24 18.94 -3.63
N ILE L 258 3.34 18.02 -3.33
CA ILE L 258 2.08 17.96 -4.10
C ILE L 258 1.20 19.18 -3.98
N THR L 259 1.09 19.63 -2.74
CA THR L 259 0.26 20.80 -2.38
C THR L 259 0.82 22.05 -3.07
N ASP L 260 2.13 22.25 -3.13
CA ASP L 260 2.75 23.41 -3.75
C ASP L 260 2.54 23.28 -5.24
N LEU L 261 2.63 22.05 -5.70
CA LEU L 261 2.50 21.89 -7.16
C LEU L 261 1.13 22.39 -7.57
N LEU L 262 0.07 21.93 -6.90
CA LEU L 262 -1.29 22.29 -7.33
C LEU L 262 -1.55 23.78 -7.18
N ALA L 263 -0.97 24.35 -6.13
CA ALA L 263 -1.11 25.80 -5.85
C ALA L 263 -0.49 26.68 -6.93
N VAL L 264 0.76 26.42 -7.29
CA VAL L 264 1.36 27.22 -8.34
C VAL L 264 0.59 26.95 -9.63
N ALA L 265 0.29 25.70 -9.96
CA ALA L 265 -0.37 25.36 -11.23
C ALA L 265 -1.68 26.13 -11.29
N GLY L 266 -2.29 26.28 -10.15
CA GLY L 266 -3.55 27.03 -10.04
C GLY L 266 -3.42 28.44 -10.55
N PHE L 267 -2.29 29.14 -10.53
CA PHE L 267 -2.22 30.52 -11.06
C PHE L 267 -1.73 30.52 -12.50
N TYR L 268 -1.61 29.35 -13.13
CA TYR L 268 -1.03 29.30 -14.48
C TYR L 268 -1.81 28.35 -15.34
N LYS L 269 -3.10 28.33 -15.13
CA LYS L 269 -4.04 27.48 -15.84
C LYS L 269 -4.02 27.69 -17.33
N ASN L 270 -3.49 28.80 -17.81
CA ASN L 270 -3.43 29.02 -19.28
C ASN L 270 -2.34 28.12 -19.84
N TRP L 271 -1.49 27.55 -18.99
CA TRP L 271 -0.42 26.68 -19.46
C TRP L 271 -0.93 25.27 -19.71
N ALA L 272 -2.19 25.08 -19.41
CA ALA L 272 -2.87 23.80 -19.58
C ALA L 272 -3.25 23.73 -21.03
N GLY L 273 -2.88 24.82 -21.69
CA GLY L 273 -3.27 24.79 -23.16
C GLY L 273 -2.02 25.09 -23.95
N ILE L 274 -0.86 25.02 -23.31
CA ILE L 274 0.40 25.34 -24.01
C ILE L 274 1.33 24.13 -23.95
N GLY L 275 1.96 23.86 -25.09
CA GLY L 275 2.95 22.83 -25.28
C GLY L 275 2.47 21.38 -25.41
N LYS L 276 1.36 21.24 -26.11
CA LYS L 276 0.66 20.00 -26.41
C LYS L 276 1.27 19.15 -27.51
N THR L 277 1.17 17.87 -27.21
CA THR L 277 1.59 16.64 -27.85
C THR L 277 0.56 15.51 -27.89
N SER L 278 0.81 14.61 -28.81
CA SER L 278 0.18 13.37 -29.21
C SER L 278 1.16 12.18 -29.17
N ASN L 279 0.68 10.97 -29.00
CA ASN L 279 1.65 9.83 -29.01
C ASN L 279 2.47 9.79 -27.72
N PHE L 280 2.19 8.81 -26.92
CA PHE L 280 2.84 8.57 -25.63
C PHE L 280 3.23 7.10 -25.51
N LEU L 281 4.37 6.77 -24.89
CA LEU L 281 4.71 5.34 -24.70
C LEU L 281 5.47 5.09 -23.40
N THR L 282 5.33 3.87 -22.92
CA THR L 282 6.00 3.38 -21.70
C THR L 282 6.17 1.85 -21.73
N CYS L 283 7.17 1.34 -21.06
CA CYS L 283 7.48 -0.09 -20.91
C CYS L 283 7.04 -0.59 -19.50
N GLY L 284 6.64 0.33 -18.63
CA GLY L 284 6.17 0.16 -17.26
C GLY L 284 7.34 -0.05 -16.36
N GLU L 285 7.16 -0.05 -15.06
CA GLU L 285 8.34 -0.31 -14.21
C GLU L 285 7.91 -1.17 -13.02
N PHE L 286 8.86 -1.73 -12.31
CA PHE L 286 8.62 -2.51 -11.09
C PHE L 286 7.98 -3.89 -11.34
N PRO L 287 8.72 -4.77 -11.99
CA PRO L 287 8.19 -6.10 -12.26
C PRO L 287 8.16 -7.04 -11.09
N THR L 288 7.34 -8.07 -11.34
CA THR L 288 7.33 -9.20 -10.38
C THR L 288 8.05 -10.29 -11.21
N ASP L 289 7.77 -10.26 -12.50
CA ASP L 289 8.41 -11.16 -13.46
C ASP L 289 9.28 -10.29 -14.38
N GLU L 290 10.55 -10.52 -14.22
CA GLU L 290 11.62 -9.84 -14.95
C GLU L 290 11.56 -10.21 -16.41
N TYR L 291 10.70 -11.16 -16.79
CA TYR L 291 10.64 -11.53 -18.23
C TYR L 291 9.25 -11.19 -18.74
N ASP L 292 8.48 -10.40 -18.01
CA ASP L 292 7.11 -10.06 -18.41
C ASP L 292 6.80 -8.58 -18.14
N LEU L 293 6.67 -7.83 -19.20
CA LEU L 293 6.40 -6.38 -19.17
C LEU L 293 5.04 -6.21 -18.51
N ASN L 294 4.26 -7.28 -18.67
CA ASN L 294 2.93 -7.16 -18.02
C ASN L 294 3.03 -7.56 -16.55
N SER L 295 4.15 -7.85 -15.94
CA SER L 295 4.04 -8.18 -14.48
C SER L 295 4.41 -6.90 -13.71
N ARG L 296 4.59 -5.80 -14.44
CA ARG L 296 5.02 -4.51 -13.86
C ARG L 296 3.94 -3.71 -13.16
N TYR L 297 4.23 -3.12 -12.01
CA TYR L 297 3.26 -2.33 -11.21
C TYR L 297 2.58 -1.27 -12.05
N THR L 298 3.45 -0.45 -12.63
CA THR L 298 2.90 0.64 -13.52
C THR L 298 2.97 -0.05 -14.88
N PRO L 299 1.88 0.02 -15.62
CA PRO L 299 1.76 -0.67 -16.90
C PRO L 299 2.48 -0.07 -18.08
N GLN L 300 2.63 -0.92 -19.07
CA GLN L 300 3.21 -0.66 -20.38
C GLN L 300 2.09 -0.40 -21.39
N GLY L 301 2.36 0.35 -22.46
CA GLY L 301 1.25 0.59 -23.43
C GLY L 301 1.71 1.72 -24.34
N VAL L 302 0.93 1.95 -25.37
CA VAL L 302 1.13 2.97 -26.39
C VAL L 302 -0.16 3.70 -26.73
N ILE L 303 -0.22 4.99 -26.52
CA ILE L 303 -1.35 5.89 -26.83
C ILE L 303 -1.02 6.58 -28.15
N TRP L 304 -1.98 6.56 -29.05
CA TRP L 304 -1.76 7.19 -30.38
C TRP L 304 -2.54 8.50 -30.34
N GLY L 305 -2.00 9.55 -30.92
CA GLY L 305 -2.68 10.85 -30.88
C GLY L 305 -2.81 11.11 -29.36
N ASN L 306 -4.05 11.44 -29.03
CA ASN L 306 -4.45 11.80 -27.66
C ASN L 306 -5.69 10.98 -27.26
N ASP L 307 -5.79 9.78 -27.76
CA ASP L 307 -6.89 8.83 -27.59
C ASP L 307 -6.62 7.85 -26.45
N LEU L 308 -7.20 8.18 -25.31
CA LEU L 308 -7.02 7.41 -24.11
C LEU L 308 -7.95 6.19 -24.02
N SER L 309 -8.75 5.99 -25.02
CA SER L 309 -9.71 4.87 -25.02
C SER L 309 -9.09 3.61 -25.59
N LYS L 310 -8.05 3.78 -26.38
CA LYS L 310 -7.36 2.64 -27.00
C LYS L 310 -5.84 2.76 -26.67
N VAL L 311 -5.43 1.84 -25.79
CA VAL L 311 -4.04 1.70 -25.39
C VAL L 311 -3.48 0.45 -26.05
N ASP L 312 -2.56 0.52 -26.97
CA ASP L 312 -1.95 -0.61 -27.60
C ASP L 312 -0.80 -1.15 -26.71
N ASP L 313 -0.35 -2.27 -27.24
CA ASP L 313 0.75 -3.03 -26.66
C ASP L 313 2.06 -2.45 -27.20
N PHE L 314 2.97 -2.33 -26.27
CA PHE L 314 4.31 -1.79 -26.55
C PHE L 314 5.11 -2.89 -27.28
N ASN L 315 5.54 -2.57 -28.49
CA ASN L 315 6.31 -3.47 -29.36
C ASN L 315 7.66 -2.84 -29.71
N PRO L 316 8.71 -3.35 -29.05
CA PRO L 316 10.07 -2.86 -29.21
C PRO L 316 10.61 -3.13 -30.59
N ASP L 317 9.88 -3.98 -31.32
CA ASP L 317 10.41 -4.23 -32.69
C ASP L 317 10.16 -3.01 -33.59
N LEU L 318 9.27 -2.14 -33.17
CA LEU L 318 8.91 -0.93 -33.87
C LEU L 318 9.84 0.25 -33.63
N ILE L 319 10.93 0.15 -32.89
CA ILE L 319 11.85 1.22 -32.64
C ILE L 319 13.00 1.25 -33.64
N GLU L 320 13.24 2.41 -34.16
CA GLU L 320 14.31 2.73 -35.10
C GLU L 320 14.85 4.10 -34.68
N GLU L 321 16.11 4.28 -34.67
CA GLU L 321 16.81 5.52 -34.36
C GLU L 321 17.36 6.17 -35.64
N HIS L 322 16.96 7.43 -35.87
CA HIS L 322 17.43 8.13 -37.08
C HIS L 322 18.70 8.96 -36.97
N VAL L 323 19.40 9.23 -38.09
CA VAL L 323 20.59 10.09 -37.93
C VAL L 323 20.58 11.12 -39.04
N LYS L 324 19.44 11.23 -39.71
CA LYS L 324 19.44 12.20 -40.82
C LYS L 324 19.81 13.61 -40.40
N TYR L 325 19.42 14.10 -39.25
CA TYR L 325 19.74 15.44 -38.77
C TYR L 325 20.65 15.47 -37.53
N SER L 326 21.51 14.51 -37.34
CA SER L 326 22.37 14.37 -36.17
C SER L 326 23.78 14.27 -36.73
N TRP L 327 24.75 14.39 -35.87
CA TRP L 327 26.12 14.33 -36.32
C TRP L 327 26.66 12.92 -36.39
N TYR L 328 26.06 12.11 -37.22
CA TYR L 328 26.52 10.72 -37.46
C TYR L 328 26.51 10.45 -38.97
N GLU L 329 27.32 9.51 -39.40
CA GLU L 329 27.36 9.21 -40.83
C GLU L 329 26.01 8.77 -41.39
N GLY L 330 25.71 9.31 -42.57
CA GLY L 330 24.59 9.10 -43.43
C GLY L 330 23.20 9.40 -42.95
N ALA L 331 22.24 8.66 -43.55
CA ALA L 331 20.86 8.90 -43.19
C ALA L 331 20.05 7.66 -42.87
N GLY L 332 20.71 6.55 -42.49
CA GLY L 332 20.05 5.31 -42.10
C GLY L 332 19.50 5.36 -40.67
N ALA L 333 18.33 4.75 -40.49
CA ALA L 333 17.62 4.52 -39.24
C ALA L 333 17.82 3.01 -39.00
N HIS L 334 18.14 2.56 -37.81
CA HIS L 334 18.36 1.20 -37.43
C HIS L 334 17.64 0.76 -36.16
N HIS L 335 17.19 -0.49 -36.14
CA HIS L 335 16.61 -0.98 -34.87
C HIS L 335 17.84 -1.05 -33.96
N PRO L 336 17.72 -0.90 -32.66
CA PRO L 336 18.86 -0.92 -31.75
C PRO L 336 19.79 -2.10 -31.77
N TYR L 337 19.37 -3.30 -32.09
CA TYR L 337 20.26 -4.49 -32.15
C TYR L 337 21.21 -4.33 -33.34
N LYS L 338 20.78 -3.48 -34.26
CA LYS L 338 21.57 -3.21 -35.48
C LYS L 338 22.04 -1.76 -35.54
N GLY L 339 22.13 -1.12 -34.38
CA GLY L 339 22.54 0.27 -34.25
C GLY L 339 23.99 0.44 -34.65
N VAL L 340 24.30 1.67 -35.08
CA VAL L 340 25.66 2.07 -35.43
C VAL L 340 25.84 3.46 -34.79
N THR L 341 27.04 3.72 -34.35
CA THR L 341 27.49 4.95 -33.74
C THR L 341 28.77 5.40 -34.42
N LYS L 342 28.66 6.11 -35.54
CA LYS L 342 29.84 6.65 -36.23
C LYS L 342 29.57 8.18 -36.31
N PRO L 343 30.11 8.83 -35.31
CA PRO L 343 29.97 10.30 -35.19
C PRO L 343 30.61 10.95 -36.40
N LYS L 344 29.90 11.92 -36.98
CA LYS L 344 30.49 12.64 -38.15
C LYS L 344 30.05 14.11 -38.04
N TRP L 345 30.89 14.91 -37.40
CA TRP L 345 30.53 16.35 -37.20
C TRP L 345 30.48 17.19 -38.49
N THR L 346 29.46 18.02 -38.66
CA THR L 346 29.40 18.85 -39.86
C THR L 346 29.10 20.31 -39.53
N GLU L 347 29.22 20.62 -38.27
CA GLU L 347 28.98 21.94 -37.70
C GLU L 347 27.52 22.27 -37.53
N PHE L 348 27.25 23.32 -36.75
CA PHE L 348 25.87 23.72 -36.51
C PHE L 348 25.10 23.87 -37.81
N HIS L 349 24.07 23.06 -38.05
CA HIS L 349 23.23 23.09 -39.22
C HIS L 349 24.09 22.74 -40.41
N GLY L 350 25.22 22.09 -40.19
CA GLY L 350 26.06 21.67 -41.38
C GLY L 350 25.26 20.48 -41.96
N GLU L 351 24.81 20.62 -43.17
CA GLU L 351 24.00 19.68 -43.93
C GLU L 351 22.66 19.55 -43.20
N ASP L 352 22.27 20.57 -42.50
CA ASP L 352 21.06 20.66 -41.72
C ASP L 352 21.11 19.75 -40.47
N ARG L 353 22.26 19.21 -40.22
CA ARG L 353 22.37 18.37 -39.03
C ARG L 353 22.54 19.38 -37.91
N TYR L 354 21.87 19.12 -36.80
CA TYR L 354 21.93 19.99 -35.62
C TYR L 354 21.94 19.31 -34.26
N SER L 355 22.32 18.05 -34.11
CA SER L 355 22.35 17.40 -32.79
C SER L 355 23.25 16.16 -32.77
N TRP L 356 23.79 15.98 -31.56
CA TRP L 356 24.64 14.82 -31.17
C TRP L 356 23.69 13.65 -30.71
N MET L 357 22.39 13.90 -30.59
CA MET L 357 21.40 12.96 -30.21
C MET L 357 20.83 12.31 -31.47
N LYS L 358 20.59 11.01 -31.38
CA LYS L 358 19.95 10.32 -32.53
C LYS L 358 18.46 10.63 -32.36
N ALA L 359 17.63 10.33 -33.30
CA ALA L 359 16.18 10.56 -33.27
C ALA L 359 15.37 9.26 -33.26
N PRO L 360 15.02 8.73 -32.10
CA PRO L 360 14.21 7.51 -32.02
C PRO L 360 12.81 7.78 -32.50
N ARG L 361 12.32 6.93 -33.38
CA ARG L 361 10.96 7.04 -33.95
C ARG L 361 10.27 5.70 -33.61
N TYR L 362 9.00 5.68 -33.28
CA TYR L 362 8.23 4.45 -33.00
C TYR L 362 7.23 4.20 -34.16
N LYS L 363 7.48 3.11 -34.85
CA LYS L 363 6.69 2.72 -36.02
C LYS L 363 6.66 3.95 -36.91
N GLY L 364 7.78 4.60 -36.99
CA GLY L 364 8.00 5.79 -37.79
C GLY L 364 7.43 7.08 -37.28
N GLU L 365 6.81 7.09 -36.11
CA GLU L 365 6.26 8.31 -35.55
C GLU L 365 7.05 8.80 -34.36
N ALA L 366 6.95 10.09 -34.11
CA ALA L 366 7.65 10.76 -33.00
C ALA L 366 6.84 10.51 -31.75
N PHE L 367 7.49 10.24 -30.63
CA PHE L 367 6.72 9.94 -29.40
C PHE L 367 7.27 10.76 -28.23
N GLU L 368 6.49 10.82 -27.19
CA GLU L 368 6.80 11.46 -25.94
C GLU L 368 6.79 10.30 -24.90
N VAL L 369 7.79 10.28 -24.06
CA VAL L 369 8.02 9.29 -23.01
C VAL L 369 8.12 10.09 -21.73
N GLY L 370 7.91 9.54 -20.55
CA GLY L 370 8.09 10.26 -19.28
C GLY L 370 6.89 10.09 -18.40
N PRO L 371 6.85 10.87 -17.34
CA PRO L 371 5.71 10.84 -16.41
C PRO L 371 4.37 11.03 -17.09
N LEU L 372 4.22 12.00 -17.97
CA LEU L 372 2.94 12.20 -18.64
C LEU L 372 2.56 10.91 -19.39
N ALA L 373 3.51 10.41 -20.17
CA ALA L 373 3.23 9.22 -20.99
C ALA L 373 2.84 8.06 -20.13
N SER L 374 3.57 7.88 -19.05
CA SER L 374 3.39 6.79 -18.08
C SER L 374 2.03 6.85 -17.39
N VAL L 375 1.73 8.06 -16.89
CA VAL L 375 0.48 8.35 -16.20
C VAL L 375 -0.70 8.22 -17.14
N LEU L 376 -0.56 8.61 -18.41
CA LEU L 376 -1.69 8.49 -19.34
C LEU L 376 -1.99 7.01 -19.63
N VAL L 377 -0.95 6.18 -19.75
CA VAL L 377 -1.13 4.75 -20.00
C VAL L 377 -1.80 4.10 -18.78
N ALA L 378 -1.25 4.31 -17.60
CA ALA L 378 -1.78 3.75 -16.37
C ALA L 378 -3.24 4.11 -16.20
N TYR L 379 -3.51 5.40 -16.36
CA TYR L 379 -4.85 5.99 -16.15
C TYR L 379 -5.85 5.41 -17.16
N ALA L 380 -5.44 5.37 -18.42
CA ALA L 380 -6.29 4.79 -19.46
C ALA L 380 -6.54 3.29 -19.18
N LYS L 381 -5.56 2.60 -18.63
CA LYS L 381 -5.65 1.17 -18.34
C LYS L 381 -6.26 1.02 -16.97
N LYS L 382 -6.71 2.11 -16.40
CA LYS L 382 -7.36 2.04 -15.07
C LYS L 382 -6.55 1.56 -13.90
N HIS L 383 -5.36 2.12 -13.71
CA HIS L 383 -4.48 1.72 -12.56
C HIS L 383 -5.05 2.54 -11.40
N GLU L 384 -5.67 1.92 -10.41
CA GLU L 384 -6.31 2.60 -9.31
C GLU L 384 -5.58 3.71 -8.62
N PRO L 385 -4.32 3.47 -8.28
CA PRO L 385 -3.48 4.48 -7.59
C PRO L 385 -3.42 5.76 -8.44
N THR L 386 -3.17 5.55 -9.71
CA THR L 386 -3.07 6.54 -10.75
C THR L 386 -4.39 7.27 -10.96
N VAL L 387 -5.42 6.47 -11.16
CA VAL L 387 -6.79 6.98 -11.33
C VAL L 387 -7.19 7.76 -10.08
N LYS L 388 -6.96 7.28 -8.87
CA LYS L 388 -7.33 8.09 -7.70
C LYS L 388 -6.54 9.40 -7.72
N ALA L 389 -5.29 9.43 -8.10
CA ALA L 389 -4.38 10.58 -8.12
C ALA L 389 -4.65 11.63 -9.20
N VAL L 390 -4.99 11.25 -10.39
CA VAL L 390 -5.28 12.11 -11.53
C VAL L 390 -6.54 12.88 -11.12
N ASP L 391 -7.52 12.13 -10.63
CA ASP L 391 -8.79 12.78 -10.20
C ASP L 391 -8.57 13.87 -9.15
N LEU L 392 -7.75 13.61 -8.15
CA LEU L 392 -7.47 14.57 -7.11
C LEU L 392 -7.07 15.94 -7.66
N VAL L 393 -6.12 15.86 -8.56
CA VAL L 393 -5.45 16.91 -9.30
C VAL L 393 -6.45 17.65 -10.19
N LEU L 394 -7.11 17.04 -11.14
CA LEU L 394 -8.06 17.70 -12.03
C LEU L 394 -9.18 18.40 -11.25
N LYS L 395 -9.44 17.69 -10.15
CA LYS L 395 -10.50 18.11 -9.23
C LYS L 395 -9.99 19.36 -8.51
N THR L 396 -8.71 19.31 -8.19
CA THR L 396 -8.11 20.45 -7.52
C THR L 396 -7.90 21.58 -8.49
N LEU L 397 -7.57 21.38 -9.74
CA LEU L 397 -7.39 22.50 -10.68
C LEU L 397 -8.69 22.85 -11.41
N GLY L 398 -9.69 22.02 -11.16
CA GLY L 398 -10.98 22.21 -11.82
C GLY L 398 -10.81 22.20 -13.32
N VAL L 399 -10.17 21.18 -13.83
CA VAL L 399 -9.98 21.07 -15.30
C VAL L 399 -10.31 19.58 -15.54
N GLY L 400 -10.33 19.14 -16.78
CA GLY L 400 -10.58 17.75 -17.16
C GLY L 400 -9.25 17.15 -17.62
N PRO L 401 -9.27 15.90 -18.06
CA PRO L 401 -8.08 15.15 -18.50
C PRO L 401 -7.46 15.71 -19.76
N GLU L 402 -8.22 16.54 -20.45
CA GLU L 402 -7.72 17.15 -21.69
C GLU L 402 -6.69 18.23 -21.39
N ALA L 403 -6.64 18.64 -20.15
CA ALA L 403 -5.71 19.58 -19.57
C ALA L 403 -4.39 18.84 -19.34
N LEU L 404 -4.46 17.52 -19.29
CA LEU L 404 -3.22 16.73 -19.12
C LEU L 404 -2.40 16.82 -20.38
N PHE L 405 -2.89 17.01 -21.59
CA PHE L 405 -2.04 17.07 -22.81
C PHE L 405 -1.36 18.43 -22.94
N SER L 406 -0.58 18.93 -22.03
CA SER L 406 -0.04 20.29 -22.11
C SER L 406 1.19 20.42 -21.25
N THR L 407 1.82 21.59 -21.19
CA THR L 407 3.01 21.74 -20.35
C THR L 407 2.65 21.70 -18.88
N LEU L 408 1.42 22.17 -18.65
CA LEU L 408 0.96 22.11 -17.24
C LEU L 408 0.80 20.63 -16.86
N GLY L 409 0.17 19.86 -17.76
CA GLY L 409 -0.09 18.44 -17.53
C GLY L 409 1.16 17.59 -17.36
N ARG L 410 2.17 17.99 -18.11
CA ARG L 410 3.48 17.33 -18.12
C ARG L 410 4.15 17.49 -16.76
N THR L 411 3.81 18.59 -16.12
CA THR L 411 4.30 18.94 -14.81
C THR L 411 3.51 18.35 -13.68
N ALA L 412 2.19 18.30 -13.79
CA ALA L 412 1.38 17.66 -12.70
C ALA L 412 1.63 16.15 -12.77
N ALA L 413 1.74 15.52 -13.94
CA ALA L 413 2.04 14.07 -14.08
C ALA L 413 3.31 13.64 -13.37
N ARG L 414 4.31 14.45 -13.28
CA ARG L 414 5.57 14.11 -12.59
C ARG L 414 5.26 14.04 -11.10
N GLY L 415 4.28 14.81 -10.68
CA GLY L 415 3.91 14.88 -9.25
C GLY L 415 3.19 13.59 -8.91
N ILE L 416 2.36 13.17 -9.87
CA ILE L 416 1.57 11.95 -9.80
C ILE L 416 2.50 10.74 -9.86
N GLN L 417 3.42 10.66 -10.80
CA GLN L 417 4.34 9.53 -10.89
C GLN L 417 5.18 9.44 -9.65
N CYS L 418 5.49 10.56 -9.05
CA CYS L 418 6.37 10.57 -7.87
C CYS L 418 5.62 10.03 -6.69
N LEU L 419 4.31 10.14 -6.61
CA LEU L 419 3.57 9.66 -5.42
C LEU L 419 3.14 8.20 -5.43
N THR L 420 2.88 7.71 -6.64
CA THR L 420 2.43 6.32 -6.87
C THR L 420 3.61 5.38 -6.60
N ALA L 421 4.77 5.83 -7.03
CA ALA L 421 6.04 5.13 -6.76
C ALA L 421 6.20 5.11 -5.24
N ALA L 422 6.09 6.28 -4.62
CA ALA L 422 6.21 6.46 -3.18
C ALA L 422 5.22 5.55 -2.44
N GLN L 423 4.04 5.36 -3.01
CA GLN L 423 3.05 4.58 -2.28
C GLN L 423 3.48 3.14 -2.29
N GLU L 424 3.98 2.69 -3.42
CA GLU L 424 4.37 1.29 -3.50
C GLU L 424 5.63 0.87 -2.79
N VAL L 425 6.50 1.77 -2.39
CA VAL L 425 7.75 1.41 -1.71
C VAL L 425 7.44 0.62 -0.44
N GLU L 426 6.34 0.96 0.22
CA GLU L 426 5.88 0.33 1.45
C GLU L 426 5.62 -1.15 1.20
N VAL L 427 5.01 -1.51 0.09
CA VAL L 427 4.69 -2.88 -0.32
C VAL L 427 5.94 -3.76 -0.44
N TRP L 428 6.90 -3.33 -1.24
CA TRP L 428 8.14 -4.08 -1.47
C TRP L 428 8.97 -4.24 -0.22
N LEU L 429 8.92 -3.23 0.62
CA LEU L 429 9.73 -3.26 1.85
C LEU L 429 9.31 -4.40 2.78
N ASP L 430 7.99 -4.30 2.92
CA ASP L 430 7.17 -5.21 3.73
C ASP L 430 7.50 -6.65 3.32
N LYS L 431 7.42 -6.96 2.05
CA LYS L 431 7.75 -8.26 1.49
C LYS L 431 9.21 -8.62 1.72
N LEU L 432 10.07 -7.65 1.33
CA LEU L 432 11.49 -7.93 1.50
C LEU L 432 11.68 -8.44 2.95
N GLU L 433 11.10 -7.70 3.85
CA GLU L 433 11.23 -7.96 5.28
C GLU L 433 10.65 -9.26 5.79
N ALA L 434 9.55 -9.70 5.25
CA ALA L 434 8.84 -10.93 5.61
C ALA L 434 9.65 -12.13 5.09
N ASN L 435 10.23 -11.92 3.91
CA ASN L 435 11.05 -12.98 3.33
C ASN L 435 12.27 -13.14 4.24
N VAL L 436 12.81 -12.05 4.70
CA VAL L 436 14.05 -12.26 5.48
C VAL L 436 13.68 -12.88 6.79
N LYS L 437 12.53 -12.51 7.34
CA LYS L 437 12.06 -13.09 8.62
C LYS L 437 11.83 -14.60 8.49
N ALA L 438 11.30 -15.06 7.39
CA ALA L 438 11.06 -16.46 7.09
C ALA L 438 12.38 -17.18 6.78
N GLY L 439 13.50 -16.47 6.84
CA GLY L 439 14.81 -17.02 6.52
C GLY L 439 15.14 -17.01 5.03
N LYS L 440 14.24 -16.63 4.13
CA LYS L 440 14.55 -16.53 2.70
C LYS L 440 15.35 -15.27 2.37
N ASP L 441 16.65 -15.47 2.28
CA ASP L 441 17.67 -14.47 2.10
C ASP L 441 18.52 -14.53 0.84
N ASP L 442 18.16 -15.10 -0.23
CA ASP L 442 19.01 -15.15 -1.43
C ASP L 442 18.85 -13.88 -2.27
N LEU L 443 19.92 -13.38 -2.85
CA LEU L 443 20.04 -12.21 -3.65
C LEU L 443 20.70 -12.52 -4.99
N TYR L 444 21.28 -13.69 -5.13
CA TYR L 444 21.99 -13.99 -6.41
C TYR L 444 21.86 -15.32 -7.11
N THR L 445 21.79 -15.37 -8.45
CA THR L 445 21.69 -16.57 -9.24
C THR L 445 22.84 -16.70 -10.23
N ASP L 446 23.43 -17.89 -10.19
CA ASP L 446 24.58 -18.25 -11.03
C ASP L 446 24.10 -18.29 -12.47
N TRP L 447 25.03 -18.04 -13.37
CA TRP L 447 24.70 -17.97 -14.79
C TRP L 447 25.93 -18.25 -15.64
N GLN L 448 25.69 -18.47 -16.92
CA GLN L 448 26.88 -18.76 -17.77
C GLN L 448 26.59 -18.10 -19.09
N TYR L 449 27.61 -17.75 -19.89
CA TYR L 449 27.21 -17.10 -21.14
C TYR L 449 26.84 -18.05 -22.25
N PRO L 450 25.80 -17.82 -23.03
CA PRO L 450 25.64 -18.61 -24.26
C PRO L 450 26.84 -18.22 -25.18
N THR L 451 26.99 -19.07 -26.19
CA THR L 451 28.04 -18.88 -27.21
C THR L 451 27.91 -17.49 -27.86
N GLU L 452 26.76 -17.16 -28.37
CA GLU L 452 26.34 -15.95 -29.02
C GLU L 452 24.93 -15.64 -28.46
N SER L 453 24.56 -14.48 -28.05
CA SER L 453 23.21 -14.14 -27.55
C SER L 453 23.02 -12.62 -27.70
N GLN L 454 21.81 -12.16 -27.53
CA GLN L 454 21.36 -10.77 -27.61
C GLN L 454 20.34 -10.54 -26.50
N GLY L 455 20.25 -9.35 -25.93
CA GLY L 455 19.30 -9.18 -24.78
C GLY L 455 18.88 -7.74 -24.71
N VAL L 456 17.73 -7.47 -24.09
CA VAL L 456 17.30 -6.06 -23.96
C VAL L 456 16.82 -5.84 -22.51
N GLY L 457 17.12 -4.69 -21.95
CA GLY L 457 16.74 -4.25 -20.58
C GLY L 457 15.83 -3.05 -20.74
N PHE L 458 14.63 -3.09 -20.24
CA PHE L 458 13.64 -2.05 -20.34
C PHE L 458 13.48 -1.44 -18.94
N VAL L 459 13.75 -0.14 -18.88
CA VAL L 459 13.60 0.52 -17.57
C VAL L 459 12.69 1.74 -17.81
N ASN L 460 11.84 2.06 -16.88
CA ASN L 460 11.01 3.29 -17.01
C ASN L 460 11.71 4.21 -15.96
N ALA L 461 12.70 4.96 -16.43
CA ALA L 461 13.49 5.87 -15.60
C ALA L 461 12.58 7.04 -15.23
N PRO L 462 12.96 7.87 -14.28
CA PRO L 462 12.14 9.07 -13.96
C PRO L 462 11.80 9.86 -15.21
N ARG L 463 12.58 9.86 -16.28
CA ARG L 463 12.29 10.63 -17.49
C ARG L 463 11.66 9.89 -18.64
N GLY L 464 11.33 8.64 -18.35
CA GLY L 464 10.67 7.78 -19.33
C GLY L 464 11.40 6.50 -19.69
N MET L 465 11.05 5.99 -20.86
CA MET L 465 11.52 4.74 -21.39
C MET L 465 12.96 4.60 -21.82
N LEU L 466 13.66 3.80 -21.00
CA LEU L 466 15.07 3.47 -21.20
C LEU L 466 15.24 2.00 -21.60
N SER L 467 16.10 1.76 -22.59
CA SER L 467 16.38 0.42 -23.06
C SER L 467 17.84 0.31 -23.48
N HIS L 468 18.48 -0.71 -22.95
CA HIS L 468 19.89 -1.08 -23.23
C HIS L 468 19.86 -2.36 -24.04
N TRP L 469 20.53 -2.34 -25.17
CA TRP L 469 20.53 -3.51 -26.08
C TRP L 469 21.91 -4.11 -26.23
N ILE L 470 22.06 -5.41 -26.00
CA ILE L 470 23.38 -6.02 -26.14
C ILE L 470 23.36 -7.21 -27.09
N VAL L 471 24.47 -7.41 -27.74
CA VAL L 471 24.77 -8.51 -28.64
C VAL L 471 26.14 -9.00 -28.20
N GLN L 472 26.18 -10.18 -27.67
CA GLN L 472 27.44 -10.79 -27.20
C GLN L 472 27.80 -12.06 -27.95
N ARG L 473 29.08 -12.37 -27.98
CA ARG L 473 29.66 -13.58 -28.58
C ARG L 473 30.89 -13.94 -27.75
N GLY L 474 30.98 -15.03 -27.00
CA GLY L 474 32.14 -15.39 -26.23
C GLY L 474 32.36 -14.61 -24.95
N GLY L 475 31.29 -13.98 -24.42
CA GLY L 475 31.48 -13.17 -23.20
C GLY L 475 32.21 -11.86 -23.52
N LYS L 476 32.09 -11.37 -24.72
CA LYS L 476 32.64 -10.13 -25.26
C LYS L 476 31.50 -9.38 -25.99
N ILE L 477 31.38 -8.09 -25.80
CA ILE L 477 30.36 -7.27 -26.44
C ILE L 477 30.71 -7.02 -27.89
N GLU L 478 29.78 -7.33 -28.74
CA GLU L 478 29.83 -7.15 -30.19
C GLU L 478 29.14 -5.83 -30.49
N ASN L 479 28.03 -5.55 -29.81
CA ASN L 479 27.19 -4.35 -29.92
C ASN L 479 26.51 -4.08 -28.56
N PHE L 480 26.49 -2.82 -28.17
CA PHE L 480 25.87 -2.26 -26.98
C PHE L 480 25.27 -0.89 -27.38
N GLN L 481 23.96 -0.77 -27.51
CA GLN L 481 23.21 0.41 -27.85
C GLN L 481 22.29 0.78 -26.65
N LEU L 482 22.28 2.07 -26.31
CA LEU L 482 21.42 2.71 -25.33
C LEU L 482 20.40 3.63 -26.10
N VAL L 483 19.13 3.53 -25.74
CA VAL L 483 18.12 4.40 -26.34
C VAL L 483 17.45 5.00 -25.09
N VAL L 484 17.73 6.25 -24.80
CA VAL L 484 17.30 6.97 -23.59
C VAL L 484 16.10 7.84 -23.79
N PRO L 485 15.33 8.01 -22.71
CA PRO L 485 14.11 8.80 -22.75
C PRO L 485 14.39 10.19 -23.30
N SER L 486 15.41 10.90 -22.83
CA SER L 486 15.66 12.24 -23.38
C SER L 486 16.04 12.14 -24.83
N THR L 487 16.39 11.00 -25.38
CA THR L 487 16.75 10.90 -26.83
C THR L 487 15.40 10.99 -27.58
N TRP L 488 14.35 10.40 -27.01
CA TRP L 488 13.01 10.42 -27.54
C TRP L 488 12.48 11.87 -27.53
N ASN L 489 12.31 12.47 -26.35
CA ASN L 489 11.81 13.80 -26.12
C ASN L 489 12.59 14.95 -26.77
N LEU L 490 13.88 14.99 -26.65
CA LEU L 490 14.73 16.06 -27.15
C LEU L 490 15.60 15.83 -28.36
N GLY L 491 15.45 14.81 -29.14
CA GLY L 491 16.26 14.53 -30.30
C GLY L 491 15.77 15.44 -31.44
N PRO L 492 16.58 15.49 -32.48
CA PRO L 492 16.29 16.31 -33.65
C PRO L 492 15.20 15.61 -34.46
N ARG L 493 14.95 16.07 -35.67
CA ARG L 493 13.97 15.51 -36.57
C ARG L 493 14.59 14.21 -37.11
N CYS L 494 13.66 13.44 -37.67
CA CYS L 494 14.01 12.16 -38.29
C CYS L 494 14.17 12.47 -39.77
N ALA L 495 14.36 11.39 -40.49
CA ALA L 495 14.55 11.41 -41.95
C ALA L 495 13.27 11.89 -42.59
N GLU L 496 12.14 11.56 -42.00
CA GLU L 496 10.86 11.98 -42.57
C GLU L 496 10.61 13.40 -42.15
N GLY L 497 11.63 14.02 -41.59
CA GLY L 497 11.53 15.40 -41.11
C GLY L 497 10.52 15.65 -40.02
N LYS L 498 10.10 14.70 -39.22
CA LYS L 498 9.16 14.97 -38.12
C LYS L 498 9.89 15.54 -36.89
N LEU L 499 9.23 16.47 -36.22
CA LEU L 499 9.68 17.23 -35.07
C LEU L 499 9.63 16.33 -33.86
N SER L 500 10.65 16.38 -33.02
CA SER L 500 10.68 15.55 -31.79
C SER L 500 9.66 16.16 -30.84
N ALA L 501 9.28 15.51 -29.76
CA ALA L 501 8.29 16.05 -28.84
C ALA L 501 8.62 17.43 -28.30
N VAL L 502 9.88 17.76 -28.01
CA VAL L 502 10.16 19.11 -27.45
C VAL L 502 9.99 20.19 -28.54
N GLU L 503 10.51 19.90 -29.72
CA GLU L 503 10.41 20.85 -30.82
C GLU L 503 8.93 21.13 -31.04
N GLN L 504 8.11 20.13 -31.11
CA GLN L 504 6.65 20.26 -31.37
C GLN L 504 5.95 20.93 -30.22
N ALA L 505 6.35 20.65 -28.99
CA ALA L 505 5.71 21.32 -27.87
C ALA L 505 5.98 22.82 -27.95
N LEU L 506 7.10 23.23 -28.56
CA LEU L 506 7.48 24.64 -28.58
C LEU L 506 6.60 25.51 -29.46
N ILE L 507 6.23 24.96 -30.61
CA ILE L 507 5.47 25.68 -31.61
C ILE L 507 4.18 26.25 -30.97
N GLY L 508 3.92 27.53 -31.17
CA GLY L 508 2.75 28.19 -30.60
C GLY L 508 3.05 28.88 -29.29
N THR L 509 4.08 28.55 -28.57
CA THR L 509 4.37 29.25 -27.30
C THR L 509 4.48 30.77 -27.56
N PRO L 510 3.79 31.50 -26.72
CA PRO L 510 3.80 32.97 -26.73
C PRO L 510 5.03 33.46 -25.97
N ILE L 511 5.73 34.48 -26.45
CA ILE L 511 6.91 35.06 -25.79
C ILE L 511 6.65 36.55 -25.47
N ALA L 512 6.57 36.86 -24.19
CA ALA L 512 6.33 38.23 -23.66
C ALA L 512 7.52 39.14 -23.98
N ASP L 513 8.65 38.88 -23.35
CA ASP L 513 9.92 39.55 -23.51
C ASP L 513 10.92 38.56 -24.14
N PRO L 514 11.25 38.80 -25.39
CA PRO L 514 12.18 37.97 -26.14
C PRO L 514 13.60 38.04 -25.58
N LYS L 515 13.86 39.06 -24.81
CA LYS L 515 15.18 39.27 -24.18
C LYS L 515 15.29 38.44 -22.90
N ARG L 516 14.17 37.96 -22.42
CA ARG L 516 14.11 37.12 -21.21
C ARG L 516 12.95 36.13 -21.43
N PRO L 517 13.18 35.15 -22.29
CA PRO L 517 12.18 34.18 -22.73
C PRO L 517 12.05 32.91 -21.93
N VAL L 518 11.46 33.13 -20.74
CA VAL L 518 11.16 32.10 -19.78
C VAL L 518 10.06 31.18 -20.34
N GLU L 519 9.30 31.66 -21.30
CA GLU L 519 8.26 30.73 -21.80
C GLU L 519 8.92 29.57 -22.49
N ILE L 520 10.12 29.71 -23.04
CA ILE L 520 10.78 28.56 -23.66
C ILE L 520 11.29 27.59 -22.57
N LEU L 521 11.77 28.07 -21.46
CA LEU L 521 12.27 27.33 -20.33
C LEU L 521 11.15 26.51 -19.68
N ARG L 522 9.97 27.12 -19.61
CA ARG L 522 8.87 26.42 -18.93
C ARG L 522 8.58 25.15 -19.69
N THR L 523 8.56 25.23 -20.99
CA THR L 523 8.28 24.13 -21.87
C THR L 523 9.45 23.15 -21.87
N VAL L 524 10.65 23.62 -22.12
CA VAL L 524 11.83 22.76 -22.15
C VAL L 524 11.98 22.05 -20.80
N HIS L 525 11.86 22.75 -19.72
CA HIS L 525 12.00 22.14 -18.39
C HIS L 525 10.94 21.14 -17.99
N SER L 526 9.74 21.26 -18.56
CA SER L 526 8.64 20.35 -18.17
C SER L 526 9.00 18.91 -18.58
N TYR L 527 9.90 18.79 -19.57
CA TYR L 527 10.38 17.54 -20.08
C TYR L 527 11.54 17.01 -19.23
N ASP L 528 12.01 17.76 -18.28
CA ASP L 528 13.18 17.27 -17.47
C ASP L 528 14.32 16.80 -18.38
N PRO L 529 14.85 17.60 -19.30
CA PRO L 529 15.92 17.17 -20.17
C PRO L 529 17.13 16.68 -19.42
N CYS L 530 17.77 15.68 -20.03
CA CYS L 530 19.02 15.11 -19.51
C CYS L 530 19.85 14.87 -20.78
N ILE L 531 20.72 15.82 -21.07
CA ILE L 531 21.52 15.76 -22.30
C ILE L 531 22.61 14.72 -22.19
N ALA L 532 23.15 14.42 -21.03
CA ALA L 532 24.18 13.42 -20.81
C ALA L 532 23.60 12.03 -21.17
N CYS L 533 22.37 11.75 -20.76
CA CYS L 533 21.61 10.57 -21.02
C CYS L 533 21.19 10.56 -22.49
N GLY L 534 20.65 11.64 -23.03
CA GLY L 534 20.20 11.58 -24.38
C GLY L 534 21.25 11.27 -25.39
N VAL L 535 22.50 11.65 -25.23
CA VAL L 535 23.55 11.44 -26.19
C VAL L 535 24.55 10.31 -25.87
N HIS L 536 24.86 10.19 -24.57
CA HIS L 536 25.82 9.22 -24.07
C HIS L 536 27.04 9.25 -25.00
FE1 SF4 M . -6.33 -72.71 -27.85
FE2 SF4 M . -8.53 -72.68 -29.50
FE3 SF4 M . -6.69 -74.63 -29.78
FE4 SF4 M . -6.07 -72.10 -30.46
S1 SF4 M . -7.59 -73.37 -31.47
S2 SF4 M . -4.73 -73.56 -29.27
S3 SF4 M . -7.23 -70.92 -28.84
S4 SF4 M . -8.09 -74.21 -27.93
FE1 F3S N . -3.72 -63.49 -21.81
FE3 F3S N . -4.50 -65.74 -23.20
FE4 F3S N . -3.86 -63.38 -24.50
S1 F3S N . -3.11 -65.68 -21.40
S2 F3S N . -2.20 -62.65 -23.20
S3 F3S N . -5.59 -63.78 -23.06
S4 F3S N . -3.31 -65.59 -25.04
FE1 SF4 O . 0.57 -56.88 -12.96
FE2 SF4 O . -2.06 -56.74 -12.21
FE3 SF4 O . -1.24 -58.36 -14.18
FE4 SF4 O . -1.25 -55.62 -14.57
S1 SF4 O . -3.09 -56.93 -14.26
S2 SF4 O . 0.42 -57.06 -15.17
S3 SF4 O . -0.67 -54.95 -12.46
S4 SF4 O . -0.61 -58.54 -12.04
NI NI P . 10.73 -56.30 -9.83
MG MG Q . 9.12 -63.87 0.91
FE FCO R . 12.84 -58.15 -9.06
C1 FCO R . 13.74 -57.55 -7.54
N1 FCO R . 14.24 -57.11 -6.54
C2 FCO R . 14.20 -58.11 -10.04
N2 FCO R . 15.20 -57.90 -10.58
C3 FCO R . 13.34 -59.83 -8.40
O3 FCO R . 13.78 -60.89 -8.65
O O S . 12.47 -56.25 -9.97
FE1 SF4 T . -52.45 33.38 40.78
FE2 SF4 T . -54.97 33.22 41.85
FE3 SF4 T . -54.15 31.32 40.14
FE4 SF4 T . -54.63 33.81 39.24
S1 SF4 T . -56.16 32.42 40.07
S2 SF4 T . -52.83 32.48 38.69
S3 SF4 T . -53.89 35.08 41.04
S4 SF4 T . -53.27 31.83 42.27
FE1 F3S U . -46.65 43.08 41.43
FE3 F3S U . -48.06 40.72 41.43
FE4 F3S U . -49.05 43.01 40.21
S1 F3S U . -45.83 40.96 41.12
S2 F3S U . -47.16 43.87 39.41
S3 F3S U . -48.63 42.65 42.44
S4 F3S U . -49.08 40.78 39.48
FE1 SF4 V . -37.37 50.43 42.04
FE2 SF4 V . -38.05 50.54 44.70
FE3 SF4 V . -39.22 48.81 43.02
FE4 SF4 V . -39.77 51.52 42.81
S1 SF4 V . -40.31 50.18 44.57
S2 SF4 V . -39.35 50.09 41.08
S3 SF4 V . -37.71 52.35 43.36
S4 SF4 V . -37.04 48.81 43.55
NI NI W . -29.66 51.54 34.78
MG MG X . -20.60 44.72 41.60
FE FCO Y . -27.81 49.82 33.36
C1 FCO Y . -26.10 50.56 33.33
N1 FCO Y . -25.02 51.08 33.39
C2 FCO Y . -27.99 49.83 31.70
N2 FCO Y . -27.97 50.04 30.56
C3 FCO Y . -26.86 48.21 33.27
O3 FCO Y . -26.79 47.15 32.78
O O Z . -28.93 51.64 33.21
FE1 SF4 AA . 67.70 -47.59 -21.73
FE2 SF4 AA . 68.03 -47.39 -24.45
FE3 SF4 AA . 69.13 -49.47 -23.13
FE4 SF4 AA . 70.12 -46.98 -22.78
S1 SF4 AA . 70.18 -48.15 -24.68
S2 SF4 AA . 69.71 -48.55 -21.12
S3 SF4 AA . 68.17 -45.73 -22.88
S4 SF4 AA . 66.84 -48.95 -23.37
FE1 F3S BA . 64.09 -38.60 -15.85
FE3 F3S BA . 64.83 -40.78 -17.35
FE4 F3S BA . 66.35 -38.47 -17.32
S1 F3S BA . 63.97 -40.84 -15.27
S2 F3S BA . 66.08 -37.86 -15.19
S3 F3S BA . 64.22 -38.75 -18.11
S4 F3S BA . 67.03 -40.71 -17.26
FE1 SF4 CA . 58.81 -32.37 -7.27
FE2 SF4 CA . 56.85 -32.04 -9.17
FE3 SF4 CA . 58.91 -33.71 -9.55
FE4 SF4 CA . 59.33 -30.96 -9.58
S1 SF4 CA . 58.10 -32.14 -11.08
S2 SF4 CA . 60.64 -32.52 -8.54
S3 SF4 CA . 57.81 -30.35 -7.97
S4 SF4 CA . 57.36 -33.92 -7.94
NI NI DA . 61.22 -32.53 3.10
MG MG EA . 50.88 -40.00 6.62
FE FCO FA . 61.56 -34.52 5.18
C1 FCO FA . 60.72 -34.00 6.76
N1 FCO FA . 60.11 -33.60 7.72
C2 FCO FA . 63.08 -34.57 5.86
N2 FCO FA . 64.05 -34.42 6.47
C3 FCO FA . 61.18 -36.23 5.83
O3 FCO FA . 61.58 -37.32 6.02
O O GA . 62.21 -32.60 4.52
FE1 SF4 HA . -37.24 14.13 -4.26
FE2 SF4 HA . -37.58 14.00 -1.55
FE3 SF4 HA . -38.51 11.99 -3.10
FE4 SF4 HA . -39.70 14.42 -3.17
S1 SF4 HA . -39.65 13.05 -1.41
S2 SF4 HA . -39.17 13.08 -4.98
S3 SF4 HA . -37.87 15.80 -2.92
S4 SF4 HA . -36.27 12.67 -2.78
FE1 F3S IA . -34.43 23.98 -9.10
FE3 F3S IA . -34.98 21.59 -7.85
FE4 F3S IA . -36.68 23.76 -7.64
S1 F3S IA . -34.13 21.84 -9.93
S2 F3S IA . -36.47 24.62 -9.69
S3 F3S IA . -34.54 23.57 -6.86
S4 F3S IA . -37.18 21.50 -7.94
FE1 SF4 JA . -29.72 31.55 -16.91
FE2 SF4 JA . -27.79 31.83 -14.99
FE3 SF4 JA . -29.70 29.96 -14.79
FE4 SF4 JA . -30.36 32.64 -14.47
S1 SF4 JA . -29.02 31.41 -13.09
S2 SF4 JA . -31.53 31.11 -15.68
S3 SF4 JA . -28.91 33.55 -15.99
S4 SF4 JA . -28.15 30.05 -16.42
NI NI KA . -32.17 32.34 -27.24
MG MG LA . -21.26 26.19 -31.53
FE FCO MA . -32.34 30.57 -29.54
C1 FCO MA . -31.56 31.34 -31.04
N1 FCO MA . -31.00 31.88 -31.95
C2 FCO MA . -33.86 30.46 -30.22
N2 FCO MA . -34.85 30.59 -30.81
C3 FCO MA . -31.84 28.97 -30.37
O3 FCO MA . -32.15 27.88 -30.68
O O NA . -33.16 32.34 -28.67
FE1 SF4 OA . -5.74 -29.98 7.66
FE2 SF4 OA . -3.22 -29.80 6.59
FE3 SF4 OA . -3.87 -31.96 8.08
FE4 SF4 OA . -3.60 -29.53 9.25
S1 SF4 OA . -1.96 -30.69 8.27
S2 SF4 OA . -5.28 -31.08 9.64
S3 SF4 OA . -4.45 -28.15 7.59
S4 SF4 OA . -4.80 -31.29 6.01
FE1 F3S PA . -12.34 -20.79 8.06
FE3 F3S PA . -10.74 -23.01 7.80
FE4 F3S PA . -9.93 -20.80 9.26
S1 F3S PA . -12.98 -23.00 8.13
S2 F3S PA . -11.90 -20.18 10.15
S3 F3S PA . -10.33 -20.93 7.02
S4 F3S PA . -9.72 -23.08 9.76
FE1 SF4 QA . -22.20 -14.21 8.21
FE2 SF4 QA . -21.55 -13.76 5.58
FE3 SF4 QA . -20.23 -15.55 7.07
FE4 SF4 QA . -19.91 -12.85 7.58
S1 SF4 QA . -19.27 -13.94 5.69
S2 SF4 QA . -20.20 -14.49 9.14
S3 SF4 QA . -22.03 -12.13 7.12
S4 SF4 QA . -22.42 -15.67 6.54
NI NI RA . -29.95 -14.57 15.52
MG MG SA . -38.44 -21.32 7.95
FE FCO TA . -31.63 -16.58 16.73
C1 FCO TA . -33.40 -16.00 16.84
N1 FCO TA . -34.53 -15.57 16.83
C2 FCO TA . -31.45 -16.74 18.38
N2 FCO TA . -31.48 -16.66 19.54
C3 FCO TA . -32.45 -18.26 16.64
O3 FCO TA . -32.44 -19.38 17.01
O O UA . -30.68 -14.71 17.08
FE1 SF4 VA . 38.63 -5.21 -0.58
FE2 SF4 VA . 40.81 -5.18 1.07
FE3 SF4 VA . 39.15 -7.30 1.13
FE4 SF4 VA . 38.32 -4.91 2.09
S1 SF4 VA . 39.96 -6.17 2.95
S2 SF4 VA . 37.11 -6.35 0.74
S3 SF4 VA . 39.36 -3.46 0.60
S4 SF4 VA . 40.50 -6.56 -0.67
FE1 F3S WA . 35.22 4.36 -5.58
FE3 F3S WA . 36.18 2.05 -4.45
FE4 F3S WA . 35.36 4.20 -2.90
S1 F3S WA . 34.79 2.19 -6.23
S2 F3S WA . 33.64 4.93 -4.12
S3 F3S WA . 37.11 4.10 -4.36
S4 F3S WA . 34.99 1.90 -2.60
FE1 SF4 XA . 30.34 11.52 -13.67
FE2 SF4 XA . 32.95 11.96 -14.38
FE3 SF4 XA . 32.28 10.07 -12.61
FE4 SF4 XA . 32.06 12.75 -11.92
S1 SF4 XA . 34.00 11.64 -12.36
S2 SF4 XA . 30.52 11.12 -11.48
S3 SF4 XA . 31.42 13.60 -13.95
S4 SF4 XA . 31.65 10.08 -14.76
NI NI YA . 20.15 11.58 -16.77
MG MG ZA . 22.35 5.41 -28.27
FE FCO AB . 18.20 9.66 -17.74
C1 FCO AB . 17.25 10.35 -19.19
N1 FCO AB . 16.71 10.85 -20.14
C2 FCO AB . 16.86 9.48 -16.77
N2 FCO AB . 15.84 9.56 -16.21
C3 FCO AB . 17.85 8.03 -18.58
O3 FCO AB . 17.50 6.92 -18.45
O O BB . 18.42 11.47 -16.63
#